data_7RAI
#
_entry.id   7RAI
#
loop_
_entity.id
_entity.type
_entity.pdbx_description
1 polymer 'Envelope glycoprotein gp160'
2 polymer 'HIV-1 Envelope Glycoprotein BG505 SOSIP.664 gp41'
3 polymer 'M4008_N1 Fab heavy chain'
4 polymer 'M4008_N1 Fab light chain'
5 branched alpha-D-mannopyranose-(1-3)-[alpha-D-mannopyranose-(1-6)]beta-D-mannopyranose-(1-4)-2-acetamido-2-deoxy-beta-D-glucopyranose-(1-4)-2-acetamido-2-deoxy-beta-D-glucopyranose
6 branched 2-acetamido-2-deoxy-beta-D-glucopyranose-(1-4)-2-acetamido-2-deoxy-beta-D-glucopyranose
7 branched beta-D-mannopyranose-(1-4)-2-acetamido-2-deoxy-beta-D-glucopyranose-(1-4)-2-acetamido-2-deoxy-beta-D-glucopyranose
8 branched alpha-D-mannopyranose-(1-2)-alpha-D-mannopyranose-(1-2)-alpha-D-mannopyranose-(1-3)-[alpha-D-mannopyranose-(1-6)]beta-D-mannopyranose-(1-4)-2-acetamido-2-deoxy-beta-D-glucopyranose-(1-4)-2-acetamido-2-deoxy-beta-D-glucopyranose
9 non-polymer 2-acetamido-2-deoxy-beta-D-glucopyranose
#
loop_
_entity_poly.entity_id
_entity_poly.type
_entity_poly.pdbx_seq_one_letter_code
_entity_poly.pdbx_strand_id
1 'polypeptide(L)'
;AENLWVTVYYGVPVWKDAETTLFCASDAKAYETEKHNVWATHACVPTDPNPQEIHLENVTEEFNMWKNNMVEQMHTDIIS
LWDQSLKPCVKLTPLCVTLQCTNVTNNITDDMRGELKNCSFNMTTELRDKKQKVYSLFYRLDVVQINENQGNRSNNSNKE
YRLINCNTSACTQACPKVSFEPIPIHYCAPAGFAILKCKDKKFNGTGPCPSVSTVQCTHGIKPVVSTQLLLNGSLAEEEV
MIRSENITNNAKNILVQFNTPVQINCTRPNNNTRKSIRIGPGQAFYATGDIIGDIRQAHCNVSKATWNETLGKVVKQLRK
HFGNNTIIRFANSSGGDLEVTTHSFNCGGEFFYCNTSGLFNSTWISNTSVQGSNSTGSNDSITLPCRIKQIINMWQRIGQ
CMYAPPIQGVIRCVSNITGLILTRDGGSTNSTTETFRPGGGDMRDNWRSELYKYKVVKIEPLGVAPTRCKRRVVGR
;
A,C,E
2 'polypeptide(L)'
;AVGIGAVFLGFLGAAGSTMGAASMTLTVQARNLLSGIVQQQSNLLRAPEAQQHLLKLTVWGIKQLQARVLAVERYLRDQQ
LLGIWGCSGKLICCTNVPWNSSWSNRNLSEIWDNMTWLQWDKEISNYTQIIYGLLEESQNQQEKNEQDLLALD
;
B,D,F
3 'polypeptide(L)'
;QSQLVQSGAEMKTSGSSVRVSCKDSGGFFPYAGFRWVRQAPGQGFEWMGGVIPADGTKHYAPKFQARMKMTVVESSRTLY
MELRSLTSTDTATYFCARLQCAGFSCEMDSGPFDLWGQGTQVTVPSSGASASTKGPSVFPLAPSSKSTSGGTAALGCLVK
DYFPEPVTVSWNSGALTSGVHTFPAVLQSSGLYSLSSVVTVPSSSLGTQTYICNVNHKPSNTKVDKRVEPKSCDKTHTCP
PCPAPELLGGPSVFLFPQNPRKPS
;
H,I,J
4 'polypeptide(L)'
;DIQMTQSPSTVAAFVGGNVTLSCRTSQGVGNRLAWYQQKPGKPPRLLISRASNRHGGVPARFSGGGSGTIFTLTIKGLQS
DDFATFFCQQYYDSRETFGQGSRVMMEKIRTVAAPSVFIFPPSDEQLKSGTASVVCLLNNFYPREAKVQWKVDNALQSGN
SQESVTEQDSKDSTYSLSSTLTLSKADYEKHKVYACEVTHQGLSSPVTKSFNRGEC
;
L,M,N
#
loop_
_chem_comp.id
_chem_comp.type
_chem_comp.name
_chem_comp.formula
BMA D-saccharide, beta linking beta-D-mannopyranose 'C6 H12 O6'
MAN D-saccharide, alpha linking alpha-D-mannopyranose 'C6 H12 O6'
NAG D-saccharide, beta linking 2-acetamido-2-deoxy-beta-D-glucopyranose 'C8 H15 N O6'
#
# COMPACT_ATOMS: atom_id res chain seq x y z
N ALA A 1 33.52 9.52 57.19
CA ALA A 1 32.24 10.17 56.96
C ALA A 1 32.28 11.02 55.70
N GLU A 2 33.30 11.87 55.60
CA GLU A 2 33.45 12.72 54.42
C GLU A 2 33.79 11.91 53.17
N ASN A 3 34.16 10.63 53.33
CA ASN A 3 34.54 9.80 52.20
C ASN A 3 33.27 9.33 51.48
N LEU A 4 32.80 10.19 50.57
CA LEU A 4 31.60 9.87 49.80
C LEU A 4 31.97 9.10 48.55
N TRP A 5 31.11 8.14 48.20
CA TRP A 5 31.30 7.33 47.01
C TRP A 5 30.07 7.48 46.12
N VAL A 6 30.26 7.20 44.85
CA VAL A 6 29.19 7.26 43.88
C VAL A 6 28.23 6.12 44.16
N THR A 7 26.94 6.38 44.01
CA THR A 7 25.93 5.32 44.01
C THR A 7 24.98 5.56 42.86
N VAL A 8 24.41 4.49 42.35
CA VAL A 8 23.41 4.59 41.30
C VAL A 8 22.06 4.24 41.91
N TYR A 9 21.01 4.84 41.34
CA TYR A 9 19.64 4.60 41.76
C TYR A 9 18.84 4.35 40.51
N TYR A 10 18.35 3.13 40.33
CA TYR A 10 17.51 2.85 39.18
C TYR A 10 16.05 3.00 39.55
N GLY A 11 15.28 3.54 38.62
CA GLY A 11 13.90 3.83 38.90
C GLY A 11 13.79 5.05 39.79
N VAL A 12 14.29 6.17 39.31
CA VAL A 12 14.31 7.40 40.09
C VAL A 12 13.47 8.44 39.36
N PRO A 13 12.68 9.27 40.06
CA PRO A 13 11.83 10.22 39.36
C PRO A 13 12.55 11.45 38.83
N VAL A 14 12.81 11.46 37.52
CA VAL A 14 13.44 12.57 36.81
C VAL A 14 13.00 12.49 35.36
N TRP A 15 12.58 13.61 34.80
CA TRP A 15 12.11 13.63 33.41
C TRP A 15 12.81 14.72 32.63
N LYS A 16 12.70 14.62 31.31
CA LYS A 16 13.17 15.64 30.38
C LYS A 16 12.15 15.75 29.27
N ASP A 17 11.98 16.96 28.74
CA ASP A 17 11.02 17.14 27.67
C ASP A 17 11.48 16.38 26.44
N ALA A 18 10.52 15.75 25.76
CA ALA A 18 10.86 14.93 24.60
C ALA A 18 9.68 14.89 23.65
N GLU A 19 9.91 14.25 22.50
CA GLU A 19 8.89 14.06 21.48
C GLU A 19 8.86 12.59 21.13
N THR A 20 7.66 12.02 21.07
CA THR A 20 7.52 10.60 20.79
C THR A 20 6.28 10.41 19.91
N THR A 21 5.85 9.17 19.80
CA THR A 21 4.66 8.81 19.03
C THR A 21 3.58 8.37 20.01
N LEU A 22 2.51 9.14 20.07
CA LEU A 22 1.38 8.81 20.93
C LEU A 22 0.36 8.00 20.14
N PHE A 23 -0.47 7.26 20.86
CA PHE A 23 -1.47 6.41 20.24
C PHE A 23 -2.83 6.65 20.88
N CYS A 24 -3.89 6.53 20.07
CA CYS A 24 -5.22 6.84 20.55
C CYS A 24 -5.75 5.73 21.44
N ALA A 25 -6.69 6.09 22.31
CA ALA A 25 -7.27 5.15 23.25
C ALA A 25 -8.78 5.35 23.34
N SER A 26 -9.44 5.52 22.20
CA SER A 26 -10.88 5.69 22.23
C SER A 26 -11.57 4.38 22.61
N ASP A 27 -12.79 4.52 23.12
CA ASP A 27 -13.54 3.35 23.57
C ASP A 27 -13.99 2.48 22.40
N ALA A 28 -14.44 1.27 22.73
CA ALA A 28 -14.93 0.34 21.73
C ALA A 28 -16.41 0.03 21.90
N GLU A 34 -22.45 -0.83 15.05
CA GLU A 34 -22.61 0.55 14.61
C GLU A 34 -21.59 0.89 13.53
N LYS A 35 -21.96 1.84 12.68
CA LYS A 35 -21.14 2.18 11.52
C LYS A 35 -19.82 2.80 11.96
N HIS A 36 -18.74 2.40 11.27
CA HIS A 36 -17.43 2.95 11.58
C HIS A 36 -17.36 4.41 11.21
N ASN A 37 -16.48 5.14 11.88
CA ASN A 37 -16.30 6.56 11.63
C ASN A 37 -14.97 6.80 10.93
N VAL A 38 -14.68 8.06 10.66
CA VAL A 38 -13.50 8.42 9.89
C VAL A 38 -12.25 8.31 10.73
N TRP A 39 -12.34 8.65 12.01
CA TRP A 39 -11.19 8.63 12.89
C TRP A 39 -10.80 7.23 13.32
N ALA A 40 -11.43 6.22 12.72
CA ALA A 40 -11.12 4.81 12.96
C ALA A 40 -10.94 4.53 14.44
N THR A 41 -11.85 5.08 15.24
CA THR A 41 -11.74 4.89 16.68
C THR A 41 -12.25 3.51 17.05
N HIS A 42 -11.77 2.50 16.33
CA HIS A 42 -11.95 1.11 16.65
C HIS A 42 -10.66 0.32 16.54
N ALA A 43 -9.63 0.89 15.93
CA ALA A 43 -8.27 0.39 16.02
C ALA A 43 -7.49 1.05 17.15
N CYS A 44 -8.16 1.78 18.02
CA CYS A 44 -7.52 2.38 19.19
C CYS A 44 -7.54 1.38 20.33
N VAL A 45 -6.50 1.42 21.15
CA VAL A 45 -6.43 0.63 22.38
C VAL A 45 -7.67 0.92 23.22
N PRO A 46 -8.50 -0.08 23.56
CA PRO A 46 -9.67 0.17 24.41
C PRO A 46 -9.35 1.02 25.63
N THR A 47 -10.09 2.13 25.78
CA THR A 47 -9.84 3.11 26.83
C THR A 47 -9.64 2.46 28.19
N ASP A 48 -8.52 2.77 28.81
CA ASP A 48 -8.31 2.34 30.18
C ASP A 48 -9.20 3.17 31.10
N PRO A 49 -10.15 2.57 31.80
CA PRO A 49 -11.04 3.33 32.67
C PRO A 49 -10.31 3.68 33.97
N ASN A 50 -10.98 4.51 34.79
CA ASN A 50 -10.47 5.03 36.06
C ASN A 50 -8.98 5.37 35.95
N PRO A 51 -8.60 6.24 35.03
CA PRO A 51 -7.16 6.52 34.84
C PRO A 51 -6.53 7.05 36.11
N GLN A 52 -5.24 6.78 36.25
CA GLN A 52 -4.52 7.04 37.49
C GLN A 52 -3.83 8.40 37.44
N GLU A 53 -4.63 9.45 37.51
CA GLU A 53 -4.07 10.78 37.65
C GLU A 53 -3.49 10.95 39.04
N ILE A 54 -2.18 11.18 39.12
CA ILE A 54 -1.47 11.31 40.38
C ILE A 54 -1.07 12.77 40.54
N HIS A 55 -1.43 13.38 41.65
CA HIS A 55 -1.04 14.75 41.89
C HIS A 55 0.44 14.81 42.25
N LEU A 56 1.17 15.70 41.58
CA LEU A 56 2.60 15.88 41.78
C LEU A 56 2.81 17.14 42.60
N GLU A 57 3.22 16.96 43.85
CA GLU A 57 3.33 18.10 44.75
C GLU A 57 4.68 18.78 44.63
N ASN A 58 4.70 20.07 44.92
CA ASN A 58 5.90 20.88 45.08
C ASN A 58 6.74 20.96 43.80
N VAL A 59 6.19 20.58 42.65
CA VAL A 59 6.91 20.61 41.39
C VAL A 59 6.36 21.74 40.54
N THR A 60 7.26 22.45 39.85
CA THR A 60 6.91 23.62 39.06
C THR A 60 7.53 23.46 37.67
N GLU A 61 6.73 23.01 36.71
CA GLU A 61 7.21 22.76 35.36
C GLU A 61 6.80 23.90 34.43
N GLU A 62 7.68 24.22 33.49
CA GLU A 62 7.42 25.31 32.55
C GLU A 62 6.77 24.74 31.29
N PHE A 63 5.49 25.01 31.12
CA PHE A 63 4.75 24.52 29.96
C PHE A 63 4.93 25.46 28.78
N ASN A 64 4.35 25.07 27.65
CA ASN A 64 4.20 25.92 26.49
C ASN A 64 3.20 25.31 25.53
N MET A 65 2.16 26.05 25.18
CA MET A 65 1.13 25.54 24.28
C MET A 65 1.38 25.91 22.82
N TRP A 66 2.38 26.74 22.55
CA TRP A 66 2.60 27.20 21.18
C TRP A 66 3.75 26.47 20.48
N LYS A 67 4.77 26.06 21.21
CA LYS A 67 5.78 25.16 20.67
C LYS A 67 5.54 23.72 21.12
N ASN A 68 4.33 23.41 21.54
CA ASN A 68 3.96 22.03 21.84
C ASN A 68 4.09 21.19 20.59
N ASN A 69 4.27 19.88 20.78
CA ASN A 69 4.46 18.99 19.65
C ASN A 69 3.41 17.89 19.56
N MET A 70 2.60 17.68 20.59
CA MET A 70 1.50 16.75 20.45
C MET A 70 0.30 17.39 19.77
N VAL A 71 0.40 18.66 19.41
CA VAL A 71 -0.60 19.31 18.56
C VAL A 71 -0.16 19.31 17.10
N GLU A 72 1.14 19.21 16.83
CA GLU A 72 1.61 18.98 15.48
C GLU A 72 1.53 17.50 15.11
N GLN A 73 1.49 16.63 16.10
CA GLN A 73 1.36 15.20 15.84
C GLN A 73 -0.10 14.80 15.63
N MET A 74 -1.00 15.37 16.42
CA MET A 74 -2.42 15.08 16.26
C MET A 74 -2.91 15.52 14.89
N HIS A 75 -2.38 16.63 14.38
CA HIS A 75 -2.82 17.12 13.08
C HIS A 75 -2.47 16.15 11.97
N THR A 76 -1.22 15.67 11.94
CA THR A 76 -0.85 14.74 10.90
C THR A 76 -1.51 13.38 11.10
N ASP A 77 -1.75 12.98 12.35
CA ASP A 77 -2.54 11.78 12.58
C ASP A 77 -3.90 11.90 11.95
N ILE A 78 -4.59 13.01 12.22
CA ILE A 78 -5.95 13.18 11.71
C ILE A 78 -5.95 13.26 10.19
N ILE A 79 -4.95 13.91 9.60
CA ILE A 79 -4.91 13.99 8.14
C ILE A 79 -4.70 12.61 7.53
N SER A 80 -3.64 11.91 7.96
CA SER A 80 -3.36 10.60 7.41
C SER A 80 -4.43 9.58 7.74
N LEU A 81 -5.25 9.86 8.74
CA LEU A 81 -6.35 9.00 9.15
C LEU A 81 -7.64 9.32 8.43
N TRP A 82 -7.77 10.54 7.94
CA TRP A 82 -8.88 10.94 7.09
C TRP A 82 -8.65 10.50 5.66
N ASP A 83 -7.39 10.46 5.22
CA ASP A 83 -7.10 10.02 3.87
C ASP A 83 -7.24 8.51 3.73
N GLN A 84 -6.91 7.75 4.76
CA GLN A 84 -6.97 6.29 4.64
C GLN A 84 -8.40 5.77 4.58
N SER A 85 -9.38 6.58 4.93
CA SER A 85 -10.77 6.16 4.83
C SER A 85 -11.42 6.57 3.53
N LEU A 86 -10.64 7.08 2.57
CA LEU A 86 -11.15 7.42 1.25
C LEU A 86 -10.58 6.56 0.15
N LYS A 87 -9.56 5.74 0.43
CA LYS A 87 -9.08 4.81 -0.58
C LYS A 87 -10.15 3.81 -0.99
N PRO A 88 -10.84 3.11 -0.09
CA PRO A 88 -11.84 2.14 -0.54
C PRO A 88 -13.02 2.76 -1.27
N CYS A 89 -13.18 4.07 -1.22
CA CYS A 89 -14.42 4.70 -1.66
C CYS A 89 -14.30 5.09 -3.13
N VAL A 90 -15.46 5.32 -3.75
CA VAL A 90 -15.59 5.57 -5.18
C VAL A 90 -14.74 6.77 -5.58
N LYS A 91 -14.29 6.81 -6.82
CA LYS A 91 -13.53 7.93 -7.36
C LYS A 91 -14.38 8.57 -8.45
N LEU A 92 -14.87 9.78 -8.20
CA LEU A 92 -15.84 10.38 -9.10
C LEU A 92 -15.19 11.05 -10.28
N THR A 93 -14.35 10.31 -11.00
CA THR A 93 -13.76 10.82 -12.23
C THR A 93 -14.76 10.82 -13.38
N PRO A 94 -15.61 9.81 -13.54
CA PRO A 94 -16.56 9.84 -14.66
C PRO A 94 -17.56 10.97 -14.56
N LEU A 95 -17.61 11.69 -13.45
CA LEU A 95 -18.60 12.73 -13.27
C LEU A 95 -18.20 14.04 -13.92
N CYS A 96 -16.93 14.21 -14.26
CA CYS A 96 -16.50 15.45 -14.90
C CYS A 96 -17.01 15.49 -16.32
N VAL A 97 -18.17 16.09 -16.51
CA VAL A 97 -18.92 16.02 -17.76
C VAL A 97 -19.73 17.29 -17.89
N THR A 98 -20.02 17.69 -19.13
CA THR A 98 -20.91 18.80 -19.39
C THR A 98 -22.31 18.52 -18.85
N LEU A 99 -22.70 19.22 -17.79
CA LEU A 99 -24.05 19.13 -17.27
C LEU A 99 -24.97 20.06 -18.05
N GLN A 100 -26.25 20.00 -17.77
CA GLN A 100 -27.21 20.97 -18.32
C GLN A 100 -28.17 21.35 -17.21
N CYS A 101 -27.83 22.39 -16.47
CA CYS A 101 -28.56 22.69 -15.27
C CYS A 101 -29.71 23.66 -15.54
N THR A 102 -30.73 23.57 -14.69
CA THR A 102 -31.87 24.47 -14.69
C THR A 102 -32.30 24.64 -13.24
N ASN A 103 -32.87 25.80 -12.92
CA ASN A 103 -33.31 26.03 -11.56
C ASN A 103 -34.42 25.07 -11.19
N VAL A 104 -34.45 24.64 -9.93
CA VAL A 104 -35.43 23.68 -9.47
C VAL A 104 -36.82 24.32 -9.51
N THR A 105 -37.80 23.56 -9.99
CA THR A 105 -39.18 24.04 -10.10
C THR A 105 -40.00 23.40 -8.98
N ASN A 106 -39.98 24.05 -7.82
CA ASN A 106 -40.95 23.84 -6.76
C ASN A 106 -40.82 25.05 -5.84
N ASN A 107 -41.80 25.21 -4.97
CA ASN A 107 -41.91 26.40 -4.14
C ASN A 107 -40.59 26.71 -3.45
N ILE A 108 -39.98 27.83 -3.80
CA ILE A 108 -38.67 28.22 -3.31
C ILE A 108 -38.79 29.63 -2.73
N THR A 109 -38.38 29.77 -1.47
CA THR A 109 -38.30 31.10 -0.88
C THR A 109 -37.24 31.91 -1.59
N ASP A 110 -37.54 33.17 -1.85
CA ASP A 110 -36.67 34.03 -2.67
C ASP A 110 -35.27 34.17 -2.08
N ASP A 111 -35.07 33.70 -0.85
CA ASP A 111 -33.72 33.66 -0.29
C ASP A 111 -32.92 32.50 -0.87
N MET A 112 -33.56 31.34 -1.02
CA MET A 112 -32.94 30.16 -1.60
C MET A 112 -33.20 30.04 -3.09
N ARG A 113 -33.42 31.16 -3.78
CA ARG A 113 -33.71 31.10 -5.20
C ARG A 113 -32.42 31.01 -5.99
N GLY A 114 -32.34 30.04 -6.88
CA GLY A 114 -31.14 29.85 -7.66
C GLY A 114 -29.96 29.33 -6.88
N GLU A 115 -30.21 28.53 -5.84
CA GLU A 115 -29.14 27.90 -5.09
C GLU A 115 -29.12 26.39 -5.30
N LEU A 116 -30.06 25.86 -6.07
CA LEU A 116 -30.09 24.45 -6.42
C LEU A 116 -30.46 24.34 -7.89
N LYS A 117 -29.89 23.35 -8.57
CA LYS A 117 -30.21 23.15 -9.98
C LYS A 117 -30.14 21.66 -10.30
N ASN A 118 -31.11 21.17 -11.07
CA ASN A 118 -31.10 19.77 -11.50
C ASN A 118 -30.34 19.68 -12.81
N CYS A 119 -29.11 19.18 -12.74
CA CYS A 119 -28.24 19.08 -13.89
C CYS A 119 -28.32 17.67 -14.47
N SER A 120 -28.69 17.58 -15.75
CA SER A 120 -28.95 16.30 -16.40
C SER A 120 -27.81 16.03 -17.38
N PHE A 121 -27.03 15.00 -17.09
CA PHE A 121 -25.86 14.66 -17.87
C PHE A 121 -25.99 13.26 -18.46
N ASN A 122 -24.99 12.86 -19.24
CA ASN A 122 -24.88 11.51 -19.77
C ASN A 122 -23.86 10.74 -18.94
N MET A 123 -24.19 9.51 -18.60
CA MET A 123 -23.33 8.71 -17.76
C MET A 123 -23.01 7.40 -18.45
N THR A 124 -21.84 6.87 -18.17
CA THR A 124 -21.47 5.56 -18.69
C THR A 124 -22.25 4.47 -17.98
N THR A 125 -22.79 3.55 -18.76
CA THR A 125 -23.58 2.46 -18.22
C THR A 125 -22.67 1.37 -17.68
N GLU A 126 -23.24 0.20 -17.43
CA GLU A 126 -22.44 -1.01 -17.29
C GLU A 126 -21.51 -1.18 -18.49
N LEU A 127 -22.04 -0.99 -19.69
CA LEU A 127 -21.34 -1.22 -20.94
C LEU A 127 -20.55 0.02 -21.34
N ARG A 128 -19.25 -0.16 -21.61
CA ARG A 128 -18.40 0.97 -21.94
C ARG A 128 -18.82 1.68 -23.21
N ASP A 129 -19.84 1.19 -23.89
CA ASP A 129 -20.27 1.81 -25.15
C ASP A 129 -21.61 2.52 -25.05
N LYS A 130 -22.47 2.16 -24.11
CA LYS A 130 -23.77 2.79 -23.98
C LYS A 130 -23.71 3.96 -23.00
N LYS A 131 -24.53 4.96 -23.26
CA LYS A 131 -24.68 6.12 -22.39
C LYS A 131 -26.11 6.20 -21.88
N GLN A 132 -26.27 6.77 -20.68
CA GLN A 132 -27.58 6.95 -20.08
C GLN A 132 -27.75 8.42 -19.70
N LYS A 133 -28.91 8.97 -20.02
CA LYS A 133 -29.23 10.34 -19.67
C LYS A 133 -29.79 10.35 -18.26
N VAL A 134 -28.99 10.79 -17.30
CA VAL A 134 -29.34 10.74 -15.89
C VAL A 134 -29.22 12.14 -15.31
N TYR A 135 -30.00 12.42 -14.28
CA TYR A 135 -30.01 13.74 -13.67
C TYR A 135 -29.80 13.67 -12.17
N SER A 136 -29.46 14.82 -11.58
CA SER A 136 -29.25 14.93 -10.15
C SER A 136 -29.44 16.39 -9.76
N LEU A 137 -29.33 16.68 -8.46
CA LEU A 137 -29.50 18.03 -7.93
C LEU A 137 -28.22 18.48 -7.27
N PHE A 138 -27.64 19.57 -7.77
CA PHE A 138 -26.40 20.10 -7.21
C PHE A 138 -26.65 21.48 -6.63
N TYR A 139 -25.81 21.87 -5.69
CA TYR A 139 -25.85 23.19 -5.11
C TYR A 139 -25.06 24.16 -5.97
N ARG A 140 -25.41 25.45 -5.87
CA ARG A 140 -24.75 26.44 -6.72
C ARG A 140 -23.26 26.56 -6.43
N LEU A 141 -22.79 26.06 -5.30
CA LEU A 141 -21.38 26.13 -4.98
C LEU A 141 -20.59 24.94 -5.48
N ASP A 142 -21.23 24.06 -6.24
CA ASP A 142 -20.55 22.92 -6.84
C ASP A 142 -20.50 22.98 -8.35
N VAL A 143 -21.46 23.63 -8.97
CA VAL A 143 -21.46 23.77 -10.42
C VAL A 143 -20.87 25.13 -10.77
N VAL A 144 -20.23 25.18 -11.93
CA VAL A 144 -19.60 26.38 -12.47
C VAL A 144 -19.96 26.46 -13.93
N GLN A 145 -20.45 27.62 -14.37
CA GLN A 145 -20.84 27.73 -15.76
C GLN A 145 -19.62 27.57 -16.67
N ILE A 146 -19.85 27.14 -17.89
CA ILE A 146 -18.76 26.82 -18.80
C ILE A 146 -18.59 27.91 -19.85
N ASN A 147 -19.62 28.13 -20.66
CA ASN A 147 -19.54 29.01 -21.82
C ASN A 147 -20.57 30.13 -21.66
N GLU A 148 -20.13 31.25 -21.09
CA GLU A 148 -21.04 32.36 -20.84
C GLU A 148 -21.37 33.07 -22.16
N ASN A 149 -22.45 32.66 -22.80
CA ASN A 149 -22.88 33.26 -24.06
C ASN A 149 -24.38 33.53 -24.07
N LYS A 159 -27.48 27.22 -18.97
CA LYS A 159 -27.24 25.78 -19.05
C LYS A 159 -25.75 25.52 -19.12
N GLU A 160 -25.39 24.28 -19.45
CA GLU A 160 -24.01 23.90 -19.68
C GLU A 160 -23.06 24.30 -18.55
N TYR A 161 -23.25 23.70 -17.38
CA TYR A 161 -22.39 23.92 -16.24
C TYR A 161 -21.37 22.78 -16.18
N ARG A 162 -20.60 22.73 -15.10
CA ARG A 162 -19.69 21.63 -14.86
C ARG A 162 -19.30 21.67 -13.39
N LEU A 163 -18.90 20.52 -12.86
CA LEU A 163 -18.54 20.49 -11.46
C LEU A 163 -17.35 21.42 -11.23
N ILE A 164 -17.22 21.89 -9.98
CA ILE A 164 -16.27 22.95 -9.71
C ILE A 164 -14.84 22.47 -9.78
N ASN A 165 -14.60 21.17 -9.63
CA ASN A 165 -13.26 20.64 -9.48
C ASN A 165 -12.89 19.69 -10.61
N CYS A 166 -13.29 20.03 -11.83
CA CYS A 166 -12.77 19.34 -13.00
C CYS A 166 -11.60 20.08 -13.61
N ASN A 167 -11.22 21.21 -13.03
CA ASN A 167 -10.00 21.92 -13.39
C ASN A 167 -8.86 21.61 -12.45
N THR A 168 -9.16 21.14 -11.25
CA THR A 168 -8.16 20.54 -10.38
C THR A 168 -8.64 19.15 -9.99
N SER A 169 -8.02 18.56 -8.98
CA SER A 169 -8.19 17.15 -8.68
C SER A 169 -9.65 16.72 -8.66
N ALA A 170 -9.88 15.49 -9.12
CA ALA A 170 -11.19 14.86 -9.03
C ALA A 170 -11.33 14.20 -7.68
N CYS A 171 -12.57 14.10 -7.21
CA CYS A 171 -12.82 13.74 -5.82
C CYS A 171 -13.07 12.25 -5.69
N THR A 172 -12.92 11.78 -4.46
CA THR A 172 -13.30 10.42 -4.10
C THR A 172 -14.52 10.55 -3.21
N GLN A 173 -15.68 10.21 -3.74
CA GLN A 173 -16.89 10.20 -2.95
C GLN A 173 -16.65 9.44 -1.66
N ALA A 174 -17.02 10.04 -0.53
CA ALA A 174 -16.91 9.33 0.73
C ALA A 174 -17.78 8.08 0.69
N CYS A 175 -17.59 7.23 1.70
CA CYS A 175 -18.36 6.01 1.80
C CYS A 175 -19.55 6.25 2.69
N PRO A 176 -20.78 5.95 2.26
CA PRO A 176 -21.95 6.31 3.09
C PRO A 176 -21.99 5.59 4.42
N LYS A 177 -21.28 4.48 4.57
CA LYS A 177 -21.25 3.78 5.84
C LYS A 177 -20.40 4.53 6.85
N VAL A 178 -19.35 5.22 6.38
CA VAL A 178 -18.47 5.96 7.27
C VAL A 178 -19.15 7.24 7.72
N SER A 179 -19.10 7.53 9.02
CA SER A 179 -19.74 8.69 9.61
C SER A 179 -18.70 9.67 10.12
N PHE A 180 -18.91 10.96 9.85
CA PHE A 180 -17.97 11.98 10.28
C PHE A 180 -18.17 12.43 11.71
N GLU A 181 -19.08 11.84 12.46
CA GLU A 181 -19.36 12.31 13.81
C GLU A 181 -18.11 12.16 14.68
N PRO A 182 -17.64 13.23 15.32
CA PRO A 182 -16.39 13.16 16.08
C PRO A 182 -16.58 12.40 17.39
N ILE A 183 -15.65 11.49 17.67
CA ILE A 183 -15.71 10.64 18.85
C ILE A 183 -14.51 10.96 19.74
N PRO A 184 -14.69 11.05 21.05
CA PRO A 184 -13.56 11.38 21.93
C PRO A 184 -12.38 10.42 21.75
N ILE A 185 -11.20 11.00 21.57
CA ILE A 185 -9.96 10.27 21.39
C ILE A 185 -9.05 10.58 22.56
N HIS A 186 -8.52 9.56 23.21
CA HIS A 186 -7.57 9.72 24.29
C HIS A 186 -6.17 9.44 23.76
N TYR A 187 -5.31 10.44 23.85
CA TYR A 187 -3.92 10.31 23.41
C TYR A 187 -3.07 9.77 24.56
N CYS A 188 -2.59 8.54 24.41
CA CYS A 188 -1.77 7.90 25.42
C CYS A 188 -0.30 8.10 25.12
N ALA A 189 0.52 7.97 26.16
CA ALA A 189 1.95 8.03 25.98
C ALA A 189 2.56 6.65 26.16
N PRO A 190 3.51 6.26 25.32
CA PRO A 190 4.09 4.92 25.40
C PRO A 190 4.78 4.71 26.74
N ALA A 191 5.11 3.46 27.02
CA ALA A 191 5.77 3.14 28.28
C ALA A 191 7.10 3.87 28.37
N GLY A 192 7.46 4.26 29.57
CA GLY A 192 8.66 5.03 29.80
C GLY A 192 8.52 6.52 29.62
N PHE A 193 7.40 6.99 29.08
CA PHE A 193 7.10 8.41 28.97
C PHE A 193 5.96 8.75 29.91
N ALA A 194 5.68 10.04 30.02
CA ALA A 194 4.61 10.51 30.90
C ALA A 194 4.01 11.77 30.30
N ILE A 195 2.74 11.99 30.59
CA ILE A 195 2.01 13.14 30.09
C ILE A 195 1.64 14.00 31.28
N LEU A 196 2.25 15.17 31.38
CA LEU A 196 2.03 16.08 32.49
C LEU A 196 0.98 17.11 32.09
N LYS A 197 -0.12 17.17 32.85
CA LYS A 197 -1.14 18.18 32.62
C LYS A 197 -1.00 19.28 33.66
N CYS A 198 -1.27 20.51 33.24
CA CYS A 198 -1.16 21.68 34.11
C CYS A 198 -2.53 21.98 34.71
N LYS A 199 -2.87 21.27 35.77
CA LYS A 199 -4.13 21.54 36.46
C LYS A 199 -3.98 22.86 37.19
N ASP A 200 -4.52 23.93 36.59
CA ASP A 200 -4.34 25.28 37.09
C ASP A 200 -5.34 26.17 36.37
N LYS A 201 -5.98 27.06 37.12
CA LYS A 201 -7.11 27.79 36.56
C LYS A 201 -6.67 28.91 35.64
N LYS A 202 -5.83 29.80 36.13
CA LYS A 202 -5.45 30.99 35.38
C LYS A 202 -4.12 30.79 34.66
N PHE A 203 -4.10 29.83 33.75
CA PHE A 203 -2.89 29.45 33.05
C PHE A 203 -2.99 29.95 31.62
N ASN A 204 -2.29 31.05 31.32
CA ASN A 204 -2.47 31.69 30.02
C ASN A 204 -1.73 30.98 28.89
N GLY A 205 -1.09 29.84 29.17
CA GLY A 205 -0.56 29.03 28.09
C GLY A 205 0.92 28.73 28.16
N THR A 206 1.71 29.71 28.59
CA THR A 206 3.15 29.54 28.72
C THR A 206 3.55 29.75 30.17
N GLY A 207 4.86 29.77 30.42
CA GLY A 207 5.37 30.05 31.73
C GLY A 207 5.13 28.90 32.69
N PRO A 208 5.62 29.04 33.93
CA PRO A 208 5.52 27.93 34.88
C PRO A 208 4.09 27.68 35.30
N CYS A 209 3.85 26.46 35.78
CA CYS A 209 2.53 26.04 36.24
C CYS A 209 2.66 25.45 37.64
N PRO A 210 2.33 26.24 38.68
CA PRO A 210 2.65 25.82 40.05
C PRO A 210 1.92 24.58 40.54
N SER A 211 1.11 23.93 39.72
CA SER A 211 0.47 22.68 40.16
C SER A 211 0.32 21.79 38.92
N VAL A 212 1.23 20.84 38.78
CA VAL A 212 1.23 19.90 37.66
C VAL A 212 0.79 18.54 38.19
N SER A 213 0.36 17.69 37.27
CA SER A 213 -0.01 16.33 37.61
C SER A 213 0.38 15.40 36.47
N THR A 214 0.42 14.11 36.77
CA THR A 214 0.79 13.08 35.81
C THR A 214 -0.45 12.32 35.40
N VAL A 215 -0.52 11.93 34.13
CA VAL A 215 -1.62 11.14 33.61
C VAL A 215 -1.10 10.25 32.49
N GLN A 216 -1.71 9.08 32.34
CA GLN A 216 -1.30 8.19 31.27
C GLN A 216 -2.00 8.53 29.96
N CYS A 217 -3.28 8.89 30.01
CA CYS A 217 -4.04 9.21 28.82
C CYS A 217 -4.77 10.53 29.00
N THR A 218 -4.63 11.42 28.01
CA THR A 218 -5.34 12.68 28.03
C THR A 218 -6.84 12.46 27.95
N HIS A 219 -7.60 13.50 28.32
CA HIS A 219 -9.04 13.36 28.31
C HIS A 219 -9.57 13.23 26.89
N GLY A 220 -10.88 13.07 26.76
CA GLY A 220 -11.48 12.92 25.45
C GLY A 220 -11.38 14.16 24.60
N ILE A 221 -10.53 14.12 23.58
CA ILE A 221 -10.35 15.24 22.66
C ILE A 221 -11.09 14.86 21.38
N LYS A 222 -12.37 15.21 21.31
CA LYS A 222 -13.13 14.92 20.11
C LYS A 222 -12.68 15.85 18.99
N PRO A 223 -12.21 15.34 17.88
CA PRO A 223 -11.76 16.24 16.80
C PRO A 223 -12.91 16.81 15.99
N VAL A 224 -13.24 18.06 16.25
CA VAL A 224 -14.21 18.76 15.42
C VAL A 224 -13.43 19.67 14.49
N VAL A 225 -13.97 19.90 13.31
CA VAL A 225 -13.32 20.71 12.30
C VAL A 225 -14.25 21.89 12.01
N SER A 226 -14.08 22.96 12.77
CA SER A 226 -14.76 24.22 12.55
C SER A 226 -13.74 25.26 12.11
N THR A 227 -14.23 26.45 11.78
CA THR A 227 -13.35 27.46 11.19
C THR A 227 -13.08 28.64 12.12
N GLN A 228 -14.10 29.36 12.56
CA GLN A 228 -13.84 30.53 13.38
C GLN A 228 -14.63 30.55 14.67
N LEU A 229 -15.26 29.43 15.03
CA LEU A 229 -15.96 29.28 16.30
C LEU A 229 -15.70 27.87 16.78
N LEU A 230 -14.89 27.70 17.82
CA LEU A 230 -14.61 26.38 18.33
C LEU A 230 -15.88 25.78 18.92
N LEU A 231 -16.21 24.56 18.50
CA LEU A 231 -17.46 23.92 18.88
C LEU A 231 -17.20 22.70 19.75
N ASN A 232 -18.16 22.44 20.65
CA ASN A 232 -18.15 21.25 21.48
C ASN A 232 -16.85 21.08 22.25
N GLY A 233 -16.21 22.18 22.59
CA GLY A 233 -14.92 22.12 23.26
C GLY A 233 -15.06 21.91 24.76
N SER A 234 -14.00 22.27 25.48
CA SER A 234 -13.96 22.18 26.93
C SER A 234 -13.83 23.58 27.49
N LEU A 235 -14.75 23.96 28.37
CA LEU A 235 -14.79 25.31 28.88
C LEU A 235 -13.70 25.55 29.91
N ALA A 236 -13.38 26.83 30.12
CA ALA A 236 -12.44 27.19 31.17
C ALA A 236 -13.10 27.01 32.54
N GLU A 237 -12.31 27.19 33.58
CA GLU A 237 -12.77 26.87 34.92
C GLU A 237 -13.51 28.05 35.57
N GLU A 238 -12.93 29.22 35.54
CA GLU A 238 -13.57 30.32 36.25
C GLU A 238 -13.76 31.58 35.41
N GLU A 239 -12.82 31.90 34.52
CA GLU A 239 -12.90 33.13 33.75
C GLU A 239 -12.59 32.87 32.29
N VAL A 240 -13.04 33.79 31.44
CA VAL A 240 -12.85 33.68 30.00
C VAL A 240 -11.38 33.94 29.72
N MET A 241 -10.63 32.89 29.43
CA MET A 241 -9.19 32.98 29.30
C MET A 241 -8.80 33.27 27.86
N ILE A 242 -8.05 34.34 27.66
CA ILE A 242 -7.57 34.75 26.35
C ILE A 242 -6.12 34.34 26.22
N ARG A 243 -5.78 33.73 25.09
CA ARG A 243 -4.43 33.20 24.89
C ARG A 243 -3.92 33.62 23.52
N SER A 244 -2.62 33.84 23.44
CA SER A 244 -1.97 34.19 22.18
C SER A 244 -0.47 34.01 22.36
N GLU A 245 0.26 34.03 21.24
CA GLU A 245 1.70 33.89 21.31
C GLU A 245 2.32 35.14 21.92
N ASN A 246 2.17 36.28 21.24
CA ASN A 246 2.38 37.59 21.85
C ASN A 246 1.17 38.44 21.50
N ILE A 247 0.35 38.75 22.51
CA ILE A 247 -0.91 39.45 22.26
C ILE A 247 -0.64 40.81 21.63
N THR A 248 0.54 41.39 21.89
CA THR A 248 0.89 42.66 21.26
C THR A 248 1.06 42.52 19.75
N ASN A 249 1.31 41.32 19.24
CA ASN A 249 1.43 41.13 17.82
C ASN A 249 0.05 40.97 17.20
N ASN A 250 -0.12 41.52 15.99
CA ASN A 250 -1.38 41.42 15.27
C ASN A 250 -1.28 40.47 14.09
N ALA A 251 -0.33 39.54 14.11
CA ALA A 251 -0.25 38.48 13.12
C ALA A 251 -0.43 37.11 13.75
N LYS A 252 -0.86 37.05 15.01
CA LYS A 252 -1.10 35.81 15.72
C LYS A 252 -2.53 35.79 16.22
N ASN A 253 -3.23 34.69 15.95
CA ASN A 253 -4.61 34.55 16.38
C ASN A 253 -4.70 34.60 17.91
N ILE A 254 -5.92 34.80 18.40
CA ILE A 254 -6.17 34.96 19.83
C ILE A 254 -7.22 33.93 20.21
N LEU A 255 -6.78 32.78 20.71
CA LEU A 255 -7.68 31.66 20.98
C LEU A 255 -8.46 31.94 22.25
N VAL A 256 -9.55 32.68 22.12
CA VAL A 256 -10.42 32.93 23.27
C VAL A 256 -11.12 31.63 23.65
N GLN A 257 -11.35 31.45 24.95
CA GLN A 257 -12.04 30.27 25.45
C GLN A 257 -13.08 30.71 26.48
N PHE A 258 -14.33 30.30 26.27
CA PHE A 258 -15.38 30.74 27.18
C PHE A 258 -15.34 29.92 28.46
N ASN A 259 -16.15 30.34 29.43
CA ASN A 259 -16.38 29.56 30.62
C ASN A 259 -17.82 29.07 30.75
N THR A 260 -18.73 29.58 29.95
CA THR A 260 -20.09 29.08 29.81
C THR A 260 -20.40 28.92 28.34
N PRO A 261 -20.97 27.80 27.93
CA PRO A 261 -21.18 27.56 26.49
C PRO A 261 -22.35 28.34 25.95
N VAL A 262 -22.18 28.83 24.74
CA VAL A 262 -23.24 29.52 24.00
C VAL A 262 -23.85 28.51 23.05
N GLN A 263 -25.08 28.11 23.31
CA GLN A 263 -25.73 27.07 22.53
C GLN A 263 -26.10 27.59 21.16
N ILE A 264 -25.73 26.87 20.11
CA ILE A 264 -26.01 27.25 18.73
C ILE A 264 -26.77 26.11 18.07
N ASN A 265 -27.89 26.43 17.43
CA ASN A 265 -28.77 25.45 16.81
C ASN A 265 -28.69 25.61 15.31
N CYS A 266 -28.07 24.67 14.63
CA CYS A 266 -27.93 24.72 13.17
C CYS A 266 -28.85 23.69 12.55
N THR A 267 -29.54 24.07 11.48
CA THR A 267 -30.54 23.22 10.87
C THR A 267 -30.52 23.39 9.37
N ARG A 268 -30.97 22.35 8.68
CA ARG A 268 -31.19 22.40 7.23
C ARG A 268 -32.62 21.92 6.99
N PRO A 269 -33.55 22.81 6.63
CA PRO A 269 -34.97 22.46 6.69
C PRO A 269 -35.52 21.74 5.47
N ASN A 270 -34.79 21.67 4.37
CA ASN A 270 -35.26 20.90 3.23
C ASN A 270 -35.23 19.41 3.55
N ASN A 271 -36.11 18.66 2.90
CA ASN A 271 -36.10 17.21 3.04
C ASN A 271 -35.63 16.59 1.73
N ASN A 272 -34.37 16.20 1.69
CA ASN A 272 -33.79 15.65 0.48
C ASN A 272 -34.26 14.22 0.26
N THR A 273 -33.77 13.61 -0.81
CA THR A 273 -34.15 12.24 -1.15
C THR A 273 -33.03 11.68 -2.02
N ARG A 274 -32.26 10.74 -1.48
CA ARG A 274 -31.16 10.19 -2.24
C ARG A 274 -31.67 9.38 -3.43
N LYS A 275 -30.76 9.11 -4.36
CA LYS A 275 -31.06 8.30 -5.53
C LYS A 275 -29.72 7.84 -6.07
N SER A 276 -29.39 6.57 -5.90
CA SER A 276 -28.07 6.09 -6.25
C SER A 276 -27.96 5.85 -7.75
N ILE A 277 -26.92 6.41 -8.37
CA ILE A 277 -26.67 6.28 -9.80
C ILE A 277 -25.44 5.40 -9.97
N ARG A 278 -25.53 4.44 -10.90
CA ARG A 278 -24.44 3.52 -11.16
C ARG A 278 -23.56 4.08 -12.28
N ILE A 279 -22.30 4.33 -11.96
CA ILE A 279 -21.37 4.97 -12.90
C ILE A 279 -20.32 4.00 -13.42
N GLY A 280 -20.35 2.75 -12.99
CA GLY A 280 -19.38 1.77 -13.44
C GLY A 280 -19.73 0.38 -13.00
N PRO A 281 -18.81 -0.54 -13.14
CA PRO A 281 -19.07 -1.90 -12.68
C PRO A 281 -18.97 -2.00 -11.17
N GLY A 282 -20.11 -2.10 -10.51
CA GLY A 282 -20.14 -2.24 -9.07
C GLY A 282 -19.52 -1.07 -8.33
N GLN A 283 -19.98 0.13 -8.64
CA GLN A 283 -19.65 1.32 -7.85
C GLN A 283 -20.66 2.39 -8.18
N ALA A 284 -21.28 2.96 -7.16
CA ALA A 284 -22.43 3.83 -7.32
C ALA A 284 -22.12 5.24 -6.91
N PHE A 285 -22.92 6.17 -7.41
CA PHE A 285 -22.81 7.59 -7.09
C PHE A 285 -24.13 8.04 -6.50
N TYR A 286 -24.14 8.37 -5.21
CA TYR A 286 -25.36 8.68 -4.49
C TYR A 286 -25.73 10.13 -4.75
N ALA A 287 -26.71 10.33 -5.63
CA ALA A 287 -27.11 11.66 -6.03
C ALA A 287 -28.21 12.16 -5.10
N THR A 288 -28.85 13.27 -5.47
CA THR A 288 -30.02 13.77 -4.78
C THR A 288 -31.14 13.85 -5.78
N GLY A 289 -32.13 12.99 -5.63
CA GLY A 289 -33.16 12.88 -6.65
C GLY A 289 -34.17 14.00 -6.59
N ASP A 290 -34.64 14.33 -5.40
CA ASP A 290 -35.78 15.22 -5.28
C ASP A 290 -35.79 15.85 -3.89
N ILE A 291 -36.36 17.04 -3.81
CA ILE A 291 -36.59 17.73 -2.55
C ILE A 291 -38.08 17.72 -2.30
N ILE A 292 -38.49 17.08 -1.21
CA ILE A 292 -39.91 16.93 -0.90
C ILE A 292 -40.36 18.15 -0.11
N GLY A 293 -41.36 18.85 -0.61
CA GLY A 293 -41.87 20.00 0.09
C GLY A 293 -41.45 21.30 -0.54
N ASP A 294 -41.33 22.35 0.25
CA ASP A 294 -40.83 23.63 -0.21
C ASP A 294 -39.41 23.82 0.30
N ILE A 295 -38.60 24.50 -0.50
CA ILE A 295 -37.18 24.64 -0.21
C ILE A 295 -36.97 25.88 0.64
N ARG A 296 -36.13 25.75 1.66
CA ARG A 296 -35.95 26.77 2.66
C ARG A 296 -34.48 26.83 3.06
N GLN A 297 -33.97 28.03 3.28
CA GLN A 297 -32.55 28.21 3.53
C GLN A 297 -32.16 27.65 4.90
N ALA A 298 -30.99 27.02 4.95
CA ALA A 298 -30.42 26.61 6.23
C ALA A 298 -30.07 27.84 7.05
N HIS A 299 -29.78 27.63 8.33
CA HIS A 299 -29.40 28.73 9.22
C HIS A 299 -28.90 28.16 10.54
N CYS A 300 -28.53 29.06 11.44
CA CYS A 300 -28.18 28.73 12.81
C CYS A 300 -28.68 29.84 13.71
N ASN A 301 -29.07 29.48 14.93
CA ASN A 301 -29.59 30.45 15.88
C ASN A 301 -28.72 30.49 17.12
N VAL A 302 -28.28 31.70 17.49
CA VAL A 302 -27.49 31.93 18.68
C VAL A 302 -28.23 32.96 19.51
N SER A 303 -28.65 32.59 20.71
CA SER A 303 -29.49 33.47 21.51
C SER A 303 -28.79 34.79 21.76
N LYS A 304 -29.44 35.89 21.38
CA LYS A 304 -28.77 37.19 21.40
C LYS A 304 -28.41 37.62 22.81
N ALA A 305 -29.22 37.25 23.80
CA ALA A 305 -28.91 37.62 25.17
C ALA A 305 -27.62 36.96 25.64
N THR A 306 -27.58 35.64 25.61
CA THR A 306 -26.42 34.89 26.08
C THR A 306 -25.25 34.95 25.11
N TRP A 307 -25.41 35.55 23.94
CA TRP A 307 -24.23 35.83 23.13
C TRP A 307 -23.68 37.20 23.41
N ASN A 308 -24.54 38.21 23.54
CA ASN A 308 -24.06 39.54 23.90
C ASN A 308 -23.41 39.54 25.27
N GLU A 309 -23.90 38.71 26.19
CA GLU A 309 -23.31 38.64 27.51
C GLU A 309 -21.90 38.05 27.46
N THR A 310 -21.70 37.00 26.68
CA THR A 310 -20.37 36.42 26.57
C THR A 310 -19.43 37.34 25.79
N LEU A 311 -19.95 38.11 24.83
CA LEU A 311 -19.11 39.12 24.22
C LEU A 311 -18.70 40.17 25.22
N GLY A 312 -19.60 40.53 26.15
CA GLY A 312 -19.21 41.44 27.21
C GLY A 312 -18.11 40.87 28.08
N LYS A 313 -18.23 39.59 28.46
CA LYS A 313 -17.17 38.95 29.22
C LYS A 313 -15.85 38.99 28.49
N VAL A 314 -15.86 38.63 27.20
CA VAL A 314 -14.62 38.62 26.43
C VAL A 314 -14.02 40.01 26.35
N VAL A 315 -14.84 41.03 26.10
CA VAL A 315 -14.30 42.38 25.96
C VAL A 315 -13.79 42.87 27.30
N LYS A 316 -14.32 42.35 28.41
CA LYS A 316 -13.77 42.70 29.71
C LYS A 316 -12.39 42.08 29.88
N GLN A 317 -12.25 40.80 29.52
CA GLN A 317 -10.94 40.16 29.62
C GLN A 317 -9.96 40.60 28.56
N LEU A 318 -10.41 41.32 27.54
CA LEU A 318 -9.52 41.84 26.52
C LEU A 318 -8.99 43.22 26.85
N ARG A 319 -9.46 43.83 27.94
CA ARG A 319 -8.93 45.11 28.38
C ARG A 319 -7.80 44.96 29.38
N LYS A 320 -7.68 43.79 30.02
CA LYS A 320 -6.52 43.53 30.86
C LYS A 320 -5.23 43.50 30.04
N HIS A 321 -5.33 43.44 28.73
CA HIS A 321 -4.16 43.49 27.86
C HIS A 321 -4.15 44.71 26.95
N PHE A 322 -5.15 45.58 27.03
CA PHE A 322 -5.21 46.71 26.11
C PHE A 322 -5.67 48.02 26.76
N GLY A 323 -5.76 48.10 28.08
CA GLY A 323 -6.14 49.34 28.73
C GLY A 323 -7.64 49.51 28.90
N ASN A 324 -8.06 50.05 30.04
CA ASN A 324 -9.48 50.10 30.36
C ASN A 324 -10.22 51.11 29.50
N ASN A 325 -9.56 52.18 29.06
CA ASN A 325 -10.20 53.19 28.20
C ASN A 325 -9.88 52.91 26.73
N THR A 326 -10.28 51.73 26.28
CA THR A 326 -9.98 51.28 24.92
C THR A 326 -11.27 50.85 24.25
N ILE A 327 -11.55 51.44 23.09
CA ILE A 327 -12.72 51.05 22.31
C ILE A 327 -12.40 49.73 21.61
N ILE A 328 -13.10 48.69 21.98
CA ILE A 328 -12.93 47.36 21.41
C ILE A 328 -14.19 47.07 20.60
N ARG A 329 -14.03 46.98 19.29
CA ARG A 329 -15.16 46.70 18.41
C ARG A 329 -14.84 45.47 17.60
N PHE A 330 -15.86 44.68 17.31
CA PHE A 330 -15.72 43.48 16.49
C PHE A 330 -16.24 43.77 15.09
N ALA A 331 -15.71 43.03 14.13
CA ALA A 331 -16.12 43.18 12.75
C ALA A 331 -16.25 41.79 12.13
N ASN A 332 -16.88 41.73 10.97
CA ASN A 332 -17.00 40.44 10.31
C ASN A 332 -15.73 40.16 9.52
N SER A 333 -15.64 38.95 8.98
CA SER A 333 -14.38 38.45 8.46
C SER A 333 -13.82 39.35 7.36
N SER A 334 -12.53 39.20 7.11
CA SER A 334 -11.83 40.11 6.22
C SER A 334 -12.10 39.78 4.75
N GLY A 335 -11.83 38.56 4.34
CA GLY A 335 -12.03 38.16 2.97
C GLY A 335 -11.18 36.95 2.64
N GLY A 336 -11.40 36.43 1.43
CA GLY A 336 -10.66 35.28 0.98
C GLY A 336 -11.54 34.13 0.53
N ASP A 337 -11.11 32.91 0.81
CA ASP A 337 -11.88 31.73 0.45
C ASP A 337 -13.15 31.64 1.29
N LEU A 338 -14.06 30.77 0.87
CA LEU A 338 -15.31 30.61 1.61
C LEU A 338 -15.11 29.88 2.92
N GLU A 339 -14.06 29.07 3.03
CA GLU A 339 -13.82 28.28 4.23
C GLU A 339 -13.03 29.04 5.29
N VAL A 340 -12.70 30.30 5.05
CA VAL A 340 -12.00 31.10 6.03
C VAL A 340 -12.77 32.34 6.44
N THR A 341 -13.67 32.85 5.60
CA THR A 341 -14.49 34.00 5.93
C THR A 341 -15.80 33.58 6.57
N THR A 342 -15.97 32.30 6.88
CA THR A 342 -17.27 31.76 7.20
C THR A 342 -17.12 30.59 8.15
N HIS A 343 -18.08 30.47 9.07
CA HIS A 343 -18.03 29.47 10.11
C HIS A 343 -18.35 28.08 9.57
N SER A 344 -17.39 27.46 8.89
CA SER A 344 -17.63 26.15 8.31
C SER A 344 -17.63 25.08 9.38
N PHE A 345 -18.45 24.05 9.19
CA PHE A 345 -18.45 22.87 10.04
C PHE A 345 -19.31 21.82 9.38
N ASN A 346 -19.39 20.64 10.00
CA ASN A 346 -20.24 19.57 9.51
C ASN A 346 -21.20 19.18 10.60
N CYS A 347 -22.45 18.92 10.23
CA CYS A 347 -23.55 18.76 11.17
C CYS A 347 -24.33 17.52 10.76
N GLY A 348 -23.95 16.38 11.32
CA GLY A 348 -24.59 15.15 10.91
C GLY A 348 -24.22 14.65 9.54
N GLY A 349 -23.09 15.09 9.00
CA GLY A 349 -22.62 14.66 7.71
C GLY A 349 -22.88 15.61 6.57
N GLU A 350 -23.38 16.82 6.85
CA GLU A 350 -23.59 17.84 5.84
C GLU A 350 -22.80 19.07 6.22
N PHE A 351 -22.02 19.59 5.29
CA PHE A 351 -21.03 20.62 5.60
C PHE A 351 -21.65 22.00 5.39
N PHE A 352 -21.88 22.71 6.49
CA PHE A 352 -22.47 24.04 6.45
C PHE A 352 -21.37 25.09 6.33
N TYR A 353 -21.72 26.23 5.74
CA TYR A 353 -20.83 27.38 5.64
C TYR A 353 -21.59 28.61 6.07
N CYS A 354 -21.60 28.90 7.37
CA CYS A 354 -22.48 29.93 7.88
C CYS A 354 -21.80 31.29 7.85
N ASN A 355 -22.62 32.32 7.85
CA ASN A 355 -22.16 33.69 7.67
C ASN A 355 -22.25 34.40 9.01
N THR A 356 -21.14 34.43 9.74
CA THR A 356 -21.08 34.94 11.10
C THR A 356 -20.99 36.44 11.17
N SER A 357 -21.33 37.16 10.11
CA SER A 357 -21.29 38.61 10.15
C SER A 357 -22.34 39.21 11.07
N GLY A 358 -23.11 38.41 11.78
CA GLY A 358 -24.13 38.95 12.65
C GLY A 358 -23.74 38.84 14.11
N LEU A 359 -22.87 37.88 14.42
CA LEU A 359 -22.32 37.77 15.76
C LEU A 359 -21.24 38.80 15.99
N PHE A 360 -20.35 38.97 15.02
CA PHE A 360 -19.20 39.88 15.14
C PHE A 360 -19.54 41.21 14.48
N ASN A 361 -20.40 41.95 15.16
CA ASN A 361 -20.79 43.28 14.70
C ASN A 361 -21.26 44.07 15.92
N SER A 362 -20.36 44.88 16.47
CA SER A 362 -20.64 45.68 17.65
C SER A 362 -19.43 46.56 17.96
N THR A 363 -19.64 47.54 18.82
CA THR A 363 -18.58 48.42 19.30
C THR A 363 -18.75 48.62 20.79
N TRP A 364 -17.71 48.36 21.57
CA TRP A 364 -17.78 48.38 23.01
C TRP A 364 -16.98 49.53 23.57
N ILE A 365 -17.61 50.31 24.45
CA ILE A 365 -16.98 51.45 25.09
C ILE A 365 -17.04 51.24 26.60
N SER A 366 -16.07 51.84 27.30
CA SER A 366 -16.02 51.72 28.75
C SER A 366 -17.22 52.43 29.37
N ASN A 367 -18.18 51.66 29.86
CA ASN A 367 -19.41 52.21 30.40
C ASN A 367 -19.62 51.81 31.86
N SER A 378 -34.95 40.29 24.60
CA SER A 378 -34.87 38.96 25.18
C SER A 378 -35.68 37.95 24.36
N ASN A 379 -35.29 36.68 24.45
CA ASN A 379 -35.88 35.57 23.72
C ASN A 379 -35.73 35.69 22.21
N ASP A 380 -34.95 36.66 21.74
CA ASP A 380 -34.63 36.78 20.32
C ASP A 380 -33.30 36.12 20.03
N SER A 381 -33.16 35.62 18.81
CA SER A 381 -31.98 34.90 18.39
C SER A 381 -31.42 35.51 17.12
N ILE A 382 -30.18 35.16 16.81
CA ILE A 382 -29.46 35.75 15.70
C ILE A 382 -29.35 34.73 14.58
N THR A 383 -30.27 34.78 13.63
CA THR A 383 -30.32 33.80 12.55
C THR A 383 -29.23 34.12 11.53
N LEU A 384 -28.14 33.35 11.57
CA LEU A 384 -27.13 33.55 10.54
C LEU A 384 -27.37 32.60 9.38
N PRO A 385 -27.37 33.07 8.15
CA PRO A 385 -27.70 32.18 7.04
C PRO A 385 -26.50 31.41 6.52
N CYS A 386 -26.65 30.10 6.41
CA CYS A 386 -25.58 29.23 5.97
C CYS A 386 -25.78 28.77 4.53
N ARG A 387 -24.67 28.49 3.87
CA ARG A 387 -24.67 27.77 2.59
C ARG A 387 -24.25 26.34 2.86
N ILE A 388 -24.40 25.50 1.84
CA ILE A 388 -24.05 24.09 1.96
C ILE A 388 -23.29 23.68 0.70
N LYS A 389 -22.22 22.93 0.88
CA LYS A 389 -21.44 22.39 -0.22
C LYS A 389 -21.38 20.88 -0.10
N GLN A 390 -21.11 20.23 -1.22
CA GLN A 390 -20.83 18.81 -1.23
C GLN A 390 -19.42 18.49 -1.68
N ILE A 391 -18.80 19.34 -2.49
CA ILE A 391 -17.42 19.19 -2.91
C ILE A 391 -16.56 19.98 -1.93
N ILE A 392 -15.90 19.28 -1.02
CA ILE A 392 -15.19 19.96 0.06
C ILE A 392 -13.70 19.71 -0.06
N ASN A 393 -12.93 20.66 0.46
CA ASN A 393 -11.47 20.62 0.44
C ASN A 393 -10.99 20.78 1.89
N MET A 394 -10.89 19.67 2.60
CA MET A 394 -10.40 19.74 3.96
C MET A 394 -8.89 19.90 3.97
N TRP A 395 -8.39 20.54 5.02
CA TRP A 395 -6.96 20.74 5.27
C TRP A 395 -6.29 21.58 4.21
N GLN A 396 -7.04 22.12 3.26
CA GLN A 396 -6.54 23.05 2.24
C GLN A 396 -5.35 22.45 1.48
N ARG A 397 -5.61 21.33 0.82
CA ARG A 397 -4.64 20.73 -0.07
C ARG A 397 -5.03 20.99 -1.52
N ILE A 398 -4.06 20.85 -2.41
CA ILE A 398 -4.27 21.21 -3.80
C ILE A 398 -4.97 20.08 -4.53
N GLY A 399 -4.34 18.91 -4.57
CA GLY A 399 -4.86 17.82 -5.36
C GLY A 399 -5.74 16.87 -4.60
N GLN A 400 -6.58 17.40 -3.71
CA GLN A 400 -7.44 16.54 -2.91
C GLN A 400 -8.77 17.25 -2.71
N CYS A 401 -9.84 16.64 -3.21
CA CYS A 401 -11.18 17.05 -2.82
C CYS A 401 -11.93 15.82 -2.32
N MET A 402 -13.21 15.98 -1.99
CA MET A 402 -13.98 14.87 -1.45
C MET A 402 -15.47 15.11 -1.52
N TYR A 403 -16.18 14.38 -2.37
CA TYR A 403 -17.63 14.52 -2.42
C TYR A 403 -18.27 13.97 -1.15
N ALA A 404 -19.10 14.76 -0.50
CA ALA A 404 -19.85 14.27 0.64
C ALA A 404 -21.22 13.82 0.18
N PRO A 405 -21.61 12.57 0.41
CA PRO A 405 -22.89 12.08 -0.10
C PRO A 405 -24.04 12.81 0.56
N PRO A 406 -25.21 12.83 -0.07
CA PRO A 406 -26.34 13.54 0.52
C PRO A 406 -26.78 12.88 1.82
N ILE A 407 -27.48 13.66 2.63
CA ILE A 407 -28.09 13.17 3.85
C ILE A 407 -29.59 13.40 3.74
N GLN A 408 -30.38 12.40 4.09
CA GLN A 408 -31.82 12.49 3.96
C GLN A 408 -32.43 13.03 5.24
N GLY A 409 -33.56 13.71 5.07
CA GLY A 409 -34.29 14.23 6.21
C GLY A 409 -33.78 15.59 6.65
N VAL A 410 -34.59 16.24 7.49
CA VAL A 410 -34.19 17.51 8.07
C VAL A 410 -33.04 17.26 9.04
N ILE A 411 -31.97 18.00 8.86
CA ILE A 411 -30.79 17.88 9.72
C ILE A 411 -30.87 18.95 10.80
N ARG A 412 -30.52 18.57 12.02
CA ARG A 412 -30.56 19.52 13.13
C ARG A 412 -29.57 19.07 14.19
N CYS A 413 -28.58 19.91 14.47
CA CYS A 413 -27.59 19.63 15.48
C CYS A 413 -27.55 20.78 16.48
N VAL A 414 -27.29 20.45 17.73
CA VAL A 414 -27.23 21.42 18.81
C VAL A 414 -25.83 21.37 19.39
N SER A 415 -25.09 22.46 19.24
CA SER A 415 -23.68 22.49 19.59
C SER A 415 -23.45 23.48 20.73
N ASN A 416 -22.20 23.54 21.16
CA ASN A 416 -21.73 24.50 22.15
C ASN A 416 -20.64 25.35 21.54
N ILE A 417 -20.87 26.65 21.41
CA ILE A 417 -19.75 27.53 21.06
C ILE A 417 -18.89 27.69 22.30
N THR A 418 -17.69 27.11 22.27
CA THR A 418 -16.81 27.12 23.43
C THR A 418 -15.74 28.20 23.34
N GLY A 419 -15.19 28.45 22.16
CA GLY A 419 -14.18 29.47 21.99
C GLY A 419 -14.35 30.19 20.67
N LEU A 420 -13.46 31.14 20.43
CA LEU A 420 -13.38 31.87 19.18
C LEU A 420 -11.95 31.79 18.67
N ILE A 421 -11.73 32.29 17.46
CA ILE A 421 -10.39 32.47 16.93
C ILE A 421 -10.37 33.87 16.31
N LEU A 422 -9.98 34.87 17.10
CA LEU A 422 -9.98 36.24 16.66
C LEU A 422 -8.63 36.61 16.05
N THR A 423 -8.59 37.76 15.40
CA THR A 423 -7.36 38.32 14.85
C THR A 423 -7.42 39.83 15.01
N ARG A 424 -6.43 40.40 15.67
CA ARG A 424 -6.39 41.84 15.84
C ARG A 424 -6.15 42.51 14.48
N ASP A 425 -6.11 43.85 14.49
CA ASP A 425 -5.85 44.60 13.27
C ASP A 425 -4.66 45.52 13.46
N GLY A 426 -3.91 45.72 12.37
CA GLY A 426 -2.68 46.48 12.43
C GLY A 426 -2.87 47.98 12.51
N GLY A 427 -4.01 48.41 13.05
CA GLY A 427 -4.29 49.83 13.21
C GLY A 427 -3.19 50.58 13.94
N SER A 428 -2.53 51.49 13.23
CA SER A 428 -1.40 52.22 13.75
C SER A 428 -1.87 53.51 14.41
N THR A 429 -0.93 54.41 14.70
CA THR A 429 -1.16 55.69 15.37
C THR A 429 -1.73 55.54 16.77
N ASN A 430 -1.75 54.33 17.31
CA ASN A 430 -2.26 54.05 18.65
C ASN A 430 -3.66 54.62 18.84
N SER A 431 -4.52 54.36 17.86
CA SER A 431 -5.91 54.75 17.99
C SER A 431 -6.57 53.99 19.13
N THR A 432 -7.45 54.66 19.86
CA THR A 432 -8.12 54.02 20.98
C THR A 432 -9.03 52.87 20.54
N THR A 433 -9.27 52.71 19.25
CA THR A 433 -10.14 51.66 18.74
C THR A 433 -9.32 50.43 18.38
N GLU A 434 -9.91 49.26 18.63
CA GLU A 434 -9.31 47.98 18.24
C GLU A 434 -10.40 47.12 17.62
N THR A 435 -10.21 46.73 16.36
CA THR A 435 -11.13 45.82 15.70
C THR A 435 -10.62 44.39 15.79
N PHE A 436 -11.50 43.46 16.13
CA PHE A 436 -11.19 42.05 16.21
C PHE A 436 -12.06 41.31 15.20
N ARG A 437 -11.48 40.94 14.08
CA ARG A 437 -12.29 40.20 13.13
C ARG A 437 -11.89 38.73 13.15
N PRO A 438 -12.85 37.81 13.22
CA PRO A 438 -12.52 36.40 13.36
C PRO A 438 -11.81 35.88 12.12
N GLY A 439 -11.11 34.77 12.30
CA GLY A 439 -10.38 34.17 11.22
C GLY A 439 -9.89 32.79 11.57
N GLY A 440 -10.12 31.83 10.69
CA GLY A 440 -9.68 30.47 10.96
C GLY A 440 -8.41 30.12 10.21
N GLY A 441 -8.46 29.06 9.43
CA GLY A 441 -7.31 28.68 8.63
C GLY A 441 -6.76 27.31 9.01
N ASP A 442 -5.52 27.27 9.48
CA ASP A 442 -4.94 26.02 9.91
C ASP A 442 -5.76 25.41 11.02
N MET A 443 -6.11 24.14 10.86
CA MET A 443 -6.92 23.47 11.86
C MET A 443 -6.19 23.23 13.16
N ARG A 444 -4.90 23.54 13.23
CA ARG A 444 -4.12 23.19 14.40
C ARG A 444 -4.62 23.91 15.64
N ASP A 445 -5.15 25.12 15.47
CA ASP A 445 -5.64 25.87 16.62
C ASP A 445 -6.81 25.16 17.29
N ASN A 446 -7.59 24.40 16.53
CA ASN A 446 -8.69 23.65 17.13
C ASN A 446 -8.17 22.66 18.17
N TRP A 447 -7.14 21.88 17.80
CA TRP A 447 -6.54 20.98 18.78
C TRP A 447 -5.83 21.76 19.88
N ARG A 448 -5.07 22.78 19.48
CA ARG A 448 -4.28 23.55 20.45
C ARG A 448 -5.16 24.18 21.51
N SER A 449 -6.45 24.38 21.24
CA SER A 449 -7.32 24.84 22.31
C SER A 449 -7.63 23.74 23.32
N GLU A 450 -7.32 22.49 23.02
CA GLU A 450 -7.52 21.38 23.94
C GLU A 450 -6.21 20.79 24.46
N LEU A 451 -5.15 20.80 23.66
CA LEU A 451 -3.84 20.31 24.07
C LEU A 451 -2.98 21.41 24.68
N TYR A 452 -3.58 22.41 25.30
CA TYR A 452 -2.78 23.42 25.97
C TYR A 452 -2.34 22.96 27.35
N LYS A 453 -3.08 22.05 27.96
CA LYS A 453 -2.75 21.61 29.31
C LYS A 453 -1.58 20.66 29.36
N TYR A 454 -1.35 19.92 28.28
CA TYR A 454 -0.50 18.73 28.33
C TYR A 454 0.86 18.98 27.68
N LYS A 455 1.86 18.29 28.21
CA LYS A 455 3.16 18.18 27.58
C LYS A 455 3.70 16.80 27.90
N VAL A 456 4.46 16.25 26.96
CA VAL A 456 4.96 14.88 27.08
C VAL A 456 6.41 14.93 27.52
N VAL A 457 6.75 14.17 28.56
CA VAL A 457 8.09 14.14 29.10
C VAL A 457 8.64 12.72 29.01
N LYS A 458 9.96 12.63 29.03
CA LYS A 458 10.67 11.37 28.93
C LYS A 458 11.30 11.07 30.28
N ILE A 459 10.87 9.99 30.91
CA ILE A 459 11.42 9.61 32.21
C ILE A 459 12.87 9.16 32.00
N GLU A 460 13.77 9.73 32.79
CA GLU A 460 15.19 9.35 32.78
C GLU A 460 15.57 8.81 34.14
N PRO A 461 15.35 7.53 34.39
CA PRO A 461 15.78 6.93 35.65
C PRO A 461 17.28 6.79 35.68
N LEU A 462 17.82 6.03 36.63
CA LEU A 462 19.25 5.76 36.67
C LEU A 462 20.02 7.03 36.95
N GLY A 463 19.75 7.63 38.10
CA GLY A 463 20.51 8.76 38.55
C GLY A 463 21.71 8.36 39.38
N VAL A 464 22.64 9.31 39.52
CA VAL A 464 23.88 9.10 40.26
C VAL A 464 23.95 10.15 41.35
N ALA A 465 24.27 9.73 42.57
CA ALA A 465 24.35 10.66 43.69
C ALA A 465 25.29 10.08 44.72
N PRO A 466 26.10 10.90 45.37
CA PRO A 466 27.07 10.38 46.33
C PRO A 466 26.47 10.11 47.69
N THR A 467 26.97 9.06 48.32
CA THR A 467 26.61 8.76 49.70
C THR A 467 27.78 8.04 50.36
N ARG A 468 27.61 7.77 51.65
CA ARG A 468 28.69 7.26 52.49
C ARG A 468 28.57 5.74 52.57
N CYS A 469 29.08 5.08 51.54
CA CYS A 469 29.09 3.62 51.47
C CYS A 469 30.09 3.21 50.41
N LYS A 470 30.60 1.99 50.53
CA LYS A 470 31.61 1.49 49.62
C LYS A 470 31.36 0.02 49.35
N ARG A 471 31.40 -0.35 48.08
CA ARG A 471 31.15 -1.74 47.71
C ARG A 471 32.28 -2.64 48.22
N ARG A 472 31.89 -3.79 48.74
CA ARG A 472 32.87 -4.74 49.27
C ARG A 472 33.61 -5.46 48.15
N GLY B 5 -0.33 9.32 51.65
CA GLY B 5 0.37 8.04 51.60
C GLY B 5 -0.04 7.17 50.44
N ALA B 6 -1.10 7.59 49.72
CA ALA B 6 -1.61 6.85 48.58
C ALA B 6 -1.02 7.35 47.26
N VAL B 7 -1.13 8.65 46.99
CA VAL B 7 -0.59 9.21 45.75
C VAL B 7 0.93 9.05 45.71
N PHE B 8 1.57 9.04 46.89
CA PHE B 8 3.00 8.73 46.93
C PHE B 8 3.28 7.29 46.56
N LEU B 9 2.26 6.44 46.53
CA LEU B 9 2.36 5.09 46.00
C LEU B 9 1.97 5.01 44.53
N GLY B 10 2.03 6.13 43.81
CA GLY B 10 1.72 6.17 42.40
C GLY B 10 2.94 6.59 41.58
N PHE B 11 2.85 6.33 40.28
CA PHE B 11 3.93 6.64 39.36
C PHE B 11 4.33 8.09 39.46
N LEU B 12 5.62 8.34 39.69
CA LEU B 12 6.19 9.66 39.87
C LEU B 12 5.61 10.39 41.07
N GLY B 13 4.88 9.70 41.94
CA GLY B 13 4.21 10.35 43.05
C GLY B 13 5.15 11.07 43.99
N ALA B 14 6.43 10.71 44.01
CA ALA B 14 7.41 11.32 44.88
C ALA B 14 8.29 12.32 44.14
N ALA B 15 7.81 12.88 43.03
CA ALA B 15 8.62 13.80 42.24
C ALA B 15 8.89 15.11 42.96
N GLY B 16 8.25 15.36 44.10
CA GLY B 16 8.50 16.57 44.84
C GLY B 16 9.15 16.32 46.19
N SER B 17 9.13 15.07 46.65
CA SER B 17 9.73 14.75 47.92
C SER B 17 11.25 14.73 47.79
N THR B 18 11.93 14.79 48.93
CA THR B 18 13.37 14.87 48.93
C THR B 18 13.99 13.55 48.48
N MET B 19 15.24 13.64 48.00
CA MET B 19 15.98 12.48 47.54
C MET B 19 15.95 11.38 48.58
N GLY B 20 16.06 11.75 49.86
CA GLY B 20 16.00 10.75 50.92
C GLY B 20 14.70 9.99 50.92
N ALA B 21 13.58 10.68 50.73
CA ALA B 21 12.28 10.01 50.71
C ALA B 21 11.94 9.46 49.34
N ALA B 22 12.34 10.14 48.27
CA ALA B 22 12.05 9.63 46.93
C ALA B 22 12.78 8.33 46.67
N SER B 23 14.00 8.19 47.21
CA SER B 23 14.82 7.01 47.00
C SER B 23 14.35 5.87 47.88
N MET B 24 13.19 6.05 48.52
CA MET B 24 12.51 4.97 49.21
C MET B 24 11.42 4.34 48.34
N THR B 25 10.77 5.15 47.53
CA THR B 25 9.75 4.69 46.58
C THR B 25 10.41 4.65 45.21
N LEU B 26 11.08 3.56 44.90
CA LEU B 26 11.72 3.41 43.61
C LEU B 26 11.06 2.36 42.74
N THR B 27 10.48 1.32 43.33
CA THR B 27 9.89 0.24 42.54
C THR B 27 8.72 0.72 41.69
N VAL B 28 8.00 1.75 42.16
CA VAL B 28 6.83 2.18 41.41
C VAL B 28 7.21 2.92 40.14
N GLN B 29 8.43 3.48 40.07
CA GLN B 29 8.92 3.99 38.80
C GLN B 29 9.51 2.88 37.94
N ALA B 30 10.23 1.94 38.56
CA ALA B 30 10.88 0.88 37.80
C ALA B 30 9.89 -0.14 37.25
N ARG B 31 8.64 -0.15 37.73
CA ARG B 31 7.65 -1.10 37.26
C ARG B 31 6.86 -0.54 36.08
N ASN B 32 6.57 0.76 36.12
CA ASN B 32 5.78 1.38 35.07
C ASN B 32 6.68 1.90 33.97
N LEU B 33 7.84 1.27 33.80
CA LEU B 33 8.81 1.72 32.81
C LEU B 33 8.90 0.79 31.61
N LEU B 34 8.19 -0.34 31.64
CA LEU B 34 8.08 -1.20 30.47
C LEU B 34 6.64 -1.66 30.28
N SER B 35 5.88 -1.70 31.37
CA SER B 35 4.53 -2.27 31.35
C SER B 35 3.62 -1.54 30.37
N GLY B 36 3.39 -0.26 30.60
CA GLY B 36 2.53 0.53 29.72
C GLY B 36 1.04 0.25 29.90
N THR B 58 -2.52 -0.09 8.95
CA THR B 58 -3.35 0.91 9.59
C THR B 58 -2.54 2.18 9.86
N VAL B 59 -3.07 3.05 10.71
CA VAL B 59 -2.40 4.30 11.08
C VAL B 59 -2.14 4.27 12.57
N TRP B 60 -2.95 3.53 13.32
CA TRP B 60 -2.69 3.28 14.72
C TRP B 60 -1.99 1.94 14.96
N GLY B 61 -1.98 1.05 13.97
CA GLY B 61 -1.21 -0.17 14.10
C GLY B 61 0.28 0.09 13.98
N ILE B 62 0.67 1.07 13.17
CA ILE B 62 2.07 1.44 13.08
C ILE B 62 2.46 2.49 14.11
N LYS B 63 1.48 3.20 14.69
CA LYS B 63 1.77 4.16 15.74
C LYS B 63 1.88 3.50 17.11
N GLN B 64 1.27 2.34 17.30
CA GLN B 64 1.42 1.60 18.53
C GLN B 64 2.41 0.45 18.40
N LEU B 65 2.91 0.18 17.19
CA LEU B 65 4.02 -0.74 17.04
C LEU B 65 5.35 -0.03 17.24
N GLN B 66 5.50 1.16 16.68
CA GLN B 66 6.68 1.96 16.97
C GLN B 66 6.77 2.33 18.44
N ALA B 67 5.64 2.30 19.15
CA ALA B 67 5.67 2.60 20.58
C ALA B 67 6.09 1.39 21.40
N ARG B 68 5.83 0.18 20.90
CA ARG B 68 6.26 -1.01 21.61
C ARG B 68 7.75 -1.26 21.42
N VAL B 69 8.19 -1.32 20.15
CA VAL B 69 9.59 -1.62 19.86
C VAL B 69 10.52 -0.52 20.33
N LEU B 70 9.98 0.61 20.79
CA LEU B 70 10.78 1.66 21.38
C LEU B 70 10.83 1.58 22.91
N ALA B 71 9.70 1.29 23.55
CA ALA B 71 9.68 1.18 25.00
C ALA B 71 10.57 0.06 25.49
N VAL B 72 10.71 -1.01 24.70
CA VAL B 72 11.59 -2.10 25.06
C VAL B 72 13.02 -1.80 24.66
N GLU B 73 13.22 -0.99 23.62
CA GLU B 73 14.57 -0.73 23.14
C GLU B 73 15.32 0.21 24.05
N ARG B 74 14.64 1.16 24.68
CA ARG B 74 15.29 2.12 25.57
C ARG B 74 15.29 1.67 27.02
N TYR B 75 14.61 0.57 27.34
CA TYR B 75 14.72 -0.03 28.66
C TYR B 75 15.95 -0.92 28.76
N LEU B 76 16.24 -1.65 27.69
CA LEU B 76 17.42 -2.50 27.68
C LEU B 76 18.70 -1.70 27.68
N ARG B 77 18.68 -0.48 27.15
CA ARG B 77 19.86 0.38 27.28
C ARG B 77 20.18 0.63 28.75
N ASP B 78 19.16 0.95 29.54
CA ASP B 78 19.39 1.20 30.97
C ASP B 78 19.80 -0.06 31.68
N GLN B 79 19.18 -1.19 31.34
CA GLN B 79 19.55 -2.44 32.00
C GLN B 79 20.97 -2.85 31.64
N GLN B 80 21.40 -2.60 30.40
CA GLN B 80 22.77 -2.89 30.02
C GLN B 80 23.75 -1.96 30.70
N LEU B 81 23.42 -0.67 30.78
CA LEU B 81 24.26 0.26 31.51
C LEU B 81 24.45 -0.19 32.95
N LEU B 82 23.39 -0.72 33.57
CA LEU B 82 23.55 -1.24 34.92
C LEU B 82 24.40 -2.50 34.92
N GLY B 83 24.17 -3.39 33.95
CA GLY B 83 24.86 -4.66 33.96
C GLY B 83 26.37 -4.53 33.76
N ILE B 84 26.79 -3.63 32.88
CA ILE B 84 28.22 -3.46 32.67
C ILE B 84 28.86 -2.75 33.85
N TRP B 85 28.09 -2.03 34.65
CA TRP B 85 28.58 -1.59 35.94
C TRP B 85 28.41 -2.73 36.92
N GLY B 86 28.79 -2.50 38.17
CA GLY B 86 28.82 -3.62 39.10
C GLY B 86 27.48 -4.18 39.47
N CYS B 87 26.37 -3.53 39.08
CA CYS B 87 25.07 -3.84 39.64
C CYS B 87 24.03 -3.97 38.56
N SER B 88 23.50 -5.18 38.39
CA SER B 88 22.39 -5.45 37.50
C SER B 88 21.28 -6.09 38.31
N GLY B 89 20.04 -5.70 38.02
CA GLY B 89 18.92 -6.21 38.78
C GLY B 89 18.97 -5.74 40.21
N LYS B 90 19.09 -4.44 40.40
CA LYS B 90 19.25 -3.85 41.72
C LYS B 90 18.84 -2.40 41.63
N LEU B 91 18.32 -1.86 42.72
CA LEU B 91 17.76 -0.52 42.71
C LEU B 91 18.63 0.52 43.38
N ILE B 92 19.24 0.21 44.52
CA ILE B 92 20.17 1.11 45.18
C ILE B 92 21.50 0.39 45.22
N CYS B 93 22.38 0.72 44.29
CA CYS B 93 23.64 0.02 44.10
C CYS B 93 24.78 0.90 44.55
N CYS B 94 25.51 0.45 45.57
CA CYS B 94 26.66 1.17 46.07
C CYS B 94 27.90 0.68 45.34
N THR B 95 28.60 1.58 44.66
CA THR B 95 29.72 1.18 43.83
C THR B 95 31.03 1.62 44.48
N ASN B 96 32.13 1.38 43.77
CA ASN B 96 33.47 1.52 44.31
C ASN B 96 34.26 2.55 43.52
N VAL B 97 33.66 3.71 43.26
CA VAL B 97 34.31 4.78 42.53
C VAL B 97 34.28 6.03 43.41
N PRO B 98 35.43 6.62 43.73
CA PRO B 98 35.44 7.75 44.65
C PRO B 98 34.77 8.98 44.04
N TRP B 99 33.93 9.63 44.83
CA TRP B 99 33.20 10.80 44.35
C TRP B 99 34.14 11.99 44.27
N ASN B 100 34.50 12.37 43.05
CA ASN B 100 35.34 13.55 42.84
C ASN B 100 34.56 14.80 43.24
N SER B 101 35.01 15.45 44.32
CA SER B 101 34.25 16.54 44.92
C SER B 101 34.07 17.73 43.97
N SER B 102 34.88 17.83 42.91
CA SER B 102 34.71 18.91 41.96
C SER B 102 33.40 18.81 41.17
N TRP B 103 32.72 17.66 41.23
CA TRP B 103 31.48 17.49 40.50
C TRP B 103 30.35 18.29 41.12
N SER B 104 30.20 18.21 42.44
CA SER B 104 29.14 18.93 43.13
C SER B 104 29.57 19.67 44.38
N ASN B 105 30.67 19.27 45.03
CA ASN B 105 31.19 19.89 46.25
C ASN B 105 30.07 20.31 47.20
N ARG B 106 29.30 19.31 47.64
CA ARG B 106 28.19 19.52 48.56
C ARG B 106 28.21 18.46 49.64
N ASN B 107 27.74 18.83 50.83
CA ASN B 107 27.61 17.89 51.92
C ASN B 107 26.43 16.95 51.68
N LEU B 108 26.26 15.98 52.59
CA LEU B 108 25.22 14.97 52.40
C LEU B 108 23.87 15.43 52.93
N SER B 109 23.83 15.90 54.18
CA SER B 109 22.55 16.26 54.78
C SER B 109 21.84 17.38 54.05
N GLU B 110 22.53 18.11 53.17
CA GLU B 110 21.91 19.17 52.41
C GLU B 110 21.31 18.70 51.10
N ILE B 111 21.77 17.55 50.57
CA ILE B 111 21.24 17.04 49.31
C ILE B 111 20.28 15.88 49.50
N TRP B 112 20.37 15.15 50.61
CA TRP B 112 19.44 14.05 50.86
C TRP B 112 18.22 14.48 51.64
N ASP B 113 18.15 15.74 52.07
CA ASP B 113 17.03 16.24 52.83
C ASP B 113 16.41 17.50 52.26
N ASN B 114 17.07 18.17 51.32
CA ASN B 114 16.54 19.39 50.72
C ASN B 114 16.19 19.20 49.26
N MET B 115 17.15 18.82 48.43
CA MET B 115 16.92 18.78 46.99
C MET B 115 16.04 17.60 46.61
N THR B 116 15.34 17.75 45.51
CA THR B 116 14.62 16.68 44.86
C THR B 116 15.49 16.14 43.73
N TRP B 117 15.04 15.05 43.11
CA TRP B 117 15.89 14.39 42.13
C TRP B 117 16.04 15.21 40.86
N LEU B 118 14.98 15.89 40.41
CA LEU B 118 15.12 16.81 39.30
C LEU B 118 16.10 17.92 39.62
N GLN B 119 15.97 18.50 40.82
CA GLN B 119 16.85 19.57 41.26
C GLN B 119 18.29 19.11 41.28
N TRP B 120 18.54 17.82 41.45
CA TRP B 120 19.89 17.29 41.48
C TRP B 120 20.40 16.98 40.08
N ASP B 121 19.55 16.41 39.23
CA ASP B 121 19.95 16.16 37.85
C ASP B 121 20.30 17.46 37.16
N LYS B 122 19.57 18.54 37.45
CA LYS B 122 19.92 19.82 36.89
C LYS B 122 21.31 20.27 37.34
N GLU B 123 21.74 19.84 38.53
CA GLU B 123 23.06 20.21 39.01
C GLU B 123 24.15 19.34 38.42
N ILE B 124 23.87 18.06 38.16
CA ILE B 124 24.90 17.13 37.71
C ILE B 124 24.72 16.75 36.24
N SER B 125 23.80 17.38 35.52
CA SER B 125 23.59 17.04 34.12
C SER B 125 24.87 17.16 33.32
N ASN B 126 25.70 18.15 33.62
CA ASN B 126 26.92 18.35 32.86
C ASN B 126 27.96 17.29 33.21
N TYR B 127 28.20 17.06 34.50
CA TYR B 127 29.24 16.14 34.93
C TYR B 127 28.78 14.69 34.90
N THR B 128 28.22 14.27 33.77
CA THR B 128 27.86 12.88 33.54
C THR B 128 28.55 12.44 32.26
N GLN B 129 28.39 11.16 31.93
CA GLN B 129 29.05 10.53 30.78
C GLN B 129 30.54 10.42 31.08
N ILE B 130 30.98 11.04 32.17
CA ILE B 130 32.33 10.83 32.70
C ILE B 130 32.31 9.75 33.77
N ILE B 131 31.30 9.82 34.65
CA ILE B 131 31.16 8.84 35.71
C ILE B 131 30.93 7.45 35.15
N TYR B 132 30.25 7.36 34.01
CA TYR B 132 29.91 6.06 33.45
C TYR B 132 31.15 5.28 33.04
N GLY B 133 32.12 5.96 32.44
CA GLY B 133 33.36 5.29 32.09
C GLY B 133 34.13 4.82 33.31
N LEU B 134 34.17 5.64 34.35
CA LEU B 134 34.81 5.23 35.59
C LEU B 134 34.16 3.98 36.14
N LEU B 135 32.83 3.93 36.14
CA LEU B 135 32.12 2.77 36.65
C LEU B 135 32.43 1.53 35.82
N GLU B 136 32.43 1.67 34.49
CA GLU B 136 32.72 0.53 33.63
C GLU B 136 34.11 -0.03 33.91
N GLU B 137 35.12 0.86 33.92
CA GLU B 137 36.49 0.42 34.14
C GLU B 137 36.63 -0.25 35.50
N SER B 138 36.02 0.35 36.54
CA SER B 138 36.10 -0.22 37.88
C SER B 138 35.48 -1.61 37.91
N GLN B 139 34.34 -1.80 37.25
CA GLN B 139 33.68 -3.09 37.31
C GLN B 139 34.47 -4.16 36.56
N ASN B 140 35.00 -3.83 35.39
CA ASN B 140 35.79 -4.84 34.67
C ASN B 140 37.06 -5.18 35.43
N GLN B 141 37.70 -4.17 36.05
CA GLN B 141 38.85 -4.47 36.89
C GLN B 141 38.46 -5.37 38.05
N GLN B 142 37.28 -5.15 38.62
CA GLN B 142 36.83 -6.00 39.72
C GLN B 142 36.60 -7.43 39.25
N GLU B 143 36.05 -7.60 38.05
CA GLU B 143 35.88 -8.94 37.49
C GLU B 143 37.21 -9.64 37.33
N LYS B 144 38.19 -8.95 36.75
CA LYS B 144 39.50 -9.56 36.55
C LYS B 144 40.17 -9.87 37.88
N ASN B 145 40.01 -9.00 38.88
CA ASN B 145 40.61 -9.24 40.18
C ASN B 145 39.96 -10.42 40.88
N GLU B 146 38.64 -10.59 40.74
CA GLU B 146 38.00 -11.75 41.31
C GLU B 146 38.43 -13.02 40.60
N GLN B 147 38.59 -12.95 39.28
CA GLN B 147 39.11 -14.10 38.54
C GLN B 147 40.50 -14.48 39.01
N ASP B 148 41.37 -13.49 39.22
CA ASP B 148 42.71 -13.76 39.73
C ASP B 148 42.65 -14.36 41.13
N LEU B 149 41.77 -13.82 41.98
CA LEU B 149 41.63 -14.34 43.34
C LEU B 149 41.16 -15.79 43.33
N LEU B 150 40.31 -16.16 42.39
CA LEU B 150 39.91 -17.55 42.28
C LEU B 150 41.00 -18.42 41.65
N ALA B 151 41.85 -17.82 40.82
CA ALA B 151 42.87 -18.58 40.10
C ALA B 151 43.91 -19.15 41.06
N LEU B 152 44.55 -18.29 41.84
CA LEU B 152 45.59 -18.73 42.76
C LEU B 152 45.08 -19.61 43.89
N ASP B 153 43.77 -19.90 43.93
CA ASP B 153 43.23 -20.81 44.92
C ASP B 153 43.34 -22.24 44.45
N GLN C 3 -34.59 -11.24 -8.79
CA GLN C 3 -35.87 -11.20 -8.11
C GLN C 3 -35.69 -11.48 -6.62
N LEU C 4 -36.59 -10.94 -5.80
CA LEU C 4 -36.61 -11.23 -4.37
C LEU C 4 -37.42 -12.49 -4.14
N VAL C 5 -36.88 -13.40 -3.34
CA VAL C 5 -37.54 -14.66 -3.03
C VAL C 5 -37.47 -14.86 -1.52
N GLN C 6 -38.58 -15.28 -0.93
CA GLN C 6 -38.73 -15.33 0.52
C GLN C 6 -38.84 -16.76 1.03
N SER C 7 -38.86 -16.88 2.34
CA SER C 7 -39.03 -18.17 3.00
C SER C 7 -40.45 -18.69 2.76
N GLY C 8 -40.61 -20.00 2.97
CA GLY C 8 -41.90 -20.62 2.77
C GLY C 8 -42.88 -20.26 3.86
N ALA C 9 -44.16 -20.46 3.54
CA ALA C 9 -45.23 -20.14 4.48
C ALA C 9 -45.05 -20.93 5.77
N GLU C 10 -45.33 -20.28 6.90
CA GLU C 10 -45.07 -20.85 8.21
C GLU C 10 -46.34 -20.83 9.05
N MET C 11 -46.24 -21.47 10.22
CA MET C 11 -47.31 -21.46 11.21
C MET C 11 -46.66 -21.45 12.59
N LYS C 12 -47.04 -20.48 13.42
CA LYS C 12 -46.42 -20.31 14.72
C LYS C 12 -47.49 -20.26 15.80
N THR C 13 -47.03 -20.24 17.05
CA THR C 13 -47.90 -20.20 18.21
C THR C 13 -47.87 -18.81 18.83
N SER C 14 -48.91 -18.51 19.62
CA SER C 14 -49.11 -17.18 20.18
C SER C 14 -48.07 -16.94 21.26
N GLY C 15 -47.01 -16.21 20.90
CA GLY C 15 -45.94 -15.90 21.83
C GLY C 15 -44.58 -16.14 21.21
N SER C 16 -44.53 -17.10 20.29
CA SER C 16 -43.29 -17.45 19.62
C SER C 16 -42.87 -16.35 18.65
N SER C 17 -41.61 -16.43 18.21
CA SER C 17 -41.03 -15.45 17.29
C SER C 17 -40.87 -16.07 15.91
N VAL C 18 -41.25 -15.32 14.88
CA VAL C 18 -41.17 -15.76 13.50
C VAL C 18 -40.08 -14.95 12.80
N ARG C 19 -39.23 -15.63 12.03
CA ARG C 19 -38.20 -14.97 11.24
C ARG C 19 -38.47 -15.20 9.75
N VAL C 20 -38.87 -14.13 9.06
CA VAL C 20 -39.03 -14.17 7.61
C VAL C 20 -37.66 -13.90 6.99
N SER C 21 -37.51 -14.21 5.71
CA SER C 21 -36.27 -13.90 5.02
C SER C 21 -36.58 -13.42 3.62
N CYS C 22 -35.60 -12.73 3.02
CA CYS C 22 -35.80 -12.12 1.72
C CYS C 22 -34.45 -12.04 1.04
N LYS C 23 -34.21 -12.93 0.08
CA LYS C 23 -32.98 -12.94 -0.69
C LYS C 23 -33.26 -12.40 -2.08
N ASP C 24 -32.43 -11.45 -2.52
CA ASP C 24 -32.60 -10.79 -3.80
C ASP C 24 -31.55 -11.29 -4.77
N SER C 25 -31.97 -12.12 -5.72
CA SER C 25 -31.08 -12.63 -6.74
C SER C 25 -30.98 -11.59 -7.85
N GLY C 26 -29.81 -10.95 -7.96
CA GLY C 26 -29.63 -9.95 -8.99
C GLY C 26 -28.89 -8.71 -8.53
N GLY C 27 -28.39 -8.73 -7.31
CA GLY C 27 -27.68 -7.58 -6.77
C GLY C 27 -28.63 -6.63 -6.06
N PHE C 28 -28.65 -5.38 -6.49
CA PHE C 28 -29.55 -4.35 -5.98
C PHE C 28 -29.41 -4.14 -4.48
N PHE C 29 -28.41 -4.74 -3.86
CA PHE C 29 -28.28 -4.61 -2.42
C PHE C 29 -27.68 -3.24 -2.06
N PRO C 30 -26.53 -2.84 -2.60
CA PRO C 30 -25.97 -1.55 -2.20
C PRO C 30 -26.50 -0.39 -3.04
N TYR C 31 -27.59 -0.58 -3.77
CA TYR C 31 -28.10 0.44 -4.66
C TYR C 31 -29.51 0.91 -4.35
N ALA C 32 -30.33 0.11 -3.70
CA ALA C 32 -31.73 0.45 -3.49
C ALA C 32 -32.09 0.26 -2.03
N GLY C 33 -33.29 0.71 -1.68
CA GLY C 33 -33.78 0.58 -0.33
C GLY C 33 -35.02 -0.29 -0.26
N PHE C 34 -35.02 -1.26 0.63
CA PHE C 34 -36.05 -2.28 0.68
C PHE C 34 -37.04 -2.01 1.79
N ARG C 35 -38.24 -2.56 1.63
CA ARG C 35 -39.32 -2.31 2.57
C ARG C 35 -39.96 -3.62 2.98
N TRP C 36 -40.45 -3.65 4.22
CA TRP C 36 -41.17 -4.79 4.77
C TRP C 36 -42.62 -4.40 4.97
N VAL C 37 -43.52 -5.07 4.26
CA VAL C 37 -44.93 -4.74 4.29
C VAL C 37 -45.72 -6.03 4.45
N ARG C 38 -46.65 -6.04 5.39
CA ARG C 38 -47.49 -7.20 5.64
C ARG C 38 -48.93 -6.90 5.24
N GLN C 39 -49.63 -7.93 4.80
CA GLN C 39 -51.01 -7.80 4.34
C GLN C 39 -51.91 -8.70 5.15
N ALA C 40 -52.75 -8.11 6.00
CA ALA C 40 -53.76 -8.88 6.71
C ALA C 40 -54.70 -9.53 5.71
N PRO C 41 -55.35 -10.63 6.08
CA PRO C 41 -56.17 -11.36 5.10
C PRO C 41 -57.24 -10.50 4.46
N GLY C 42 -57.09 -10.24 3.17
CA GLY C 42 -58.10 -9.53 2.40
C GLY C 42 -58.44 -8.14 2.87
N GLN C 43 -57.43 -7.36 3.29
CA GLN C 43 -57.66 -5.94 3.58
C GLN C 43 -56.33 -5.19 3.50
N GLY C 44 -56.07 -4.56 2.35
CA GLY C 44 -55.00 -3.59 2.20
C GLY C 44 -53.63 -4.02 2.66
N PHE C 45 -52.73 -3.07 2.84
CA PHE C 45 -51.38 -3.31 3.30
C PHE C 45 -51.11 -2.53 4.57
N GLU C 46 -49.91 -2.68 5.11
CA GLU C 46 -49.56 -2.03 6.36
C GLU C 46 -48.04 -1.91 6.45
N TRP C 47 -47.55 -0.68 6.40
CA TRP C 47 -46.11 -0.46 6.44
C TRP C 47 -45.53 -1.03 7.73
N MET C 48 -44.38 -1.68 7.61
CA MET C 48 -43.82 -2.36 8.76
C MET C 48 -42.32 -2.16 8.93
N GLY C 49 -41.62 -1.59 7.97
CA GLY C 49 -40.20 -1.36 8.13
C GLY C 49 -39.58 -0.91 6.83
N GLY C 50 -38.30 -0.59 6.91
CA GLY C 50 -37.55 -0.20 5.74
C GLY C 50 -36.07 -0.16 6.03
N VAL C 51 -35.25 -0.73 5.16
CA VAL C 51 -33.83 -0.86 5.43
C VAL C 51 -33.06 -0.52 4.16
N ILE C 52 -32.20 0.49 4.24
CA ILE C 52 -31.27 0.81 3.16
C ILE C 52 -29.96 0.09 3.48
N PRO C 53 -29.58 -0.96 2.74
CA PRO C 53 -28.38 -1.71 3.08
C PRO C 53 -27.09 -1.06 2.63
N ALA C 54 -27.16 0.10 1.96
CA ALA C 54 -25.95 0.80 1.57
C ALA C 54 -25.36 1.58 2.74
N ASP C 55 -26.21 2.31 3.47
CA ASP C 55 -25.80 2.99 4.69
C ASP C 55 -26.17 2.23 5.95
N GLY C 56 -26.98 1.18 5.82
CA GLY C 56 -27.37 0.42 7.00
C GLY C 56 -28.31 1.17 7.92
N THR C 57 -29.29 1.88 7.38
CA THR C 57 -30.25 2.61 8.18
C THR C 57 -31.56 1.84 8.19
N LYS C 58 -32.03 1.48 9.37
CA LYS C 58 -33.32 0.83 9.54
C LYS C 58 -34.34 1.86 9.99
N HIS C 59 -35.60 1.60 9.67
CA HIS C 59 -36.67 2.56 9.96
C HIS C 59 -37.92 1.75 10.27
N TYR C 60 -38.15 1.48 11.55
CA TYR C 60 -39.28 0.68 11.95
C TYR C 60 -40.52 1.55 12.09
N ALA C 61 -41.67 0.96 11.80
CA ALA C 61 -42.93 1.63 12.05
C ALA C 61 -43.10 1.83 13.56
N PRO C 62 -43.93 2.78 13.97
CA PRO C 62 -44.12 2.97 15.41
C PRO C 62 -44.77 1.79 16.10
N LYS C 63 -45.77 1.17 15.47
CA LYS C 63 -46.41 -0.01 16.06
C LYS C 63 -45.39 -1.12 16.26
N PHE C 64 -44.85 -1.65 15.16
CA PHE C 64 -43.85 -2.71 15.24
C PHE C 64 -42.48 -2.12 15.48
N GLN C 65 -42.36 -1.24 16.47
CA GLN C 65 -41.06 -0.65 16.79
C GLN C 65 -40.32 -1.47 17.83
N ALA C 66 -41.04 -2.03 18.80
CA ALA C 66 -40.42 -2.81 19.86
C ALA C 66 -40.53 -4.30 19.64
N ARG C 67 -41.48 -4.77 18.84
CA ARG C 67 -41.65 -6.20 18.64
C ARG C 67 -40.60 -6.75 17.69
N MET C 68 -40.43 -6.14 16.54
CA MET C 68 -39.61 -6.70 15.47
C MET C 68 -38.22 -6.10 15.46
N LYS C 69 -37.36 -6.71 14.66
CA LYS C 69 -36.04 -6.18 14.35
C LYS C 69 -35.60 -6.83 13.05
N MET C 70 -35.01 -6.04 12.16
CA MET C 70 -34.60 -6.52 10.85
C MET C 70 -33.11 -6.35 10.69
N THR C 71 -32.48 -7.34 10.05
CA THR C 71 -31.05 -7.39 9.88
C THR C 71 -30.72 -7.54 8.40
N VAL C 72 -29.44 -7.35 8.08
CA VAL C 72 -28.93 -7.54 6.74
C VAL C 72 -27.72 -8.45 6.81
N VAL C 73 -27.56 -9.29 5.80
CA VAL C 73 -26.41 -10.18 5.68
C VAL C 73 -25.84 -9.99 4.29
N GLU C 74 -24.73 -9.26 4.18
CA GLU C 74 -24.21 -8.91 2.87
C GLU C 74 -23.60 -10.11 2.16
N SER C 75 -23.08 -11.09 2.91
CA SER C 75 -22.49 -12.26 2.29
C SER C 75 -23.50 -13.01 1.44
N SER C 76 -24.61 -13.42 2.04
CA SER C 76 -25.65 -14.14 1.32
C SER C 76 -26.69 -13.23 0.69
N ARG C 77 -26.59 -11.92 0.89
CA ARG C 77 -27.53 -10.94 0.32
C ARG C 77 -28.97 -11.26 0.72
N THR C 78 -29.23 -11.19 2.02
CA THR C 78 -30.55 -11.56 2.53
C THR C 78 -30.99 -10.59 3.61
N LEU C 79 -32.25 -10.16 3.53
CA LEU C 79 -32.88 -9.40 4.59
C LEU C 79 -33.67 -10.34 5.49
N TYR C 80 -33.63 -10.10 6.78
CA TYR C 80 -34.38 -10.89 7.75
C TYR C 80 -35.29 -9.96 8.54
N MET C 81 -36.48 -10.44 8.86
CA MET C 81 -37.42 -9.69 9.68
C MET C 81 -37.96 -10.63 10.76
N GLU C 82 -37.51 -10.44 11.99
CA GLU C 82 -37.87 -11.31 13.10
C GLU C 82 -38.92 -10.61 13.95
N LEU C 83 -40.13 -11.17 13.96
CA LEU C 83 -41.24 -10.61 14.72
C LEU C 83 -41.40 -11.43 16.00
N ARG C 84 -41.13 -10.81 17.14
CA ARG C 84 -40.92 -11.56 18.37
C ARG C 84 -42.22 -11.92 19.07
N SER C 85 -43.02 -10.93 19.45
CA SER C 85 -44.23 -11.17 20.22
C SER C 85 -45.39 -11.33 19.24
N LEU C 86 -45.62 -12.56 18.80
CA LEU C 86 -46.73 -12.82 17.90
C LEU C 86 -48.05 -12.73 18.66
N THR C 87 -49.14 -12.76 17.89
CA THR C 87 -50.49 -12.65 18.43
C THR C 87 -51.43 -13.25 17.39
N SER C 88 -52.68 -13.47 17.80
CA SER C 88 -53.68 -13.94 16.87
C SER C 88 -53.93 -12.97 15.73
N THR C 89 -53.58 -11.69 15.91
CA THR C 89 -53.83 -10.68 14.90
C THR C 89 -52.63 -10.40 14.00
N ASP C 90 -51.51 -11.08 14.22
CA ASP C 90 -50.34 -10.95 13.36
C ASP C 90 -50.37 -11.93 12.19
N THR C 91 -51.50 -12.59 11.95
CA THR C 91 -51.62 -13.43 10.78
C THR C 91 -51.76 -12.55 9.55
N ALA C 92 -50.82 -12.69 8.60
CA ALA C 92 -50.81 -11.85 7.42
C ALA C 92 -49.81 -12.42 6.43
N THR C 93 -49.92 -11.98 5.18
CA THR C 93 -48.94 -12.30 4.15
C THR C 93 -47.85 -11.25 4.16
N TYR C 94 -46.62 -11.66 4.41
CA TYR C 94 -45.52 -10.73 4.60
C TYR C 94 -44.72 -10.59 3.33
N PHE C 95 -44.60 -9.36 2.83
CA PHE C 95 -43.89 -9.06 1.60
C PHE C 95 -42.62 -8.29 1.91
N CYS C 96 -41.58 -8.52 1.12
CA CYS C 96 -40.45 -7.61 1.04
C CYS C 96 -40.45 -7.01 -0.36
N ALA C 97 -40.31 -5.69 -0.43
CA ALA C 97 -40.40 -4.97 -1.68
C ALA C 97 -39.07 -4.28 -1.98
N ARG C 98 -39.04 -3.51 -3.05
CA ARG C 98 -37.88 -2.71 -3.39
C ARG C 98 -38.36 -1.42 -4.04
N LEU C 99 -37.67 -0.32 -3.74
CA LEU C 99 -38.09 0.95 -4.27
C LEU C 99 -37.81 1.04 -5.76
N GLN C 100 -38.52 1.95 -6.42
CA GLN C 100 -38.46 2.04 -7.87
C GLN C 100 -37.05 2.29 -8.36
N CYS C 101 -36.70 1.66 -9.48
CA CYS C 101 -35.42 1.86 -10.15
C CYS C 101 -35.69 2.22 -11.60
N ALA C 102 -35.33 3.44 -12.00
CA ALA C 102 -35.60 3.93 -13.35
C ALA C 102 -34.34 3.81 -14.19
N GLY C 103 -34.04 2.58 -14.60
CA GLY C 103 -32.85 2.34 -15.39
C GLY C 103 -31.70 1.87 -14.55
N PHE C 104 -30.75 2.76 -14.25
CA PHE C 104 -29.65 2.45 -13.36
C PHE C 104 -29.63 3.32 -12.12
N SER C 105 -30.54 4.28 -12.00
CA SER C 105 -30.63 5.14 -10.83
C SER C 105 -31.79 4.67 -9.97
N CYS C 106 -31.48 4.08 -8.84
CA CYS C 106 -32.47 3.49 -7.94
C CYS C 106 -32.77 4.45 -6.80
N GLU C 107 -34.04 4.60 -6.47
CA GLU C 107 -34.40 5.34 -5.27
C GLU C 107 -33.88 4.64 -4.03
N MET C 108 -33.43 5.41 -3.05
CA MET C 108 -33.01 4.85 -1.78
C MET C 108 -33.88 5.28 -0.61
N ASP C 109 -34.64 6.35 -0.73
CA ASP C 109 -35.32 6.92 0.42
C ASP C 109 -36.83 6.91 0.31
N SER C 110 -37.40 7.25 -0.84
CA SER C 110 -38.85 7.29 -0.94
C SER C 110 -39.27 7.15 -2.39
N GLY C 111 -39.84 6.01 -2.73
CA GLY C 111 -40.45 5.82 -4.03
C GLY C 111 -41.57 4.80 -3.94
N PRO C 112 -42.19 4.49 -5.07
CA PRO C 112 -43.18 3.42 -5.08
C PRO C 112 -42.50 2.07 -5.25
N PHE C 113 -43.04 1.08 -4.55
CA PHE C 113 -42.45 -0.26 -4.60
C PHE C 113 -42.73 -0.88 -5.96
N ASP C 114 -41.68 -1.23 -6.70
CA ASP C 114 -41.88 -1.79 -8.02
C ASP C 114 -41.53 -3.26 -8.12
N LEU C 115 -40.75 -3.80 -7.19
CA LEU C 115 -40.35 -5.19 -7.19
C LEU C 115 -40.75 -5.80 -5.85
N TRP C 116 -41.59 -6.83 -5.90
CA TRP C 116 -42.12 -7.45 -4.70
C TRP C 116 -41.62 -8.87 -4.54
N GLY C 117 -41.73 -9.39 -3.32
CA GLY C 117 -41.52 -10.80 -3.07
C GLY C 117 -42.81 -11.58 -3.15
N GLN C 118 -42.68 -12.91 -3.21
CA GLN C 118 -43.86 -13.73 -3.46
C GLN C 118 -44.81 -13.80 -2.27
N GLY C 119 -44.34 -13.51 -1.07
CA GLY C 119 -45.21 -13.56 0.08
C GLY C 119 -44.89 -14.74 0.98
N THR C 120 -45.15 -14.56 2.27
CA THR C 120 -44.89 -15.59 3.28
C THR C 120 -46.08 -15.61 4.23
N GLN C 121 -47.01 -16.53 4.01
CA GLN C 121 -48.25 -16.55 4.77
C GLN C 121 -47.95 -17.09 6.16
N VAL C 122 -47.93 -16.21 7.15
CA VAL C 122 -47.72 -16.59 8.55
C VAL C 122 -49.06 -16.57 9.25
N THR C 123 -49.50 -17.72 9.74
CA THR C 123 -50.78 -17.85 10.40
C THR C 123 -50.55 -18.21 11.86
N VAL C 124 -51.13 -17.42 12.76
CA VAL C 124 -50.98 -17.63 14.20
C VAL C 124 -52.36 -17.66 14.83
N PRO C 125 -53.00 -18.82 14.97
CA PRO C 125 -54.28 -18.89 15.64
C PRO C 125 -54.15 -19.11 17.14
N SER C 126 -55.09 -18.53 17.88
CA SER C 126 -55.13 -18.68 19.33
C SER C 126 -56.50 -18.26 19.88
N ASP D 1 -49.93 11.24 10.78
CA ASP D 1 -49.72 10.33 9.66
C ASP D 1 -50.65 10.70 8.50
N ILE D 2 -50.71 9.84 7.49
CA ILE D 2 -51.51 10.08 6.30
C ILE D 2 -52.42 8.89 6.08
N GLN D 3 -53.71 9.14 5.90
CA GLN D 3 -54.70 8.11 5.68
C GLN D 3 -55.23 8.18 4.27
N MET D 4 -55.42 7.02 3.63
CA MET D 4 -55.95 6.94 2.28
C MET D 4 -57.30 6.25 2.34
N THR D 5 -58.35 6.96 1.95
CA THR D 5 -59.68 6.36 1.86
C THR D 5 -60.04 6.19 0.39
N GLN D 6 -60.12 4.94 -0.06
CA GLN D 6 -60.48 4.64 -1.44
C GLN D 6 -61.99 4.64 -1.54
N SER D 7 -62.54 5.49 -2.41
CA SER D 7 -63.99 5.72 -2.38
C SER D 7 -64.75 4.49 -2.86
N PRO D 8 -64.75 4.12 -4.14
CA PRO D 8 -65.62 3.03 -4.58
C PRO D 8 -64.97 1.68 -4.30
N SER D 9 -65.50 0.97 -3.30
CA SER D 9 -64.97 -0.33 -2.93
C SER D 9 -65.85 -1.43 -3.49
N THR D 10 -65.22 -2.37 -4.20
CA THR D 10 -65.89 -3.52 -4.80
C THR D 10 -67.01 -3.07 -5.75
N VAL D 11 -66.60 -2.41 -6.82
CA VAL D 11 -67.52 -1.94 -7.84
C VAL D 11 -67.60 -2.96 -8.96
N ALA D 12 -68.82 -3.31 -9.35
CA ALA D 12 -69.02 -4.29 -10.40
C ALA D 12 -68.78 -3.69 -11.76
N ALA D 13 -68.38 -4.54 -12.71
CA ALA D 13 -68.13 -4.09 -14.07
C ALA D 13 -68.22 -5.27 -15.01
N PHE D 14 -68.40 -4.96 -16.30
CA PHE D 14 -68.44 -5.95 -17.36
C PHE D 14 -67.34 -5.67 -18.37
N VAL D 15 -66.93 -6.72 -19.08
CA VAL D 15 -65.83 -6.60 -20.03
C VAL D 15 -66.12 -5.51 -21.05
N GLY D 16 -65.09 -4.77 -21.42
CA GLY D 16 -65.26 -3.69 -22.38
C GLY D 16 -65.99 -2.49 -21.82
N GLY D 17 -66.03 -2.33 -20.50
CA GLY D 17 -66.77 -1.24 -19.89
C GLY D 17 -65.92 -0.23 -19.16
N ASN D 18 -66.49 0.94 -18.91
CA ASN D 18 -65.82 1.97 -18.13
C ASN D 18 -65.86 1.64 -16.65
N VAL D 19 -64.81 2.05 -15.93
CA VAL D 19 -64.76 1.95 -14.48
C VAL D 19 -63.80 3.02 -13.97
N THR D 20 -64.25 3.80 -12.97
CA THR D 20 -63.46 4.89 -12.42
C THR D 20 -63.36 4.72 -10.91
N LEU D 21 -62.14 4.63 -10.40
CA LEU D 21 -61.91 4.53 -8.97
C LEU D 21 -61.73 5.92 -8.39
N SER D 22 -61.30 6.00 -7.13
CA SER D 22 -61.02 7.27 -6.50
C SER D 22 -60.23 7.03 -5.23
N CYS D 23 -59.13 7.76 -5.08
CA CYS D 23 -58.28 7.69 -3.89
C CYS D 23 -58.18 9.09 -3.32
N ARG D 24 -58.69 9.28 -2.11
CA ARG D 24 -58.69 10.59 -1.46
C ARG D 24 -57.85 10.52 -0.21
N THR D 25 -56.82 11.36 -0.16
CA THR D 25 -55.86 11.36 0.93
C THR D 25 -56.38 12.21 2.10
N SER D 26 -55.72 12.08 3.25
CA SER D 26 -56.08 12.91 4.39
C SER D 26 -55.47 14.30 4.26
N GLN D 27 -54.20 14.38 3.88
CA GLN D 27 -53.52 15.64 3.66
C GLN D 27 -52.78 15.56 2.34
N GLY D 28 -52.60 16.71 1.70
CA GLY D 28 -52.03 16.75 0.37
C GLY D 28 -50.70 16.04 0.22
N VAL D 29 -50.52 15.34 -0.89
CA VAL D 29 -49.28 14.64 -1.19
C VAL D 29 -48.67 15.14 -2.49
N GLY D 30 -49.06 16.33 -2.95
CA GLY D 30 -48.57 16.83 -4.21
C GLY D 30 -49.02 15.95 -5.35
N ASN D 31 -48.07 15.28 -6.00
CA ASN D 31 -48.40 14.28 -7.00
C ASN D 31 -47.74 12.95 -6.71
N ARG D 32 -47.13 12.80 -5.53
CA ARG D 32 -46.46 11.56 -5.18
C ARG D 32 -47.48 10.50 -4.81
N LEU D 33 -48.05 9.83 -5.81
CA LEU D 33 -49.05 8.81 -5.54
C LEU D 33 -48.97 7.72 -6.61
N ALA D 34 -48.94 6.47 -6.17
CA ALA D 34 -48.82 5.32 -7.04
C ALA D 34 -50.07 4.44 -6.95
N TRP D 35 -50.30 3.66 -8.00
CA TRP D 35 -51.47 2.77 -8.07
C TRP D 35 -51.00 1.34 -8.29
N TYR D 36 -51.40 0.44 -7.41
CA TYR D 36 -51.06 -0.97 -7.51
C TYR D 36 -52.25 -1.79 -7.95
N GLN D 37 -51.98 -3.04 -8.30
CA GLN D 37 -53.02 -3.99 -8.71
C GLN D 37 -52.61 -5.39 -8.27
N GLN D 38 -53.40 -6.00 -7.39
CA GLN D 38 -53.08 -7.31 -6.86
C GLN D 38 -54.18 -8.29 -7.22
N LYS D 39 -53.80 -9.37 -7.84
CA LYS D 39 -54.67 -10.51 -8.06
C LYS D 39 -54.53 -11.49 -6.90
N PRO D 40 -55.62 -12.19 -6.55
CA PRO D 40 -55.75 -12.82 -5.22
C PRO D 40 -54.49 -13.44 -4.62
N GLY D 41 -53.63 -14.05 -5.44
CA GLY D 41 -52.49 -14.72 -4.87
C GLY D 41 -51.17 -13.98 -5.03
N LYS D 42 -50.97 -13.39 -6.20
CA LYS D 42 -49.70 -12.78 -6.52
C LYS D 42 -49.42 -11.58 -5.63
N PRO D 43 -48.17 -11.12 -5.57
CA PRO D 43 -47.88 -9.82 -5.02
C PRO D 43 -48.36 -8.73 -5.96
N PRO D 44 -48.53 -7.50 -5.48
CA PRO D 44 -49.07 -6.45 -6.35
C PRO D 44 -48.15 -6.14 -7.52
N ARG D 45 -48.71 -5.45 -8.50
CA ARG D 45 -47.99 -5.03 -9.69
C ARG D 45 -48.16 -3.51 -9.81
N LEU D 46 -47.06 -2.78 -9.70
CA LEU D 46 -47.12 -1.33 -9.82
C LEU D 46 -47.59 -0.93 -11.22
N LEU D 47 -48.62 -0.10 -11.28
CA LEU D 47 -49.15 0.38 -12.55
C LEU D 47 -48.65 1.79 -12.88
N ILE D 48 -48.90 2.74 -11.98
CA ILE D 48 -48.73 4.16 -12.26
C ILE D 48 -47.90 4.79 -11.16
N SER D 49 -46.97 5.67 -11.54
CA SER D 49 -46.28 6.54 -10.59
C SER D 49 -46.66 7.98 -10.86
N ARG D 50 -46.37 8.84 -9.89
CA ARG D 50 -46.67 10.27 -9.95
C ARG D 50 -48.14 10.53 -10.26
N ALA D 51 -49.00 9.55 -9.99
CA ALA D 51 -50.45 9.70 -10.09
C ALA D 51 -50.94 9.88 -11.52
N SER D 52 -50.03 10.02 -12.48
CA SER D 52 -50.42 10.06 -13.89
C SER D 52 -49.51 9.26 -14.80
N ASN D 53 -48.29 8.96 -14.39
CA ASN D 53 -47.25 8.42 -15.26
C ASN D 53 -47.32 6.90 -15.26
N ARG D 54 -47.72 6.31 -16.38
CA ARG D 54 -47.83 4.86 -16.48
C ARG D 54 -46.45 4.23 -16.57
N HIS D 55 -46.42 2.91 -16.62
CA HIS D 55 -45.18 2.15 -16.60
C HIS D 55 -45.09 1.24 -17.80
N GLY D 56 -43.91 0.66 -17.99
CA GLY D 56 -43.67 -0.30 -19.05
C GLY D 56 -44.39 -1.59 -18.80
N GLY D 57 -45.32 -1.94 -19.67
CA GLY D 57 -46.12 -3.14 -19.51
C GLY D 57 -47.54 -2.89 -19.10
N VAL D 58 -47.92 -1.64 -18.85
CA VAL D 58 -49.29 -1.26 -18.52
C VAL D 58 -49.95 -0.76 -19.80
N PRO D 59 -51.14 -1.25 -20.14
CA PRO D 59 -51.80 -0.80 -21.37
C PRO D 59 -52.13 0.69 -21.31
N ALA D 60 -52.45 1.24 -22.48
CA ALA D 60 -52.90 2.62 -22.52
C ALA D 60 -54.30 2.79 -21.95
N ARG D 61 -55.03 1.69 -21.75
CA ARG D 61 -56.40 1.82 -21.26
C ARG D 61 -56.45 2.30 -19.82
N PHE D 62 -55.38 2.08 -19.06
CA PHE D 62 -55.28 2.64 -17.72
C PHE D 62 -55.00 4.13 -17.79
N SER D 63 -55.43 4.86 -16.78
CA SER D 63 -55.22 6.31 -16.77
C SER D 63 -55.34 6.81 -15.34
N GLY D 64 -54.29 7.46 -14.85
CA GLY D 64 -54.30 8.08 -13.54
C GLY D 64 -54.42 9.59 -13.70
N GLY D 65 -55.28 10.18 -12.88
CA GLY D 65 -55.51 11.60 -12.96
C GLY D 65 -55.42 12.29 -11.61
N GLY D 66 -55.94 13.49 -11.52
CA GLY D 66 -56.03 14.21 -10.26
C GLY D 66 -54.70 14.66 -9.70
N SER D 67 -54.75 15.51 -8.68
CA SER D 67 -53.56 16.00 -8.00
C SER D 67 -54.01 16.66 -6.70
N GLY D 68 -53.07 16.81 -5.78
CA GLY D 68 -53.39 17.44 -4.51
C GLY D 68 -53.85 16.45 -3.46
N THR D 69 -55.16 16.29 -3.34
CA THR D 69 -55.75 15.36 -2.40
C THR D 69 -56.65 14.32 -3.05
N ILE D 70 -57.34 14.67 -4.14
CA ILE D 70 -58.26 13.75 -4.80
C ILE D 70 -57.61 13.23 -6.07
N PHE D 71 -57.37 11.92 -6.11
CA PHE D 71 -56.82 11.23 -7.27
C PHE D 71 -57.82 10.19 -7.76
N THR D 72 -57.70 9.81 -9.03
CA THR D 72 -58.57 8.82 -9.63
C THR D 72 -57.76 7.82 -10.42
N LEU D 73 -58.44 6.78 -10.89
CA LEU D 73 -57.85 5.82 -11.82
C LEU D 73 -58.98 5.32 -12.71
N THR D 74 -58.86 5.56 -14.01
CA THR D 74 -59.91 5.23 -14.96
C THR D 74 -59.41 4.18 -15.94
N ILE D 75 -60.07 3.03 -15.96
CA ILE D 75 -59.83 2.00 -16.98
C ILE D 75 -60.94 2.14 -18.00
N LYS D 76 -60.60 2.56 -19.22
CA LYS D 76 -61.64 2.88 -20.17
C LYS D 76 -62.26 1.62 -20.78
N GLY D 77 -61.46 0.86 -21.52
CA GLY D 77 -61.94 -0.38 -22.10
C GLY D 77 -61.48 -1.61 -21.36
N LEU D 78 -62.33 -2.17 -20.51
CA LEU D 78 -61.90 -3.27 -19.65
C LEU D 78 -61.62 -4.53 -20.46
N GLN D 79 -60.83 -5.42 -19.85
CA GLN D 79 -60.59 -6.74 -20.39
C GLN D 79 -60.61 -7.74 -19.25
N SER D 80 -60.73 -9.02 -19.59
CA SER D 80 -60.90 -10.06 -18.58
C SER D 80 -59.64 -10.31 -17.76
N ASP D 81 -58.60 -9.51 -17.92
CA ASP D 81 -57.38 -9.66 -17.14
C ASP D 81 -57.15 -8.49 -16.19
N ASP D 82 -58.10 -7.58 -16.09
CA ASP D 82 -57.95 -6.37 -15.27
C ASP D 82 -58.76 -6.42 -13.98
N PHE D 83 -59.48 -7.49 -13.72
CA PHE D 83 -60.32 -7.57 -12.53
C PHE D 83 -59.48 -8.03 -11.35
N ALA D 84 -59.13 -7.09 -10.49
CA ALA D 84 -58.27 -7.36 -9.35
C ALA D 84 -58.59 -6.37 -8.25
N THR D 85 -57.71 -6.26 -7.26
CA THR D 85 -57.85 -5.30 -6.18
C THR D 85 -56.81 -4.20 -6.36
N PHE D 86 -57.27 -2.96 -6.55
CA PHE D 86 -56.38 -1.84 -6.81
C PHE D 86 -56.12 -1.06 -5.54
N PHE D 87 -54.85 -0.86 -5.23
CA PHE D 87 -54.44 -0.06 -4.09
C PHE D 87 -53.80 1.22 -4.57
N CYS D 88 -54.02 2.31 -3.83
CA CYS D 88 -53.34 3.56 -4.07
C CYS D 88 -52.38 3.81 -2.93
N GLN D 89 -51.23 4.36 -3.25
CA GLN D 89 -50.18 4.58 -2.27
C GLN D 89 -49.68 6.00 -2.41
N GLN D 90 -49.61 6.71 -1.29
CA GLN D 90 -48.82 7.94 -1.23
C GLN D 90 -47.42 7.57 -0.82
N TYR D 91 -46.43 8.20 -1.44
CA TYR D 91 -45.06 8.08 -0.97
C TYR D 91 -44.49 9.43 -0.58
N TYR D 92 -45.37 10.34 -0.17
CA TYR D 92 -44.94 11.67 0.22
C TYR D 92 -44.16 11.64 1.53
N ASP D 93 -44.82 11.26 2.62
CA ASP D 93 -44.21 11.41 3.93
C ASP D 93 -43.24 10.25 4.18
N SER D 94 -42.73 10.17 5.41
CA SER D 94 -41.61 9.30 5.72
C SER D 94 -41.93 7.84 5.42
N ARG D 95 -43.07 7.38 5.89
CA ARG D 95 -43.49 6.00 5.69
C ARG D 95 -44.71 5.98 4.78
N GLU D 96 -44.55 5.39 3.61
CA GLU D 96 -45.62 5.32 2.64
C GLU D 96 -46.70 4.36 3.11
N THR D 97 -47.96 4.79 3.04
CA THR D 97 -49.08 3.96 3.44
C THR D 97 -50.00 3.74 2.25
N PHE D 98 -50.66 2.59 2.24
CA PHE D 98 -51.52 2.18 1.14
C PHE D 98 -52.96 2.41 1.50
N GLY D 99 -53.82 2.38 0.48
CA GLY D 99 -55.24 2.40 0.71
C GLY D 99 -55.71 1.09 1.29
N GLN D 100 -56.99 0.77 1.10
CA GLN D 100 -57.53 -0.50 1.58
C GLN D 100 -58.01 -1.40 0.45
N GLY D 101 -57.77 -1.02 -0.79
CA GLY D 101 -58.20 -1.84 -1.90
C GLY D 101 -59.60 -1.49 -2.37
N SER D 102 -59.83 -1.71 -3.65
CA SER D 102 -61.15 -1.48 -4.23
C SER D 102 -61.32 -2.48 -5.37
N ARG D 103 -61.96 -3.61 -5.06
CA ARG D 103 -62.11 -4.69 -6.02
C ARG D 103 -62.96 -4.26 -7.20
N VAL D 104 -62.84 -5.02 -8.29
CA VAL D 104 -63.67 -4.86 -9.48
C VAL D 104 -64.16 -6.24 -9.87
N MET D 105 -65.49 -6.43 -9.83
CA MET D 105 -66.08 -7.75 -10.00
C MET D 105 -66.44 -7.97 -11.47
N MET D 106 -67.19 -9.04 -11.75
CA MET D 106 -67.47 -9.47 -13.11
C MET D 106 -68.95 -9.75 -13.36
N GLU D 107 -69.81 -9.55 -12.37
CA GLU D 107 -71.24 -9.81 -12.55
C GLU D 107 -71.79 -8.95 -13.69
N LYS D 108 -72.25 -9.61 -14.74
CA LYS D 108 -72.81 -8.91 -15.90
C LYS D 108 -74.32 -8.73 -15.72
N ALA E 1 9.75 -26.13 60.89
CA ALA E 1 9.28 -26.97 59.80
C ALA E 1 7.99 -26.41 59.21
N GLU E 2 7.03 -26.11 60.08
CA GLU E 2 5.76 -25.54 59.64
C GLU E 2 5.93 -24.13 59.11
N ASN E 3 7.09 -23.50 59.34
CA ASN E 3 7.32 -22.13 58.91
C ASN E 3 7.63 -22.12 57.41
N LEU E 4 6.56 -22.08 56.62
CA LEU E 4 6.70 -22.07 55.17
C LEU E 4 6.84 -20.64 54.67
N TRP E 5 7.69 -20.47 53.66
CA TRP E 5 7.90 -19.19 53.04
C TRP E 5 7.60 -19.30 51.55
N VAL E 6 7.28 -18.17 50.95
CA VAL E 6 6.98 -18.12 49.53
C VAL E 6 8.26 -18.40 48.77
N THR E 7 8.16 -19.13 47.66
CA THR E 7 9.25 -19.27 46.71
C THR E 7 8.71 -19.06 45.31
N VAL E 8 9.57 -18.57 44.43
CA VAL E 8 9.19 -18.41 43.04
C VAL E 8 9.99 -19.40 42.22
N TYR E 9 9.38 -19.85 41.13
CA TYR E 9 9.99 -20.81 40.21
C TYR E 9 9.82 -20.26 38.81
N TYR E 10 10.91 -19.89 38.16
CA TYR E 10 10.81 -19.43 36.80
C TYR E 10 11.03 -20.59 35.85
N GLY E 11 10.27 -20.59 34.75
CA GLY E 11 10.33 -21.70 33.84
C GLY E 11 9.59 -22.88 34.40
N VAL E 12 8.30 -22.71 34.68
CA VAL E 12 7.52 -23.76 35.32
C VAL E 12 6.40 -24.15 34.35
N PRO E 13 6.07 -25.45 34.20
CA PRO E 13 5.06 -25.83 33.21
C PRO E 13 3.62 -25.56 33.63
N VAL E 14 3.05 -24.49 33.09
CA VAL E 14 1.66 -24.08 33.33
C VAL E 14 1.22 -23.26 32.14
N TRP E 15 0.02 -23.53 31.62
CA TRP E 15 -0.48 -22.81 30.47
C TRP E 15 -1.89 -22.31 30.72
N LYS E 16 -2.32 -21.37 29.89
CA LYS E 16 -3.68 -20.88 29.86
C LYS E 16 -4.08 -20.68 28.42
N ASP E 17 -5.35 -20.94 28.11
CA ASP E 17 -5.82 -20.79 26.75
C ASP E 17 -5.69 -19.34 26.32
N ALA E 18 -5.25 -19.13 25.08
CA ALA E 18 -5.04 -17.78 24.60
C ALA E 18 -5.20 -17.73 23.09
N GLU E 19 -5.12 -16.51 22.56
CA GLU E 19 -5.22 -16.26 21.13
C GLU E 19 -4.02 -15.43 20.72
N THR E 20 -3.36 -15.80 19.63
CA THR E 20 -2.18 -15.10 19.18
C THR E 20 -2.18 -15.07 17.66
N THR E 21 -1.05 -14.71 17.09
CA THR E 21 -0.86 -14.70 15.64
C THR E 21 0.09 -15.81 15.26
N LEU E 22 -0.41 -16.79 14.52
CA LEU E 22 0.41 -17.88 14.05
C LEU E 22 0.97 -17.56 12.68
N PHE E 23 2.07 -18.22 12.32
CA PHE E 23 2.74 -17.98 11.05
C PHE E 23 2.97 -19.30 10.33
N CYS E 24 2.91 -19.25 9.01
CA CYS E 24 3.02 -20.46 8.21
C CYS E 24 4.45 -20.95 8.14
N ALA E 25 4.59 -22.26 7.90
CA ALA E 25 5.91 -22.88 7.85
C ALA E 25 5.98 -23.90 6.71
N SER E 26 5.50 -23.51 5.54
CA SER E 26 5.59 -24.43 4.41
C SER E 26 7.02 -24.53 3.91
N ASP E 27 7.30 -25.64 3.21
CA ASP E 27 8.64 -25.90 2.72
C ASP E 27 9.01 -24.94 1.59
N ALA E 28 10.30 -24.89 1.28
CA ALA E 28 10.80 -24.04 0.19
C ALA E 28 11.32 -24.87 -0.98
N GLU E 34 10.27 -23.00 -9.85
CA GLU E 34 8.87 -23.34 -10.08
C GLU E 34 7.96 -22.15 -9.83
N LYS E 35 6.81 -22.14 -10.51
CA LYS E 35 5.92 -21.00 -10.46
C LYS E 35 5.33 -20.83 -9.06
N HIS E 36 5.25 -19.58 -8.61
CA HIS E 36 4.69 -19.28 -7.31
C HIS E 36 3.20 -19.60 -7.29
N ASN E 37 2.68 -19.86 -6.09
CA ASN E 37 1.27 -20.18 -5.91
C ASN E 37 0.57 -19.04 -5.20
N VAL E 38 -0.73 -19.22 -4.97
CA VAL E 38 -1.55 -18.16 -4.39
C VAL E 38 -1.29 -18.01 -2.91
N TRP E 39 -1.07 -19.10 -2.20
CA TRP E 39 -0.87 -19.07 -0.76
C TRP E 39 0.52 -18.59 -0.38
N ALA E 40 1.29 -18.10 -1.36
CA ALA E 40 2.61 -17.53 -1.15
C ALA E 40 3.43 -18.38 -0.18
N THR E 41 3.40 -19.69 -0.40
CA THR E 41 4.14 -20.57 0.50
C THR E 41 5.61 -20.55 0.13
N HIS E 42 6.14 -19.33 -0.02
CA HIS E 42 7.56 -19.09 -0.16
C HIS E 42 8.03 -17.95 0.73
N ALA E 43 7.11 -17.17 1.30
CA ALA E 43 7.40 -16.25 2.38
C ALA E 43 7.16 -16.89 3.74
N CYS E 44 6.96 -18.20 3.78
CA CYS E 44 6.81 -18.94 5.02
C CYS E 44 8.18 -19.36 5.54
N VAL E 45 8.32 -19.36 6.86
CA VAL E 45 9.53 -19.87 7.51
C VAL E 45 9.78 -21.29 7.02
N PRO E 46 10.95 -21.59 6.42
CA PRO E 46 11.23 -22.97 5.96
C PRO E 46 10.93 -24.01 7.02
N THR E 47 10.09 -24.98 6.65
CA THR E 47 9.60 -26.01 7.57
C THR E 47 10.71 -26.60 8.41
N ASP E 48 10.54 -26.55 9.72
CA ASP E 48 11.45 -27.23 10.60
C ASP E 48 11.22 -28.74 10.51
N PRO E 49 12.17 -29.52 10.03
CA PRO E 49 11.97 -30.97 9.91
C PRO E 49 12.08 -31.64 11.28
N ASN E 50 11.77 -32.94 11.31
CA ASN E 50 11.75 -33.77 12.50
C ASN E 50 11.18 -33.00 13.69
N PRO E 51 9.96 -32.48 13.60
CA PRO E 51 9.43 -31.67 14.69
C PRO E 51 9.37 -32.44 15.99
N GLN E 52 9.47 -31.71 17.09
CA GLN E 52 9.65 -32.30 18.41
C GLN E 52 8.29 -32.43 19.11
N GLU E 53 7.49 -33.37 18.62
CA GLU E 53 6.26 -33.71 19.31
C GLU E 53 6.59 -34.45 20.60
N ILE E 54 6.21 -33.86 21.73
CA ILE E 54 6.49 -34.42 23.05
C ILE E 54 5.19 -34.91 23.64
N HIS E 55 5.15 -36.18 24.04
CA HIS E 55 3.95 -36.71 24.66
C HIS E 55 3.81 -36.17 26.08
N LEU E 56 2.64 -35.65 26.40
CA LEU E 56 2.36 -35.07 27.71
C LEU E 56 1.52 -36.07 28.50
N GLU E 57 2.12 -36.67 29.52
CA GLU E 57 1.46 -37.74 30.25
C GLU E 57 0.59 -37.17 31.36
N ASN E 58 -0.45 -37.92 31.71
CA ASN E 58 -1.31 -37.70 32.87
C ASN E 58 -2.03 -36.36 32.84
N VAL E 59 -2.06 -35.68 31.70
CA VAL E 59 -2.71 -34.38 31.56
C VAL E 59 -3.99 -34.55 30.78
N THR E 60 -5.04 -33.85 31.21
CA THR E 60 -6.38 -33.96 30.62
C THR E 60 -6.88 -32.55 30.33
N GLU E 61 -6.75 -32.12 29.08
CA GLU E 61 -7.16 -30.77 28.68
C GLU E 61 -8.50 -30.82 27.96
N GLU E 62 -9.30 -29.79 28.17
CA GLU E 62 -10.62 -29.70 27.55
C GLU E 62 -10.51 -28.95 26.24
N PHE E 63 -10.66 -29.67 25.12
CA PHE E 63 -10.57 -29.07 23.81
C PHE E 63 -11.92 -28.51 23.38
N ASN E 64 -11.93 -27.84 22.24
CA ASN E 64 -13.15 -27.43 21.57
C ASN E 64 -12.85 -27.04 20.14
N MET E 65 -13.50 -27.70 19.18
CA MET E 65 -13.25 -27.41 17.78
C MET E 65 -14.21 -26.40 17.19
N TRP E 66 -15.22 -25.96 17.94
CA TRP E 66 -16.22 -25.06 17.41
C TRP E 66 -16.03 -23.62 17.84
N LYS E 67 -15.55 -23.39 19.07
CA LYS E 67 -15.12 -22.07 19.48
C LYS E 67 -13.60 -21.91 19.37
N ASN E 68 -12.96 -22.75 18.58
CA ASN E 68 -11.56 -22.60 18.28
C ASN E 68 -11.32 -21.27 17.56
N ASN E 69 -10.10 -20.77 17.67
CA ASN E 69 -9.77 -19.49 17.08
C ASN E 69 -8.68 -19.55 16.03
N MET E 70 -7.94 -20.65 15.94
CA MET E 70 -6.99 -20.78 14.85
C MET E 70 -7.66 -21.24 13.56
N VAL E 71 -8.97 -21.47 13.59
CA VAL E 71 -9.74 -21.68 12.38
C VAL E 71 -10.42 -20.40 11.92
N GLU E 72 -10.61 -19.43 12.81
CA GLU E 72 -11.03 -18.09 12.40
C GLU E 72 -9.85 -17.27 11.94
N GLN E 73 -8.64 -17.62 12.37
CA GLN E 73 -7.44 -16.92 11.94
C GLN E 73 -6.96 -17.42 10.59
N MET E 74 -7.02 -18.73 10.38
CA MET E 74 -6.61 -19.29 9.09
C MET E 74 -7.50 -18.78 7.97
N HIS E 75 -8.78 -18.57 8.24
CA HIS E 75 -9.69 -18.11 7.21
C HIS E 75 -9.33 -16.71 6.73
N THR E 76 -9.10 -15.79 7.67
CA THR E 76 -8.74 -14.44 7.26
C THR E 76 -7.34 -14.39 6.69
N ASP E 77 -6.43 -15.25 7.16
CA ASP E 77 -5.13 -15.35 6.51
C ASP E 77 -5.29 -15.72 5.04
N ILE E 78 -6.07 -16.77 4.77
CA ILE E 78 -6.22 -17.23 3.40
C ILE E 78 -6.91 -16.18 2.55
N ILE E 79 -7.88 -15.45 3.11
CA ILE E 79 -8.55 -14.42 2.33
C ILE E 79 -7.58 -13.30 1.98
N SER E 80 -6.93 -12.72 2.99
CA SER E 80 -6.02 -11.60 2.75
C SER E 80 -4.81 -12.02 1.94
N LEU E 81 -4.52 -13.32 1.87
CA LEU E 81 -3.41 -13.85 1.10
C LEU E 81 -3.83 -14.22 -0.31
N TRP E 82 -5.12 -14.44 -0.52
CA TRP E 82 -5.67 -14.63 -1.85
C TRP E 82 -5.86 -13.30 -2.55
N ASP E 83 -6.20 -12.25 -1.81
CA ASP E 83 -6.37 -10.94 -2.42
C ASP E 83 -5.05 -10.32 -2.79
N GLN E 84 -3.99 -10.56 -2.02
CA GLN E 84 -2.72 -9.91 -2.32
C GLN E 84 -2.05 -10.44 -3.57
N SER E 85 -2.50 -11.58 -4.10
CA SER E 85 -1.96 -12.11 -5.34
C SER E 85 -2.77 -11.69 -6.55
N LEU E 86 -3.73 -10.79 -6.37
CA LEU E 86 -4.52 -10.27 -7.48
C LEU E 86 -4.27 -8.79 -7.74
N LYS E 87 -3.57 -8.10 -6.85
CA LYS E 87 -3.21 -6.71 -7.13
C LYS E 87 -2.33 -6.58 -8.36
N PRO E 88 -1.23 -7.33 -8.50
CA PRO E 88 -0.39 -7.15 -9.71
C PRO E 88 -1.07 -7.55 -10.99
N CYS E 89 -2.20 -8.24 -10.94
CA CYS E 89 -2.75 -8.86 -12.12
C CYS E 89 -3.71 -7.91 -12.82
N VAL E 90 -4.00 -8.22 -14.09
CA VAL E 90 -4.78 -7.37 -14.98
C VAL E 90 -6.16 -7.11 -14.37
N LYS E 91 -6.75 -5.96 -14.69
CA LYS E 91 -8.09 -5.61 -14.23
C LYS E 91 -8.98 -5.55 -15.47
N LEU E 92 -9.90 -6.51 -15.59
CA LEU E 92 -10.65 -6.67 -16.83
C LEU E 92 -11.84 -5.73 -16.89
N THR E 93 -11.60 -4.45 -16.69
CA THR E 93 -12.66 -3.45 -16.85
C THR E 93 -12.97 -3.17 -18.33
N PRO E 94 -11.98 -3.13 -19.23
CA PRO E 94 -12.32 -2.88 -20.64
C PRO E 94 -13.16 -3.97 -21.26
N LEU E 95 -13.34 -5.10 -20.58
CA LEU E 95 -14.04 -6.23 -21.15
C LEU E 95 -15.54 -6.10 -21.05
N CYS E 96 -16.05 -5.25 -20.16
CA CYS E 96 -17.49 -5.08 -20.03
C CYS E 96 -18.02 -4.33 -21.24
N VAL E 97 -18.49 -5.08 -22.23
CA VAL E 97 -18.82 -4.54 -23.54
C VAL E 97 -19.89 -5.44 -24.14
N THR E 98 -20.72 -4.86 -25.02
CA THR E 98 -21.70 -5.64 -25.75
C THR E 98 -21.03 -6.70 -26.62
N LEU E 99 -21.17 -7.97 -26.27
CA LEU E 99 -20.67 -9.05 -27.08
C LEU E 99 -21.70 -9.43 -28.13
N GLN E 100 -21.33 -10.34 -29.02
CA GLN E 100 -22.27 -10.87 -30.01
C GLN E 100 -22.02 -12.36 -30.13
N CYS E 101 -22.72 -13.14 -29.31
CA CYS E 101 -22.41 -14.54 -29.20
C CYS E 101 -23.21 -15.38 -30.18
N THR E 102 -22.64 -16.53 -30.54
CA THR E 102 -23.27 -17.55 -31.37
C THR E 102 -22.78 -18.88 -30.86
N ASN E 103 -23.60 -19.91 -30.99
CA ASN E 103 -23.19 -21.23 -30.54
C ASN E 103 -22.00 -21.73 -31.36
N VAL E 104 -21.10 -22.48 -30.71
CA VAL E 104 -19.91 -22.97 -31.38
C VAL E 104 -20.31 -23.95 -32.47
N THR E 105 -19.67 -23.83 -33.63
CA THR E 105 -19.93 -24.72 -34.76
C THR E 105 -18.78 -25.71 -34.89
N ASN E 106 -18.88 -26.78 -34.11
CA ASN E 106 -18.12 -28.00 -34.33
C ASN E 106 -18.84 -29.09 -33.56
N ASN E 107 -18.48 -30.34 -33.84
CA ASN E 107 -19.19 -31.49 -33.31
C ASN E 107 -19.39 -31.37 -31.80
N ILE E 108 -20.64 -31.25 -31.37
CA ILE E 108 -20.98 -31.03 -29.98
C ILE E 108 -21.99 -32.09 -29.55
N THR E 109 -21.67 -32.83 -28.50
CA THR E 109 -22.62 -33.76 -27.92
C THR E 109 -23.81 -33.00 -27.37
N ASP E 110 -25.01 -33.51 -27.61
CA ASP E 110 -26.24 -32.80 -27.26
C ASP E 110 -26.37 -32.49 -25.78
N ASP E 111 -25.48 -33.04 -24.96
CA ASP E 111 -25.43 -32.66 -23.55
C ASP E 111 -24.72 -31.33 -23.37
N MET E 112 -23.65 -31.11 -24.13
CA MET E 112 -22.88 -29.87 -24.10
C MET E 112 -23.35 -28.89 -25.16
N ARG E 113 -24.61 -28.99 -25.60
CA ARG E 113 -25.09 -28.12 -26.65
C ARG E 113 -25.53 -26.79 -26.07
N GLY E 114 -25.00 -25.71 -26.63
CA GLY E 114 -25.32 -24.38 -26.12
C GLY E 114 -24.72 -24.07 -24.78
N GLU E 115 -23.55 -24.62 -24.48
CA GLU E 115 -22.82 -24.31 -23.26
C GLU E 115 -21.56 -23.51 -23.55
N LEU E 116 -21.24 -23.29 -24.82
CA LEU E 116 -20.12 -22.46 -25.22
C LEU E 116 -20.58 -21.56 -26.36
N LYS E 117 -20.06 -20.34 -26.40
CA LYS E 117 -20.40 -19.44 -27.48
C LYS E 117 -19.22 -18.53 -27.78
N ASN E 118 -18.95 -18.32 -29.07
CA ASN E 118 -17.85 -17.43 -29.47
C ASN E 118 -18.42 -16.03 -29.63
N CYS E 119 -18.14 -15.18 -28.65
CA CYS E 119 -18.66 -13.83 -28.62
C CYS E 119 -17.60 -12.88 -29.18
N SER E 120 -17.95 -12.15 -30.23
CA SER E 120 -17.01 -11.30 -30.94
C SER E 120 -17.34 -9.85 -30.63
N PHE E 121 -16.45 -9.19 -29.91
CA PHE E 121 -16.66 -7.84 -29.43
C PHE E 121 -15.61 -6.90 -30.02
N ASN E 122 -15.74 -5.61 -29.70
CA ASN E 122 -14.75 -4.62 -30.06
C ASN E 122 -13.86 -4.34 -28.87
N MET E 123 -12.57 -4.20 -29.10
CA MET E 123 -11.63 -3.97 -28.01
C MET E 123 -10.78 -2.75 -28.31
N THR E 124 -10.37 -2.07 -27.25
CA THR E 124 -9.46 -0.95 -27.41
C THR E 124 -8.08 -1.45 -27.78
N THR E 125 -7.47 -0.80 -28.77
CA THR E 125 -6.16 -1.19 -29.25
C THR E 125 -5.09 -0.64 -28.32
N GLU E 126 -3.85 -0.64 -28.79
CA GLU E 126 -2.82 0.20 -28.20
C GLU E 126 -3.28 1.66 -28.15
N LEU E 127 -3.84 2.15 -29.25
CA LEU E 127 -4.23 3.55 -29.41
C LEU E 127 -5.63 3.75 -28.83
N ARG E 128 -5.79 4.73 -27.95
CA ARG E 128 -7.07 4.94 -27.29
C ARG E 128 -8.19 5.31 -28.25
N ASP E 129 -7.88 5.46 -29.54
CA ASP E 129 -8.89 5.87 -30.50
C ASP E 129 -9.29 4.77 -31.47
N LYS E 130 -8.44 3.78 -31.70
CA LYS E 130 -8.76 2.70 -32.62
C LYS E 130 -9.41 1.54 -31.88
N LYS E 131 -10.30 0.83 -32.57
CA LYS E 131 -10.95 -0.35 -32.05
C LYS E 131 -10.61 -1.55 -32.93
N GLN E 132 -10.62 -2.73 -32.31
CA GLN E 132 -10.35 -3.97 -33.02
C GLN E 132 -11.50 -4.94 -32.77
N LYS E 133 -11.95 -5.60 -33.84
CA LYS E 133 -12.99 -6.61 -33.73
C LYS E 133 -12.34 -7.94 -33.39
N VAL E 134 -12.46 -8.36 -32.13
CA VAL E 134 -11.77 -9.52 -31.63
C VAL E 134 -12.79 -10.47 -31.04
N TYR E 135 -12.49 -11.76 -31.06
CA TYR E 135 -13.43 -12.76 -30.57
C TYR E 135 -12.78 -13.69 -29.55
N SER E 136 -13.62 -14.41 -28.82
CA SER E 136 -13.18 -15.37 -27.83
C SER E 136 -14.31 -16.37 -27.59
N LEU E 137 -14.07 -17.35 -26.72
CA LEU E 137 -15.05 -18.37 -26.37
C LEU E 137 -15.37 -18.27 -24.89
N PHE E 138 -16.64 -18.08 -24.56
CA PHE E 138 -17.07 -18.00 -23.18
C PHE E 138 -18.06 -19.12 -22.89
N TYR E 139 -18.16 -19.48 -21.61
CA TYR E 139 -19.12 -20.47 -21.15
C TYR E 139 -20.46 -19.82 -20.87
N ARG E 140 -21.52 -20.62 -20.94
CA ARG E 140 -22.85 -20.05 -20.78
C ARG E 140 -23.08 -19.46 -19.39
N LEU E 141 -22.26 -19.80 -18.41
CA LEU E 141 -22.41 -19.27 -17.06
C LEU E 141 -21.63 -17.99 -16.86
N ASP E 142 -21.06 -17.43 -17.91
CA ASP E 142 -20.36 -16.15 -17.84
C ASP E 142 -21.05 -15.07 -18.64
N VAL E 143 -21.73 -15.42 -19.71
CA VAL E 143 -22.46 -14.45 -20.50
C VAL E 143 -23.92 -14.45 -20.06
N VAL E 144 -24.55 -13.28 -20.18
CA VAL E 144 -25.94 -13.06 -19.82
C VAL E 144 -26.56 -12.23 -20.93
N GLN E 145 -27.70 -12.67 -21.44
CA GLN E 145 -28.32 -11.92 -22.52
C GLN E 145 -28.70 -10.53 -22.05
N ILE E 146 -28.80 -9.59 -23.00
CA ILE E 146 -29.05 -8.20 -22.66
C ILE E 146 -30.48 -7.82 -23.00
N ASN E 147 -30.84 -7.90 -24.27
CA ASN E 147 -32.12 -7.39 -24.77
C ASN E 147 -32.90 -8.56 -25.36
N GLU E 148 -33.73 -9.19 -24.55
CA GLU E 148 -34.50 -10.34 -25.02
C GLU E 148 -35.62 -9.89 -25.94
N ASN E 149 -35.35 -9.87 -27.24
CA ASN E 149 -36.34 -9.46 -28.23
C ASN E 149 -36.36 -10.40 -29.43
N LYS E 159 -28.19 -13.15 -29.79
CA LYS E 159 -26.99 -12.32 -29.83
C LYS E 159 -26.99 -11.33 -28.69
N GLU E 160 -26.06 -10.38 -28.75
CA GLU E 160 -26.01 -9.28 -27.78
C GLU E 160 -26.02 -9.75 -26.33
N TYR E 161 -24.97 -10.45 -25.92
CA TYR E 161 -24.81 -10.88 -24.54
C TYR E 161 -23.92 -9.87 -23.82
N ARG E 162 -23.53 -10.19 -22.60
CA ARG E 162 -22.57 -9.40 -21.85
C ARG E 162 -22.09 -10.23 -20.68
N LEU E 163 -20.90 -9.92 -20.20
CA LEU E 163 -20.36 -10.71 -19.09
C LEU E 163 -21.28 -10.61 -17.89
N ILE E 164 -21.21 -11.62 -17.03
CA ILE E 164 -22.21 -11.75 -15.98
C ILE E 164 -22.01 -10.70 -14.89
N ASN E 165 -20.82 -10.13 -14.79
CA ASN E 165 -20.49 -9.26 -13.66
C ASN E 165 -20.19 -7.84 -14.10
N CYS E 166 -20.90 -7.35 -15.10
CA CYS E 166 -20.84 -5.94 -15.45
C CYS E 166 -21.92 -5.15 -14.74
N ASN E 167 -22.76 -5.83 -13.95
CA ASN E 167 -23.71 -5.17 -13.07
C ASN E 167 -23.21 -5.06 -11.66
N THR E 168 -22.23 -5.87 -11.28
CA THR E 168 -21.50 -5.68 -10.03
C THR E 168 -20.02 -5.60 -10.36
N SER E 169 -19.17 -5.74 -9.35
CA SER E 169 -17.76 -5.45 -9.48
C SER E 169 -17.15 -6.10 -10.72
N ALA E 170 -16.17 -5.41 -11.29
CA ALA E 170 -15.37 -5.93 -12.39
C ALA E 170 -14.22 -6.75 -11.83
N CYS E 171 -13.76 -7.73 -12.60
CA CYS E 171 -12.86 -8.73 -12.08
C CYS E 171 -11.43 -8.36 -12.38
N THR E 172 -10.53 -8.97 -11.63
CA THR E 172 -9.10 -8.86 -11.89
C THR E 172 -8.65 -10.24 -12.34
N GLN E 173 -8.43 -10.39 -13.64
CA GLN E 173 -7.91 -11.63 -14.17
C GLN E 173 -6.70 -12.09 -13.38
N ALA E 174 -6.71 -13.35 -12.94
CA ALA E 174 -5.58 -13.87 -12.22
C ALA E 174 -4.34 -13.83 -13.10
N CYS E 175 -3.18 -14.08 -12.48
CA CYS E 175 -1.93 -14.07 -13.20
C CYS E 175 -1.61 -15.48 -13.64
N PRO E 176 -1.35 -15.73 -14.93
CA PRO E 176 -1.14 -17.11 -15.38
C PRO E 176 0.07 -17.79 -14.75
N LYS E 177 1.02 -17.01 -14.23
CA LYS E 177 2.17 -17.60 -13.57
C LYS E 177 1.80 -18.19 -12.21
N VAL E 178 0.81 -17.60 -11.55
CA VAL E 178 0.38 -18.05 -10.23
C VAL E 178 -0.48 -19.29 -10.38
N SER E 179 -0.22 -20.30 -9.56
CA SER E 179 -0.92 -21.57 -9.60
C SER E 179 -1.76 -21.75 -8.35
N PHE E 180 -3.00 -22.23 -8.52
CA PHE E 180 -3.90 -22.44 -7.39
C PHE E 180 -3.68 -23.75 -6.67
N GLU E 181 -2.71 -24.56 -7.07
CA GLU E 181 -2.55 -25.87 -6.46
C GLU E 181 -2.26 -25.72 -4.97
N PRO E 182 -3.02 -26.38 -4.10
CA PRO E 182 -2.82 -26.20 -2.66
C PRO E 182 -1.56 -26.91 -2.17
N ILE E 183 -0.76 -26.20 -1.40
CA ILE E 183 0.50 -26.72 -0.87
C ILE E 183 0.39 -26.82 0.65
N PRO E 184 0.87 -27.89 1.27
CA PRO E 184 0.75 -28.03 2.72
C PRO E 184 1.33 -26.84 3.47
N ILE E 185 0.55 -26.32 4.40
CA ILE E 185 0.94 -25.19 5.24
C ILE E 185 1.01 -25.68 6.68
N HIS E 186 2.12 -25.40 7.34
CA HIS E 186 2.28 -25.71 8.75
C HIS E 186 2.10 -24.43 9.56
N TYR E 187 1.11 -24.42 10.45
CA TYR E 187 0.85 -23.28 11.31
C TYR E 187 1.68 -23.40 12.58
N CYS E 188 2.65 -22.51 12.74
CA CYS E 188 3.52 -22.51 13.92
C CYS E 188 3.00 -21.55 14.97
N ALA E 189 3.43 -21.78 16.20
CA ALA E 189 3.08 -20.88 17.28
C ALA E 189 4.31 -20.09 17.71
N PRO E 190 4.17 -18.78 17.95
CA PRO E 190 5.33 -17.97 18.32
C PRO E 190 5.96 -18.46 19.61
N ALA E 191 7.15 -17.94 19.89
CA ALA E 191 7.84 -18.32 21.11
C ALA E 191 7.01 -17.95 22.33
N GLY E 192 7.11 -18.77 23.37
CA GLY E 192 6.31 -18.57 24.55
C GLY E 192 4.93 -19.16 24.51
N PHE E 193 4.46 -19.60 23.34
CA PHE E 193 3.20 -20.29 23.20
C PHE E 193 3.43 -21.75 22.85
N ALA E 194 2.36 -22.52 22.85
CA ALA E 194 2.44 -23.93 22.53
C ALA E 194 1.16 -24.37 21.87
N ILE E 195 1.27 -25.37 21.01
CA ILE E 195 0.13 -25.91 20.27
C ILE E 195 -0.11 -27.32 20.77
N LEU E 196 -1.22 -27.53 21.46
CA LEU E 196 -1.56 -28.82 22.04
C LEU E 196 -2.49 -29.56 21.09
N LYS E 197 -2.08 -30.73 20.63
CA LYS E 197 -2.91 -31.57 19.79
C LYS E 197 -3.50 -32.70 20.61
N CYS E 198 -4.74 -33.07 20.29
CA CYS E 198 -5.43 -34.13 21.00
C CYS E 198 -5.25 -35.45 20.26
N LYS E 199 -4.11 -36.09 20.49
CA LYS E 199 -3.89 -37.40 19.88
C LYS E 199 -4.80 -38.40 20.57
N ASP E 200 -5.91 -38.71 19.93
CA ASP E 200 -6.96 -39.53 20.53
C ASP E 200 -7.92 -39.95 19.42
N LYS E 201 -8.32 -41.21 19.43
CA LYS E 201 -9.04 -41.74 18.28
C LYS E 201 -10.50 -41.30 18.27
N LYS E 202 -11.23 -41.57 19.35
CA LYS E 202 -12.67 -41.33 19.36
C LYS E 202 -12.99 -39.99 20.00
N PHE E 203 -12.51 -38.92 19.38
CA PHE E 203 -12.63 -37.57 19.92
C PHE E 203 -13.65 -36.82 19.10
N ASN E 204 -14.86 -36.67 19.63
CA ASN E 204 -15.94 -36.10 18.84
C ASN E 204 -15.87 -34.59 18.71
N GLY E 205 -14.84 -33.96 19.26
CA GLY E 205 -14.62 -32.55 18.99
C GLY E 205 -14.55 -31.66 20.21
N THR E 206 -15.36 -31.92 21.21
CA THR E 206 -15.37 -31.14 22.43
C THR E 206 -15.03 -32.04 23.61
N GLY E 207 -15.16 -31.51 24.82
CA GLY E 207 -14.93 -32.28 26.01
C GLY E 207 -13.47 -32.59 26.23
N PRO E 208 -13.16 -33.28 27.32
CA PRO E 208 -11.75 -33.56 27.64
C PRO E 208 -11.13 -34.54 26.67
N CYS E 209 -9.80 -34.52 26.63
CA CYS E 209 -9.03 -35.40 25.76
C CYS E 209 -7.97 -36.10 26.59
N PRO E 210 -8.19 -37.34 27.00
CA PRO E 210 -7.31 -37.98 27.99
C PRO E 210 -5.89 -38.23 27.52
N SER E 211 -5.51 -37.81 26.30
CA SER E 211 -4.12 -37.96 25.87
C SER E 211 -3.80 -36.79 24.95
N VAL E 212 -3.14 -35.78 25.49
CA VAL E 212 -2.76 -34.59 24.75
C VAL E 212 -1.25 -34.65 24.51
N SER E 213 -0.79 -33.89 23.53
CA SER E 213 0.63 -33.77 23.26
C SER E 213 0.94 -32.35 22.83
N THR E 214 2.22 -32.01 22.87
CA THR E 214 2.70 -30.69 22.50
C THR E 214 3.41 -30.77 21.16
N VAL E 215 3.24 -29.73 20.35
CA VAL E 215 3.92 -29.65 19.06
C VAL E 215 4.17 -28.18 18.76
N GLN E 216 5.26 -27.92 18.04
CA GLN E 216 5.56 -26.55 17.65
C GLN E 216 4.81 -26.14 16.39
N CYS E 217 4.70 -27.05 15.41
CA CYS E 217 4.05 -26.75 14.15
C CYS E 217 3.03 -27.83 13.83
N THR E 218 1.82 -27.42 13.50
CA THR E 218 0.79 -28.36 13.08
C THR E 218 1.20 -29.03 11.77
N HIS E 219 0.55 -30.15 11.47
CA HIS E 219 0.90 -30.90 10.27
C HIS E 219 0.50 -30.12 9.02
N GLY E 220 0.80 -30.70 7.86
CA GLY E 220 0.48 -30.05 6.61
C GLY E 220 -1.01 -29.89 6.36
N ILE E 221 -1.52 -28.67 6.49
CA ILE E 221 -2.93 -28.39 6.26
C ILE E 221 -3.03 -27.73 4.90
N LYS E 222 -3.18 -28.52 3.86
CA LYS E 222 -3.29 -27.95 2.52
C LYS E 222 -4.65 -27.29 2.36
N PRO E 223 -4.71 -26.01 2.05
CA PRO E 223 -6.02 -25.36 1.92
C PRO E 223 -6.70 -25.68 0.59
N VAL E 224 -7.67 -26.56 0.62
CA VAL E 224 -8.49 -26.83 -0.55
C VAL E 224 -9.81 -26.10 -0.34
N VAL E 225 -10.41 -25.65 -1.42
CA VAL E 225 -11.66 -24.92 -1.37
C VAL E 225 -12.68 -25.73 -2.16
N SER E 226 -13.35 -26.65 -1.48
CA SER E 226 -14.47 -27.39 -2.00
C SER E 226 -15.74 -26.90 -1.32
N THR E 227 -16.88 -27.43 -1.75
CA THR E 227 -18.14 -26.93 -1.25
C THR E 227 -18.86 -27.92 -0.36
N GLN E 228 -19.18 -29.11 -0.85
CA GLN E 228 -19.94 -30.03 -0.03
C GLN E 228 -19.31 -31.42 0.06
N LEU E 229 -18.07 -31.57 -0.36
CA LEU E 229 -17.33 -32.82 -0.24
C LEU E 229 -15.89 -32.45 0.09
N LEU E 230 -15.48 -32.66 1.32
CA LEU E 230 -14.12 -32.33 1.70
C LEU E 230 -13.15 -33.23 0.95
N LEU E 231 -12.18 -32.62 0.26
CA LEU E 231 -11.28 -33.35 -0.62
C LEU E 231 -9.86 -33.29 -0.09
N ASN E 232 -9.10 -34.35 -0.38
CA ASN E 232 -7.67 -34.42 -0.06
C ASN E 232 -7.41 -34.15 1.42
N GLY E 233 -8.35 -34.50 2.28
CA GLY E 233 -8.21 -34.24 3.70
C GLY E 233 -7.39 -35.30 4.40
N SER E 234 -7.56 -35.36 5.72
CA SER E 234 -6.89 -36.34 6.57
C SER E 234 -7.95 -37.25 7.16
N LEU E 235 -7.79 -38.55 6.97
CA LEU E 235 -8.81 -39.51 7.38
C LEU E 235 -8.76 -39.74 8.88
N ALA E 236 -9.88 -40.25 9.41
CA ALA E 236 -9.92 -40.64 10.80
C ALA E 236 -9.11 -41.90 11.03
N GLU E 237 -8.95 -42.28 12.29
CA GLU E 237 -8.05 -43.37 12.62
C GLU E 237 -8.72 -44.73 12.54
N GLU E 238 -9.89 -44.88 13.14
CA GLU E 238 -10.48 -46.20 13.14
C GLU E 238 -11.92 -46.23 12.67
N GLU E 239 -12.72 -45.20 12.96
CA GLU E 239 -14.13 -45.23 12.60
C GLU E 239 -14.54 -43.88 12.00
N VAL E 240 -15.64 -43.91 11.26
CA VAL E 240 -16.17 -42.72 10.59
C VAL E 240 -16.74 -41.82 11.67
N MET E 241 -16.02 -40.74 11.98
CA MET E 241 -16.39 -39.89 13.11
C MET E 241 -17.29 -38.76 12.64
N ILE E 242 -18.47 -38.66 13.26
CA ILE E 242 -19.43 -37.62 12.96
C ILE E 242 -19.33 -36.55 14.02
N ARG E 243 -19.28 -35.29 13.60
CA ARG E 243 -19.09 -34.18 14.52
C ARG E 243 -20.07 -33.07 14.22
N SER E 244 -20.51 -32.38 15.25
CA SER E 244 -21.41 -31.24 15.10
C SER E 244 -21.43 -30.47 16.40
N GLU E 245 -21.96 -29.25 16.35
CA GLU E 245 -22.08 -28.44 17.56
C GLU E 245 -23.04 -29.08 18.55
N ASN E 246 -24.32 -29.16 18.19
CA ASN E 246 -25.29 -30.01 18.87
C ASN E 246 -26.02 -30.79 17.79
N ILE E 247 -25.76 -32.10 17.73
CA ILE E 247 -26.32 -32.91 16.65
C ILE E 247 -27.84 -32.88 16.68
N THR E 248 -28.42 -32.65 17.85
CA THR E 248 -29.88 -32.52 17.95
C THR E 248 -30.40 -31.30 17.21
N ASN E 249 -29.57 -30.29 16.98
CA ASN E 249 -30.00 -29.12 16.25
C ASN E 249 -29.89 -29.38 14.75
N ASN E 250 -30.85 -28.84 14.00
CA ASN E 250 -30.86 -28.98 12.55
C ASN E 250 -30.51 -27.68 11.85
N ALA E 251 -29.79 -26.79 12.53
CA ALA E 251 -29.25 -25.58 11.90
C ALA E 251 -27.73 -25.56 11.95
N LYS E 252 -27.10 -26.68 12.30
CA LYS E 252 -25.66 -26.79 12.35
C LYS E 252 -25.22 -27.95 11.47
N ASN E 253 -24.24 -27.70 10.61
CA ASN E 253 -23.74 -28.74 9.71
C ASN E 253 -23.16 -29.90 10.51
N ILE E 254 -22.96 -31.02 9.83
CA ILE E 254 -22.49 -32.24 10.44
C ILE E 254 -21.26 -32.69 9.68
N LEU E 255 -20.07 -32.33 10.18
CA LEU E 255 -18.83 -32.56 9.46
C LEU E 255 -18.43 -34.02 9.57
N VAL E 256 -19.00 -34.86 8.70
CA VAL E 256 -18.63 -36.26 8.68
C VAL E 256 -17.20 -36.38 8.16
N GLN E 257 -16.46 -37.35 8.69
CA GLN E 257 -15.09 -37.60 8.26
C GLN E 257 -14.90 -39.10 8.06
N PHE E 258 -14.45 -39.48 6.87
CA PHE E 258 -14.31 -40.91 6.59
C PHE E 258 -13.05 -41.45 7.23
N ASN E 259 -12.91 -42.77 7.18
CA ASN E 259 -11.67 -43.44 7.57
C ASN E 259 -10.97 -44.13 6.42
N THR E 260 -11.63 -44.28 5.27
CA THR E 260 -11.03 -44.73 4.03
C THR E 260 -11.45 -43.78 2.92
N PRO E 261 -10.52 -43.35 2.09
CA PRO E 261 -10.85 -42.33 1.09
C PRO E 261 -11.61 -42.92 -0.09
N VAL E 262 -12.58 -42.16 -0.56
CA VAL E 262 -13.34 -42.52 -1.74
C VAL E 262 -12.73 -41.75 -2.91
N GLN E 263 -12.07 -42.46 -3.81
CA GLN E 263 -11.36 -41.84 -4.90
C GLN E 263 -12.34 -41.30 -5.93
N ILE E 264 -12.16 -40.04 -6.33
CA ILE E 264 -13.04 -39.39 -7.29
C ILE E 264 -12.18 -38.86 -8.43
N ASN E 265 -12.57 -39.18 -9.66
CA ASN E 265 -11.82 -38.82 -10.86
C ASN E 265 -12.59 -37.76 -11.62
N CYS E 266 -12.08 -36.54 -11.63
CA CYS E 266 -12.72 -35.43 -12.33
C CYS E 266 -11.91 -35.06 -13.54
N THR E 267 -12.59 -34.82 -14.66
CA THR E 267 -11.92 -34.56 -15.92
C THR E 267 -12.70 -33.55 -16.73
N ARG E 268 -11.99 -32.84 -17.61
CA ARG E 268 -12.60 -31.96 -18.60
C ARG E 268 -12.06 -32.37 -19.95
N PRO E 269 -12.84 -33.02 -20.80
CA PRO E 269 -12.28 -33.70 -21.97
C PRO E 269 -12.05 -32.85 -23.20
N ASN E 270 -12.56 -31.62 -23.25
CA ASN E 270 -12.26 -30.76 -24.38
C ASN E 270 -10.80 -30.34 -24.34
N ASN E 271 -10.24 -30.07 -25.51
CA ASN E 271 -8.88 -29.58 -25.61
C ASN E 271 -8.91 -28.11 -26.05
N ASN E 272 -8.79 -27.21 -25.09
CA ASN E 272 -8.87 -25.78 -25.37
C ASN E 272 -7.60 -25.31 -26.08
N THR E 273 -7.56 -24.01 -26.35
CA THR E 273 -6.41 -23.41 -27.01
C THR E 273 -6.43 -21.92 -26.67
N ARG E 274 -5.47 -21.48 -25.86
CA ARG E 274 -5.46 -20.09 -25.44
C ARG E 274 -5.16 -19.17 -26.63
N LYS E 275 -5.41 -17.88 -26.41
CA LYS E 275 -5.12 -16.85 -27.40
C LYS E 275 -5.10 -15.54 -26.64
N SER E 276 -3.92 -14.95 -26.47
CA SER E 276 -3.81 -13.75 -25.66
C SER E 276 -4.23 -12.52 -26.46
N ILE E 277 -5.13 -11.74 -25.89
CA ILE E 277 -5.65 -10.52 -26.52
C ILE E 277 -5.14 -9.33 -25.73
N ARG E 278 -4.62 -8.32 -26.44
CA ARG E 278 -4.05 -7.14 -25.81
C ARG E 278 -5.13 -6.08 -25.66
N ILE E 279 -5.43 -5.71 -24.42
CA ILE E 279 -6.52 -4.79 -24.11
C ILE E 279 -6.03 -3.43 -23.65
N GLY E 280 -4.71 -3.22 -23.60
CA GLY E 280 -4.18 -1.96 -23.18
C GLY E 280 -2.68 -1.89 -23.40
N PRO E 281 -2.03 -0.89 -22.85
CA PRO E 281 -0.57 -0.82 -22.97
C PRO E 281 0.09 -1.80 -22.04
N GLY E 282 0.66 -2.87 -22.60
CA GLY E 282 1.36 -3.85 -21.81
C GLY E 282 0.51 -4.53 -20.77
N GLN E 283 -0.62 -5.08 -21.20
CA GLN E 283 -1.42 -5.97 -20.36
C GLN E 283 -2.36 -6.75 -21.27
N ALA E 284 -2.34 -8.07 -21.14
CA ALA E 284 -3.04 -8.96 -22.06
C ALA E 284 -4.19 -9.66 -21.34
N PHE E 285 -5.15 -10.11 -22.14
CA PHE E 285 -6.31 -10.86 -21.65
C PHE E 285 -6.31 -12.21 -22.36
N TYR E 286 -6.06 -13.27 -21.60
CA TYR E 286 -5.89 -14.60 -22.16
C TYR E 286 -7.24 -15.23 -22.44
N ALA E 287 -7.63 -15.24 -23.70
CA ALA E 287 -8.93 -15.76 -24.11
C ALA E 287 -8.80 -17.24 -24.44
N THR E 288 -9.83 -17.80 -25.06
CA THR E 288 -9.82 -19.16 -25.56
C THR E 288 -10.15 -19.11 -27.04
N GLY E 289 -9.18 -19.39 -27.87
CA GLY E 289 -9.35 -19.19 -29.29
C GLY E 289 -10.18 -20.26 -29.95
N ASP E 290 -9.89 -21.52 -29.64
CA ASP E 290 -10.51 -22.61 -30.37
C ASP E 290 -10.50 -23.86 -29.50
N ILE E 291 -11.48 -24.72 -29.75
CA ILE E 291 -11.55 -26.04 -29.12
C ILE E 291 -11.22 -27.05 -30.19
N ILE E 292 -10.11 -27.77 -30.00
CA ILE E 292 -9.64 -28.73 -30.98
C ILE E 292 -10.34 -30.06 -30.75
N GLY E 293 -11.04 -30.54 -31.77
CA GLY E 293 -11.70 -31.82 -31.65
C GLY E 293 -13.19 -31.69 -31.52
N ASP E 294 -13.83 -32.62 -30.83
CA ASP E 294 -15.24 -32.56 -30.54
C ASP E 294 -15.44 -32.21 -29.07
N ILE E 295 -16.49 -31.47 -28.78
CA ILE E 295 -16.73 -30.94 -27.44
C ILE E 295 -17.52 -31.96 -26.65
N ARG E 296 -17.10 -32.17 -25.40
CA ARG E 296 -17.63 -33.22 -24.56
C ARG E 296 -17.76 -32.71 -23.13
N GLN E 297 -18.84 -33.09 -22.46
CA GLN E 297 -19.12 -32.55 -21.14
C GLN E 297 -18.11 -33.03 -20.11
N ALA E 298 -17.76 -32.15 -19.19
CA ALA E 298 -16.95 -32.54 -18.04
C ALA E 298 -17.75 -33.47 -17.14
N HIS E 299 -17.06 -34.14 -16.23
CA HIS E 299 -17.75 -35.03 -15.29
C HIS E 299 -16.76 -35.44 -14.20
N CYS E 300 -17.25 -36.24 -13.26
CA CYS E 300 -16.45 -36.87 -12.22
C CYS E 300 -17.00 -38.27 -11.98
N ASN E 301 -16.12 -39.20 -11.65
CA ASN E 301 -16.53 -40.58 -11.42
C ASN E 301 -16.20 -40.99 -9.99
N VAL E 302 -17.19 -41.54 -9.30
CA VAL E 302 -17.03 -42.07 -7.95
C VAL E 302 -17.52 -43.50 -7.97
N SER E 303 -16.63 -44.45 -7.65
CA SER E 303 -16.97 -45.85 -7.79
C SER E 303 -18.17 -46.21 -6.92
N LYS E 304 -19.20 -46.78 -7.54
CA LYS E 304 -20.46 -46.99 -6.84
C LYS E 304 -20.32 -47.96 -5.69
N ALA E 305 -19.45 -48.96 -5.83
CA ALA E 305 -19.26 -49.92 -4.74
C ALA E 305 -18.66 -49.25 -3.51
N THR E 306 -17.49 -48.65 -3.67
CA THR E 306 -16.81 -48.01 -2.56
C THR E 306 -17.44 -46.70 -2.14
N TRP E 307 -18.46 -46.22 -2.84
CA TRP E 307 -19.22 -45.10 -2.33
C TRP E 307 -20.42 -45.57 -1.53
N ASN E 308 -21.14 -46.57 -2.04
CA ASN E 308 -22.26 -47.12 -1.29
C ASN E 308 -21.78 -47.73 0.03
N GLU E 309 -20.58 -48.30 0.05
CA GLU E 309 -20.06 -48.88 1.28
C GLU E 309 -19.76 -47.81 2.32
N THR E 310 -19.17 -46.69 1.90
CA THR E 310 -18.91 -45.61 2.86
C THR E 310 -20.20 -44.92 3.28
N LEU E 311 -21.21 -44.89 2.41
CA LEU E 311 -22.50 -44.40 2.87
C LEU E 311 -23.10 -45.33 3.91
N GLY E 312 -22.90 -46.63 3.75
CA GLY E 312 -23.33 -47.56 4.78
C GLY E 312 -22.63 -47.32 6.10
N LYS E 313 -21.31 -47.11 6.05
CA LYS E 313 -20.57 -46.81 7.28
C LYS E 313 -21.11 -45.54 7.94
N VAL E 314 -21.33 -44.48 7.15
CA VAL E 314 -21.82 -43.24 7.72
C VAL E 314 -23.19 -43.43 8.34
N VAL E 315 -24.09 -44.13 7.64
CA VAL E 315 -25.43 -44.29 8.18
C VAL E 315 -25.41 -45.16 9.42
N LYS E 316 -24.41 -46.04 9.54
CA LYS E 316 -24.28 -46.80 10.77
C LYS E 316 -23.84 -45.92 11.91
N GLN E 317 -22.89 -45.02 11.66
CA GLN E 317 -22.45 -44.10 12.72
C GLN E 317 -23.46 -42.98 12.99
N LEU E 318 -24.44 -42.78 12.12
CA LEU E 318 -25.46 -41.77 12.34
C LEU E 318 -26.64 -42.30 13.14
N ARG E 319 -26.67 -43.59 13.44
CA ARG E 319 -27.71 -44.14 14.28
C ARG E 319 -27.31 -44.17 15.74
N LYS E 320 -26.02 -44.05 16.05
CA LYS E 320 -25.60 -43.88 17.44
C LYS E 320 -26.10 -42.59 18.03
N HIS E 321 -26.58 -41.66 17.20
CA HIS E 321 -27.16 -40.41 17.66
C HIS E 321 -28.63 -40.27 17.31
N PHE E 322 -29.23 -41.26 16.65
CA PHE E 322 -30.62 -41.11 16.22
C PHE E 322 -31.46 -42.37 16.37
N GLY E 323 -30.99 -43.40 17.06
CA GLY E 323 -31.79 -44.59 17.27
C GLY E 323 -31.66 -45.62 16.16
N ASN E 324 -31.62 -46.89 16.53
CA ASN E 324 -31.33 -47.94 15.56
C ASN E 324 -32.47 -48.17 14.58
N ASN E 325 -33.70 -47.92 15.00
CA ASN E 325 -34.86 -48.09 14.13
C ASN E 325 -35.26 -46.74 13.52
N THR E 326 -34.34 -46.14 12.80
CA THR E 326 -34.53 -44.81 12.22
C THR E 326 -34.24 -44.87 10.73
N ILE E 327 -35.20 -44.46 9.92
CA ILE E 327 -35.00 -44.39 8.48
C ILE E 327 -34.15 -43.17 8.19
N ILE E 328 -32.94 -43.39 7.70
CA ILE E 328 -32.01 -42.33 7.35
C ILE E 328 -31.87 -42.33 5.84
N ARG E 329 -32.36 -41.27 5.20
CA ARG E 329 -32.29 -41.16 3.76
C ARG E 329 -31.56 -39.88 3.41
N PHE E 330 -30.82 -39.91 2.31
CA PHE E 330 -30.11 -38.75 1.82
C PHE E 330 -30.88 -38.15 0.65
N ALA E 331 -30.72 -36.85 0.45
CA ALA E 331 -31.34 -36.17 -0.66
C ALA E 331 -30.31 -35.25 -1.29
N ASN E 332 -30.63 -34.74 -2.47
CA ASN E 332 -29.72 -33.81 -3.10
C ASN E 332 -29.97 -32.42 -2.55
N SER E 333 -29.11 -31.47 -2.94
CA SER E 333 -29.06 -30.19 -2.27
C SER E 333 -30.39 -29.46 -2.32
N SER E 334 -30.54 -28.49 -1.43
CA SER E 334 -31.83 -27.82 -1.25
C SER E 334 -32.08 -26.80 -2.35
N GLY E 335 -31.17 -25.85 -2.51
CA GLY E 335 -31.34 -24.81 -3.51
C GLY E 335 -30.53 -23.58 -3.14
N GLY E 336 -30.51 -22.63 -4.07
CA GLY E 336 -29.78 -21.40 -3.85
C GLY E 336 -28.80 -21.08 -4.96
N ASP E 337 -27.65 -20.52 -4.60
CA ASP E 337 -26.63 -20.20 -5.58
C ASP E 337 -26.01 -21.46 -6.16
N LEU E 338 -25.24 -21.29 -7.23
CA LEU E 338 -24.62 -22.45 -7.87
C LEU E 338 -23.46 -22.98 -7.05
N GLU E 339 -22.85 -22.16 -6.21
CA GLU E 339 -21.70 -22.57 -5.43
C GLU E 339 -22.07 -23.21 -4.10
N VAL E 340 -23.36 -23.39 -3.83
CA VAL E 340 -23.78 -24.04 -2.60
C VAL E 340 -24.61 -25.30 -2.85
N THR E 341 -25.29 -25.41 -3.98
CA THR E 341 -26.05 -26.60 -4.32
C THR E 341 -25.22 -27.58 -5.13
N THR E 342 -23.93 -27.36 -5.22
CA THR E 342 -23.10 -28.07 -6.17
C THR E 342 -21.68 -28.21 -5.62
N HIS E 343 -21.07 -29.34 -5.91
CA HIS E 343 -19.74 -29.65 -5.40
C HIS E 343 -18.66 -28.86 -6.13
N SER E 344 -18.53 -27.58 -5.81
CA SER E 344 -17.55 -26.75 -6.51
C SER E 344 -16.15 -27.07 -6.01
N PHE E 345 -15.18 -26.95 -6.91
CA PHE E 345 -13.76 -27.06 -6.57
C PHE E 345 -12.96 -26.61 -7.77
N ASN E 346 -11.64 -26.64 -7.64
CA ASN E 346 -10.75 -26.31 -8.74
C ASN E 346 -9.79 -27.47 -8.95
N CYS E 347 -9.57 -27.81 -10.22
CA CYS E 347 -8.86 -29.03 -10.59
C CYS E 347 -7.78 -28.65 -11.61
N GLY E 348 -6.60 -28.33 -11.12
CA GLY E 348 -5.55 -27.89 -12.00
C GLY E 348 -5.71 -26.49 -12.54
N GLY E 349 -6.50 -25.66 -11.87
CA GLY E 349 -6.71 -24.30 -12.30
C GLY E 349 -8.00 -24.04 -13.04
N GLU E 350 -8.88 -25.03 -13.14
CA GLU E 350 -10.18 -24.87 -13.78
C GLU E 350 -11.25 -25.19 -12.75
N PHE E 351 -12.20 -24.29 -12.58
CA PHE E 351 -13.15 -24.37 -11.47
C PHE E 351 -14.38 -25.14 -11.92
N PHE E 352 -14.53 -26.36 -11.42
CA PHE E 352 -15.65 -27.22 -11.76
C PHE E 352 -16.80 -26.97 -10.81
N TYR E 353 -18.02 -27.20 -11.29
CA TYR E 353 -19.23 -27.11 -10.47
C TYR E 353 -20.05 -28.36 -10.71
N CYS E 354 -19.78 -29.41 -9.95
CA CYS E 354 -20.36 -30.71 -10.24
C CYS E 354 -21.70 -30.89 -9.54
N ASN E 355 -22.50 -31.79 -10.07
CA ASN E 355 -23.88 -31.97 -9.64
C ASN E 355 -23.96 -33.28 -8.85
N THR E 356 -23.89 -33.18 -7.52
CA THR E 356 -23.81 -34.33 -6.63
C THR E 356 -25.15 -34.97 -6.35
N SER E 357 -26.16 -34.69 -7.17
CA SER E 357 -27.45 -35.29 -6.94
C SER E 357 -27.48 -36.79 -7.21
N GLY E 358 -26.35 -37.40 -7.52
CA GLY E 358 -26.33 -38.82 -7.78
C GLY E 358 -25.69 -39.60 -6.66
N LEU E 359 -24.84 -38.93 -5.88
CA LEU E 359 -24.27 -39.55 -4.70
C LEU E 359 -25.26 -39.53 -3.55
N PHE E 360 -25.92 -38.40 -3.35
CA PHE E 360 -26.87 -38.21 -2.25
C PHE E 360 -28.28 -38.49 -2.74
N ASN E 361 -28.55 -39.77 -2.96
CA ASN E 361 -29.88 -40.22 -3.37
C ASN E 361 -30.02 -41.67 -2.95
N SER E 362 -30.68 -41.90 -1.81
CA SER E 362 -30.86 -43.24 -1.26
C SER E 362 -31.71 -43.14 0.00
N THR E 363 -32.22 -44.29 0.43
CA THR E 363 -32.97 -44.40 1.67
C THR E 363 -32.53 -45.66 2.39
N TRP E 364 -32.14 -45.53 3.65
CA TRP E 364 -31.55 -46.61 4.41
C TRP E 364 -32.48 -47.04 5.54
N ILE E 365 -32.72 -48.35 5.62
CA ILE E 365 -33.57 -48.93 6.64
C ILE E 365 -32.77 -49.96 7.41
N SER E 366 -33.17 -50.17 8.67
CA SER E 366 -32.48 -51.13 9.52
C SER E 366 -32.68 -52.55 8.99
N ASN E 367 -31.64 -53.10 8.38
CA ASN E 367 -31.72 -54.41 7.74
C ASN E 367 -30.73 -55.40 8.35
N SER E 378 -21.04 -54.01 -9.66
CA SER E 378 -19.61 -53.81 -9.42
C SER E 378 -18.92 -53.26 -10.67
N ASN E 379 -17.81 -52.57 -10.45
CA ASN E 379 -17.02 -51.90 -11.49
C ASN E 379 -17.78 -50.80 -12.21
N ASP E 380 -18.95 -50.42 -11.72
CA ASP E 380 -19.69 -49.29 -12.24
C ASP E 380 -19.41 -48.05 -11.40
N SER E 381 -19.49 -46.89 -12.04
CA SER E 381 -19.19 -45.62 -11.40
C SER E 381 -20.34 -44.65 -11.61
N ILE E 382 -20.32 -43.60 -10.80
CA ILE E 382 -21.42 -42.64 -10.76
C ILE E 382 -20.97 -41.35 -11.43
N THR E 383 -21.25 -41.22 -12.73
CA THR E 383 -20.79 -40.07 -13.49
C THR E 383 -21.64 -38.86 -13.15
N LEU E 384 -21.09 -37.94 -12.34
CA LEU E 384 -21.85 -36.72 -12.09
C LEU E 384 -21.42 -35.63 -13.06
N PRO E 385 -22.35 -34.95 -13.69
CA PRO E 385 -21.97 -33.97 -14.70
C PRO E 385 -21.63 -32.62 -14.12
N CYS E 386 -20.47 -32.08 -14.48
CA CYS E 386 -20.00 -30.81 -13.96
C CYS E 386 -20.15 -29.71 -14.99
N ARG E 387 -20.32 -28.50 -14.49
CA ARG E 387 -20.21 -27.28 -15.28
C ARG E 387 -18.87 -26.63 -14.98
N ILE E 388 -18.53 -25.62 -15.77
CA ILE E 388 -17.27 -24.91 -15.59
C ILE E 388 -17.53 -23.43 -15.73
N LYS E 389 -16.96 -22.63 -14.83
CA LYS E 389 -17.04 -21.19 -14.90
C LYS E 389 -15.64 -20.60 -14.96
N GLN E 390 -15.56 -19.39 -15.46
CA GLN E 390 -14.32 -18.63 -15.42
C GLN E 390 -14.44 -17.38 -14.57
N ILE E 391 -15.64 -16.85 -14.40
CA ILE E 391 -15.88 -15.71 -13.52
C ILE E 391 -16.31 -16.28 -12.17
N ILE E 392 -15.42 -16.23 -11.18
CA ILE E 392 -15.68 -16.88 -9.92
C ILE E 392 -15.74 -15.86 -8.80
N ASN E 393 -16.49 -16.19 -7.76
CA ASN E 393 -16.69 -15.34 -6.58
C ASN E 393 -16.31 -16.18 -5.37
N MET E 394 -15.04 -16.15 -5.00
CA MET E 394 -14.61 -16.90 -3.83
C MET E 394 -15.00 -16.14 -2.57
N TRP E 395 -15.21 -16.88 -1.49
CA TRP E 395 -15.52 -16.36 -0.16
C TRP E 395 -16.81 -15.56 -0.11
N GLN E 396 -17.58 -15.53 -1.21
CA GLN E 396 -18.89 -14.90 -1.25
C GLN E 396 -18.83 -13.44 -0.81
N ARG E 397 -18.03 -12.66 -1.53
CA ARG E 397 -17.99 -11.22 -1.32
C ARG E 397 -18.77 -10.51 -2.41
N ILE E 398 -19.17 -9.27 -2.14
CA ILE E 398 -20.02 -8.53 -3.06
C ILE E 398 -19.20 -7.92 -4.17
N GLY E 399 -18.26 -7.05 -3.80
CA GLY E 399 -17.52 -6.30 -4.80
C GLY E 399 -16.23 -6.96 -5.22
N GLN E 400 -16.21 -8.28 -5.34
CA GLN E 400 -15.00 -8.98 -5.71
C GLN E 400 -15.35 -10.16 -6.58
N CYS E 401 -14.83 -10.16 -7.81
CA CYS E 401 -14.85 -11.38 -8.62
C CYS E 401 -13.44 -11.67 -9.07
N MET E 402 -13.26 -12.69 -9.92
CA MET E 402 -11.93 -13.04 -10.38
C MET E 402 -11.97 -13.91 -11.62
N TYR E 403 -11.56 -13.37 -12.77
CA TYR E 403 -11.49 -14.18 -13.98
C TYR E 403 -10.36 -15.18 -13.88
N ALA E 404 -10.67 -16.45 -14.07
CA ALA E 404 -9.63 -17.47 -14.09
C ALA E 404 -9.20 -17.72 -15.53
N PRO E 405 -7.92 -17.58 -15.87
CA PRO E 405 -7.50 -17.75 -17.25
C PRO E 405 -7.72 -19.17 -17.73
N PRO E 406 -7.82 -19.39 -19.02
CA PRO E 406 -8.05 -20.75 -19.52
C PRO E 406 -6.87 -21.65 -19.22
N ILE E 407 -7.13 -22.94 -19.25
CA ILE E 407 -6.10 -23.96 -19.11
C ILE E 407 -6.13 -24.81 -20.36
N GLN E 408 -4.96 -25.08 -20.92
CA GLN E 408 -4.87 -25.82 -22.17
C GLN E 408 -4.75 -27.31 -21.89
N GLY E 409 -5.23 -28.11 -22.82
CA GLY E 409 -5.12 -29.54 -22.71
C GLY E 409 -6.25 -30.15 -21.90
N VAL E 410 -6.37 -31.47 -22.01
CA VAL E 410 -7.33 -32.20 -21.20
C VAL E 410 -6.89 -32.15 -19.75
N ILE E 411 -7.80 -31.74 -18.88
CA ILE E 411 -7.52 -31.65 -17.45
C ILE E 411 -8.02 -32.90 -16.77
N ARG E 412 -7.24 -33.41 -15.83
CA ARG E 412 -7.63 -34.62 -15.10
C ARG E 412 -6.95 -34.62 -13.75
N CYS E 413 -7.76 -34.67 -12.69
CA CYS E 413 -7.25 -34.74 -11.33
C CYS E 413 -7.88 -35.92 -10.63
N VAL E 414 -7.12 -36.52 -9.72
CA VAL E 414 -7.56 -37.67 -8.95
C VAL E 414 -7.50 -37.30 -7.48
N SER E 415 -8.66 -37.22 -6.83
CA SER E 415 -8.75 -36.71 -5.48
C SER E 415 -9.21 -37.80 -4.53
N ASN E 416 -9.26 -37.45 -3.25
CA ASN E 416 -9.80 -38.29 -2.20
C ASN E 416 -10.98 -37.57 -1.56
N ILE E 417 -12.17 -38.16 -1.65
CA ILE E 417 -13.26 -37.63 -0.84
C ILE E 417 -13.02 -38.09 0.59
N THR E 418 -12.70 -37.16 1.48
CA THR E 418 -12.39 -37.49 2.86
C THR E 418 -13.56 -37.28 3.80
N GLY E 419 -14.33 -36.22 3.62
CA GLY E 419 -15.47 -35.95 4.47
C GLY E 419 -16.62 -35.38 3.68
N LEU E 420 -17.71 -35.13 4.39
CA LEU E 420 -18.89 -34.49 3.84
C LEU E 420 -19.25 -33.32 4.72
N ILE E 421 -20.18 -32.51 4.26
CA ILE E 421 -20.77 -31.44 5.07
C ILE E 421 -22.28 -31.57 4.91
N LEU E 422 -22.91 -32.34 5.77
CA LEU E 422 -24.34 -32.60 5.69
C LEU E 422 -25.12 -31.57 6.50
N THR E 423 -26.43 -31.56 6.29
CA THR E 423 -27.34 -30.71 7.05
C THR E 423 -28.62 -31.48 7.26
N ARG E 424 -29.03 -31.65 8.51
CA ARG E 424 -30.26 -32.36 8.82
C ARG E 424 -31.45 -31.54 8.32
N ASP E 425 -32.65 -32.07 8.53
CA ASP E 425 -33.87 -31.38 8.14
C ASP E 425 -34.80 -31.25 9.34
N GLY E 426 -35.52 -30.13 9.37
CA GLY E 426 -36.37 -29.79 10.50
C GLY E 426 -37.66 -30.58 10.58
N GLY E 427 -37.67 -31.78 10.01
CA GLY E 427 -38.84 -32.64 10.04
C GLY E 427 -39.38 -32.87 11.43
N SER E 428 -40.59 -32.36 11.68
CA SER E 428 -41.20 -32.41 13.00
C SER E 428 -42.02 -33.69 13.14
N THR E 429 -42.85 -33.75 14.18
CA THR E 429 -43.70 -34.89 14.53
C THR E 429 -42.90 -36.14 14.84
N ASN E 430 -41.58 -36.04 14.98
CA ASN E 430 -40.71 -37.16 15.29
C ASN E 430 -40.94 -38.33 14.32
N SER E 431 -40.99 -37.99 13.03
CA SER E 431 -41.08 -39.03 12.01
C SER E 431 -39.82 -39.89 12.05
N THR E 432 -40.01 -41.19 11.82
CA THR E 432 -38.88 -42.11 11.83
C THR E 432 -37.89 -41.83 10.70
N THR E 433 -38.24 -40.98 9.75
CA THR E 433 -37.38 -40.66 8.62
C THR E 433 -36.55 -39.41 8.92
N GLU E 434 -35.30 -39.42 8.46
CA GLU E 434 -34.40 -38.28 8.57
C GLU E 434 -33.71 -38.09 7.23
N THR E 435 -33.88 -36.92 6.62
CA THR E 435 -33.21 -36.58 5.38
C THR E 435 -31.96 -35.77 5.67
N PHE E 436 -30.85 -36.14 5.03
CA PHE E 436 -29.58 -35.44 5.16
C PHE E 436 -29.20 -34.91 3.79
N ARG E 437 -29.41 -33.64 3.57
CA ARG E 437 -29.01 -33.10 2.29
C ARG E 437 -27.74 -32.27 2.43
N PRO E 438 -26.75 -32.48 1.57
CA PRO E 438 -25.47 -31.79 1.74
C PRO E 438 -25.61 -30.29 1.57
N GLY E 439 -24.64 -29.57 2.10
CA GLY E 439 -24.65 -28.13 2.01
C GLY E 439 -23.33 -27.53 2.43
N GLY E 440 -22.81 -26.59 1.66
CA GLY E 440 -21.54 -25.98 1.99
C GLY E 440 -21.72 -24.59 2.57
N GLY E 441 -21.06 -23.61 1.96
CA GLY E 441 -21.21 -22.24 2.40
C GLY E 441 -19.91 -21.63 2.89
N ASP E 442 -19.87 -21.26 4.17
CA ASP E 442 -18.65 -20.71 4.74
C ASP E 442 -17.53 -21.72 4.63
N MET E 443 -16.39 -21.28 4.10
CA MET E 443 -15.27 -22.19 3.92
C MET E 443 -14.64 -22.62 5.24
N ARG E 444 -15.07 -22.04 6.36
CA ARG E 444 -14.40 -22.30 7.62
C ARG E 444 -14.47 -23.77 8.00
N ASP E 445 -15.55 -24.45 7.62
CA ASP E 445 -15.69 -25.86 7.96
C ASP E 445 -14.61 -26.70 7.31
N ASN E 446 -14.11 -26.29 6.14
CA ASN E 446 -13.04 -27.02 5.49
C ASN E 446 -11.80 -27.05 6.37
N TRP E 447 -11.38 -25.90 6.89
CA TRP E 447 -10.26 -25.89 7.82
C TRP E 447 -10.62 -26.59 9.12
N ARG E 448 -11.81 -26.33 9.64
CA ARG E 448 -12.23 -26.89 10.92
C ARG E 448 -12.22 -28.40 10.90
N SER E 449 -12.32 -29.02 9.73
CA SER E 449 -12.16 -30.46 9.67
C SER E 449 -10.71 -30.90 9.86
N GLU E 450 -9.76 -29.96 9.79
CA GLU E 450 -8.35 -30.26 10.02
C GLU E 450 -7.81 -29.66 11.30
N LEU E 451 -8.34 -28.52 11.73
CA LEU E 451 -7.93 -27.87 12.98
C LEU E 451 -8.80 -28.27 14.15
N TYR E 452 -9.37 -29.48 14.13
CA TYR E 452 -10.14 -29.93 15.28
C TYR E 452 -9.23 -30.45 16.38
N LYS E 453 -8.05 -30.95 16.02
CA LYS E 453 -7.16 -31.56 16.99
C LYS E 453 -6.44 -30.53 17.87
N TYR E 454 -6.26 -29.32 17.36
CA TYR E 454 -5.29 -28.39 17.92
C TYR E 454 -5.97 -27.27 18.69
N LYS E 455 -5.26 -26.79 19.71
CA LYS E 455 -5.60 -25.56 20.41
C LYS E 455 -4.31 -24.91 20.85
N VAL E 456 -4.30 -23.59 20.87
CA VAL E 456 -3.10 -22.82 21.17
C VAL E 456 -3.15 -22.35 22.61
N VAL E 457 -2.07 -22.60 23.36
CA VAL E 457 -2.01 -22.21 24.76
C VAL E 457 -0.86 -21.25 24.96
N LYS E 458 -0.95 -20.49 26.05
CA LYS E 458 0.04 -19.50 26.42
C LYS E 458 0.75 -19.98 27.67
N ILE E 459 2.05 -20.23 27.55
CA ILE E 459 2.82 -20.68 28.70
C ILE E 459 2.91 -19.55 29.71
N GLU E 460 2.56 -19.84 30.96
CA GLU E 460 2.66 -18.88 32.06
C GLU E 460 3.66 -19.42 33.07
N PRO E 461 4.94 -19.18 32.88
CA PRO E 461 5.94 -19.61 33.85
C PRO E 461 5.85 -18.75 35.10
N LEU E 462 6.85 -18.84 35.97
CA LEU E 462 6.90 -17.95 37.12
C LEU E 462 5.75 -18.23 38.07
N GLY E 463 5.71 -19.45 38.58
CA GLY E 463 4.74 -19.80 39.59
C GLY E 463 5.27 -19.55 40.98
N VAL E 464 4.35 -19.50 41.93
CA VAL E 464 4.66 -19.26 43.33
C VAL E 464 4.16 -20.44 44.14
N ALA E 465 5.01 -20.95 45.03
CA ALA E 465 4.64 -22.11 45.85
C ALA E 465 5.43 -22.05 47.14
N PRO E 466 4.83 -22.44 48.26
CA PRO E 466 5.53 -22.36 49.54
C PRO E 466 6.43 -23.56 49.79
N THR E 467 7.54 -23.29 50.46
CA THR E 467 8.41 -24.35 50.92
C THR E 467 9.13 -23.88 52.17
N ARG E 468 9.94 -24.77 52.74
CA ARG E 468 10.59 -24.54 54.02
C ARG E 468 12.00 -24.03 53.77
N CYS E 469 12.11 -22.73 53.52
CA CYS E 469 13.38 -22.07 53.31
C CYS E 469 13.17 -20.58 53.48
N LYS E 470 14.25 -19.87 53.80
CA LYS E 470 14.18 -18.45 54.06
C LYS E 470 15.43 -17.77 53.51
N ARG E 471 15.23 -16.67 52.80
CA ARG E 471 16.36 -15.96 52.22
C ARG E 471 17.21 -15.34 53.31
N ARG E 472 18.53 -15.45 53.14
CA ARG E 472 19.46 -14.90 54.11
C ARG E 472 19.54 -13.38 54.02
N GLY F 5 12.77 -41.07 30.11
CA GLY F 5 13.76 -40.09 30.51
C GLY F 5 14.13 -39.11 29.41
N ALA F 6 13.63 -39.37 28.21
CA ALA F 6 13.91 -38.51 27.05
C ALA F 6 12.82 -37.46 26.84
N VAL F 7 11.56 -37.87 26.76
CA VAL F 7 10.47 -36.91 26.56
C VAL F 7 10.37 -35.97 27.75
N PHE F 8 10.76 -36.44 28.95
CA PHE F 8 10.85 -35.55 30.09
C PHE F 8 11.95 -34.52 29.93
N LEU F 9 12.86 -34.72 28.98
CA LEU F 9 13.84 -33.72 28.60
C LEU F 9 13.37 -32.86 27.43
N GLY F 10 12.06 -32.80 27.19
CA GLY F 10 11.50 -31.98 26.15
C GLY F 10 10.60 -30.90 26.73
N PHE F 11 10.31 -29.91 25.89
CA PHE F 11 9.50 -28.77 26.31
C PHE F 11 8.17 -29.23 26.86
N LEU F 12 7.86 -28.78 28.07
CA LEU F 12 6.65 -29.14 28.81
C LEU F 12 6.54 -30.63 29.10
N GLY F 13 7.63 -31.38 28.91
CA GLY F 13 7.58 -32.82 29.08
C GLY F 13 7.18 -33.25 30.48
N ALA F 14 7.34 -32.38 31.47
CA ALA F 14 6.98 -32.68 32.85
C ALA F 14 5.66 -32.07 33.26
N ALA F 15 4.78 -31.80 32.30
CA ALA F 15 3.50 -31.17 32.62
C ALA F 15 2.58 -32.08 33.42
N GLY F 16 2.93 -33.36 33.57
CA GLY F 16 2.11 -34.27 34.35
C GLY F 16 2.79 -34.75 35.60
N SER F 17 4.11 -34.60 35.67
CA SER F 17 4.83 -35.03 36.86
C SER F 17 4.57 -34.08 38.01
N THR F 18 4.86 -34.55 39.23
CA THR F 18 4.58 -33.77 40.41
C THR F 18 5.47 -32.54 40.50
N MET F 19 5.00 -31.54 41.25
CA MET F 19 5.75 -30.31 41.47
C MET F 19 7.18 -30.60 41.89
N GLY F 20 7.36 -31.59 42.76
CA GLY F 20 8.70 -31.96 43.18
C GLY F 20 9.59 -32.38 42.03
N ALA F 21 9.06 -33.17 41.10
CA ALA F 21 9.84 -33.60 39.96
C ALA F 21 9.84 -32.58 38.83
N ALA F 22 8.72 -31.87 38.63
CA ALA F 22 8.67 -30.87 37.58
C ALA F 22 9.63 -29.73 37.87
N SER F 23 9.78 -29.36 39.14
CA SER F 23 10.65 -28.26 39.55
C SER F 23 12.10 -28.69 39.53
N MET F 24 12.38 -29.87 38.98
CA MET F 24 13.73 -30.29 38.67
C MET F 24 14.09 -30.02 37.22
N THR F 25 13.13 -30.16 36.32
CA THR F 25 13.32 -29.86 34.91
C THR F 25 12.69 -28.49 34.65
N LEU F 26 13.44 -27.44 34.89
CA LEU F 26 12.94 -26.10 34.65
C LEU F 26 13.62 -25.41 33.49
N THR F 27 14.89 -25.71 33.24
CA THR F 27 15.62 -25.01 32.19
C THR F 27 15.04 -25.27 30.81
N VAL F 28 14.42 -26.44 30.60
CA VAL F 28 13.89 -26.73 29.28
C VAL F 28 12.66 -25.92 28.97
N GLN F 29 11.97 -25.40 29.98
CA GLN F 29 10.91 -24.42 29.73
C GLN F 29 11.49 -23.02 29.59
N ALA F 30 12.48 -22.67 30.42
CA ALA F 30 13.02 -21.31 30.38
C ALA F 30 13.85 -21.05 29.14
N ARG F 31 14.26 -22.08 28.41
CA ARG F 31 15.06 -21.92 27.21
C ARG F 31 14.18 -21.76 25.97
N ASN F 32 13.09 -22.50 25.91
CA ASN F 32 12.22 -22.47 24.74
C ASN F 32 11.15 -21.40 24.91
N LEU F 33 11.46 -20.37 25.69
CA LEU F 33 10.50 -19.30 25.97
C LEU F 33 10.83 -18.01 25.24
N LEU F 34 11.95 -17.94 24.55
CA LEU F 34 12.26 -16.80 23.69
C LEU F 34 12.83 -17.27 22.36
N SER F 35 13.44 -18.46 22.36
CA SER F 35 14.15 -18.97 21.19
C SER F 35 13.24 -19.09 19.97
N GLY F 36 12.21 -19.92 20.07
CA GLY F 36 11.28 -20.11 18.97
C GLY F 36 11.84 -20.92 17.82
N THR F 58 4.11 -7.76 3.05
CA THR F 58 3.58 -9.10 2.83
C THR F 58 2.42 -9.38 3.79
N VAL F 59 2.09 -10.65 3.93
CA VAL F 59 1.00 -11.09 4.82
C VAL F 59 1.59 -12.00 5.88
N TRP F 60 2.72 -12.64 5.55
CA TRP F 60 3.48 -13.40 6.54
C TRP F 60 4.66 -12.61 7.09
N GLY F 61 5.07 -11.53 6.43
CA GLY F 61 6.09 -10.67 6.99
C GLY F 61 5.59 -9.87 8.18
N ILE F 62 4.32 -9.50 8.16
CA ILE F 62 3.72 -8.81 9.30
C ILE F 62 3.15 -9.79 10.31
N LYS F 63 2.88 -11.03 9.92
CA LYS F 63 2.41 -12.03 10.87
C LYS F 63 3.54 -12.69 11.64
N GLN F 64 4.77 -12.63 11.13
CA GLN F 64 5.91 -13.10 11.88
C GLN F 64 6.73 -11.95 12.46
N LEU F 65 6.39 -10.70 12.15
CA LEU F 65 6.99 -9.59 12.86
C LEU F 65 6.23 -9.28 14.14
N GLN F 66 4.90 -9.32 14.10
CA GLN F 66 4.13 -9.21 15.32
C GLN F 66 4.39 -10.36 16.26
N ALA F 67 4.87 -11.49 15.74
CA ALA F 67 5.19 -12.63 16.59
C ALA F 67 6.55 -12.47 17.24
N ARG F 68 7.49 -11.77 16.59
CA ARG F 68 8.79 -11.55 17.20
C ARG F 68 8.72 -10.47 18.27
N VAL F 69 8.20 -9.29 17.91
CA VAL F 69 8.14 -8.19 18.86
C VAL F 69 7.19 -8.46 20.01
N LEU F 70 6.45 -9.56 19.97
CA LEU F 70 5.63 -9.97 21.09
C LEU F 70 6.32 -10.98 21.99
N ALA F 71 7.01 -11.96 21.41
CA ALA F 71 7.70 -12.97 22.21
C ALA F 71 8.79 -12.33 23.07
N VAL F 72 9.41 -11.26 22.59
CA VAL F 72 10.41 -10.56 23.37
C VAL F 72 9.75 -9.61 24.36
N GLU F 73 8.57 -9.09 24.01
CA GLU F 73 7.93 -8.11 24.88
C GLU F 73 7.36 -8.74 26.14
N ARG F 74 6.87 -9.97 26.05
CA ARG F 74 6.26 -10.63 27.20
C ARG F 74 7.24 -11.49 27.99
N TYR F 75 8.45 -11.69 27.48
CA TYR F 75 9.50 -12.34 28.26
C TYR F 75 10.19 -11.33 29.18
N LEU F 76 10.36 -10.11 28.71
CA LEU F 76 10.95 -9.07 29.54
C LEU F 76 10.05 -8.69 30.69
N ARG F 77 8.73 -8.82 30.53
CA ARG F 77 7.85 -8.60 31.67
C ARG F 77 8.17 -9.58 32.79
N ASP F 78 8.37 -10.85 32.45
CA ASP F 78 8.69 -11.84 33.47
C ASP F 78 10.06 -11.59 34.07
N GLN F 79 11.03 -11.20 33.23
CA GLN F 79 12.36 -10.93 33.76
C GLN F 79 12.36 -9.71 34.67
N GLN F 80 11.54 -8.70 34.35
CA GLN F 80 11.45 -7.53 35.21
C GLN F 80 10.73 -7.88 36.50
N LEU F 81 9.65 -8.66 36.43
CA LEU F 81 8.99 -9.11 37.64
C LEU F 81 9.95 -9.83 38.55
N LEU F 82 10.85 -10.63 37.98
CA LEU F 82 11.84 -11.29 38.82
C LEU F 82 12.86 -10.28 39.36
N GLY F 83 13.29 -9.34 38.52
CA GLY F 83 14.33 -8.42 38.93
C GLY F 83 13.90 -7.51 40.06
N ILE F 84 12.66 -7.02 40.02
CA ILE F 84 12.21 -6.15 41.09
C ILE F 84 11.96 -6.94 42.37
N TRP F 85 11.75 -8.26 42.27
CA TRP F 85 11.79 -9.09 43.44
C TRP F 85 13.25 -9.40 43.75
N GLY F 86 13.47 -10.19 44.79
CA GLY F 86 14.85 -10.39 45.22
C GLY F 86 15.72 -11.16 44.27
N CYS F 87 15.14 -11.75 43.22
CA CYS F 87 15.85 -12.76 42.44
C CYS F 87 15.69 -12.51 40.95
N SER F 88 16.79 -12.17 40.29
CA SER F 88 16.84 -12.06 38.85
C SER F 88 17.93 -12.97 38.32
N GLY F 89 17.65 -13.62 37.20
CA GLY F 89 18.61 -14.57 36.64
C GLY F 89 18.76 -15.76 37.56
N LYS F 90 17.64 -16.37 37.92
CA LYS F 90 17.62 -17.47 38.86
C LYS F 90 16.33 -18.24 38.63
N LEU F 91 16.37 -19.55 38.90
CA LEU F 91 15.24 -20.40 38.60
C LEU F 91 14.44 -20.82 39.81
N ILE F 92 15.10 -21.19 40.90
CA ILE F 92 14.42 -21.54 42.14
C ILE F 92 14.87 -20.52 43.18
N CYS F 93 14.04 -19.50 43.41
CA CYS F 93 14.41 -18.36 44.24
C CYS F 93 13.62 -18.42 45.53
N CYS F 94 14.33 -18.54 46.66
CA CYS F 94 13.71 -18.56 47.97
C CYS F 94 13.67 -17.14 48.51
N THR F 95 12.49 -16.63 48.79
CA THR F 95 12.33 -15.25 49.20
C THR F 95 12.04 -15.16 50.68
N ASN F 96 11.82 -13.93 51.15
CA ASN F 96 11.71 -13.65 52.57
C ASN F 96 10.35 -13.06 52.90
N VAL F 97 9.29 -13.67 52.40
CA VAL F 97 7.92 -13.24 52.64
C VAL F 97 7.16 -14.39 53.27
N PRO F 98 6.58 -14.23 54.45
CA PRO F 98 5.94 -15.37 55.11
C PRO F 98 4.69 -15.81 54.37
N TRP F 99 4.55 -17.12 54.23
CA TRP F 99 3.41 -17.68 53.50
C TRP F 99 2.17 -17.58 54.37
N ASN F 100 1.26 -16.68 54.00
CA ASN F 100 -0.01 -16.55 54.71
C ASN F 100 -0.85 -17.79 54.47
N SER F 101 -1.06 -18.58 55.52
CA SER F 101 -1.69 -19.89 55.36
C SER F 101 -3.11 -19.81 54.83
N SER F 102 -3.75 -18.64 54.90
CA SER F 102 -5.09 -18.50 54.35
C SER F 102 -5.13 -18.62 52.83
N TRP F 103 -3.97 -18.57 52.17
CA TRP F 103 -3.93 -18.66 50.72
C TRP F 103 -4.23 -20.09 50.25
N SER F 104 -3.59 -21.08 50.86
CA SER F 104 -3.79 -22.47 50.47
C SER F 104 -4.02 -23.43 51.63
N ASN F 105 -3.56 -23.12 52.84
CA ASN F 105 -3.71 -23.96 54.04
C ASN F 105 -3.52 -25.44 53.71
N ARG F 106 -2.33 -25.76 53.21
CA ARG F 106 -1.98 -27.13 52.86
C ARG F 106 -0.58 -27.46 53.36
N ASN F 107 -0.37 -28.73 53.69
CA ASN F 107 0.94 -29.20 54.10
C ASN F 107 1.88 -29.26 52.89
N LEU F 108 3.14 -29.61 53.14
CA LEU F 108 4.13 -29.63 52.08
C LEU F 108 4.13 -30.96 51.33
N SER F 109 4.24 -32.07 52.05
CA SER F 109 4.35 -33.38 51.40
C SER F 109 3.14 -33.71 50.54
N GLU F 110 2.03 -33.00 50.70
CA GLU F 110 0.85 -33.25 49.89
C GLU F 110 0.83 -32.45 48.60
N ILE F 111 1.58 -31.35 48.52
CA ILE F 111 1.61 -30.54 47.31
C ILE F 111 2.87 -30.75 46.48
N TRP F 112 3.97 -31.18 47.09
CA TRP F 112 5.19 -31.42 46.35
C TRP F 112 5.31 -32.84 45.85
N ASP F 113 4.36 -33.71 46.19
CA ASP F 113 4.39 -35.10 45.76
C ASP F 113 3.11 -35.56 45.09
N ASN F 114 2.02 -34.80 45.18
CA ASN F 114 0.76 -35.17 44.57
C ASN F 114 0.38 -34.24 43.42
N MET F 115 0.25 -32.94 43.69
CA MET F 115 -0.26 -32.03 42.69
C MET F 115 0.76 -31.76 41.60
N THR F 116 0.27 -31.44 40.43
CA THR F 116 1.07 -30.92 39.33
C THR F 116 0.98 -29.40 39.35
N TRP F 117 1.76 -28.76 38.49
CA TRP F 117 1.84 -27.30 38.55
C TRP F 117 0.56 -26.64 38.09
N LEU F 118 -0.08 -27.18 37.04
CA LEU F 118 -1.38 -26.66 36.64
C LEU F 118 -2.39 -26.82 37.77
N GLN F 119 -2.40 -28.00 38.40
CA GLN F 119 -3.32 -28.25 39.50
C GLN F 119 -3.11 -27.26 40.64
N TRP F 120 -1.91 -26.72 40.76
CA TRP F 120 -1.62 -25.75 41.81
C TRP F 120 -1.98 -24.33 41.40
N ASP F 121 -1.70 -23.98 40.15
CA ASP F 121 -2.09 -22.67 39.66
C ASP F 121 -3.59 -22.51 39.71
N LYS F 122 -4.34 -23.57 39.42
CA LYS F 122 -5.78 -23.51 39.55
C LYS F 122 -6.21 -23.25 40.99
N GLU F 123 -5.40 -23.69 41.96
CA GLU F 123 -5.75 -23.45 43.35
C GLU F 123 -5.37 -22.05 43.81
N ILE F 124 -4.28 -21.49 43.28
CA ILE F 124 -3.78 -20.20 43.75
C ILE F 124 -4.00 -19.09 42.74
N SER F 125 -4.71 -19.35 41.64
CA SER F 125 -4.93 -18.32 40.63
C SER F 125 -5.56 -17.07 41.23
N ASN F 126 -6.46 -17.25 42.19
CA ASN F 126 -7.14 -16.10 42.79
C ASN F 126 -6.20 -15.33 43.71
N TYR F 127 -5.49 -16.03 44.60
CA TYR F 127 -4.66 -15.35 45.58
C TYR F 127 -3.30 -14.98 45.01
N THR F 128 -3.29 -14.32 43.86
CA THR F 128 -2.08 -13.78 43.27
C THR F 128 -2.30 -12.29 43.06
N GLN F 129 -1.27 -11.61 42.58
CA GLN F 129 -1.28 -10.16 42.39
C GLN F 129 -1.27 -9.49 43.77
N ILE F 130 -1.43 -10.29 44.81
CA ILE F 130 -1.24 -9.83 46.18
C ILE F 130 0.17 -10.17 46.65
N ILE F 131 0.61 -11.39 46.34
CA ILE F 131 1.94 -11.83 46.71
C ILE F 131 3.00 -10.97 46.04
N TYR F 132 2.73 -10.51 44.82
CA TYR F 132 3.72 -9.76 44.07
C TYR F 132 4.07 -8.45 44.75
N GLY F 133 3.07 -7.76 45.28
CA GLY F 133 3.34 -6.53 46.01
C GLY F 133 4.15 -6.77 47.27
N LEU F 134 3.83 -7.82 48.01
CA LEU F 134 4.62 -8.18 49.19
C LEU F 134 6.07 -8.42 48.80
N LEU F 135 6.29 -9.15 47.71
CA LEU F 135 7.66 -9.43 47.28
C LEU F 135 8.40 -8.16 46.91
N GLU F 136 7.73 -7.25 46.17
CA GLU F 136 8.37 -6.00 45.78
C GLU F 136 8.77 -5.19 47.00
N GLU F 137 7.82 -5.00 47.93
CA GLU F 137 8.10 -4.22 49.12
C GLU F 137 9.23 -4.83 49.92
N SER F 138 9.21 -6.15 50.09
CA SER F 138 10.27 -6.82 50.84
C SER F 138 11.62 -6.60 50.20
N GLN F 139 11.69 -6.70 48.87
CA GLN F 139 12.98 -6.56 48.21
C GLN F 139 13.51 -5.14 48.30
N ASN F 140 12.65 -4.14 48.12
CA ASN F 140 13.13 -2.77 48.22
C ASN F 140 13.57 -2.45 49.65
N GLN F 141 12.83 -2.95 50.65
CA GLN F 141 13.26 -2.78 52.03
C GLN F 141 14.61 -3.44 52.25
N GLN F 142 14.82 -4.61 51.64
CA GLN F 142 16.10 -5.29 51.80
C GLN F 142 17.23 -4.50 51.17
N GLU F 143 16.98 -3.88 50.01
CA GLU F 143 17.99 -3.03 49.40
C GLU F 143 18.35 -1.87 50.30
N LYS F 144 17.34 -1.19 50.85
CA LYS F 144 17.62 -0.05 51.73
C LYS F 144 18.35 -0.51 52.99
N ASN F 145 18.00 -1.68 53.53
CA ASN F 145 18.66 -2.17 54.73
C ASN F 145 20.11 -2.54 54.45
N GLU F 146 20.38 -3.10 53.27
CA GLU F 146 21.76 -3.40 52.93
C GLU F 146 22.56 -2.12 52.72
N GLN F 147 21.94 -1.11 52.12
CA GLN F 147 22.60 0.19 51.98
C GLN F 147 22.93 0.77 53.34
N ASP F 148 21.98 0.70 54.28
CA ASP F 148 22.23 1.20 55.64
C ASP F 148 23.36 0.41 56.31
N LEU F 149 23.34 -0.92 56.14
CA LEU F 149 24.39 -1.74 56.73
C LEU F 149 25.76 -1.40 56.18
N LEU F 150 25.83 -1.04 54.90
CA LEU F 150 27.11 -0.61 54.34
C LEU F 150 27.46 0.81 54.77
N ALA F 151 26.46 1.64 55.07
CA ALA F 151 26.71 3.03 55.40
C ALA F 151 27.45 3.17 56.72
N LEU F 152 26.90 2.59 57.79
CA LEU F 152 27.51 2.71 59.11
C LEU F 152 28.84 1.98 59.22
N ASP F 153 29.31 1.35 58.14
CA ASP F 153 30.62 0.72 58.16
C ASP F 153 31.70 1.73 57.81
N GLN G 3 11.60 -8.41 -34.50
CA GLN G 3 12.08 -9.63 -35.15
C GLN G 3 12.92 -10.46 -34.19
N LEU G 4 12.93 -11.77 -34.38
CA LEU G 4 13.80 -12.66 -33.63
C LEU G 4 15.14 -12.77 -34.32
N VAL G 5 16.22 -12.65 -33.55
CA VAL G 5 17.57 -12.73 -34.08
C VAL G 5 18.36 -13.68 -33.20
N GLN G 6 19.15 -14.55 -33.82
CA GLN G 6 19.81 -15.64 -33.12
C GLN G 6 21.32 -15.46 -33.10
N SER G 7 21.97 -16.38 -32.41
CA SER G 7 23.42 -16.41 -32.34
C SER G 7 24.01 -16.81 -33.68
N GLY G 8 25.30 -16.52 -33.86
CA GLY G 8 25.97 -16.85 -35.10
C GLY G 8 26.22 -18.33 -35.24
N ALA G 9 26.45 -18.74 -36.49
CA ALA G 9 26.71 -20.15 -36.78
C ALA G 9 27.92 -20.64 -35.99
N GLU G 10 27.83 -21.88 -35.49
CA GLU G 10 28.83 -22.42 -34.61
C GLU G 10 29.35 -23.75 -35.14
N MET G 11 30.40 -24.24 -34.51
CA MET G 11 30.96 -25.56 -34.82
C MET G 11 31.43 -26.18 -33.52
N LYS G 12 30.96 -27.39 -33.23
CA LYS G 12 31.25 -28.05 -31.96
C LYS G 12 31.80 -29.44 -32.22
N THR G 13 32.22 -30.09 -31.13
CA THR G 13 32.79 -31.42 -31.18
C THR G 13 31.78 -32.44 -30.64
N SER G 14 31.99 -33.70 -31.00
CA SER G 14 31.06 -34.77 -30.69
C SER G 14 31.11 -35.06 -29.19
N GLY G 15 30.17 -34.50 -28.45
CA GLY G 15 30.10 -34.70 -27.02
C GLY G 15 29.87 -33.40 -26.29
N SER G 16 30.34 -32.30 -26.88
CA SER G 16 30.19 -30.98 -26.28
C SER G 16 28.74 -30.52 -26.36
N SER G 17 28.45 -29.46 -25.59
CA SER G 17 27.11 -28.90 -25.50
C SER G 17 27.08 -27.56 -26.25
N VAL G 18 26.03 -27.37 -27.04
CA VAL G 18 25.83 -26.14 -27.81
C VAL G 18 24.65 -25.38 -27.22
N ARG G 19 24.82 -24.07 -27.04
CA ARG G 19 23.74 -23.20 -26.57
C ARG G 19 23.39 -22.20 -27.66
N VAL G 20 22.22 -22.37 -28.27
CA VAL G 20 21.69 -21.42 -29.23
C VAL G 20 20.99 -20.32 -28.44
N SER G 21 20.73 -19.19 -29.07
CA SER G 21 19.99 -18.12 -28.41
C SER G 21 19.03 -17.50 -29.41
N CYS G 22 18.04 -16.78 -28.88
CA CYS G 22 16.98 -16.21 -29.70
C CYS G 22 16.42 -15.01 -28.97
N LYS G 23 16.79 -13.81 -29.41
CA LYS G 23 16.30 -12.58 -28.83
C LYS G 23 15.30 -11.95 -29.78
N ASP G 24 14.13 -11.59 -29.26
CA ASP G 24 13.04 -11.04 -30.05
C ASP G 24 12.96 -9.54 -29.80
N SER G 25 13.35 -8.77 -30.80
CA SER G 25 13.28 -7.32 -30.70
C SER G 25 11.88 -6.89 -31.10
N GLY G 26 11.10 -6.42 -30.13
CA GLY G 26 9.76 -5.97 -30.42
C GLY G 26 8.73 -6.41 -29.40
N GLY G 27 9.16 -7.03 -28.32
CA GLY G 27 8.25 -7.49 -27.29
C GLY G 27 7.80 -8.92 -27.56
N PHE G 28 6.48 -9.11 -27.68
CA PHE G 28 5.87 -10.39 -27.99
C PHE G 28 6.24 -11.49 -27.00
N PHE G 29 6.89 -11.14 -25.92
CA PHE G 29 7.34 -12.17 -24.99
C PHE G 29 6.19 -12.68 -24.14
N PRO G 30 5.44 -11.81 -23.44
CA PRO G 30 4.36 -12.34 -22.61
C PRO G 30 3.05 -12.51 -23.35
N TYR G 31 3.08 -12.50 -24.68
CA TYR G 31 1.87 -12.58 -25.47
C TYR G 31 1.77 -13.78 -26.38
N ALA G 32 2.88 -14.40 -26.78
CA ALA G 32 2.85 -15.49 -27.74
C ALA G 32 3.68 -16.65 -27.23
N GLY G 33 3.65 -17.74 -27.98
CA GLY G 33 4.40 -18.92 -27.63
C GLY G 33 5.38 -19.29 -28.70
N PHE G 34 6.63 -19.50 -28.32
CA PHE G 34 7.72 -19.68 -29.27
C PHE G 34 8.06 -21.15 -29.41
N ARG G 35 8.66 -21.49 -30.54
CA ARG G 35 8.98 -22.87 -30.87
C ARG G 35 10.41 -22.98 -31.32
N TRP G 36 11.02 -24.13 -31.04
CA TRP G 36 12.38 -24.44 -31.43
C TRP G 36 12.34 -25.57 -32.46
N VAL G 37 12.80 -25.29 -33.66
CA VAL G 37 12.75 -26.26 -34.75
C VAL G 37 14.09 -26.25 -35.46
N ARG G 38 14.64 -27.44 -35.69
CA ARG G 38 15.90 -27.59 -36.39
C ARG G 38 15.68 -28.23 -37.76
N GLN G 39 16.54 -27.89 -38.71
CA GLN G 39 16.42 -28.40 -40.07
C GLN G 39 17.71 -29.09 -40.47
N ALA G 40 17.67 -30.42 -40.58
CA ALA G 40 18.80 -31.17 -41.09
C ALA G 40 19.11 -30.72 -42.52
N PRO G 41 20.34 -30.90 -42.98
CA PRO G 41 20.70 -30.37 -44.30
C PRO G 41 19.82 -30.88 -45.43
N GLY G 42 19.02 -29.97 -45.98
CA GLY G 42 18.21 -30.28 -47.15
C GLY G 42 17.19 -31.39 -46.98
N GLN G 43 16.52 -31.45 -45.83
CA GLN G 43 15.39 -32.37 -45.67
C GLN G 43 14.49 -31.88 -44.55
N GLY G 44 13.42 -31.17 -44.91
CA GLY G 44 12.33 -30.85 -44.01
C GLY G 44 12.72 -30.22 -42.68
N PHE G 45 11.79 -30.23 -41.74
CA PHE G 45 12.01 -29.70 -40.40
C PHE G 45 11.77 -30.78 -39.36
N GLU G 46 11.96 -30.42 -38.10
CA GLU G 46 11.83 -31.41 -37.02
C GLU G 46 11.54 -30.68 -35.73
N TRP G 47 10.35 -30.90 -35.19
CA TRP G 47 9.94 -30.22 -33.96
C TRP G 47 10.91 -30.57 -32.83
N MET G 48 11.29 -29.56 -32.06
CA MET G 48 12.29 -29.77 -31.03
C MET G 48 11.93 -29.16 -29.69
N GLY G 49 10.89 -28.35 -29.60
CA GLY G 49 10.54 -27.77 -28.32
C GLY G 49 9.51 -26.68 -28.50
N GLY G 50 9.09 -26.14 -27.37
CA GLY G 50 8.14 -25.04 -27.38
C GLY G 50 7.99 -24.45 -26.00
N VAL G 51 8.02 -23.14 -25.89
CA VAL G 51 8.00 -22.48 -24.58
C VAL G 51 7.06 -21.29 -24.65
N ILE G 52 6.05 -21.28 -23.80
CA ILE G 52 5.18 -20.12 -23.61
C ILE G 52 5.77 -19.30 -22.47
N PRO G 53 6.36 -18.14 -22.75
CA PRO G 53 7.01 -17.36 -21.68
C PRO G 53 6.05 -16.64 -20.75
N ALA G 54 4.75 -16.67 -21.02
CA ALA G 54 3.80 -16.00 -20.15
C ALA G 54 3.50 -16.85 -18.92
N ASP G 55 3.25 -18.14 -19.11
CA ASP G 55 3.07 -19.07 -18.01
C ASP G 55 4.33 -19.86 -17.70
N GLY G 56 5.35 -19.77 -18.53
CA GLY G 56 6.58 -20.50 -18.29
C GLY G 56 6.44 -21.99 -18.44
N THR G 57 5.72 -22.45 -19.45
CA THR G 57 5.54 -23.87 -19.68
C THR G 57 6.40 -24.30 -20.85
N LYS G 58 7.28 -25.26 -20.60
CA LYS G 58 8.13 -25.82 -21.65
C LYS G 58 7.54 -27.14 -22.11
N HIS G 59 7.84 -27.51 -23.35
CA HIS G 59 7.25 -28.70 -23.95
C HIS G 59 8.29 -29.29 -24.88
N TYR G 60 9.07 -30.25 -24.37
CA TYR G 60 10.13 -30.86 -25.16
C TYR G 60 9.59 -32.00 -26.00
N ALA G 61 10.19 -32.19 -27.15
CA ALA G 61 9.87 -33.36 -27.96
C ALA G 61 10.31 -34.62 -27.23
N PRO G 62 9.75 -35.78 -27.57
CA PRO G 62 10.18 -37.01 -26.89
C PRO G 62 11.62 -37.37 -27.18
N LYS G 63 12.07 -37.23 -28.42
CA LYS G 63 13.47 -37.52 -28.74
C LYS G 63 14.41 -36.63 -27.94
N PHE G 64 14.34 -35.32 -28.18
CA PHE G 64 15.18 -34.39 -27.45
C PHE G 64 14.54 -34.03 -26.12
N GLN G 65 14.14 -35.03 -25.35
CA GLN G 65 13.55 -34.77 -24.05
C GLN G 65 14.60 -34.72 -22.95
N ALA G 66 15.61 -35.57 -23.04
CA ALA G 66 16.65 -35.64 -22.03
C ALA G 66 17.93 -34.93 -22.42
N ARG G 67 18.16 -34.72 -23.72
CA ARG G 67 19.40 -34.08 -24.14
C ARG G 67 19.37 -32.58 -23.89
N MET G 68 18.32 -31.91 -24.34
CA MET G 68 18.26 -30.46 -24.33
C MET G 68 17.49 -29.92 -23.14
N LYS G 69 17.59 -28.61 -22.95
CA LYS G 69 16.77 -27.89 -22.01
C LYS G 69 16.76 -26.44 -22.45
N MET G 70 15.59 -25.80 -22.39
CA MET G 70 15.43 -24.45 -22.85
C MET G 70 15.00 -23.54 -21.70
N THR G 71 15.55 -22.33 -21.69
CA THR G 71 15.33 -21.38 -20.62
C THR G 71 14.82 -20.07 -21.20
N VAL G 72 14.33 -19.21 -20.32
CA VAL G 72 13.87 -17.88 -20.68
C VAL G 72 14.55 -16.87 -19.76
N VAL G 73 14.86 -15.70 -20.30
CA VAL G 73 15.44 -14.60 -19.53
C VAL G 73 14.61 -13.37 -19.85
N GLU G 74 13.75 -12.97 -18.90
CA GLU G 74 12.83 -11.88 -19.18
C GLU G 74 13.51 -10.53 -19.25
N SER G 75 14.63 -10.36 -18.52
CA SER G 75 15.33 -9.09 -18.53
C SER G 75 15.81 -8.74 -19.94
N SER G 76 16.59 -9.63 -20.54
CA SER G 76 17.12 -9.41 -21.87
C SER G 76 16.20 -9.93 -22.97
N ARG G 77 15.09 -10.56 -22.61
CA ARG G 77 14.11 -11.07 -23.58
C ARG G 77 14.77 -12.03 -24.57
N THR G 78 15.29 -13.13 -24.05
CA THR G 78 16.02 -14.08 -24.87
C THR G 78 15.65 -15.51 -24.50
N LEU G 79 15.41 -16.33 -25.51
CA LEU G 79 15.26 -17.77 -25.33
C LEU G 79 16.59 -18.45 -25.58
N TYR G 80 16.89 -19.45 -24.76
CA TYR G 80 18.10 -20.24 -24.93
C TYR G 80 17.72 -21.70 -25.09
N MET G 81 18.43 -22.41 -25.97
CA MET G 81 18.22 -23.83 -26.17
C MET G 81 19.58 -24.51 -26.12
N GLU G 82 19.86 -25.23 -25.04
CA GLU G 82 21.15 -25.85 -24.82
C GLU G 82 21.03 -27.34 -25.12
N LEU G 83 21.75 -27.79 -26.14
CA LEU G 83 21.73 -29.18 -26.57
C LEU G 83 23.01 -29.84 -26.06
N ARG G 84 22.87 -30.79 -25.13
CA ARG G 84 24.01 -31.25 -24.35
C ARG G 84 24.82 -32.32 -25.06
N SER G 85 24.20 -33.45 -25.38
CA SER G 85 24.90 -34.59 -25.97
C SER G 85 24.84 -34.45 -27.48
N LEU G 86 25.80 -33.74 -28.06
CA LEU G 86 25.85 -33.62 -29.50
C LEU G 86 26.27 -34.93 -30.14
N THR G 87 26.14 -34.98 -31.47
CA THR G 87 26.47 -36.17 -32.25
C THR G 87 26.72 -35.70 -33.67
N SER G 88 27.26 -36.61 -34.49
CA SER G 88 27.47 -36.30 -35.89
C SER G 88 26.15 -36.01 -36.61
N THR G 89 25.02 -36.48 -36.08
CA THR G 89 23.74 -36.32 -36.74
C THR G 89 22.94 -35.13 -36.22
N ASP G 90 23.47 -34.37 -35.26
CA ASP G 90 22.81 -33.16 -34.79
C ASP G 90 23.23 -31.94 -35.60
N THR G 91 23.90 -32.12 -36.72
CA THR G 91 24.19 -31.01 -37.61
C THR G 91 22.91 -30.58 -38.31
N ALA G 92 22.51 -29.33 -38.10
CA ALA G 92 21.28 -28.83 -38.66
C ALA G 92 21.24 -27.31 -38.49
N THR G 93 20.35 -26.68 -39.22
CA THR G 93 20.08 -25.25 -39.06
C THR G 93 18.98 -25.08 -38.04
N TYR G 94 19.29 -24.38 -36.95
CA TYR G 94 18.37 -24.29 -35.82
C TYR G 94 17.59 -22.99 -35.86
N PHE G 95 16.26 -23.09 -35.90
CA PHE G 95 15.37 -21.94 -35.97
C PHE G 95 14.63 -21.79 -34.66
N CYS G 96 14.33 -20.54 -34.29
CA CYS G 96 13.31 -20.24 -33.31
C CYS G 96 12.19 -19.50 -34.01
N ALA G 97 10.96 -19.92 -33.80
CA ALA G 97 9.81 -19.37 -34.50
C ALA G 97 8.88 -18.70 -33.49
N ARG G 98 7.74 -18.24 -33.98
CA ARG G 98 6.72 -17.65 -33.13
C ARG G 98 5.37 -17.98 -33.72
N LEU G 99 4.40 -18.27 -32.86
CA LEU G 99 3.09 -18.67 -33.35
C LEU G 99 2.36 -17.48 -33.95
N GLN G 100 1.37 -17.79 -34.78
CA GLN G 100 0.70 -16.77 -35.56
C GLN G 100 0.06 -15.72 -34.66
N CYS G 101 0.13 -14.46 -35.10
CA CYS G 101 -0.49 -13.33 -34.40
C CYS G 101 -1.37 -12.60 -35.40
N ALA G 102 -2.68 -12.63 -35.17
CA ALA G 102 -3.64 -12.02 -36.10
C ALA G 102 -4.05 -10.66 -35.56
N GLY G 103 -3.15 -9.69 -35.70
CA GLY G 103 -3.41 -8.36 -35.21
C GLY G 103 -2.84 -8.13 -33.84
N PHE G 104 -3.69 -8.20 -32.81
CA PHE G 104 -3.24 -8.08 -31.43
C PHE G 104 -3.54 -9.32 -30.61
N SER G 105 -4.19 -10.32 -31.18
CA SER G 105 -4.49 -11.56 -30.49
C SER G 105 -3.55 -12.64 -31.01
N CYS G 106 -2.56 -13.00 -30.21
CA CYS G 106 -1.54 -13.97 -30.58
C CYS G 106 -1.89 -15.34 -30.05
N GLU G 107 -1.71 -16.36 -30.87
CA GLU G 107 -1.84 -17.73 -30.40
C GLU G 107 -0.77 -18.03 -29.36
N MET G 108 -1.13 -18.78 -28.33
CA MET G 108 -0.17 -19.22 -27.35
C MET G 108 0.05 -20.71 -27.33
N ASP G 109 -0.85 -21.51 -27.90
CA ASP G 109 -0.80 -22.94 -27.71
C ASP G 109 -0.61 -23.72 -29.01
N SER G 110 -1.32 -23.37 -30.08
CA SER G 110 -1.17 -24.13 -31.32
C SER G 110 -1.57 -23.26 -32.50
N GLY G 111 -0.58 -22.87 -33.29
CA GLY G 111 -0.82 -22.20 -34.54
C GLY G 111 0.29 -22.47 -35.54
N PRO G 112 0.21 -21.86 -36.71
CA PRO G 112 1.32 -21.96 -37.66
C PRO G 112 2.37 -20.90 -37.36
N PHE G 113 3.63 -21.27 -37.53
CA PHE G 113 4.72 -20.36 -37.25
C PHE G 113 4.78 -19.30 -38.33
N ASP G 114 4.64 -18.02 -37.95
CA ASP G 114 4.65 -16.96 -38.93
C ASP G 114 5.88 -16.08 -38.87
N LEU G 115 6.63 -16.11 -37.78
CA LEU G 115 7.83 -15.29 -37.61
C LEU G 115 8.97 -16.21 -37.24
N TRP G 116 10.01 -16.24 -38.08
CA TRP G 116 11.13 -17.14 -37.89
C TRP G 116 12.41 -16.36 -37.59
N GLY G 117 13.37 -17.06 -37.01
CA GLY G 117 14.71 -16.53 -36.88
C GLY G 117 15.56 -16.89 -38.08
N GLN G 118 16.71 -16.23 -38.18
CA GLN G 118 17.52 -16.37 -39.40
C GLN G 118 18.18 -17.74 -39.52
N GLY G 119 18.34 -18.45 -38.42
CA GLY G 119 18.99 -19.74 -38.48
C GLY G 119 20.36 -19.70 -37.84
N THR G 120 20.76 -20.83 -37.26
CA THR G 120 22.05 -20.95 -36.58
C THR G 120 22.63 -22.30 -36.99
N GLN G 121 23.47 -22.30 -38.01
CA GLN G 121 23.98 -23.54 -38.59
C GLN G 121 25.02 -24.12 -37.65
N VAL G 122 24.67 -25.18 -36.94
CA VAL G 122 25.57 -25.88 -36.04
C VAL G 122 26.03 -27.16 -36.72
N THR G 123 27.33 -27.26 -36.97
CA THR G 123 27.90 -28.41 -37.67
C THR G 123 28.79 -29.19 -36.71
N VAL G 124 28.53 -30.48 -36.58
CA VAL G 124 29.28 -31.34 -35.67
C VAL G 124 29.78 -32.56 -36.44
N PRO G 125 30.98 -32.52 -37.02
CA PRO G 125 31.51 -33.69 -37.70
C PRO G 125 32.30 -34.60 -36.76
N SER G 126 32.22 -35.90 -37.04
CA SER G 126 32.93 -36.90 -36.26
C SER G 126 32.99 -38.23 -37.00
N ASP H 1 1.71 -40.38 -33.25
CA ASP H 1 2.04 -39.08 -33.80
C ASP H 1 1.39 -38.91 -35.17
N ILE H 2 1.73 -37.82 -35.87
CA ILE H 2 1.15 -37.51 -37.16
C ILE H 2 2.27 -37.33 -38.17
N GLN H 3 2.16 -38.04 -39.29
CA GLN H 3 3.18 -37.99 -40.35
C GLN H 3 2.59 -37.32 -41.58
N MET H 4 3.41 -36.51 -42.25
CA MET H 4 3.01 -35.83 -43.48
C MET H 4 3.88 -36.37 -44.60
N THR H 5 3.24 -36.99 -45.60
CA THR H 5 3.95 -37.42 -46.80
C THR H 5 3.54 -36.51 -47.95
N GLN H 6 4.49 -35.73 -48.45
CA GLN H 6 4.24 -34.82 -49.56
C GLN H 6 4.44 -35.59 -50.86
N SER H 7 3.38 -35.62 -51.70
CA SER H 7 3.42 -36.52 -52.85
C SER H 7 4.46 -36.08 -53.88
N PRO H 8 4.26 -34.98 -54.62
CA PRO H 8 5.20 -34.70 -55.71
C PRO H 8 6.42 -33.98 -55.18
N SER H 9 7.56 -34.68 -55.14
CA SER H 9 8.80 -34.12 -54.64
C SER H 9 9.69 -33.75 -55.81
N THR H 10 10.17 -32.51 -55.84
CA THR H 10 11.05 -31.98 -56.87
C THR H 10 10.42 -32.13 -58.26
N VAL H 11 9.32 -31.42 -58.45
CA VAL H 11 8.61 -31.39 -59.72
C VAL H 11 9.09 -30.20 -60.54
N ALA H 12 9.44 -30.45 -61.79
CA ALA H 12 9.93 -29.39 -62.66
C ALA H 12 8.79 -28.53 -63.16
N ALA H 13 9.11 -27.28 -63.49
CA ALA H 13 8.11 -26.35 -64.00
C ALA H 13 8.82 -25.24 -64.76
N PHE H 14 8.04 -24.54 -65.58
CA PHE H 14 8.50 -23.39 -66.33
C PHE H 14 7.67 -22.17 -65.96
N VAL H 15 8.26 -20.98 -66.18
CA VAL H 15 7.60 -19.74 -65.80
C VAL H 15 6.25 -19.63 -66.49
N GLY H 16 5.27 -19.08 -65.78
CA GLY H 16 3.94 -18.96 -66.34
C GLY H 16 3.20 -20.28 -66.47
N GLY H 17 3.61 -21.30 -65.73
CA GLY H 17 3.01 -22.60 -65.86
C GLY H 17 2.26 -23.08 -64.62
N ASN H 18 1.40 -24.07 -64.80
CA ASN H 18 0.68 -24.67 -63.69
C ASN H 18 1.58 -25.62 -62.90
N VAL H 19 1.32 -25.71 -61.59
CA VAL H 19 2.00 -26.67 -60.73
C VAL H 19 1.09 -26.96 -59.54
N THR H 20 0.88 -28.24 -59.25
CA THR H 20 0.01 -28.66 -58.16
C THR H 20 0.77 -29.62 -57.24
N LEU H 21 0.87 -29.25 -55.98
CA LEU H 21 1.52 -30.10 -54.98
C LEU H 21 0.47 -31.01 -54.35
N SER H 22 0.86 -31.71 -53.29
CA SER H 22 -0.08 -32.55 -52.55
C SER H 22 0.53 -32.90 -51.22
N CYS H 23 -0.22 -32.69 -50.14
CA CYS H 23 0.18 -33.05 -48.79
C CYS H 23 -0.87 -33.97 -48.22
N ARG H 24 -0.48 -35.19 -47.89
CA ARG H 24 -1.40 -36.20 -47.36
C ARG H 24 -0.95 -36.57 -45.96
N THR H 25 -1.83 -36.36 -44.99
CA THR H 25 -1.53 -36.61 -43.60
C THR H 25 -1.73 -38.09 -43.26
N SER H 26 -1.21 -38.50 -42.10
CA SER H 26 -1.43 -39.87 -41.64
C SER H 26 -2.82 -40.03 -41.06
N GLN H 27 -3.26 -39.06 -40.24
CA GLN H 27 -4.58 -39.07 -39.66
C GLN H 27 -5.19 -37.68 -39.82
N GLY H 28 -6.52 -37.64 -39.90
CA GLY H 28 -7.21 -36.40 -40.17
C GLY H 28 -6.84 -35.25 -39.25
N VAL H 29 -6.71 -34.06 -39.81
CA VAL H 29 -6.38 -32.85 -39.06
C VAL H 29 -7.43 -31.77 -39.23
N GLY H 30 -8.63 -32.13 -39.66
CA GLY H 30 -9.65 -31.14 -39.91
C GLY H 30 -9.24 -30.21 -41.03
N ASN H 31 -9.02 -28.94 -40.71
CA ASN H 31 -8.45 -28.00 -41.67
C ASN H 31 -7.22 -27.29 -41.13
N ARG H 32 -6.71 -27.73 -39.98
CA ARG H 32 -5.54 -27.09 -39.40
C ARG H 32 -4.29 -27.48 -40.16
N LEU H 33 -4.03 -26.81 -41.28
CA LEU H 33 -2.86 -27.13 -42.08
C LEU H 33 -2.32 -25.86 -42.73
N ALA H 34 -1.01 -25.66 -42.62
CA ALA H 34 -0.34 -24.49 -43.14
C ALA H 34 0.65 -24.88 -44.22
N TRP H 35 0.98 -23.93 -45.08
CA TRP H 35 1.92 -24.15 -46.18
C TRP H 35 3.05 -23.13 -46.10
N TYR H 36 4.29 -23.61 -46.03
CA TYR H 36 5.46 -22.75 -45.98
C TYR H 36 6.20 -22.77 -47.31
N GLN H 37 7.16 -21.86 -47.44
CA GLN H 37 7.98 -21.77 -48.64
C GLN H 37 9.36 -21.28 -48.24
N GLN H 38 10.38 -22.08 -48.51
CA GLN H 38 11.74 -21.77 -48.10
C GLN H 38 12.65 -21.68 -49.31
N LYS H 39 13.31 -20.55 -49.45
CA LYS H 39 14.38 -20.40 -50.41
C LYS H 39 15.71 -20.77 -49.76
N PRO H 40 16.63 -21.35 -50.54
CA PRO H 40 17.74 -22.13 -49.95
C PRO H 40 18.36 -21.61 -48.66
N GLY H 41 18.46 -20.29 -48.49
CA GLY H 41 19.12 -19.79 -47.30
C GLY H 41 18.20 -19.25 -46.24
N LYS H 42 17.17 -18.53 -46.66
CA LYS H 42 16.31 -17.82 -45.72
C LYS H 42 15.53 -18.79 -44.85
N PRO H 43 14.95 -18.31 -43.76
CA PRO H 43 13.95 -19.09 -43.05
C PRO H 43 12.66 -19.13 -43.85
N PRO H 44 11.78 -20.10 -43.58
CA PRO H 44 10.58 -20.23 -44.39
C PRO H 44 9.67 -19.01 -44.27
N ARG H 45 8.72 -18.93 -45.20
CA ARG H 45 7.75 -17.85 -45.25
C ARG H 45 6.36 -18.48 -45.25
N LEU H 46 5.58 -18.22 -44.20
CA LEU H 46 4.23 -18.77 -44.13
C LEU H 46 3.36 -18.20 -45.24
N LEU H 47 2.76 -19.09 -46.03
CA LEU H 47 1.88 -18.67 -47.12
C LEU H 47 0.41 -18.77 -46.74
N ILE H 48 -0.04 -19.96 -46.36
CA ILE H 48 -1.46 -20.26 -46.21
C ILE H 48 -1.70 -20.85 -44.83
N SER H 49 -2.78 -20.43 -44.19
CA SER H 49 -3.27 -21.07 -42.98
C SER H 49 -4.64 -21.67 -43.23
N ARG H 50 -5.07 -22.54 -42.33
CA ARG H 50 -6.34 -23.26 -42.44
C ARG H 50 -6.47 -23.98 -43.78
N ALA H 51 -5.35 -24.23 -44.45
CA ALA H 51 -5.31 -25.03 -45.67
C ALA H 51 -5.99 -24.36 -46.85
N SER H 52 -6.64 -23.22 -46.63
CA SER H 52 -7.22 -22.45 -47.72
C SER H 52 -7.01 -20.96 -47.60
N ASN H 53 -6.74 -20.44 -46.41
CA ASN H 53 -6.76 -19.01 -46.13
C ASN H 53 -5.38 -18.42 -46.37
N ARG H 54 -5.24 -17.62 -47.43
CA ARG H 54 -3.96 -17.02 -47.75
C ARG H 54 -3.62 -15.91 -46.74
N HIS H 55 -2.45 -15.31 -46.92
CA HIS H 55 -1.94 -14.33 -45.99
C HIS H 55 -1.63 -13.03 -46.70
N GLY H 56 -1.39 -11.99 -45.89
CA GLY H 56 -1.01 -10.70 -46.42
C GLY H 56 0.37 -10.71 -47.01
N GLY H 57 0.47 -10.48 -48.32
CA GLY H 57 1.73 -10.53 -49.02
C GLY H 57 1.89 -11.73 -49.92
N VAL H 58 0.92 -12.64 -49.92
CA VAL H 58 0.93 -13.80 -50.81
C VAL H 58 0.06 -13.46 -52.01
N PRO H 59 0.53 -13.67 -53.24
CA PRO H 59 -0.28 -13.35 -54.41
C PRO H 59 -1.54 -14.19 -54.48
N ALA H 60 -2.46 -13.79 -55.34
CA ALA H 60 -3.65 -14.59 -55.56
C ALA H 60 -3.37 -15.85 -56.36
N ARG H 61 -2.19 -15.96 -56.97
CA ARG H 61 -1.89 -17.12 -57.80
C ARG H 61 -1.75 -18.39 -56.95
N PHE H 62 -1.39 -18.24 -55.68
CA PHE H 62 -1.36 -19.38 -54.78
C PHE H 62 -2.78 -19.77 -54.39
N SER H 63 -2.96 -21.06 -54.10
CA SER H 63 -4.30 -21.54 -53.74
C SER H 63 -4.15 -22.83 -52.98
N GLY H 64 -4.67 -22.86 -51.75
CA GLY H 64 -4.69 -24.06 -50.95
C GLY H 64 -6.09 -24.67 -50.96
N GLY H 65 -6.14 -25.98 -51.12
CA GLY H 65 -7.42 -26.66 -51.17
C GLY H 65 -7.50 -27.85 -50.26
N GLY H 66 -8.47 -28.72 -50.50
CA GLY H 66 -8.59 -29.97 -49.77
C GLY H 66 -8.98 -29.80 -48.31
N SER H 67 -9.32 -30.91 -47.66
CA SER H 67 -9.67 -30.94 -46.25
C SER H 67 -9.70 -32.39 -45.80
N GLY H 68 -9.61 -32.59 -44.48
CA GLY H 68 -9.61 -33.92 -43.96
C GLY H 68 -8.22 -34.51 -43.85
N THR H 69 -7.82 -35.26 -44.87
CA THR H 69 -6.49 -35.85 -44.93
C THR H 69 -5.69 -35.45 -46.15
N ILE H 70 -6.34 -35.20 -47.29
CA ILE H 70 -5.65 -34.88 -48.53
C ILE H 70 -5.78 -33.39 -48.79
N PHE H 71 -4.64 -32.68 -48.77
CA PHE H 71 -4.58 -31.26 -49.06
C PHE H 71 -3.69 -31.03 -50.27
N THR H 72 -3.89 -29.89 -50.94
CA THR H 72 -3.11 -29.54 -52.11
C THR H 72 -2.67 -28.08 -52.01
N LEU H 73 -1.82 -27.70 -52.95
CA LEU H 73 -1.41 -26.30 -53.12
C LEU H 73 -1.14 -26.11 -54.61
N THR H 74 -1.91 -25.23 -55.24
CA THR H 74 -1.80 -25.03 -56.68
C THR H 74 -1.38 -23.59 -56.96
N ILE H 75 -0.24 -23.43 -57.63
CA ILE H 75 0.21 -22.15 -58.14
C ILE H 75 -0.17 -22.11 -59.62
N LYS H 76 -1.10 -21.22 -59.96
CA LYS H 76 -1.62 -21.24 -61.33
C LYS H 76 -0.64 -20.63 -62.31
N GLY H 77 -0.36 -19.33 -62.18
CA GLY H 77 0.58 -18.68 -63.05
C GLY H 77 1.92 -18.44 -62.40
N LEU H 78 2.90 -19.30 -62.68
CA LEU H 78 4.18 -19.21 -61.99
C LEU H 78 4.94 -17.95 -62.36
N GLN H 79 5.87 -17.59 -61.48
CA GLN H 79 6.80 -16.50 -61.75
C GLN H 79 8.17 -16.92 -61.24
N SER H 80 9.19 -16.18 -61.68
CA SER H 80 10.57 -16.55 -61.38
C SER H 80 10.95 -16.36 -59.91
N ASP H 81 9.99 -15.98 -59.06
CA ASP H 81 10.26 -15.80 -57.64
C ASP H 81 9.56 -16.85 -56.78
N ASP H 82 8.93 -17.84 -57.40
CA ASP H 82 8.17 -18.84 -56.67
C ASP H 82 8.85 -20.20 -56.61
N PHE H 83 10.05 -20.34 -57.16
CA PHE H 83 10.72 -21.63 -57.19
C PHE H 83 11.49 -21.81 -55.89
N ALA H 84 10.96 -22.64 -54.99
CA ALA H 84 11.54 -22.86 -53.68
C ALA H 84 11.15 -24.25 -53.21
N THR H 85 11.31 -24.50 -51.92
CA THR H 85 10.90 -25.75 -51.30
C THR H 85 9.68 -25.51 -50.44
N PHE H 86 8.57 -26.16 -50.75
CA PHE H 86 7.31 -25.95 -50.06
C PHE H 86 7.09 -27.04 -49.03
N PHE H 87 6.82 -26.63 -47.80
CA PHE H 87 6.49 -27.56 -46.72
C PHE H 87 5.03 -27.38 -46.33
N CYS H 88 4.40 -28.48 -45.93
CA CYS H 88 3.08 -28.43 -45.34
C CYS H 88 3.20 -28.81 -43.87
N GLN H 89 2.38 -28.17 -43.05
CA GLN H 89 2.42 -28.38 -41.61
C GLN H 89 1.01 -28.61 -41.11
N GLN H 90 0.82 -29.66 -40.32
CA GLN H 90 -0.37 -29.76 -39.50
C GLN H 90 -0.07 -29.13 -38.16
N TYR H 91 -1.01 -28.36 -37.65
CA TYR H 91 -0.89 -27.85 -36.29
C TYR H 91 -2.05 -28.34 -35.44
N TYR H 92 -2.59 -29.50 -35.81
CA TYR H 92 -3.70 -30.09 -35.08
C TYR H 92 -3.24 -30.59 -33.72
N ASP H 93 -2.36 -31.59 -33.70
CA ASP H 93 -2.05 -32.26 -32.44
C ASP H 93 -1.04 -31.44 -31.66
N SER H 94 -0.53 -32.02 -30.57
CA SER H 94 0.21 -31.26 -29.57
C SER H 94 1.45 -30.62 -30.17
N ARG H 95 2.24 -31.40 -30.91
CA ARG H 95 3.46 -30.92 -31.52
C ARG H 95 3.28 -30.93 -33.03
N GLU H 96 3.30 -29.75 -33.62
CA GLU H 96 3.11 -29.62 -35.06
C GLU H 96 4.32 -30.18 -35.79
N THR H 97 4.08 -31.00 -36.80
CA THR H 97 5.13 -31.60 -37.60
C THR H 97 5.00 -31.16 -39.05
N PHE H 98 6.13 -31.08 -39.72
CA PHE H 98 6.20 -30.60 -41.10
C PHE H 98 6.33 -31.77 -42.05
N GLY H 99 6.08 -31.50 -43.32
CA GLY H 99 6.38 -32.47 -44.35
C GLY H 99 7.87 -32.56 -44.57
N GLN H 100 8.30 -33.00 -45.75
CA GLN H 100 9.72 -33.09 -46.06
C GLN H 100 10.12 -32.19 -47.22
N GLY H 101 9.24 -31.31 -47.67
CA GLY H 101 9.60 -30.44 -48.76
C GLY H 101 9.25 -31.02 -50.12
N SER H 102 8.99 -30.14 -51.06
CA SER H 102 8.76 -30.55 -52.44
C SER H 102 9.24 -29.42 -53.34
N ARG H 103 10.48 -29.53 -53.81
CA ARG H 103 11.08 -28.47 -54.59
C ARG H 103 10.34 -28.29 -55.92
N VAL H 104 10.53 -27.12 -56.51
CA VAL H 104 10.03 -26.81 -57.84
C VAL H 104 11.18 -26.23 -58.65
N MET H 105 11.57 -26.93 -59.72
CA MET H 105 12.76 -26.60 -60.47
C MET H 105 12.42 -25.64 -61.62
N MET H 106 13.39 -25.44 -62.52
CA MET H 106 13.26 -24.45 -63.58
C MET H 106 13.62 -24.98 -64.95
N GLU H 107 13.97 -26.26 -65.07
CA GLU H 107 14.35 -26.81 -66.37
C GLU H 107 13.20 -26.67 -67.37
N LYS H 108 13.43 -25.89 -68.42
CA LYS H 108 12.42 -25.66 -69.44
C LYS H 108 12.53 -26.71 -70.54
N ALA I 1 46.94 -27.24 39.27
CA ALA I 1 47.29 -26.37 38.16
C ALA I 1 46.73 -26.90 36.85
N GLU I 2 46.97 -28.20 36.60
CA GLU I 2 46.46 -28.82 35.39
C GLU I 2 44.95 -28.94 35.39
N ASN I 3 44.31 -28.72 36.53
CA ASN I 3 42.86 -28.85 36.65
C ASN I 3 42.20 -27.62 36.06
N LEU I 4 42.00 -27.65 34.75
CA LEU I 4 41.37 -26.54 34.05
C LEU I 4 39.86 -26.70 34.04
N TRP I 5 39.17 -25.58 34.19
CA TRP I 5 37.72 -25.56 34.16
C TRP I 5 37.25 -24.61 33.07
N VAL I 6 36.03 -24.84 32.61
CA VAL I 6 35.43 -24.03 31.59
C VAL I 6 35.17 -22.64 32.17
N THR I 7 35.39 -21.61 31.36
CA THR I 7 34.96 -20.26 31.70
C THR I 7 34.28 -19.65 30.49
N VAL I 8 33.36 -18.73 30.74
CA VAL I 8 32.72 -18.00 29.66
C VAL I 8 33.19 -16.56 29.70
N TYR I 9 33.22 -15.94 28.54
CA TYR I 9 33.62 -14.55 28.38
C TYR I 9 32.57 -13.88 27.52
N TYR I 10 31.82 -12.96 28.10
CA TYR I 10 30.86 -12.20 27.30
C TYR I 10 31.50 -10.93 26.80
N GLY I 11 31.17 -10.57 25.58
CA GLY I 11 31.79 -9.40 24.97
C GLY I 11 33.21 -9.70 24.55
N VAL I 12 33.37 -10.69 23.69
CA VAL I 12 34.70 -11.12 23.26
C VAL I 12 34.81 -10.88 21.75
N PRO I 13 35.96 -10.43 21.23
CA PRO I 13 36.03 -10.15 19.79
C PRO I 13 36.17 -11.39 18.92
N VAL I 14 35.06 -11.79 18.30
CA VAL I 14 35.01 -12.90 17.34
C VAL I 14 33.84 -12.62 16.40
N TRP I 15 34.08 -12.77 15.10
CA TRP I 15 33.03 -12.52 14.12
C TRP I 15 32.91 -13.70 13.18
N LYS I 16 31.79 -13.73 12.46
CA LYS I 16 31.54 -14.70 11.40
C LYS I 16 30.84 -13.98 10.26
N ASP I 17 31.12 -14.39 9.04
CA ASP I 17 30.50 -13.76 7.90
C ASP I 17 28.99 -13.98 7.94
N ALA I 18 28.24 -12.94 7.60
CA ALA I 18 26.79 -13.03 7.68
C ALA I 18 26.17 -12.08 6.67
N GLU I 19 24.84 -12.14 6.57
CA GLU I 19 24.06 -11.27 5.72
C GLU I 19 22.96 -10.65 6.57
N THR I 20 22.77 -9.35 6.43
CA THR I 20 21.78 -8.65 7.24
C THR I 20 21.14 -7.56 6.38
N THR I 21 20.42 -6.66 7.03
CA THR I 21 19.77 -5.55 6.38
C THR I 21 20.47 -4.27 6.80
N LEU I 22 21.11 -3.60 5.86
CA LEU I 22 21.77 -2.34 6.14
C LEU I 22 20.82 -1.18 5.85
N PHE I 23 21.09 -0.04 6.48
CA PHE I 23 20.26 1.14 6.31
C PHE I 23 21.13 2.34 5.95
N CYS I 24 20.57 3.23 5.13
CA CYS I 24 21.34 4.36 4.64
C CYS I 24 21.52 5.41 5.71
N ALA I 25 22.57 6.21 5.56
CA ALA I 25 22.90 7.25 6.53
C ALA I 25 23.32 8.52 5.81
N SER I 26 22.58 8.93 4.80
CA SER I 26 22.91 10.15 4.10
C SER I 26 22.60 11.37 4.97
N ASP I 27 23.28 12.47 4.67
CA ASP I 27 23.11 13.69 5.45
C ASP I 27 21.74 14.30 5.23
N ALA I 28 21.38 15.24 6.11
CA ALA I 28 20.11 15.95 5.99
C ALA I 28 20.30 17.43 5.69
N GLU I 34 15.17 22.38 0.00
CA GLU I 34 15.59 21.92 -1.32
C GLU I 34 14.75 20.73 -1.76
N LYS I 35 14.64 20.56 -3.08
CA LYS I 35 13.76 19.54 -3.65
C LYS I 35 14.27 18.14 -3.32
N HIS I 36 13.34 17.26 -2.98
CA HIS I 36 13.69 15.89 -2.66
C HIS I 36 14.20 15.16 -3.90
N ASN I 37 15.00 14.12 -3.68
CA ASN I 37 15.57 13.34 -4.75
C ASN I 37 14.94 11.96 -4.79
N VAL I 38 15.40 11.15 -5.74
CA VAL I 38 14.80 9.84 -5.95
C VAL I 38 15.23 8.85 -4.89
N TRP I 39 16.48 8.94 -4.44
CA TRP I 39 17.00 8.01 -3.44
C TRP I 39 16.51 8.31 -2.05
N ALA I 40 15.56 9.23 -1.91
CA ALA I 40 14.93 9.58 -0.65
C ALA I 40 15.96 9.71 0.46
N THR I 41 17.05 10.40 0.16
CA THR I 41 18.10 10.55 1.15
C THR I 41 17.71 11.62 2.14
N HIS I 42 16.48 11.52 2.65
CA HIS I 42 15.99 12.32 3.75
C HIS I 42 15.27 11.47 4.79
N ALA I 43 14.93 10.23 4.46
CA ALA I 43 14.51 9.24 5.43
C ALA I 43 15.68 8.40 5.92
N CYS I 44 16.91 8.80 5.61
CA CYS I 44 18.10 8.13 6.10
C CYS I 44 18.48 8.69 7.46
N VAL I 45 19.02 7.83 8.31
CA VAL I 45 19.57 8.25 9.60
C VAL I 45 20.60 9.34 9.37
N PRO I 46 20.44 10.55 9.94
CA PRO I 46 21.45 11.60 9.76
C PRO I 46 22.87 11.11 9.97
N THR I 47 23.72 11.31 8.96
CA THR I 47 25.09 10.82 8.95
C THR I 47 25.79 11.08 10.28
N ASP I 48 26.31 10.02 10.87
CA ASP I 48 27.15 10.18 12.04
C ASP I 48 28.50 10.74 11.61
N PRO I 49 28.87 11.94 12.04
CA PRO I 49 30.16 12.52 11.62
C PRO I 49 31.30 11.88 12.40
N ASN I 50 32.53 12.23 12.00
CA ASN I 50 33.78 11.71 12.55
C ASN I 50 33.65 10.21 12.86
N PRO I 51 33.33 9.39 11.87
CA PRO I 51 33.12 7.97 12.15
C PRO I 51 34.37 7.32 12.74
N GLN I 52 34.13 6.29 13.54
CA GLN I 52 35.18 5.70 14.37
C GLN I 52 35.80 4.50 13.64
N GLU I 53 36.56 4.80 12.60
CA GLU I 53 37.33 3.75 11.95
C GLU I 53 38.47 3.32 12.86
N ILE I 54 38.46 2.06 13.26
CA ILE I 54 39.45 1.50 14.17
C ILE I 54 40.33 0.55 13.38
N HIS I 55 41.65 0.76 13.42
CA HIS I 55 42.55 -0.13 12.74
C HIS I 55 42.66 -1.45 13.50
N LEU I 56 42.50 -2.56 12.79
CA LEU I 56 42.54 -3.89 13.36
C LEU I 56 43.88 -4.52 13.02
N GLU I 57 44.74 -4.66 14.01
CA GLU I 57 46.11 -5.12 13.76
C GLU I 57 46.19 -6.64 13.75
N ASN I 58 47.16 -7.15 13.00
CA ASN I 58 47.56 -8.55 13.00
C ASN I 58 46.45 -9.49 12.54
N VAL I 59 45.38 -8.98 11.96
CA VAL I 59 44.25 -9.78 11.51
C VAL I 59 44.26 -9.88 10.00
N THR I 60 43.96 -11.06 9.47
CA THR I 60 44.01 -11.33 8.04
C THR I 60 42.70 -12.01 7.63
N GLU I 61 41.78 -11.22 7.08
CA GLU I 61 40.47 -11.72 6.69
C GLU I 61 40.42 -11.93 5.19
N GLU I 62 39.69 -12.96 4.76
CA GLU I 62 39.57 -13.29 3.35
C GLU I 62 38.32 -12.61 2.79
N PHE I 63 38.53 -11.58 1.97
CA PHE I 63 37.42 -10.87 1.36
C PHE I 63 36.96 -11.56 0.09
N ASN I 64 35.89 -11.04 -0.49
CA ASN I 64 35.45 -11.41 -1.83
C ASN I 64 34.45 -10.39 -2.33
N MET I 65 34.73 -9.77 -3.47
CA MET I 65 33.86 -8.76 -4.03
C MET I 65 32.88 -9.30 -5.05
N TRP I 66 32.97 -10.57 -5.40
CA TRP I 66 32.09 -11.14 -6.42
C TRP I 66 30.96 -11.96 -5.86
N LYS I 67 31.16 -12.63 -4.72
CA LYS I 67 30.07 -13.22 -3.97
C LYS I 67 29.68 -12.36 -2.78
N ASN I 68 30.03 -11.09 -2.81
CA ASN I 68 29.56 -10.15 -1.81
C ASN I 68 28.04 -10.06 -1.87
N ASN I 69 27.45 -9.67 -0.75
CA ASN I 69 25.99 -9.60 -0.67
C ASN I 69 25.47 -8.21 -0.38
N MET I 70 26.31 -7.27 0.03
CA MET I 70 25.85 -5.91 0.21
C MET I 70 25.82 -5.17 -1.12
N VAL I 71 26.22 -5.81 -2.21
CA VAL I 71 26.03 -5.27 -3.55
C VAL I 71 24.76 -5.84 -4.19
N GLU I 72 24.30 -7.00 -3.75
CA GLU I 72 23.00 -7.49 -4.16
C GLU I 72 21.88 -6.86 -3.36
N GLN I 73 22.19 -6.36 -2.16
CA GLN I 73 21.20 -5.68 -1.34
C GLN I 73 21.03 -4.23 -1.77
N MET I 74 22.14 -3.56 -2.09
CA MET I 74 22.05 -2.18 -2.55
C MET I 74 21.27 -2.08 -3.84
N HIS I 75 21.41 -3.07 -4.72
CA HIS I 75 20.70 -3.03 -6.00
C HIS I 75 19.20 -3.06 -5.80
N THR I 76 18.72 -4.00 -4.98
CA THR I 76 17.28 -4.07 -4.76
C THR I 76 16.79 -2.89 -3.93
N ASP I 77 17.62 -2.36 -3.04
CA ASP I 77 17.25 -1.12 -2.35
C ASP I 77 17.01 -0.01 -3.36
N ILE I 78 17.95 0.19 -4.27
CA ILE I 78 17.83 1.28 -5.23
C ILE I 78 16.65 1.06 -6.15
N ILE I 79 16.38 -0.19 -6.54
CA ILE I 79 15.23 -0.43 -7.41
C ILE I 79 13.93 -0.12 -6.68
N SER I 80 13.72 -0.73 -5.51
CA SER I 80 12.49 -0.51 -4.77
C SER I 80 12.34 0.92 -4.28
N LEU I 81 13.43 1.67 -4.25
CA LEU I 81 13.44 3.06 -3.84
C LEU I 81 13.24 4.00 -5.00
N TRP I 82 13.57 3.55 -6.21
CA TRP I 82 13.27 4.29 -7.43
C TRP I 82 11.82 4.10 -7.84
N ASP I 83 11.24 2.92 -7.57
CA ASP I 83 9.85 2.70 -7.89
C ASP I 83 8.92 3.45 -6.96
N GLN I 84 9.29 3.60 -5.69
CA GLN I 84 8.40 4.26 -4.74
C GLN I 84 8.29 5.75 -4.99
N SER I 85 9.17 6.33 -5.78
CA SER I 85 9.09 7.74 -6.11
C SER I 85 8.32 7.99 -7.39
N LEU I 86 7.69 6.97 -7.96
CA LEU I 86 6.88 7.11 -9.15
C LEU I 86 5.41 6.81 -8.93
N LYS I 87 5.03 6.29 -7.76
CA LYS I 87 3.61 6.12 -7.47
C LYS I 87 2.86 7.44 -7.44
N PRO I 88 3.30 8.47 -6.71
CA PRO I 88 2.53 9.72 -6.67
C PRO I 88 2.47 10.43 -8.00
N CYS I 89 3.26 10.04 -9.00
CA CYS I 89 3.44 10.83 -10.19
C CYS I 89 2.43 10.39 -11.25
N VAL I 90 2.23 11.26 -12.25
CA VAL I 90 1.23 11.10 -13.30
C VAL I 90 1.44 9.78 -14.02
N LYS I 91 0.38 9.21 -14.57
CA LYS I 91 0.46 7.98 -15.36
C LYS I 91 0.04 8.32 -16.77
N LEU I 92 0.99 8.28 -17.71
CA LEU I 92 0.75 8.80 -19.04
C LEU I 92 0.04 7.80 -19.93
N THR I 93 -1.07 7.27 -19.48
CA THR I 93 -1.87 6.40 -20.33
C THR I 93 -2.66 7.18 -21.38
N PRO I 94 -3.22 8.35 -21.07
CA PRO I 94 -3.97 9.08 -22.11
C PRO I 94 -3.12 9.52 -23.27
N LEU I 95 -1.80 9.38 -23.18
CA LEU I 95 -0.91 9.86 -24.22
C LEU I 95 -0.76 8.87 -25.36
N CYS I 96 -1.10 7.61 -25.15
CA CYS I 96 -0.98 6.63 -26.22
C CYS I 96 -2.06 6.88 -27.26
N VAL I 97 -1.71 7.65 -28.29
CA VAL I 97 -2.67 8.18 -29.24
C VAL I 97 -1.94 8.39 -30.56
N THR I 98 -2.69 8.32 -31.65
CA THR I 98 -2.14 8.64 -32.97
C THR I 98 -1.68 10.08 -33.05
N LEU I 99 -0.37 10.29 -33.12
CA LEU I 99 0.18 11.62 -33.31
C LEU I 99 0.22 11.96 -34.79
N GLN I 100 0.62 13.18 -35.10
CA GLN I 100 0.84 13.59 -36.49
C GLN I 100 2.11 14.42 -36.54
N CYS I 101 3.24 13.76 -36.72
CA CYS I 101 4.52 14.43 -36.55
C CYS I 101 5.00 15.00 -37.87
N THR I 102 5.81 16.06 -37.75
CA THR I 102 6.49 16.71 -38.85
C THR I 102 7.82 17.19 -38.33
N ASN I 103 8.82 17.25 -39.19
CA ASN I 103 10.14 17.72 -38.76
C ASN I 103 10.06 19.17 -38.32
N VAL I 104 10.88 19.52 -37.33
CA VAL I 104 10.88 20.87 -36.80
C VAL I 104 11.38 21.84 -37.86
N THR I 105 10.70 22.99 -37.97
CA THR I 105 11.07 24.02 -38.94
C THR I 105 11.74 25.17 -38.20
N ASN I 106 13.04 25.01 -37.98
CA ASN I 106 13.94 26.10 -37.62
C ASN I 106 15.35 25.59 -37.91
N ASN I 107 16.30 26.52 -37.93
CA ASN I 107 17.66 26.22 -38.34
C ASN I 107 18.18 25.00 -37.62
N ILE I 108 18.43 23.94 -38.38
CA ILE I 108 18.86 22.65 -37.85
C ILE I 108 20.13 22.23 -38.56
N THR I 109 21.18 21.96 -37.80
CA THR I 109 22.40 21.42 -38.38
C THR I 109 22.12 20.05 -38.96
N ASP I 110 22.69 19.77 -40.13
CA ASP I 110 22.40 18.54 -40.85
C ASP I 110 22.76 17.29 -40.07
N ASP I 111 23.43 17.44 -38.93
CA ASP I 111 23.65 16.32 -38.03
C ASP I 111 22.41 16.02 -37.20
N MET I 112 21.72 17.05 -36.74
CA MET I 112 20.49 16.91 -35.96
C MET I 112 19.25 16.99 -36.81
N ARG I 113 19.35 16.65 -38.09
CA ARG I 113 18.20 16.75 -38.98
C ARG I 113 17.32 15.53 -38.83
N GLY I 114 16.02 15.75 -38.62
CA GLY I 114 15.11 14.66 -38.42
C GLY I 114 15.28 13.93 -37.11
N GLU I 115 15.73 14.63 -36.07
CA GLU I 115 15.84 14.05 -34.74
C GLU I 115 14.82 14.65 -33.79
N LEU I 116 14.04 15.63 -34.23
CA LEU I 116 12.98 16.22 -33.44
C LEU I 116 11.77 16.42 -34.34
N LYS I 117 10.58 16.19 -33.79
CA LYS I 117 9.37 16.39 -34.56
C LYS I 117 8.26 16.90 -33.66
N ASN I 118 7.50 17.88 -34.13
CA ASN I 118 6.37 18.41 -33.36
C ASN I 118 5.13 17.62 -33.72
N CYS I 119 4.75 16.71 -32.83
CA CYS I 119 3.63 15.82 -33.04
C CYS I 119 2.39 16.43 -32.40
N SER I 120 1.34 16.61 -33.19
CA SER I 120 0.13 17.30 -32.76
C SER I 120 -1.00 16.29 -32.67
N PHE I 121 -1.46 16.02 -31.46
CA PHE I 121 -2.46 15.01 -31.19
C PHE I 121 -3.70 15.64 -30.56
N ASN I 122 -4.70 14.81 -30.31
CA ASN I 122 -5.91 15.20 -29.60
C ASN I 122 -5.82 14.71 -28.16
N MET I 123 -6.20 15.57 -27.23
CA MET I 123 -6.11 15.21 -25.82
C MET I 123 -7.45 15.40 -25.14
N THR I 124 -7.70 14.59 -24.13
CA THR I 124 -8.92 14.74 -23.36
C THR I 124 -8.83 15.97 -22.48
N THR I 125 -9.90 16.74 -22.47
CA THR I 125 -9.95 17.97 -21.71
C THR I 125 -10.26 17.67 -20.25
N GLU I 126 -10.61 18.71 -19.50
CA GLU I 126 -11.29 18.52 -18.22
C GLU I 126 -12.52 17.62 -18.39
N LEU I 127 -13.31 17.89 -19.42
CA LEU I 127 -14.58 17.22 -19.69
C LEU I 127 -14.33 15.94 -20.45
N ARG I 128 -14.84 14.81 -19.95
CA ARG I 128 -14.59 13.52 -20.58
C ARG I 128 -15.17 13.44 -21.98
N ASP I 129 -15.85 14.48 -22.45
CA ASP I 129 -16.46 14.44 -23.78
C ASP I 129 -15.78 15.34 -24.79
N LYS I 130 -15.09 16.38 -24.35
CA LYS I 130 -14.44 17.30 -25.29
C LYS I 130 -13.00 16.87 -25.54
N LYS I 131 -12.51 17.18 -26.74
CA LYS I 131 -11.14 16.95 -27.13
C LYS I 131 -10.47 18.27 -27.49
N GLN I 132 -9.17 18.32 -27.29
CA GLN I 132 -8.39 19.51 -27.60
C GLN I 132 -7.22 19.11 -28.50
N LYS I 133 -6.99 19.90 -29.54
CA LYS I 133 -5.88 19.65 -30.47
C LYS I 133 -4.64 20.30 -29.89
N VAL I 134 -3.73 19.48 -29.38
CA VAL I 134 -2.55 19.96 -28.68
C VAL I 134 -1.32 19.36 -29.32
N TYR I 135 -0.19 20.07 -29.22
CA TYR I 135 1.05 19.61 -29.83
C TYR I 135 2.21 19.64 -28.84
N SER I 136 3.28 18.95 -29.19
CA SER I 136 4.49 18.88 -28.39
C SER I 136 5.65 18.50 -29.28
N LEU I 137 6.85 18.45 -28.71
CA LEU I 137 8.06 18.10 -29.45
C LEU I 137 8.64 16.81 -28.88
N PHE I 138 8.78 15.79 -29.72
CA PHE I 138 9.33 14.52 -29.30
C PHE I 138 10.63 14.26 -30.03
N TYR I 139 11.47 13.44 -29.42
CA TYR I 139 12.70 12.99 -30.03
C TYR I 139 12.44 11.77 -30.90
N ARG I 140 13.29 11.59 -31.91
CA ARG I 140 13.05 10.49 -32.85
C ARG I 140 13.14 9.13 -32.19
N LEU I 141 13.71 9.03 -30.99
CA LEU I 141 13.80 7.76 -30.30
C LEU I 141 12.60 7.49 -29.40
N ASP I 142 11.59 8.33 -29.46
CA ASP I 142 10.36 8.13 -28.71
C ASP I 142 9.16 7.84 -29.58
N VAL I 143 9.14 8.34 -30.80
CA VAL I 143 8.03 8.11 -31.70
C VAL I 143 8.41 6.97 -32.64
N VAL I 144 7.40 6.22 -33.06
CA VAL I 144 7.53 5.08 -33.95
C VAL I 144 6.43 5.19 -34.98
N GLN I 145 6.80 5.11 -36.26
CA GLN I 145 5.77 5.26 -37.29
C GLN I 145 4.77 4.12 -37.19
N ILE I 146 3.55 4.37 -37.65
CA ILE I 146 2.48 3.40 -37.50
C ILE I 146 2.20 2.68 -38.81
N ASN I 147 1.84 3.43 -39.84
CA ASN I 147 1.37 2.86 -41.11
C ASN I 147 2.29 3.34 -42.22
N GLU I 148 3.31 2.55 -42.52
CA GLU I 148 4.27 2.94 -43.55
C GLU I 148 3.65 2.78 -44.94
N ASN I 149 3.06 3.86 -45.45
CA ASN I 149 2.43 3.83 -46.77
C ASN I 149 2.78 5.08 -47.57
N LYS I 159 3.89 11.05 -41.44
CA LYS I 159 2.97 11.42 -40.37
C LYS I 159 2.54 10.20 -39.61
N GLU I 160 1.53 10.37 -38.77
CA GLU I 160 0.91 9.25 -38.06
C GLU I 160 1.91 8.39 -37.31
N TYR I 161 2.55 8.95 -36.30
CA TYR I 161 3.50 8.23 -35.47
C TYR I 161 2.77 7.75 -34.21
N ARG I 162 3.52 7.24 -33.25
CA ARG I 162 2.97 6.89 -31.96
C ARG I 162 4.12 6.70 -30.99
N LEU I 163 3.83 6.85 -29.71
CA LEU I 163 4.90 6.71 -28.72
C LEU I 163 5.47 5.30 -28.80
N ILE I 164 6.72 5.16 -28.36
CA ILE I 164 7.41 3.91 -28.59
C ILE I 164 6.88 2.80 -27.69
N ASN I 165 6.21 3.15 -26.60
CA ASN I 165 5.84 2.17 -25.60
C ASN I 165 4.33 2.07 -25.40
N CYS I 166 3.58 2.13 -26.49
CA CYS I 166 2.17 1.81 -26.44
C CYS I 166 1.91 0.37 -26.84
N ASN I 167 2.96 -0.37 -27.18
CA ASN I 167 2.88 -1.81 -27.35
C ASN I 167 3.31 -2.57 -26.11
N THR I 168 4.04 -1.93 -25.22
CA THR I 168 4.28 -2.46 -23.89
C THR I 168 3.86 -1.41 -22.87
N SER I 169 4.24 -1.60 -21.62
CA SER I 169 3.70 -0.81 -20.51
C SER I 169 3.70 0.68 -20.80
N ALA I 170 2.68 1.36 -20.28
CA ALA I 170 2.61 2.81 -20.32
C ALA I 170 3.34 3.38 -19.12
N CYS I 171 3.86 4.59 -19.27
CA CYS I 171 4.83 5.11 -18.33
C CYS I 171 4.15 5.98 -17.28
N THR I 172 4.86 6.19 -16.19
CA THR I 172 4.46 7.14 -15.17
C THR I 172 5.45 8.28 -15.26
N GLN I 173 5.02 9.40 -15.83
CA GLN I 173 5.85 10.58 -15.88
C GLN I 173 6.42 10.88 -14.51
N ALA I 174 7.73 11.06 -14.43
CA ALA I 174 8.34 11.41 -13.16
C ALA I 174 7.76 12.73 -12.65
N CYS I 175 8.06 13.04 -11.40
CA CYS I 175 7.58 14.25 -10.78
C CYS I 175 8.62 15.34 -10.93
N PRO I 176 8.29 16.52 -11.47
CA PRO I 176 9.34 17.52 -11.72
C PRO I 176 10.03 18.01 -10.48
N LYS I 177 9.41 17.85 -9.31
CA LYS I 177 10.06 18.26 -8.07
C LYS I 177 11.17 17.31 -7.68
N VAL I 178 11.02 16.03 -8.01
CA VAL I 178 12.03 15.03 -7.68
C VAL I 178 13.22 15.17 -8.62
N SER I 179 14.42 15.15 -8.05
CA SER I 179 15.65 15.32 -8.82
C SER I 179 16.46 14.03 -8.81
N PHE I 180 17.00 13.66 -9.96
CA PHE I 180 17.77 12.43 -10.09
C PHE I 180 19.22 12.60 -9.68
N GLU I 181 19.64 13.76 -9.20
CA GLU I 181 21.04 13.96 -8.88
C GLU I 181 21.47 13.01 -7.78
N PRO I 182 22.52 12.23 -7.97
CA PRO I 182 22.91 11.22 -6.97
C PRO I 182 23.57 11.87 -5.76
N ILE I 183 23.12 11.47 -4.58
CA ILE I 183 23.59 12.03 -3.32
C ILE I 183 24.32 10.93 -2.55
N PRO I 184 25.47 11.21 -1.94
CA PRO I 184 26.22 10.16 -1.24
C PRO I 184 25.37 9.46 -0.19
N ILE I 185 25.39 8.14 -0.23
CA ILE I 185 24.66 7.28 0.68
C ILE I 185 25.67 6.49 1.50
N HIS I 186 25.50 6.51 2.81
CA HIS I 186 26.34 5.73 3.72
C HIS I 186 25.55 4.52 4.18
N TYR I 187 26.05 3.33 3.88
CA TYR I 187 25.43 2.08 4.29
C TYR I 187 25.94 1.69 5.67
N CYS I 188 25.06 1.73 6.66
CA CYS I 188 25.40 1.38 8.02
C CYS I 188 25.02 -0.06 8.32
N ALA I 189 25.68 -0.63 9.33
CA ALA I 189 25.35 -1.97 9.76
C ALA I 189 24.63 -1.93 11.10
N PRO I 190 23.59 -2.73 11.28
CA PRO I 190 22.84 -2.69 12.53
C PRO I 190 23.73 -3.05 13.71
N ALA I 191 23.23 -2.76 14.91
CA ALA I 191 23.99 -3.06 16.11
C ALA I 191 24.24 -4.56 16.20
N GLY I 192 25.40 -4.92 16.75
CA GLY I 192 25.80 -6.29 16.81
C GLY I 192 26.52 -6.80 15.57
N PHE I 193 26.50 -6.05 14.49
CA PHE I 193 27.25 -6.38 13.28
C PHE I 193 28.37 -5.36 13.10
N ALA I 194 29.24 -5.63 12.14
CA ALA I 194 30.35 -4.74 11.86
C ALA I 194 30.68 -4.82 10.38
N ILE I 195 31.23 -3.73 9.86
CA ILE I 195 31.59 -3.63 8.45
C ILE I 195 33.10 -3.52 8.38
N LEU I 196 33.74 -4.54 7.82
CA LEU I 196 35.18 -4.60 7.71
C LEU I 196 35.59 -4.12 6.33
N LYS I 197 36.41 -3.08 6.27
CA LYS I 197 36.95 -2.60 5.00
C LYS I 197 38.39 -3.06 4.86
N CYS I 198 38.78 -3.39 3.64
CA CYS I 198 40.14 -3.85 3.33
C CYS I 198 40.98 -2.67 2.89
N LYS I 199 41.49 -1.93 3.88
CA LYS I 199 42.40 -0.83 3.55
C LYS I 199 43.72 -1.42 3.09
N ASP I 200 43.90 -1.46 1.77
CA ASP I 200 45.03 -2.12 1.15
C ASP I 200 45.10 -1.68 -0.31
N LYS I 201 46.30 -1.39 -0.78
CA LYS I 201 46.41 -0.73 -2.08
C LYS I 201 46.23 -1.73 -3.22
N LYS I 202 47.02 -2.79 -3.25
CA LYS I 202 47.01 -3.71 -4.38
C LYS I 202 46.13 -4.91 -4.10
N PHE I 203 44.84 -4.65 -3.91
CA PHE I 203 43.87 -5.67 -3.55
C PHE I 203 42.99 -5.95 -4.76
N ASN I 204 43.25 -7.08 -5.42
CA ASN I 204 42.57 -7.34 -6.68
C ASN I 204 41.15 -7.85 -6.51
N GLY I 205 40.64 -7.93 -5.29
CA GLY I 205 39.24 -8.20 -5.10
C GLY I 205 38.91 -9.41 -4.25
N THR I 206 39.68 -10.48 -4.38
CA THR I 206 39.47 -11.69 -3.59
C THR I 206 40.72 -11.95 -2.76
N GLY I 207 40.73 -13.11 -2.09
CA GLY I 207 41.88 -13.53 -1.34
C GLY I 207 42.07 -12.72 -0.07
N PRO I 208 43.09 -13.05 0.70
CA PRO I 208 43.29 -12.38 1.99
C PRO I 208 43.68 -10.93 1.82
N CYS I 209 43.46 -10.16 2.88
CA CYS I 209 43.79 -8.74 2.91
C CYS I 209 44.58 -8.44 4.18
N PRO I 210 45.91 -8.34 4.09
CA PRO I 210 46.73 -8.28 5.30
C PRO I 210 46.55 -7.04 6.16
N SER I 211 45.62 -6.14 5.83
CA SER I 211 45.36 -4.99 6.70
C SER I 211 43.88 -4.64 6.57
N VAL I 212 43.10 -5.08 7.54
CA VAL I 212 41.66 -4.84 7.58
C VAL I 212 41.39 -3.81 8.67
N SER I 213 40.24 -3.18 8.59
CA SER I 213 39.80 -2.25 9.61
C SER I 213 38.29 -2.35 9.78
N THR I 214 37.80 -1.82 10.90
CA THR I 214 36.39 -1.84 11.24
C THR I 214 35.81 -0.45 11.04
N VAL I 215 34.57 -0.39 10.58
CA VAL I 215 33.88 0.88 10.41
C VAL I 215 32.39 0.63 10.62
N GLN I 216 31.70 1.63 11.13
CA GLN I 216 30.25 1.51 11.31
C GLN I 216 29.50 1.83 10.04
N CYS I 217 29.94 2.84 9.28
CA CYS I 217 29.26 3.26 8.07
C CYS I 217 30.27 3.39 6.94
N THR I 218 29.96 2.79 5.79
CA THR I 218 30.80 2.92 4.62
C THR I 218 30.81 4.38 4.14
N HIS I 219 31.78 4.71 3.30
CA HIS I 219 31.89 6.07 2.81
C HIS I 219 30.73 6.41 1.89
N GLY I 220 30.71 7.64 1.40
CA GLY I 220 29.65 8.08 0.53
C GLY I 220 29.63 7.36 -0.81
N ILE I 221 28.66 6.48 -1.01
CA ILE I 221 28.53 5.74 -2.26
C ILE I 221 27.39 6.39 -3.03
N LYS I 222 27.72 7.38 -3.85
CA LYS I 222 26.68 8.05 -4.63
C LYS I 222 26.23 7.11 -5.75
N PRO I 223 24.97 6.77 -5.82
CA PRO I 223 24.53 5.85 -6.88
C PRO I 223 24.35 6.54 -8.21
N VAL I 224 25.31 6.37 -9.10
CA VAL I 224 25.18 6.85 -10.47
C VAL I 224 24.83 5.66 -11.34
N VAL I 225 24.09 5.91 -12.40
CA VAL I 225 23.65 4.86 -13.31
C VAL I 225 24.21 5.19 -14.68
N SER I 226 25.41 4.70 -14.95
CA SER I 226 26.03 4.76 -16.27
C SER I 226 26.09 3.34 -16.82
N THR I 227 26.55 3.22 -18.07
CA THR I 227 26.50 1.95 -18.75
C THR I 227 27.87 1.33 -18.94
N GLN I 228 28.78 2.00 -19.62
CA GLN I 228 30.07 1.38 -19.92
C GLN I 228 31.25 2.25 -19.54
N LEU I 229 31.02 3.31 -18.78
CA LEU I 229 32.09 4.17 -18.26
C LEU I 229 31.66 4.59 -16.86
N LEU I 230 32.30 4.04 -15.84
CA LEU I 230 31.94 4.40 -14.48
C LEU I 230 32.29 5.85 -14.22
N LEU I 231 31.31 6.62 -13.74
CA LEU I 231 31.44 8.05 -13.57
C LEU I 231 31.41 8.44 -12.10
N ASN I 232 32.13 9.52 -11.78
CA ASN I 232 32.11 10.11 -10.44
C ASN I 232 32.45 9.08 -9.36
N GLY I 233 33.24 8.09 -9.69
CA GLY I 233 33.57 7.04 -8.75
C GLY I 233 34.69 7.43 -7.81
N SER I 234 35.32 6.42 -7.23
CA SER I 234 36.45 6.59 -6.32
C SER I 234 37.68 5.95 -6.96
N LEU I 235 38.75 6.73 -7.10
CA LEU I 235 39.92 6.27 -7.80
C LEU I 235 40.73 5.30 -6.94
N ALA I 236 41.57 4.51 -7.60
CA ALA I 236 42.50 3.65 -6.89
C ALA I 236 43.59 4.49 -6.25
N GLU I 237 44.43 3.83 -5.45
CA GLU I 237 45.41 4.55 -4.66
C GLU I 237 46.70 4.81 -5.43
N GLU I 238 47.25 3.79 -6.05
CA GLU I 238 48.54 4.00 -6.70
C GLU I 238 48.59 3.53 -8.15
N GLU I 239 47.90 2.45 -8.49
CA GLU I 239 47.99 1.92 -9.84
C GLU I 239 46.60 1.57 -10.36
N VAL I 240 46.52 1.46 -11.69
CA VAL I 240 45.26 1.15 -12.37
C VAL I 240 44.95 -0.31 -12.10
N MET I 241 43.98 -0.57 -11.21
CA MET I 241 43.71 -1.92 -10.76
C MET I 241 42.63 -2.56 -11.64
N ILE I 242 42.96 -3.71 -12.21
CA ILE I 242 42.05 -4.48 -13.05
C ILE I 242 41.49 -5.62 -12.21
N ARG I 243 40.18 -5.80 -12.26
CA ARG I 243 39.52 -6.81 -11.45
C ARG I 243 38.56 -7.61 -12.31
N SER I 244 38.43 -8.89 -11.99
CA SER I 244 37.50 -9.77 -12.68
C SER I 244 37.33 -11.03 -11.86
N GLU I 245 36.28 -11.79 -12.18
CA GLU I 245 36.06 -13.06 -11.50
C GLU I 245 37.19 -14.04 -11.80
N ASN I 246 37.31 -14.47 -13.04
CA ASN I 246 38.50 -15.13 -13.56
C ASN I 246 38.88 -14.44 -14.86
N ILE I 247 40.00 -13.72 -14.85
CA ILE I 247 40.38 -12.92 -16.01
C ILE I 247 40.58 -13.81 -17.23
N THR I 248 40.95 -15.08 -17.01
CA THR I 248 41.09 -16.01 -18.12
C THR I 248 39.77 -16.29 -18.82
N ASN I 249 38.65 -16.07 -18.15
CA ASN I 249 37.35 -16.27 -18.79
C ASN I 249 36.98 -15.03 -19.58
N ASN I 250 36.31 -15.25 -20.72
CA ASN I 250 35.86 -14.16 -21.58
C ASN I 250 34.34 -13.99 -21.52
N ALA I 251 33.71 -14.48 -20.46
CA ALA I 251 32.29 -14.24 -20.23
C ALA I 251 32.05 -13.43 -18.96
N LYS I 252 33.10 -12.86 -18.38
CA LYS I 252 33.01 -12.04 -17.19
C LYS I 252 33.63 -10.68 -17.47
N ASN I 253 32.91 -9.62 -17.12
CA ASN I 253 33.41 -8.27 -17.33
C ASN I 253 34.70 -8.05 -16.57
N ILE I 254 35.39 -6.97 -16.92
CA ILE I 254 36.68 -6.64 -16.33
C ILE I 254 36.57 -5.21 -15.80
N LEU I 255 36.25 -5.07 -14.52
CA LEU I 255 35.99 -3.75 -13.95
C LEU I 255 37.29 -3.01 -13.73
N VAL I 256 37.77 -2.35 -14.78
CA VAL I 256 38.96 -1.53 -14.66
C VAL I 256 38.66 -0.32 -13.81
N GLN I 257 39.64 0.13 -13.04
CA GLN I 257 39.49 1.30 -12.18
C GLN I 257 40.72 2.18 -12.32
N PHE I 258 40.52 3.44 -12.65
CA PHE I 258 41.65 4.32 -12.88
C PHE I 258 42.24 4.79 -11.54
N ASN I 259 43.38 5.46 -11.63
CA ASN I 259 43.96 6.15 -10.49
C ASN I 259 44.01 7.66 -10.65
N THR I 260 43.77 8.17 -11.86
CA THR I 260 43.59 9.59 -12.13
C THR I 260 42.33 9.76 -12.96
N PRO I 261 41.48 10.71 -12.63
CA PRO I 261 40.20 10.83 -13.32
C PRO I 261 40.36 11.46 -14.70
N VAL I 262 39.60 10.93 -15.65
CA VAL I 262 39.54 11.47 -17.00
C VAL I 262 38.29 12.34 -17.08
N GLN I 263 38.48 13.65 -17.17
CA GLN I 263 37.37 14.57 -17.12
C GLN I 263 36.60 14.54 -18.45
N ILE I 264 35.28 14.38 -18.37
CA ILE I 264 34.42 14.31 -19.54
C ILE I 264 33.36 15.39 -19.42
N ASN I 265 33.20 16.18 -20.47
CA ASN I 265 32.29 17.33 -20.49
C ASN I 265 31.13 17.02 -21.41
N CYS I 266 29.95 16.83 -20.85
CA CYS I 266 28.76 16.52 -21.63
C CYS I 266 27.80 17.69 -21.60
N THR I 267 27.19 18.00 -22.74
CA THR I 267 26.35 19.17 -22.86
C THR I 267 25.23 18.90 -23.85
N ARG I 268 24.13 19.64 -23.68
CA ARG I 268 23.03 19.65 -24.63
C ARG I 268 22.78 21.09 -25.02
N PRO I 269 23.16 21.52 -26.23
CA PRO I 269 23.20 22.95 -26.52
C PRO I 269 21.90 23.59 -26.94
N ASN I 270 20.86 22.83 -27.24
CA ASN I 270 19.56 23.43 -27.52
C ASN I 270 19.00 24.05 -26.27
N ASN I 271 18.19 25.09 -26.44
CA ASN I 271 17.51 25.72 -25.31
C ASN I 271 16.03 25.39 -25.41
N ASN I 272 15.59 24.38 -24.67
CA ASN I 272 14.20 23.93 -24.71
C ASN I 272 13.30 24.94 -24.02
N THR I 273 12.02 24.63 -23.99
CA THR I 273 11.03 25.51 -23.37
C THR I 273 9.84 24.65 -22.99
N ARG I 274 9.63 24.43 -21.69
CA ARG I 274 8.54 23.58 -21.27
C ARG I 274 7.21 24.23 -21.59
N LYS I 275 6.16 23.39 -21.54
CA LYS I 275 4.79 23.87 -21.73
C LYS I 275 3.89 22.78 -21.16
N SER I 276 3.26 23.04 -20.02
CA SER I 276 2.51 22.01 -19.34
C SER I 276 1.14 21.82 -19.98
N ILE I 277 0.79 20.57 -20.30
CA ILE I 277 -0.48 20.23 -20.91
C ILE I 277 -1.30 19.46 -19.88
N ARG I 278 -2.58 19.82 -19.76
CA ARG I 278 -3.48 19.18 -18.81
C ARG I 278 -4.18 18.01 -19.49
N ILE I 279 -3.97 16.80 -18.98
CA ILE I 279 -4.50 15.59 -19.58
C ILE I 279 -5.62 14.97 -18.75
N GLY I 280 -5.99 15.58 -17.64
CA GLY I 280 -7.04 15.06 -16.80
C GLY I 280 -7.41 16.03 -15.70
N PRO I 281 -8.18 15.58 -14.73
CA PRO I 281 -8.50 16.45 -13.60
C PRO I 281 -7.33 16.56 -12.64
N GLY I 282 -6.70 17.73 -12.63
CA GLY I 282 -5.60 17.99 -11.73
C GLY I 282 -4.44 17.04 -11.90
N GLN I 283 -3.95 16.92 -13.14
CA GLN I 283 -2.70 16.23 -13.41
C GLN I 283 -2.23 16.66 -14.79
N ALA I 284 -0.99 17.11 -14.87
CA ALA I 284 -0.45 17.75 -16.07
C ALA I 284 0.63 16.90 -16.70
N PHE I 285 0.84 17.12 -17.99
CA PHE I 285 1.89 16.46 -18.75
C PHE I 285 2.80 17.56 -19.29
N TYR I 286 4.02 17.61 -18.78
CA TYR I 286 4.96 18.68 -19.10
C TYR I 286 5.61 18.39 -20.43
N ALA I 287 5.16 19.07 -21.47
CA ALA I 287 5.65 18.84 -22.82
C ALA I 287 6.85 19.73 -23.09
N THR I 288 7.26 19.81 -24.35
CA THR I 288 8.30 20.74 -24.79
C THR I 288 7.71 21.59 -25.90
N GLY I 289 7.50 22.86 -25.61
CA GLY I 289 6.77 23.70 -26.54
C GLY I 289 7.60 24.15 -27.72
N ASP I 290 8.82 24.59 -27.46
CA ASP I 290 9.59 25.25 -28.50
C ASP I 290 11.07 25.18 -28.16
N ILE I 291 11.89 25.17 -29.21
CA ILE I 291 13.34 25.24 -29.09
C ILE I 291 13.74 26.64 -29.53
N ILE I 292 14.32 27.40 -28.62
CA ILE I 292 14.71 28.78 -28.89
C ILE I 292 16.10 28.79 -29.50
N GLY I 293 16.22 29.31 -30.71
CA GLY I 293 17.51 29.39 -31.35
C GLY I 293 17.66 28.39 -32.47
N ASP I 294 18.88 27.94 -32.70
CA ASP I 294 19.14 26.89 -33.68
C ASP I 294 19.44 25.59 -32.94
N ILE I 295 19.04 24.49 -33.55
CA ILE I 295 19.14 23.18 -32.92
C ILE I 295 20.49 22.58 -33.23
N ARG I 296 21.14 22.04 -32.20
CA ARG I 296 22.52 21.58 -32.29
C ARG I 296 22.66 20.28 -31.52
N GLN I 297 23.44 19.35 -32.05
CA GLN I 297 23.53 18.03 -31.46
C GLN I 297 24.24 18.05 -30.11
N ALA I 298 23.75 17.26 -29.16
CA ALA I 298 24.45 17.07 -27.91
C ALA I 298 25.74 16.30 -28.17
N HIS I 299 26.62 16.30 -27.18
CA HIS I 299 27.90 15.61 -27.32
C HIS I 299 28.58 15.55 -25.96
N CYS I 300 29.78 14.95 -25.95
CA CYS I 300 30.65 14.91 -24.79
C CYS I 300 32.09 15.02 -25.27
N ASN I 301 32.94 15.67 -24.48
CA ASN I 301 34.32 15.87 -24.85
C ASN I 301 35.25 15.20 -23.83
N VAL I 302 36.19 14.41 -24.33
CA VAL I 302 37.20 13.74 -23.53
C VAL I 302 38.56 14.11 -24.11
N SER I 303 39.41 14.74 -23.31
CA SER I 303 40.69 15.21 -23.82
C SER I 303 41.51 14.05 -24.34
N LYS I 304 41.93 14.15 -25.60
CA LYS I 304 42.58 13.01 -26.25
C LYS I 304 43.92 12.68 -25.60
N ALA I 305 44.64 13.68 -25.11
CA ALA I 305 45.91 13.41 -24.47
C ALA I 305 45.72 12.59 -23.20
N THR I 306 44.94 13.11 -22.26
CA THR I 306 44.72 12.44 -20.98
C THR I 306 43.79 11.24 -21.10
N TRP I 307 43.21 10.99 -22.26
CA TRP I 307 42.53 9.72 -22.45
C TRP I 307 43.45 8.66 -23.03
N ASN I 308 44.27 9.04 -24.02
CA ASN I 308 45.23 8.09 -24.56
C ASN I 308 46.24 7.67 -23.52
N GLU I 309 46.59 8.58 -22.60
CA GLU I 309 47.55 8.23 -21.55
C GLU I 309 46.96 7.21 -20.57
N THR I 310 45.70 7.38 -20.18
CA THR I 310 45.09 6.40 -19.29
C THR I 310 44.82 5.08 -20.01
N LEU I 311 44.56 5.13 -21.32
CA LEU I 311 44.48 3.88 -22.06
C LEU I 311 45.82 3.18 -22.09
N GLY I 312 46.91 3.93 -22.19
CA GLY I 312 48.22 3.32 -22.08
C GLY I 312 48.46 2.67 -20.74
N LYS I 313 48.07 3.37 -19.66
CA LYS I 313 48.19 2.78 -18.33
C LYS I 313 47.40 1.48 -18.24
N VAL I 314 46.17 1.48 -18.73
CA VAL I 314 45.35 0.27 -18.65
C VAL I 314 45.97 -0.85 -19.45
N VAL I 315 46.47 -0.56 -20.66
CA VAL I 315 47.02 -1.63 -21.47
C VAL I 315 48.30 -2.15 -20.86
N LYS I 316 49.01 -1.32 -20.08
CA LYS I 316 50.18 -1.82 -19.37
C LYS I 316 49.77 -2.76 -18.25
N GLN I 317 48.74 -2.39 -17.50
CA GLN I 317 48.27 -3.28 -16.43
C GLN I 317 47.51 -4.49 -16.95
N LEU I 318 47.12 -4.49 -18.22
CA LEU I 318 46.44 -5.64 -18.82
C LEU I 318 47.41 -6.66 -19.39
N ARG I 319 48.70 -6.34 -19.40
CA ARG I 319 49.70 -7.30 -19.84
C ARG I 319 50.26 -8.13 -18.70
N LYS I 320 50.11 -7.67 -17.47
CA LYS I 320 50.47 -8.49 -16.33
C LYS I 320 49.61 -9.75 -16.23
N HIS I 321 48.51 -9.80 -16.98
CA HIS I 321 47.65 -10.97 -17.03
C HIS I 321 47.60 -11.61 -18.41
N PHE I 322 48.32 -11.07 -19.39
CA PHE I 322 48.21 -11.60 -20.75
C PHE I 322 49.53 -11.67 -21.51
N GLY I 323 50.67 -11.45 -20.86
CA GLY I 323 51.95 -11.54 -21.55
C GLY I 323 52.41 -10.25 -22.19
N ASN I 324 53.71 -9.96 -22.11
CA ASN I 324 54.22 -8.67 -22.54
C ASN I 324 54.20 -8.52 -24.06
N ASN I 325 54.33 -9.62 -24.80
CA ASN I 325 54.29 -9.58 -26.26
C ASN I 325 52.90 -9.93 -26.77
N THR I 326 51.92 -9.14 -26.35
CA THR I 326 50.52 -9.39 -26.66
C THR I 326 49.92 -8.14 -27.27
N ILE I 327 49.34 -8.28 -28.46
CA ILE I 327 48.65 -7.16 -29.11
C ILE I 327 47.31 -6.98 -28.43
N ILE I 328 47.13 -5.85 -27.76
CA ILE I 328 45.90 -5.51 -27.07
C ILE I 328 45.25 -4.37 -27.83
N ARG I 329 44.10 -4.61 -28.42
CA ARG I 329 43.40 -3.60 -29.17
C ARG I 329 41.99 -3.48 -28.61
N PHE I 330 41.46 -2.27 -28.61
CA PHE I 330 40.10 -2.01 -28.19
C PHE I 330 39.22 -1.82 -29.41
N ALA I 331 37.94 -2.14 -29.24
CA ALA I 331 36.97 -1.94 -30.30
C ALA I 331 35.72 -1.32 -29.71
N ASN I 332 34.83 -0.86 -30.56
CA ASN I 332 33.60 -0.29 -30.07
C ASN I 332 32.61 -1.40 -29.79
N SER I 333 31.47 -1.05 -29.21
CA SER I 333 30.57 -2.03 -28.63
C SER I 333 30.11 -3.05 -29.66
N SER I 334 29.63 -4.19 -29.16
CA SER I 334 29.30 -5.31 -30.02
C SER I 334 27.97 -5.11 -30.73
N GLY I 335 26.92 -4.89 -29.97
CA GLY I 335 25.60 -4.72 -30.54
C GLY I 335 24.53 -5.01 -29.51
N GLY I 336 23.30 -4.76 -29.91
CA GLY I 336 22.17 -4.99 -29.03
C GLY I 336 21.28 -3.77 -28.84
N ASP I 337 20.76 -3.61 -27.62
CA ASP I 337 19.91 -2.47 -27.32
C ASP I 337 20.73 -1.18 -27.29
N LEU I 338 20.03 -0.05 -27.26
CA LEU I 338 20.72 1.23 -27.24
C LEU I 338 21.35 1.51 -25.89
N GLU I 339 20.84 0.91 -24.82
CA GLU I 339 21.34 1.18 -23.48
C GLU I 339 22.51 0.28 -23.09
N VAL I 340 22.95 -0.59 -24.00
CA VAL I 340 24.12 -1.43 -23.73
C VAL I 340 25.25 -1.19 -24.69
N THR I 341 24.99 -0.69 -25.89
CA THR I 341 26.02 -0.38 -26.87
C THR I 341 26.49 1.05 -26.76
N THR I 342 26.06 1.76 -25.73
CA THR I 342 26.20 3.21 -25.69
C THR I 342 26.28 3.68 -24.24
N HIS I 343 27.10 4.69 -24.02
CA HIS I 343 27.38 5.19 -22.68
C HIS I 343 26.21 5.98 -22.11
N SER I 344 25.17 5.29 -21.67
CA SER I 344 23.99 5.98 -21.18
C SER I 344 24.24 6.54 -19.79
N PHE I 345 23.68 7.72 -19.53
CA PHE I 345 23.72 8.32 -18.20
C PHE I 345 22.72 9.47 -18.19
N ASN I 346 22.56 10.08 -17.02
CA ASN I 346 21.70 11.24 -16.89
C ASN I 346 22.52 12.40 -16.37
N CYS I 347 22.29 13.57 -16.94
CA CYS I 347 23.14 14.74 -16.73
C CYS I 347 22.22 15.91 -16.39
N GLY I 348 21.96 16.11 -15.11
CA GLY I 348 21.05 17.16 -14.71
C GLY I 348 19.60 16.85 -14.97
N GLY I 349 19.24 15.59 -15.13
CA GLY I 349 17.87 15.20 -15.35
C GLY I 349 17.52 14.88 -16.78
N GLU I 350 18.49 14.84 -17.68
CA GLU I 350 18.27 14.49 -19.07
C GLU I 350 19.16 13.31 -19.41
N PHE I 351 18.57 12.27 -20.01
CA PHE I 351 19.25 11.00 -20.17
C PHE I 351 19.94 10.95 -21.53
N PHE I 352 21.27 11.01 -21.51
CA PHE I 352 22.07 10.99 -22.72
C PHE I 352 22.40 9.55 -23.10
N TYR I 353 22.59 9.33 -24.39
CA TYR I 353 23.01 8.03 -24.91
C TYR I 353 24.17 8.26 -25.87
N CYS I 354 25.39 8.29 -25.35
CA CYS I 354 26.52 8.74 -26.12
C CYS I 354 27.18 7.56 -26.84
N ASN I 355 27.90 7.88 -27.90
CA ASN I 355 28.46 6.89 -28.81
C ASN I 355 29.97 6.84 -28.58
N THR I 356 30.41 5.87 -27.77
CA THR I 356 31.79 5.76 -27.33
C THR I 356 32.68 5.09 -28.35
N SER I 357 32.28 4.99 -29.60
CA SER I 357 33.11 4.35 -30.60
C SER I 357 34.35 5.14 -30.95
N GLY I 358 34.61 6.26 -30.28
CA GLY I 358 35.78 7.05 -30.58
C GLY I 358 36.83 6.89 -29.50
N LEU I 359 36.40 6.54 -28.30
CA LEU I 359 37.34 6.24 -27.22
C LEU I 359 37.94 4.86 -27.39
N PHE I 360 37.09 3.88 -27.68
CA PHE I 360 37.51 2.48 -27.81
C PHE I 360 37.77 2.17 -29.27
N ASN I 361 38.88 2.71 -29.77
CA ASN I 361 39.31 2.47 -31.15
C ASN I 361 40.81 2.69 -31.19
N SER I 362 41.58 1.60 -31.09
CA SER I 362 43.04 1.67 -31.09
C SER I 362 43.57 0.25 -31.06
N THR I 363 44.86 0.12 -31.37
CA THR I 363 45.58 -1.14 -31.29
C THR I 363 46.94 -0.89 -30.68
N TRP I 364 47.28 -1.63 -29.64
CA TRP I 364 48.49 -1.39 -28.87
C TRP I 364 49.48 -2.54 -29.05
N ILE I 365 50.72 -2.19 -29.36
CA ILE I 365 51.80 -3.15 -29.54
C ILE I 365 52.92 -2.82 -28.56
N SER I 366 53.68 -3.84 -28.21
CA SER I 366 54.80 -3.66 -27.28
C SER I 366 55.87 -2.79 -27.92
N ASN I 367 55.97 -1.54 -27.48
CA ASN I 367 56.90 -0.59 -28.08
C ASN I 367 57.89 -0.05 -27.05
N SER I 378 47.83 17.67 -29.18
CA SER I 378 47.54 18.21 -27.86
C SER I 378 46.44 19.26 -27.93
N ASN I 379 45.74 19.44 -26.81
CA ASN I 379 44.61 20.37 -26.67
C ASN I 379 43.43 19.99 -27.54
N ASP I 380 43.46 18.83 -28.18
CA ASP I 380 42.32 18.33 -28.94
C ASP I 380 41.51 17.38 -28.07
N SER I 381 40.21 17.32 -28.35
CA SER I 381 39.29 16.50 -27.59
C SER I 381 38.53 15.59 -28.53
N ILE I 382 37.91 14.57 -27.96
CA ILE I 382 37.23 13.52 -28.72
C ILE I 382 35.74 13.72 -28.59
N THR I 383 35.14 14.44 -29.53
CA THR I 383 33.73 14.79 -29.46
C THR I 383 32.89 13.56 -29.82
N LEU I 384 32.32 12.90 -28.81
CA LEU I 384 31.42 11.79 -29.12
C LEU I 384 29.98 12.26 -29.20
N PRO I 385 29.24 11.90 -30.23
CA PRO I 385 27.89 12.41 -30.36
C PRO I 385 26.88 11.60 -29.58
N CYS I 386 26.06 12.28 -28.79
CA CYS I 386 25.06 11.64 -27.95
C CYS I 386 23.67 11.83 -28.52
N ARG I 387 22.79 10.88 -28.23
CA ARG I 387 21.36 11.01 -28.45
C ARG I 387 20.70 11.29 -27.10
N ILE I 388 19.41 11.60 -27.14
CA ILE I 388 18.65 11.86 -25.93
C ILE I 388 17.29 11.18 -26.05
N LYS I 389 16.85 10.57 -24.97
CA LYS I 389 15.54 9.96 -24.89
C LYS I 389 14.78 10.56 -23.71
N GLN I 390 13.46 10.46 -23.78
CA GLN I 390 12.61 10.80 -22.65
C GLN I 390 11.87 9.60 -22.09
N ILE I 391 11.61 8.59 -22.91
CA ILE I 391 10.97 7.35 -22.48
C ILE I 391 12.08 6.37 -22.16
N ILE I 392 12.33 6.14 -20.87
CA ILE I 392 13.49 5.36 -20.47
C ILE I 392 13.02 4.09 -19.75
N ASN I 393 13.88 3.07 -19.81
CA ASN I 393 13.64 1.77 -19.19
C ASN I 393 14.82 1.46 -18.29
N MET I 394 14.76 1.90 -17.04
CA MET I 394 15.82 1.60 -16.11
C MET I 394 15.70 0.16 -15.62
N TRP I 395 16.84 -0.42 -15.27
CA TRP I 395 16.95 -1.76 -14.70
C TRP I 395 16.44 -2.86 -15.64
N GLN I 396 16.10 -2.51 -16.88
CA GLN I 396 15.73 -3.47 -17.91
C GLN I 396 14.59 -4.38 -17.45
N ARG I 397 13.47 -3.75 -17.12
CA ARG I 397 12.25 -4.47 -16.79
C ARG I 397 11.29 -4.42 -17.96
N ILE I 398 10.32 -5.34 -17.95
CA ILE I 398 9.41 -5.46 -19.09
C ILE I 398 8.29 -4.44 -18.97
N GLY I 399 7.50 -4.54 -17.91
CA GLY I 399 6.32 -3.71 -17.79
C GLY I 399 6.55 -2.43 -17.03
N GLN I 400 7.69 -1.80 -17.24
CA GLN I 400 8.00 -0.57 -16.52
C GLN I 400 8.74 0.37 -17.44
N CYS I 401 8.14 1.52 -17.73
CA CYS I 401 8.90 2.60 -18.36
C CYS I 401 8.76 3.85 -17.51
N MET I 402 9.30 4.97 -17.98
CA MET I 402 9.27 6.19 -17.18
C MET I 402 9.55 7.43 -18.02
N TYR I 403 8.56 8.27 -18.24
CA TYR I 403 8.79 9.51 -18.97
C TYR I 403 9.58 10.48 -18.12
N ALA I 404 10.70 10.96 -18.65
CA ALA I 404 11.46 11.98 -17.93
C ALA I 404 11.02 13.36 -18.43
N PRO I 405 10.57 14.24 -17.55
CA PRO I 405 10.07 15.54 -18.00
C PRO I 405 11.18 16.36 -18.62
N PRO I 406 10.85 17.34 -19.47
CA PRO I 406 11.88 18.13 -20.11
C PRO I 406 12.64 18.97 -19.10
N ILE I 407 13.84 19.38 -19.50
CA ILE I 407 14.67 20.26 -18.71
C ILE I 407 14.95 21.51 -19.54
N GLN I 408 14.81 22.66 -18.92
CA GLN I 408 14.96 23.92 -19.65
C GLN I 408 16.40 24.40 -19.59
N GLY I 409 16.80 25.15 -20.61
CA GLY I 409 18.12 25.73 -20.63
C GLY I 409 19.16 24.76 -21.17
N VAL I 410 20.32 25.32 -21.50
CA VAL I 410 21.46 24.51 -21.90
C VAL I 410 21.93 23.69 -20.71
N ILE I 411 22.03 22.39 -20.90
CA ILE I 411 22.49 21.48 -19.85
C ILE I 411 23.98 21.26 -20.03
N ARG I 412 24.72 21.23 -18.92
CA ARG I 412 26.15 21.00 -18.98
C ARG I 412 26.61 20.42 -17.66
N CYS I 413 27.20 19.23 -17.71
CA CYS I 413 27.74 18.57 -16.53
C CYS I 413 29.19 18.20 -16.79
N VAL I 414 29.98 18.22 -15.74
CA VAL I 414 31.40 17.90 -15.80
C VAL I 414 31.64 16.73 -14.86
N SER I 415 32.00 15.59 -15.42
CA SER I 415 32.11 14.35 -14.67
C SER I 415 33.54 13.86 -14.64
N ASN I 416 33.75 12.76 -13.92
CA ASN I 416 35.03 12.07 -13.86
C ASN I 416 34.82 10.66 -14.37
N ILE I 417 35.49 10.29 -15.46
CA ILE I 417 35.52 8.88 -15.82
C ILE I 417 36.51 8.20 -14.90
N THR I 418 35.99 7.33 -14.02
CA THR I 418 36.82 6.66 -13.03
C THR I 418 37.19 5.24 -13.42
N GLY I 419 36.28 4.50 -14.04
CA GLY I 419 36.56 3.15 -14.45
C GLY I 419 35.91 2.84 -15.79
N LEU I 420 36.11 1.61 -16.22
CA LEU I 420 35.47 1.08 -17.43
C LEU I 420 34.83 -0.25 -17.07
N ILE I 421 34.05 -0.79 -18.00
CA ILE I 421 33.51 -2.14 -17.88
C ILE I 421 33.77 -2.83 -19.21
N LEU I 422 34.92 -3.48 -19.33
CA LEU I 422 35.33 -4.11 -20.57
C LEU I 422 34.85 -5.55 -20.63
N THR I 423 34.97 -6.14 -21.81
CA THR I 423 34.66 -7.54 -22.02
C THR I 423 35.64 -8.09 -23.04
N ARG I 424 36.35 -9.15 -22.68
CA ARG I 424 37.28 -9.77 -23.60
C ARG I 424 36.53 -10.41 -24.76
N ASP I 425 37.26 -11.00 -25.69
CA ASP I 425 36.66 -11.71 -26.81
C ASP I 425 37.16 -13.14 -26.88
N GLY I 426 36.27 -14.04 -27.31
CA GLY I 426 36.55 -15.46 -27.32
C GLY I 426 37.50 -15.90 -28.41
N GLY I 427 38.35 -15.00 -28.90
CA GLY I 427 39.32 -15.31 -29.93
C GLY I 427 40.16 -16.52 -29.61
N SER I 428 39.99 -17.58 -30.41
CA SER I 428 40.66 -18.86 -30.16
C SER I 428 42.00 -18.88 -30.91
N THR I 429 42.60 -20.07 -31.00
CA THR I 429 43.88 -20.32 -31.63
C THR I 429 45.03 -19.57 -30.95
N ASN I 430 44.78 -18.98 -29.79
CA ASN I 430 45.80 -18.24 -29.04
C ASN I 430 46.49 -17.19 -29.92
N SER I 431 45.67 -16.43 -30.64
CA SER I 431 46.20 -15.32 -31.41
C SER I 431 46.79 -14.28 -30.48
N THR I 432 47.89 -13.67 -30.91
CA THR I 432 48.54 -12.65 -30.09
C THR I 432 47.68 -11.42 -29.89
N THR I 433 46.58 -11.29 -30.62
CA THR I 433 45.70 -10.13 -30.50
C THR I 433 44.59 -10.42 -29.49
N GLU I 434 44.23 -9.38 -28.73
CA GLU I 434 43.10 -9.44 -27.81
C GLU I 434 42.28 -8.17 -27.98
N THR I 435 41.01 -8.32 -28.35
CA THR I 435 40.11 -7.19 -28.46
C THR I 435 39.31 -7.05 -27.18
N PHE I 436 39.23 -5.82 -26.67
CA PHE I 436 38.44 -5.50 -25.49
C PHE I 436 37.35 -4.52 -25.90
N ARG I 437 36.15 -5.02 -26.08
CA ARG I 437 35.09 -4.10 -26.41
C ARG I 437 34.21 -3.84 -25.19
N PRO I 438 33.90 -2.59 -24.88
CA PRO I 438 33.18 -2.30 -23.65
C PRO I 438 31.77 -2.88 -23.68
N GLY I 439 31.20 -3.01 -22.50
CA GLY I 439 29.86 -3.55 -22.37
C GLY I 439 29.31 -3.33 -20.98
N GLY I 440 28.07 -2.88 -20.89
CA GLY I 440 27.46 -2.64 -19.60
C GLY I 440 26.48 -3.74 -19.24
N GLY I 441 25.25 -3.36 -18.93
CA GLY I 441 24.22 -4.33 -18.63
C GLY I 441 23.67 -4.20 -17.22
N ASP I 442 23.85 -5.25 -16.42
CA ASP I 442 23.39 -5.20 -15.04
C ASP I 442 24.09 -4.06 -14.30
N MET I 443 23.30 -3.24 -13.63
CA MET I 443 23.86 -2.10 -12.93
C MET I 443 24.68 -2.50 -11.72
N ARG I 444 24.71 -3.79 -11.37
CA ARG I 444 25.35 -4.19 -10.13
C ARG I 444 26.85 -3.90 -10.16
N ASP I 445 27.47 -3.96 -11.34
CA ASP I 445 28.90 -3.69 -11.43
C ASP I 445 29.22 -2.26 -11.00
N ASN I 446 28.30 -1.33 -11.21
CA ASN I 446 28.53 0.04 -10.79
C ASN I 446 28.73 0.11 -9.28
N TRP I 447 27.83 -0.52 -8.51
CA TRP I 447 28.01 -0.57 -7.07
C TRP I 447 29.24 -1.39 -6.71
N ARG I 448 29.40 -2.56 -7.33
CA ARG I 448 30.48 -3.47 -7.03
C ARG I 448 31.85 -2.82 -7.21
N SER I 449 31.93 -1.79 -8.04
CA SER I 449 33.19 -1.06 -8.11
C SER I 449 33.44 -0.19 -6.89
N GLU I 450 32.44 0.01 -6.04
CA GLU I 450 32.60 0.76 -4.80
C GLU I 450 32.50 -0.09 -3.56
N LEU I 451 31.71 -1.16 -3.60
CA LEU I 451 31.57 -2.09 -2.48
C LEU I 451 32.54 -3.25 -2.56
N TYR I 452 33.70 -3.06 -3.17
CA TYR I 452 34.68 -4.13 -3.20
C TYR I 452 35.48 -4.19 -1.91
N LYS I 453 35.63 -3.06 -1.23
CA LYS I 453 36.44 -3.02 -0.02
C LYS I 453 35.76 -3.66 1.18
N TYR I 454 34.43 -3.69 1.19
CA TYR I 454 33.67 -3.94 2.40
C TYR I 454 33.08 -5.34 2.42
N LYS I 455 32.95 -5.87 3.63
CA LYS I 455 32.17 -7.08 3.89
C LYS I 455 31.58 -6.94 5.28
N VAL I 456 30.40 -7.53 5.46
CA VAL I 456 29.66 -7.40 6.70
C VAL I 456 29.84 -8.67 7.51
N VAL I 457 30.22 -8.51 8.79
CA VAL I 457 30.43 -9.65 9.67
C VAL I 457 29.48 -9.54 10.85
N LYS I 458 29.24 -10.69 11.48
CA LYS I 458 28.35 -10.80 12.61
C LYS I 458 29.17 -11.08 13.86
N ILE I 459 29.12 -10.15 14.82
CA ILE I 459 29.88 -10.34 16.04
C ILE I 459 29.26 -11.48 16.84
N GLU I 460 30.09 -12.43 17.25
CA GLU I 460 29.65 -13.56 18.07
C GLU I 460 30.40 -13.51 19.39
N PRO I 461 29.88 -12.78 20.36
CA PRO I 461 30.51 -12.75 21.68
C PRO I 461 30.28 -14.06 22.40
N LEU I 462 30.55 -14.11 23.70
CA LEU I 462 30.23 -15.29 24.49
C LEU I 462 31.07 -16.48 24.05
N GLY I 463 32.38 -16.34 24.15
CA GLY I 463 33.26 -17.45 23.89
C GLY I 463 33.54 -18.26 25.14
N VAL I 464 34.02 -19.48 24.94
CA VAL I 464 34.31 -20.41 26.02
C VAL I 464 35.78 -20.78 25.92
N ALA I 465 36.48 -20.76 27.06
CA ALA I 465 37.89 -21.09 27.08
C ALA I 465 38.25 -21.57 28.47
N PRO I 466 39.15 -22.54 28.58
CA PRO I 466 39.49 -23.08 29.90
C PRO I 466 40.54 -22.26 30.60
N THR I 467 40.40 -22.19 31.93
CA THR I 467 41.43 -21.59 32.76
C THR I 467 41.41 -22.28 34.12
N ARG I 468 42.33 -21.86 34.98
CA ARG I 468 42.57 -22.52 36.26
C ARG I 468 41.79 -21.76 37.33
N CYS I 469 40.50 -22.07 37.43
CA CYS I 469 39.62 -21.47 38.42
C CYS I 469 38.38 -22.34 38.53
N LYS I 470 37.72 -22.28 39.68
CA LYS I 470 36.55 -23.10 39.94
C LYS I 470 35.54 -22.29 40.73
N ARG I 471 34.29 -22.33 40.30
CA ARG I 471 33.25 -21.57 40.98
C ARG I 471 32.99 -22.14 42.37
N ARG I 472 32.83 -21.25 43.34
CA ARG I 472 32.58 -21.66 44.71
C ARG I 472 31.15 -22.17 44.88
N GLY J 5 47.36 2.71 22.48
CA GLY J 5 46.50 2.57 23.63
C GLY J 5 45.12 3.17 23.43
N ALA J 6 44.93 3.86 22.30
CA ALA J 6 43.66 4.50 21.98
C ALA J 6 42.78 3.60 21.12
N VAL J 7 43.31 3.12 19.98
CA VAL J 7 42.52 2.25 19.11
C VAL J 7 42.18 0.95 19.81
N PHE J 8 43.03 0.50 20.74
CA PHE J 8 42.69 -0.65 21.57
C PHE J 8 41.54 -0.34 22.51
N LEU J 9 41.20 0.93 22.69
CA LEU J 9 39.99 1.34 23.39
C LEU J 9 38.81 1.55 22.44
N GLY J 10 38.87 0.96 21.25
CA GLY J 10 37.79 1.03 20.30
C GLY J 10 37.18 -0.33 20.03
N PHE J 11 35.99 -0.30 19.44
CA PHE J 11 35.25 -1.51 19.15
C PHE J 11 36.07 -2.47 18.32
N LEU J 12 36.21 -3.70 18.81
CA LEU J 12 37.01 -4.76 18.21
C LEU J 12 38.48 -4.39 18.10
N GLY J 13 38.92 -3.33 18.79
CA GLY J 13 40.29 -2.88 18.68
C GLY J 13 41.32 -3.91 19.08
N ALA J 14 40.92 -4.90 19.89
CA ALA J 14 41.81 -5.95 20.34
C ALA J 14 41.61 -7.25 19.58
N ALA J 15 41.09 -7.18 18.36
CA ALA J 15 40.85 -8.40 17.60
C ALA J 15 42.12 -9.11 17.17
N GLY J 16 43.28 -8.48 17.38
CA GLY J 16 44.53 -9.12 17.03
C GLY J 16 45.39 -9.42 18.24
N SER J 17 45.07 -8.81 19.38
CA SER J 17 45.84 -9.08 20.58
C SER J 17 45.50 -10.45 21.14
N THR J 18 46.38 -10.96 21.99
CA THR J 18 46.20 -12.31 22.53
C THR J 18 44.99 -12.37 23.46
N MET J 19 44.48 -13.59 23.63
CA MET J 19 43.34 -13.82 24.52
C MET J 19 43.59 -13.21 25.88
N GLY J 20 44.82 -13.30 26.38
CA GLY J 20 45.14 -12.70 27.66
C GLY J 20 44.91 -11.21 27.68
N ALA J 21 45.32 -10.52 26.62
CA ALA J 21 45.12 -9.08 26.57
C ALA J 21 43.75 -8.69 26.05
N ALA J 22 43.19 -9.46 25.11
CA ALA J 22 41.86 -9.13 24.60
C ALA J 22 40.81 -9.30 25.68
N SER J 23 40.99 -10.28 26.57
CA SER J 23 40.03 -10.56 27.63
C SER J 23 40.17 -9.56 28.76
N MET J 24 40.96 -8.52 28.54
CA MET J 24 41.01 -7.37 29.43
C MET J 24 40.10 -6.24 28.94
N THR J 25 40.00 -6.08 27.64
CA THR J 25 39.12 -5.08 27.02
C THR J 25 37.90 -5.83 26.52
N LEU J 26 36.93 -6.02 27.40
CA LEU J 26 35.70 -6.69 27.01
C LEU J 26 34.49 -5.77 27.01
N THR J 27 34.47 -4.75 27.87
CA THR J 27 33.31 -3.88 27.95
C THR J 27 33.07 -3.12 26.66
N VAL J 28 34.14 -2.84 25.89
CA VAL J 28 33.95 -2.05 24.68
C VAL J 28 33.29 -2.86 23.57
N GLN J 29 33.34 -4.20 23.64
CA GLN J 29 32.51 -5.01 22.76
C GLN J 29 31.10 -5.17 23.32
N ALA J 30 30.98 -5.34 24.64
CA ALA J 30 29.66 -5.57 25.24
C ALA J 30 28.79 -4.33 25.23
N ARG J 31 29.35 -3.15 25.01
CA ARG J 31 28.59 -1.91 25.01
C ARG J 31 28.06 -1.58 23.63
N ASN J 32 28.87 -1.83 22.60
CA ASN J 32 28.49 -1.51 21.23
C ASN J 32 27.75 -2.67 20.60
N LEU J 33 27.09 -3.48 21.42
CA LEU J 33 26.39 -4.67 20.94
C LEU J 33 24.87 -4.50 20.97
N LEU J 34 24.37 -3.40 21.52
CA LEU J 34 22.95 -3.08 21.42
C LEU J 34 22.75 -1.63 21.05
N SER J 35 23.73 -0.79 21.39
CA SER J 35 23.59 0.66 21.23
C SER J 35 23.36 1.05 19.78
N GLY J 36 24.31 0.76 18.90
CA GLY J 36 24.18 1.09 17.50
C GLY J 36 24.35 2.57 17.20
N THR J 58 7.64 3.39 4.10
CA THR J 58 8.84 3.79 3.40
C THR J 58 9.65 2.57 2.98
N VAL J 59 10.92 2.79 2.62
CA VAL J 59 11.82 1.71 2.22
C VAL J 59 12.98 1.67 3.20
N TRP J 60 13.27 2.81 3.83
CA TRP J 60 14.22 2.86 4.92
C TRP J 60 13.56 2.82 6.29
N GLY J 61 12.25 3.05 6.35
CA GLY J 61 11.54 2.87 7.61
C GLY J 61 11.39 1.41 7.97
N ILE J 62 11.25 0.54 6.97
CA ILE J 62 11.18 -0.89 7.22
C ILE J 62 12.56 -1.53 7.22
N LYS J 63 13.56 -0.87 6.64
CA LYS J 63 14.93 -1.40 6.67
C LYS J 63 15.66 -1.05 7.95
N GLN J 64 15.23 0.00 8.66
CA GLN J 64 15.79 0.31 9.96
C GLN J 64 14.88 -0.12 11.10
N LEU J 65 13.67 -0.60 10.81
CA LEU J 65 12.87 -1.22 11.84
C LEU J 65 13.21 -2.70 11.99
N GLN J 66 13.41 -3.40 10.87
CA GLN J 66 13.89 -4.76 10.95
C GLN J 66 15.29 -4.82 11.56
N ALA J 67 16.04 -3.72 11.51
CA ALA J 67 17.36 -3.69 12.11
C ALA J 67 17.28 -3.47 13.61
N ARG J 68 16.25 -2.77 14.09
CA ARG J 68 16.09 -2.57 15.52
C ARG J 68 15.55 -3.82 16.20
N VAL J 69 14.44 -4.36 15.69
CA VAL J 69 13.84 -5.54 16.31
C VAL J 69 14.71 -6.77 16.17
N LEU J 70 15.79 -6.70 15.41
CA LEU J 70 16.75 -7.79 15.31
C LEU J 70 17.92 -7.64 16.27
N ALA J 71 18.47 -6.43 16.39
CA ALA J 71 19.59 -6.21 17.30
C ALA J 71 19.19 -6.52 18.74
N VAL J 72 17.95 -6.24 19.10
CA VAL J 72 17.48 -6.54 20.45
C VAL J 72 17.11 -8.00 20.59
N GLU J 73 16.69 -8.64 19.50
CA GLU J 73 16.25 -10.01 19.58
C GLU J 73 17.41 -10.97 19.74
N ARG J 74 18.56 -10.66 19.13
CA ARG J 74 19.73 -11.54 19.21
C ARG J 74 20.65 -11.19 20.36
N TYR J 75 20.41 -10.08 21.06
CA TYR J 75 21.15 -9.78 22.28
C TYR J 75 20.53 -10.49 23.48
N LEU J 76 19.21 -10.54 23.51
CA LEU J 76 18.54 -11.25 24.59
C LEU J 76 18.80 -12.74 24.54
N ARG J 77 19.06 -13.30 23.36
CA ARG J 77 19.48 -14.70 23.30
C ARG J 77 20.77 -14.91 24.08
N ASP J 78 21.75 -14.03 23.89
CA ASP J 78 23.01 -14.17 24.61
C ASP J 78 22.83 -13.95 26.10
N GLN J 79 22.01 -12.96 26.46
CA GLN J 79 21.79 -12.70 27.88
C GLN J 79 21.05 -13.86 28.55
N GLN J 80 20.13 -14.50 27.82
CA GLN J 80 19.44 -15.65 28.38
C GLN J 80 20.37 -16.84 28.49
N LEU J 81 21.19 -17.08 27.47
CA LEU J 81 22.18 -18.14 27.55
C LEU J 81 23.07 -17.95 28.77
N LEU J 82 23.42 -16.71 29.08
CA LEU J 82 24.21 -16.48 30.28
C LEU J 82 23.38 -16.71 31.53
N GLY J 83 22.14 -16.23 31.54
CA GLY J 83 21.33 -16.33 32.74
C GLY J 83 21.01 -17.76 33.14
N ILE J 84 20.74 -18.62 32.17
CA ILE J 84 20.45 -20.01 32.50
C ILE J 84 21.71 -20.74 32.93
N TRP J 85 22.88 -20.24 32.54
CA TRP J 85 24.11 -20.72 33.15
C TRP J 85 24.30 -20.00 34.46
N GLY J 86 25.40 -20.29 35.15
CA GLY J 86 25.55 -19.75 36.48
C GLY J 86 25.74 -18.25 36.55
N CYS J 87 25.92 -17.58 35.43
CA CYS J 87 26.41 -16.21 35.43
C CYS J 87 25.60 -15.34 34.48
N SER J 88 24.87 -14.37 35.04
CA SER J 88 24.19 -13.36 34.27
C SER J 88 24.65 -12.00 34.74
N GLY J 89 24.82 -11.09 33.79
CA GLY J 89 25.31 -9.76 34.12
C GLY J 89 26.73 -9.83 34.63
N LYS J 90 27.60 -10.46 33.85
CA LYS J 90 28.98 -10.66 34.24
C LYS J 90 29.78 -10.92 32.98
N LEU J 91 31.04 -10.52 32.99
CA LEU J 91 31.86 -10.57 31.80
C LEU J 91 32.86 -11.72 31.78
N ILE J 92 33.52 -11.99 32.90
CA ILE J 92 34.44 -13.12 33.01
C ILE J 92 33.86 -14.03 34.09
N CYS J 93 33.16 -15.08 33.67
CA CYS J 93 32.43 -15.95 34.57
C CYS J 93 33.13 -17.29 34.65
N CYS J 94 33.59 -17.64 35.84
CA CYS J 94 34.23 -18.92 36.08
C CYS J 94 33.17 -19.91 36.54
N THR J 95 33.01 -21.01 35.82
CA THR J 95 31.94 -21.95 36.11
C THR J 95 32.52 -23.22 36.70
N ASN J 96 31.63 -24.19 36.91
CA ASN J 96 31.96 -25.40 37.66
C ASN J 96 31.78 -26.65 36.81
N VAL J 97 32.30 -26.63 35.59
CA VAL J 97 32.21 -27.74 34.67
C VAL J 97 33.63 -28.14 34.27
N PRO J 98 34.05 -29.38 34.49
CA PRO J 98 35.44 -29.75 34.20
C PRO J 98 35.72 -29.73 32.72
N TRP J 99 36.87 -29.14 32.36
CA TRP J 99 37.24 -29.03 30.95
C TRP J 99 37.70 -30.39 30.43
N ASN J 100 36.86 -31.03 29.61
CA ASN J 100 37.23 -32.29 29.00
C ASN J 100 38.37 -32.06 28.02
N SER J 101 39.54 -32.61 28.34
CA SER J 101 40.75 -32.28 27.58
C SER J 101 40.67 -32.73 26.13
N SER J 102 39.74 -33.62 25.78
CA SER J 102 39.60 -34.04 24.39
C SER J 102 39.10 -32.91 23.49
N TRP J 103 38.61 -31.83 24.07
CA TRP J 103 38.09 -30.72 23.27
C TRP J 103 39.21 -29.95 22.59
N SER J 104 40.27 -29.64 23.34
CA SER J 104 41.39 -28.89 22.79
C SER J 104 42.76 -29.46 23.13
N ASN J 105 42.91 -30.19 24.23
CA ASN J 105 44.17 -30.78 24.69
C ASN J 105 45.35 -29.83 24.47
N ARG J 106 45.26 -28.66 25.12
CA ARG J 106 46.30 -27.65 25.04
C ARG J 106 46.59 -27.08 26.42
N ASN J 107 47.83 -26.66 26.63
CA ASN J 107 48.21 -26.01 27.88
C ASN J 107 47.65 -24.60 27.94
N LEU J 108 47.88 -23.94 29.06
CA LEU J 108 47.32 -22.59 29.26
C LEU J 108 48.21 -21.52 28.67
N SER J 109 49.50 -21.51 29.04
CA SER J 109 50.39 -20.45 28.60
C SER J 109 50.52 -20.36 27.08
N GLU J 110 50.11 -21.40 26.35
CA GLU J 110 50.18 -21.38 24.91
C GLU J 110 48.93 -20.80 24.26
N ILE J 111 47.80 -20.79 24.96
CA ILE J 111 46.56 -20.26 24.39
C ILE J 111 46.22 -18.87 24.94
N TRP J 112 46.68 -18.52 26.12
CA TRP J 112 46.40 -17.20 26.67
C TRP J 112 47.47 -16.18 26.31
N ASP J 113 48.53 -16.59 25.63
CA ASP J 113 49.60 -15.69 25.25
C ASP J 113 49.94 -15.73 23.78
N ASN J 114 49.45 -16.70 23.03
CA ASN J 114 49.72 -16.81 21.60
C ASN J 114 48.48 -16.60 20.75
N MET J 115 47.45 -17.39 20.96
CA MET J 115 46.29 -17.35 20.08
C MET J 115 45.46 -16.10 20.34
N THR J 116 44.74 -15.68 19.31
CA THR J 116 43.70 -14.67 19.42
C THR J 116 42.36 -15.37 19.53
N TRP J 117 41.31 -14.60 19.78
CA TRP J 117 40.01 -15.22 20.05
C TRP J 117 39.42 -15.85 18.80
N LEU J 118 39.60 -15.22 17.63
CA LEU J 118 39.17 -15.86 16.39
C LEU J 118 39.92 -17.16 16.19
N GLN J 119 41.23 -17.14 16.41
CA GLN J 119 42.05 -18.33 16.25
C GLN J 119 41.59 -19.45 17.17
N TRP J 120 40.97 -19.10 18.29
CA TRP J 120 40.49 -20.10 19.23
C TRP J 120 39.11 -20.60 18.87
N ASP J 121 38.22 -19.69 18.45
CA ASP J 121 36.90 -20.11 18.00
C ASP J 121 37.01 -21.05 16.82
N LYS J 122 37.97 -20.80 15.93
CA LYS J 122 38.19 -21.73 14.82
C LYS J 122 38.61 -23.11 15.32
N GLU J 123 39.27 -23.17 16.48
CA GLU J 123 39.68 -24.47 17.02
C GLU J 123 38.54 -25.16 17.76
N ILE J 124 37.65 -24.42 18.41
CA ILE J 124 36.60 -25.02 19.24
C ILE J 124 35.22 -24.88 18.62
N SER J 125 35.13 -24.38 17.39
CA SER J 125 33.81 -24.21 16.76
C SER J 125 33.03 -25.52 16.73
N ASN J 126 33.73 -26.64 16.54
CA ASN J 126 33.04 -27.93 16.46
C ASN J 126 32.57 -28.37 17.84
N TYR J 127 33.45 -28.33 18.84
CA TYR J 127 33.12 -28.84 20.16
C TYR J 127 32.35 -27.83 20.99
N THR J 128 31.28 -27.28 20.43
CA THR J 128 30.37 -26.41 21.14
C THR J 128 28.98 -27.01 21.01
N GLN J 129 28.01 -26.37 21.68
CA GLN J 129 26.63 -26.84 21.74
C GLN J 129 26.58 -28.10 22.59
N ILE J 130 27.75 -28.62 22.97
CA ILE J 130 27.86 -29.67 23.96
C ILE J 130 28.14 -29.08 25.33
N ILE J 131 29.04 -28.10 25.37
CA ILE J 131 29.40 -27.45 26.61
C ILE J 131 28.20 -26.72 27.20
N TYR J 132 27.32 -26.20 26.33
CA TYR J 132 26.20 -25.40 26.82
C TYR J 132 25.24 -26.25 27.65
N GLY J 133 24.98 -27.48 27.22
CA GLY J 133 24.13 -28.35 28.01
C GLY J 133 24.74 -28.70 29.35
N LEU J 134 26.04 -28.98 29.36
CA LEU J 134 26.73 -29.23 30.63
C LEU J 134 26.57 -28.05 31.57
N LEU J 135 26.74 -26.83 31.05
CA LEU J 135 26.62 -25.65 31.88
C LEU J 135 25.21 -25.51 32.43
N GLU J 136 24.20 -25.72 31.58
CA GLU J 136 22.81 -25.61 32.03
C GLU J 136 22.52 -26.60 33.15
N GLU J 137 22.88 -27.87 32.93
CA GLU J 137 22.61 -28.89 33.92
C GLU J 137 23.32 -28.57 35.23
N SER J 138 24.59 -28.16 35.14
CA SER J 138 25.34 -27.82 36.35
C SER J 138 24.68 -26.68 37.11
N GLN J 139 24.20 -25.66 36.40
CA GLN J 139 23.62 -24.52 37.10
C GLN J 139 22.30 -24.89 37.76
N ASN J 140 21.45 -25.65 37.07
CA ASN J 140 20.19 -26.02 37.70
C ASN J 140 20.43 -26.93 38.90
N GLN J 141 21.39 -27.84 38.79
CA GLN J 141 21.74 -28.66 39.95
C GLN J 141 22.24 -27.79 41.10
N GLN J 142 23.00 -26.74 40.78
CA GLN J 142 23.48 -25.85 41.83
C GLN J 142 22.33 -25.10 42.49
N GLU J 143 21.34 -24.68 41.71
CA GLU J 143 20.16 -24.04 42.29
C GLU J 143 19.43 -24.98 43.24
N LYS J 144 19.22 -26.22 42.81
CA LYS J 144 18.52 -27.16 43.67
C LYS J 144 19.34 -27.48 44.92
N ASN J 145 20.65 -27.57 44.80
CA ASN J 145 21.49 -27.85 45.96
C ASN J 145 21.49 -26.68 46.93
N GLU J 146 21.48 -25.45 46.43
CA GLU J 146 21.39 -24.30 47.33
C GLU J 146 20.02 -24.25 48.01
N GLN J 147 18.97 -24.59 47.28
CA GLN J 147 17.65 -24.66 47.89
C GLN J 147 17.62 -25.70 49.00
N ASP J 148 18.21 -26.87 48.76
CA ASP J 148 18.29 -27.90 49.80
C ASP J 148 19.10 -27.42 50.98
N LEU J 149 20.22 -26.75 50.73
CA LEU J 149 21.05 -26.24 51.82
C LEU J 149 20.30 -25.22 52.66
N LEU J 150 19.45 -24.41 52.04
CA LEU J 150 18.63 -23.48 52.82
C LEU J 150 17.48 -24.20 53.52
N ALA J 151 17.02 -25.32 52.96
CA ALA J 151 15.86 -26.01 53.52
C ALA J 151 16.16 -26.59 54.89
N LEU J 152 17.21 -27.42 54.98
CA LEU J 152 17.56 -28.06 56.24
C LEU J 152 18.06 -27.08 57.29
N ASP J 153 18.14 -25.79 56.98
CA ASP J 153 18.51 -24.79 57.97
C ASP J 153 17.31 -24.35 58.78
N GLN K 3 -8.27 34.69 -11.07
CA GLN K 3 -7.52 35.93 -11.22
C GLN K 3 -6.51 36.09 -10.10
N LEU K 4 -5.40 36.77 -10.38
CA LEU K 4 -4.40 37.08 -9.36
C LEU K 4 -4.79 38.37 -8.67
N VAL K 5 -4.70 38.38 -7.34
CA VAL K 5 -5.04 39.56 -6.55
C VAL K 5 -3.93 39.76 -5.52
N GLN K 6 -3.52 41.00 -5.33
CA GLN K 6 -2.35 41.33 -4.53
C GLN K 6 -2.72 42.09 -3.28
N SER K 7 -1.70 42.32 -2.44
CA SER K 7 -1.87 43.10 -1.23
C SER K 7 -2.15 44.56 -1.56
N GLY K 8 -2.69 45.26 -0.56
CA GLY K 8 -3.01 46.66 -0.75
C GLY K 8 -1.78 47.54 -0.81
N ALA K 9 -1.97 48.74 -1.36
CA ALA K 9 -0.87 49.69 -1.48
C ALA K 9 -0.27 49.99 -0.12
N GLU K 10 1.05 50.12 -0.08
CA GLU K 10 1.77 50.25 1.17
C GLU K 10 2.67 51.48 1.12
N MET K 11 3.23 51.82 2.28
CA MET K 11 4.19 52.91 2.42
C MET K 11 5.22 52.48 3.45
N LYS K 12 6.49 52.53 3.09
CA LYS K 12 7.55 52.07 3.97
C LYS K 12 8.61 53.15 4.10
N THR K 13 9.58 52.87 4.97
CA THR K 13 10.69 53.78 5.24
C THR K 13 11.97 53.25 4.61
N SER K 14 12.92 54.16 4.43
CA SER K 14 14.16 53.86 3.71
C SER K 14 15.02 52.94 4.58
N GLY K 15 14.96 51.64 4.28
CA GLY K 15 15.73 50.66 5.02
C GLY K 15 14.89 49.47 5.40
N SER K 16 13.60 49.69 5.57
CA SER K 16 12.68 48.64 5.96
C SER K 16 12.44 47.68 4.80
N SER K 17 11.85 46.53 5.13
CA SER K 17 11.57 45.48 4.16
C SER K 17 10.07 45.44 3.86
N VAL K 18 9.73 45.34 2.59
CA VAL K 18 8.34 45.28 2.14
C VAL K 18 8.08 43.88 1.60
N ARG K 19 6.94 43.30 1.98
CA ARG K 19 6.53 42.00 1.46
C ARG K 19 5.23 42.16 0.70
N VAL K 20 5.29 42.03 -0.62
CA VAL K 20 4.11 42.02 -1.47
C VAL K 20 3.57 40.60 -1.48
N SER K 21 2.33 40.42 -1.92
CA SER K 21 1.76 39.09 -2.02
C SER K 21 0.94 38.99 -3.29
N CYS K 22 0.65 37.76 -3.70
CA CYS K 22 -0.05 37.51 -4.95
C CYS K 22 -0.76 36.17 -4.83
N LYS K 23 -2.07 36.21 -4.64
CA LYS K 23 -2.88 35.01 -4.57
C LYS K 23 -3.67 34.86 -5.85
N ASP K 24 -3.60 33.69 -6.46
CA ASP K 24 -4.24 33.42 -7.73
C ASP K 24 -5.48 32.57 -7.48
N SER K 25 -6.65 33.19 -7.61
CA SER K 25 -7.91 32.47 -7.46
C SER K 25 -8.25 31.81 -8.79
N GLY K 26 -8.16 30.48 -8.83
CA GLY K 26 -8.47 29.77 -10.05
C GLY K 26 -7.51 28.64 -10.37
N GLY K 27 -6.60 28.35 -9.46
CA GLY K 27 -5.63 27.28 -9.68
C GLY K 27 -4.38 27.81 -10.36
N PHE K 28 -4.04 27.24 -11.50
CA PHE K 28 -2.91 27.66 -12.33
C PHE K 28 -1.59 27.64 -11.59
N PHE K 29 -1.55 27.07 -10.40
CA PHE K 29 -0.32 27.09 -9.64
C PHE K 29 0.65 26.03 -10.17
N PRO K 30 0.26 24.75 -10.28
CA PRO K 30 1.24 23.76 -10.75
C PRO K 30 1.27 23.63 -12.26
N TYR K 31 0.74 24.62 -12.98
CA TYR K 31 0.67 24.53 -14.44
C TYR K 31 1.40 25.64 -15.17
N ALA K 32 1.61 26.80 -14.55
CA ALA K 32 2.19 27.93 -15.25
C ALA K 32 3.34 28.50 -14.43
N GLY K 33 4.03 29.47 -15.02
CA GLY K 33 5.12 30.13 -14.35
C GLY K 33 4.88 31.61 -14.21
N PHE K 34 5.04 32.14 -13.00
CA PHE K 34 4.65 33.50 -12.70
C PHE K 34 5.87 34.41 -12.67
N ARG K 35 5.62 35.70 -12.86
CA ARG K 35 6.68 36.68 -12.94
C ARG K 35 6.38 37.86 -12.03
N TRP K 36 7.44 38.47 -11.52
CA TRP K 36 7.35 39.65 -10.67
C TRP K 36 7.95 40.82 -11.42
N VAL K 37 7.14 41.83 -11.68
CA VAL K 37 7.55 42.99 -12.46
C VAL K 37 7.09 44.25 -11.75
N ARG K 38 7.99 45.22 -11.62
CA ARG K 38 7.66 46.49 -11.00
C ARG K 38 7.71 47.61 -12.04
N GLN K 39 6.88 48.62 -11.83
CA GLN K 39 6.77 49.74 -12.77
C GLN K 39 7.06 51.03 -12.02
N ALA K 40 8.20 51.64 -12.31
CA ALA K 40 8.50 52.95 -11.76
C ALA K 40 7.45 53.95 -12.24
N PRO K 41 7.27 55.05 -11.51
CA PRO K 41 6.21 56.00 -11.88
C PRO K 41 6.33 56.51 -13.31
N GLY K 42 5.41 56.11 -14.17
CA GLY K 42 5.33 56.63 -15.52
C GLY K 42 6.55 56.39 -16.39
N GLN K 43 7.17 55.21 -16.30
CA GLN K 43 8.23 54.85 -17.24
C GLN K 43 8.37 53.33 -17.27
N GLY K 44 7.75 52.70 -18.27
CA GLY K 44 8.00 51.31 -18.61
C GLY K 44 7.92 50.31 -17.47
N PHE K 45 8.46 49.13 -17.68
CA PHE K 45 8.50 48.07 -16.69
C PHE K 45 9.93 47.64 -16.41
N GLU K 46 10.08 46.68 -15.52
CA GLU K 46 11.41 46.25 -15.11
C GLU K 46 11.33 44.83 -14.55
N TRP K 47 11.93 43.88 -15.24
CA TRP K 47 11.88 42.50 -14.80
C TRP K 47 12.52 42.36 -13.42
N MET K 48 11.88 41.58 -12.56
CA MET K 48 12.33 41.49 -11.19
C MET K 48 12.35 40.09 -10.63
N GLY K 49 11.83 39.09 -11.33
CA GLY K 49 11.86 37.74 -10.81
C GLY K 49 11.00 36.83 -11.66
N GLY K 50 11.04 35.55 -11.30
CA GLY K 50 10.23 34.56 -11.96
C GLY K 50 10.26 33.26 -11.21
N VAL K 51 9.10 32.65 -10.97
CA VAL K 51 9.02 31.46 -10.14
C VAL K 51 8.06 30.48 -10.79
N ILE K 52 8.55 29.29 -11.12
CA ILE K 52 7.71 28.19 -11.56
C ILE K 52 7.37 27.36 -10.32
N PRO K 53 6.11 27.38 -9.86
CA PRO K 53 5.77 26.68 -8.63
C PRO K 53 5.60 25.19 -8.80
N ALA K 54 5.72 24.67 -10.03
CA ALA K 54 5.64 23.24 -10.25
C ALA K 54 6.95 22.54 -9.91
N ASP K 55 8.07 23.09 -10.39
CA ASP K 55 9.39 22.60 -10.02
C ASP K 55 10.04 23.41 -8.91
N GLY K 56 9.46 24.53 -8.53
CA GLY K 56 10.03 25.35 -7.48
C GLY K 56 11.34 25.98 -7.87
N THR K 57 11.44 26.50 -9.08
CA THR K 57 12.66 27.16 -9.54
C THR K 57 12.44 28.66 -9.54
N LYS K 58 13.27 29.38 -8.79
CA LYS K 58 13.23 30.83 -8.76
C LYS K 58 14.31 31.37 -9.68
N HIS K 59 14.09 32.59 -10.17
CA HIS K 59 15.02 33.17 -11.13
C HIS K 59 15.00 34.68 -10.89
N TYR K 60 15.91 35.16 -10.06
CA TYR K 60 15.96 36.57 -9.73
C TYR K 60 16.75 37.34 -10.79
N ALA K 61 16.36 38.59 -11.00
CA ALA K 61 17.14 39.47 -11.84
C ALA K 61 18.50 39.71 -11.20
N PRO K 62 19.51 40.12 -11.98
CA PRO K 62 20.82 40.37 -11.37
C PRO K 62 20.81 41.55 -10.41
N LYS K 63 20.10 42.63 -10.75
CA LYS K 63 20.02 43.77 -9.84
C LYS K 63 19.40 43.35 -8.51
N PHE K 64 18.13 42.94 -8.54
CA PHE K 64 17.46 42.48 -7.33
C PHE K 64 17.79 41.03 -7.05
N GLN K 65 19.07 40.68 -7.06
CA GLN K 65 19.47 39.32 -6.78
C GLN K 65 19.74 39.11 -5.29
N ALA K 66 20.31 40.10 -4.63
CA ALA K 66 20.64 39.99 -3.22
C ALA K 66 19.65 40.68 -2.31
N ARG K 67 18.87 41.63 -2.82
CA ARG K 67 17.94 42.36 -1.98
C ARG K 67 16.69 41.52 -1.69
N MET K 68 16.07 40.98 -2.71
CA MET K 68 14.77 40.34 -2.58
C MET K 68 14.90 38.83 -2.48
N LYS K 69 13.78 38.20 -2.12
CA LYS K 69 13.63 36.76 -2.15
C LYS K 69 12.15 36.47 -2.24
N MET K 70 11.78 35.52 -3.09
CA MET K 70 10.38 35.19 -3.32
C MET K 70 10.10 33.75 -2.94
N THR K 71 8.95 33.53 -2.34
CA THR K 71 8.57 32.24 -1.81
C THR K 71 7.23 31.82 -2.39
N VAL K 72 6.87 30.56 -2.17
CA VAL K 72 5.58 30.02 -2.57
C VAL K 72 4.95 29.34 -1.38
N VAL K 73 3.63 29.41 -1.28
CA VAL K 73 2.88 28.72 -0.24
C VAL K 73 1.76 27.97 -0.95
N GLU K 74 1.91 26.65 -1.07
CA GLU K 74 0.95 25.88 -1.85
C GLU K 74 -0.39 25.75 -1.14
N SER K 75 -0.41 25.79 0.18
CA SER K 75 -1.66 25.66 0.92
C SER K 75 -2.61 26.79 0.56
N SER K 76 -2.17 28.03 0.74
CA SER K 76 -2.99 29.19 0.44
C SER K 76 -2.85 29.66 -1.00
N ARG K 77 -1.98 29.04 -1.79
CA ARG K 77 -1.78 29.40 -3.19
C ARG K 77 -1.41 30.88 -3.34
N THR K 78 -0.28 31.25 -2.75
CA THR K 78 0.12 32.65 -2.71
C THR K 78 1.61 32.79 -2.97
N LEU K 79 1.97 33.72 -3.84
CA LEU K 79 3.36 34.11 -4.06
C LEU K 79 3.68 35.31 -3.20
N TYR K 80 4.88 35.32 -2.64
CA TYR K 80 5.36 36.43 -1.83
C TYR K 80 6.65 36.96 -2.42
N MET K 81 6.82 38.28 -2.40
CA MET K 81 8.07 38.89 -2.85
C MET K 81 8.49 39.90 -1.80
N GLU K 82 9.53 39.58 -1.04
CA GLU K 82 9.99 40.40 0.06
C GLU K 82 11.22 41.18 -0.38
N LEU K 83 11.10 42.49 -0.43
CA LEU K 83 12.19 43.37 -0.86
C LEU K 83 12.80 44.00 0.39
N ARG K 84 14.04 43.64 0.68
CA ARG K 84 14.61 43.91 2.01
C ARG K 84 15.17 45.32 2.13
N SER K 85 16.15 45.66 1.31
CA SER K 85 16.83 46.95 1.41
C SER K 85 16.12 47.94 0.50
N LEU K 86 15.10 48.61 1.05
CA LEU K 86 14.39 49.62 0.28
C LEU K 86 15.26 50.86 0.09
N THR K 87 14.79 51.76 -0.77
CA THR K 87 15.49 52.99 -1.09
C THR K 87 14.45 53.96 -1.63
N SER K 88 14.85 55.22 -1.76
CA SER K 88 13.97 56.22 -2.36
C SER K 88 13.62 55.88 -3.81
N THR K 89 14.41 55.06 -4.48
CA THR K 89 14.19 54.73 -5.88
C THR K 89 13.44 53.43 -6.08
N ASP K 90 13.09 52.73 -5.02
CA ASP K 90 12.28 51.52 -5.15
C ASP K 90 10.79 51.81 -5.10
N THR K 91 10.39 53.07 -5.22
CA THR K 91 8.99 53.40 -5.34
C THR K 91 8.50 53.00 -6.73
N ALA K 92 7.51 52.12 -6.79
CA ALA K 92 7.01 51.62 -8.05
C ALA K 92 5.72 50.85 -7.80
N THR K 93 4.99 50.59 -8.87
CA THR K 93 3.80 49.75 -8.82
C THR K 93 4.23 48.31 -9.11
N TYR K 94 3.98 47.42 -8.17
CA TYR K 94 4.49 46.05 -8.25
C TYR K 94 3.43 45.11 -8.77
N PHE K 95 3.73 44.42 -9.86
CA PHE K 95 2.81 43.50 -10.50
C PHE K 95 3.31 42.07 -10.36
N CYS K 96 2.38 41.14 -10.22
CA CYS K 96 2.65 39.73 -10.46
C CYS K 96 1.86 39.30 -11.68
N ALA K 97 2.50 38.63 -12.61
CA ALA K 97 1.90 38.26 -13.88
C ALA K 97 1.86 36.74 -14.00
N ARG K 98 1.42 36.26 -15.14
CA ARG K 98 1.41 34.84 -15.42
C ARG K 98 1.66 34.65 -16.91
N LEU K 99 2.44 33.63 -17.25
CA LEU K 99 2.78 33.41 -18.65
C LEU K 99 1.57 32.93 -19.43
N GLN K 100 1.63 33.10 -20.74
CA GLN K 100 0.48 32.86 -21.60
C GLN K 100 -0.02 31.43 -21.45
N CYS K 101 -1.33 31.26 -21.52
CA CYS K 101 -1.97 29.95 -21.48
C CYS K 101 -2.91 29.85 -22.68
N ALA K 102 -2.60 28.96 -23.61
CA ALA K 102 -3.37 28.82 -24.85
C ALA K 102 -4.32 27.64 -24.72
N GLY K 103 -5.38 27.84 -23.94
CA GLY K 103 -6.36 26.79 -23.72
C GLY K 103 -6.10 26.03 -22.45
N PHE K 104 -5.48 24.86 -22.57
CA PHE K 104 -5.10 24.07 -21.41
C PHE K 104 -3.59 23.84 -21.33
N SER K 105 -2.83 24.31 -22.30
CA SER K 105 -1.38 24.17 -22.29
C SER K 105 -0.75 25.52 -21.96
N CYS K 106 -0.24 25.65 -20.74
CA CYS K 106 0.34 26.89 -20.25
C CYS K 106 1.85 26.86 -20.40
N GLU K 107 2.42 27.97 -20.88
CA GLU K 107 3.87 28.11 -20.87
C GLU K 107 4.40 28.10 -19.46
N MET K 108 5.57 27.51 -19.27
CA MET K 108 6.23 27.50 -17.98
C MET K 108 7.54 28.25 -17.96
N ASP K 109 8.16 28.51 -19.10
CA ASP K 109 9.50 29.04 -19.11
C ASP K 109 9.62 30.40 -19.77
N SER K 110 9.00 30.62 -20.92
CA SER K 110 9.13 31.92 -21.58
C SER K 110 7.93 32.15 -22.48
N GLY K 111 7.07 33.09 -22.09
CA GLY K 111 6.02 33.56 -22.94
C GLY K 111 5.67 34.99 -22.63
N PRO K 112 4.67 35.53 -23.30
CA PRO K 112 4.19 36.86 -22.94
C PRO K 112 3.21 36.78 -21.79
N PHE K 113 3.30 37.75 -20.89
CA PHE K 113 2.43 37.77 -19.72
C PHE K 113 1.03 38.14 -20.17
N ASP K 114 0.06 37.26 -19.93
CA ASP K 114 -1.31 37.53 -20.35
C ASP K 114 -2.25 37.81 -19.20
N LEU K 115 -1.90 37.43 -17.97
CA LEU K 115 -2.74 37.67 -16.81
C LEU K 115 -1.93 38.43 -15.78
N TRP K 116 -2.38 39.63 -15.43
CA TRP K 116 -1.67 40.49 -14.50
C TRP K 116 -2.44 40.65 -13.20
N GLY K 117 -1.72 41.10 -12.17
CA GLY K 117 -2.37 41.51 -10.94
C GLY K 117 -2.68 43.00 -10.95
N GLN K 118 -3.48 43.41 -9.97
CA GLN K 118 -3.98 44.79 -10.00
C GLN K 118 -2.91 45.82 -9.68
N GLY K 119 -1.83 45.43 -9.03
CA GLY K 119 -0.78 46.37 -8.71
C GLY K 119 -0.75 46.70 -7.23
N THR K 120 0.46 46.96 -6.72
CA THR K 120 0.67 47.28 -5.32
C THR K 120 1.63 48.47 -5.26
N GLN K 121 1.09 49.66 -5.11
CA GLN K 121 1.89 50.88 -5.17
C GLN K 121 2.65 51.03 -3.85
N VAL K 122 3.94 50.76 -3.88
CA VAL K 122 4.81 50.91 -2.72
C VAL K 122 5.60 52.20 -2.89
N THR K 123 5.40 53.15 -1.97
CA THR K 123 6.06 54.43 -2.02
C THR K 123 7.03 54.56 -0.86
N VAL K 124 8.27 54.86 -1.16
CA VAL K 124 9.31 54.99 -0.14
C VAL K 124 10.02 56.32 -0.32
N PRO K 125 9.58 57.38 0.34
CA PRO K 125 10.28 58.67 0.25
C PRO K 125 11.36 58.81 1.30
N SER K 126 12.43 59.50 0.91
CA SER K 126 13.54 59.78 1.81
C SER K 126 14.43 60.89 1.26
N ASP L 1 22.58 41.65 -22.38
CA ASP L 1 21.12 41.67 -22.25
C ASP L 1 20.50 42.22 -23.53
N ILE L 2 19.19 42.46 -23.50
CA ILE L 2 18.46 42.93 -24.66
C ILE L 2 17.74 44.22 -24.29
N GLN L 3 17.93 45.25 -25.11
CA GLN L 3 17.31 46.55 -24.89
C GLN L 3 16.28 46.82 -25.97
N MET L 4 15.15 47.40 -25.59
CA MET L 4 14.09 47.76 -26.52
C MET L 4 13.95 49.27 -26.52
N THR L 5 14.20 49.88 -27.67
CA THR L 5 13.99 51.32 -27.83
C THR L 5 12.76 51.54 -28.70
N GLN L 6 11.72 52.11 -28.11
CA GLN L 6 10.48 52.39 -28.82
C GLN L 6 10.61 53.75 -29.49
N SER L 7 10.47 53.77 -30.83
CA SER L 7 10.83 54.98 -31.56
C SER L 7 9.86 56.13 -31.27
N PRO L 8 8.60 56.10 -31.70
CA PRO L 8 7.75 57.28 -31.52
C PRO L 8 7.14 57.28 -30.12
N SER L 9 7.63 58.18 -29.27
CA SER L 9 7.13 58.28 -27.91
C SER L 9 6.19 59.47 -27.80
N THR L 10 4.98 59.22 -27.28
CA THR L 10 3.96 60.24 -27.08
C THR L 10 3.62 60.94 -28.40
N VAL L 11 3.05 60.17 -29.32
CA VAL L 11 2.61 60.67 -30.61
C VAL L 11 1.13 61.03 -30.53
N ALA L 12 0.80 62.23 -30.96
CA ALA L 12 -0.58 62.69 -30.92
C ALA L 12 -1.38 62.08 -32.06
N ALA L 13 -2.69 61.95 -31.83
CA ALA L 13 -3.57 61.40 -32.84
C ALA L 13 -5.00 61.85 -32.56
N PHE L 14 -5.84 61.72 -33.58
CA PHE L 14 -7.26 62.02 -33.48
C PHE L 14 -8.08 60.79 -33.81
N VAL L 15 -9.32 60.76 -33.31
CA VAL L 15 -10.18 59.60 -33.49
C VAL L 15 -10.35 59.30 -34.96
N GLY L 16 -10.41 58.01 -35.30
CA GLY L 16 -10.54 57.61 -36.68
C GLY L 16 -9.31 57.84 -37.52
N GLY L 17 -8.15 57.96 -36.88
CA GLY L 17 -6.92 58.26 -37.61
C GLY L 17 -5.89 57.16 -37.58
N ASN L 18 -4.94 57.22 -38.51
CA ASN L 18 -3.83 56.27 -38.53
C ASN L 18 -2.79 56.62 -37.48
N VAL L 19 -2.15 55.58 -36.94
CA VAL L 19 -1.03 55.73 -36.02
C VAL L 19 -0.16 54.49 -36.11
N THR L 20 1.15 54.69 -36.27
CA THR L 20 2.10 53.60 -36.41
C THR L 20 3.22 53.78 -35.40
N LEU L 21 3.40 52.80 -34.51
CA LEU L 21 4.47 52.83 -33.54
C LEU L 21 5.70 52.15 -34.14
N SER L 22 6.71 51.90 -33.31
CA SER L 22 7.90 51.19 -33.76
C SER L 22 8.68 50.72 -32.55
N CYS L 23 9.05 49.45 -32.55
CA CYS L 23 9.85 48.85 -31.49
C CYS L 23 11.08 48.24 -32.13
N ARG L 24 12.26 48.75 -31.78
CA ARG L 24 13.52 48.29 -32.34
C ARG L 24 14.35 47.68 -31.23
N THR L 25 14.67 46.40 -31.37
CA THR L 25 15.40 45.66 -30.37
C THR L 25 16.90 45.90 -30.51
N SER L 26 17.65 45.53 -29.48
CA SER L 26 19.11 45.64 -29.56
C SER L 26 19.70 44.51 -30.40
N GLN L 27 19.25 43.28 -30.17
CA GLN L 27 19.69 42.14 -30.94
C GLN L 27 18.47 41.33 -31.34
N GLY L 28 18.60 40.61 -32.46
CA GLY L 28 17.47 39.89 -33.02
C GLY L 28 16.75 38.97 -32.06
N VAL L 29 15.42 38.96 -32.13
CA VAL L 29 14.60 38.12 -31.28
C VAL L 29 13.72 37.19 -32.11
N GLY L 30 14.08 36.95 -33.36
CA GLY L 30 13.25 36.13 -34.22
C GLY L 30 11.91 36.79 -34.43
N ASN L 31 10.85 36.17 -33.92
CA ASN L 31 9.54 36.80 -33.90
C ASN L 31 8.94 36.82 -32.50
N ARG L 32 9.72 36.47 -31.49
CA ARG L 32 9.19 36.44 -30.13
C ARG L 32 9.03 37.84 -29.59
N LEU L 33 7.94 38.50 -29.93
CA LEU L 33 7.70 39.86 -29.48
C LEU L 33 6.22 40.07 -29.22
N ALA L 34 5.89 40.60 -28.05
CA ALA L 34 4.53 40.86 -27.65
C ALA L 34 4.30 42.36 -27.53
N TRP L 35 3.05 42.79 -27.67
CA TRP L 35 2.67 44.18 -27.59
C TRP L 35 1.62 44.36 -26.50
N TYR L 36 1.91 45.20 -25.52
CA TYR L 36 1.00 45.47 -24.42
C TYR L 36 0.34 46.83 -24.56
N GLN L 37 -0.68 47.07 -23.74
CA GLN L 37 -1.37 48.35 -23.72
C GLN L 37 -1.86 48.62 -22.31
N GLN L 38 -1.39 49.72 -21.72
CA GLN L 38 -1.72 50.05 -20.35
C GLN L 38 -2.41 51.40 -20.29
N LYS L 39 -3.57 51.43 -19.70
CA LYS L 39 -4.28 52.65 -19.34
C LYS L 39 -3.89 53.07 -17.93
N PRO L 40 -3.85 54.38 -17.67
CA PRO L 40 -3.10 54.91 -16.52
C PRO L 40 -3.16 54.13 -15.22
N GLY L 41 -4.29 53.50 -14.90
CA GLY L 41 -4.38 52.82 -13.64
C GLY L 41 -4.28 51.31 -13.70
N LYS L 42 -4.93 50.72 -14.70
CA LYS L 42 -5.04 49.28 -14.79
C LYS L 42 -3.69 48.64 -15.05
N PRO L 43 -3.57 47.34 -14.84
CA PRO L 43 -2.41 46.61 -15.35
C PRO L 43 -2.49 46.51 -16.86
N PRO L 44 -1.38 46.20 -17.54
CA PRO L 44 -1.42 46.12 -19.00
C PRO L 44 -2.36 45.04 -19.49
N ARG L 45 -2.66 45.12 -20.78
CA ARG L 45 -3.51 44.17 -21.47
C ARG L 45 -2.76 43.66 -22.67
N LEU L 46 -2.44 42.37 -22.70
CA LEU L 46 -1.73 41.80 -23.83
C LEU L 46 -2.57 41.89 -25.09
N LEU L 47 -2.00 42.48 -26.14
CA LEU L 47 -2.68 42.60 -27.42
C LEU L 47 -2.22 41.54 -28.41
N ILE L 48 -0.93 41.50 -28.70
CA ILE L 48 -0.37 40.73 -29.81
C ILE L 48 0.75 39.85 -29.29
N SER L 49 0.80 38.62 -29.79
CA SER L 49 1.94 37.75 -29.57
C SER L 49 2.59 37.41 -30.91
N ARG L 50 3.82 36.92 -30.84
CA ARG L 50 4.63 36.61 -32.03
C ARG L 50 4.73 37.78 -32.98
N ALA L 51 4.51 39.00 -32.48
CA ALA L 51 4.71 40.23 -33.22
C ALA L 51 3.73 40.42 -34.38
N SER L 52 2.90 39.41 -34.66
CA SER L 52 1.83 39.57 -35.64
C SER L 52 0.51 38.96 -35.20
N ASN L 53 0.50 38.04 -34.26
CA ASN L 53 -0.68 37.21 -33.95
C ASN L 53 -1.51 37.91 -32.88
N ARG L 54 -2.69 38.40 -33.27
CA ARG L 54 -3.57 39.07 -32.32
C ARG L 54 -4.19 38.08 -31.36
N HIS L 55 -4.99 38.59 -30.43
CA HIS L 55 -5.58 37.78 -29.37
C HIS L 55 -7.09 37.92 -29.36
N GLY L 56 -7.72 37.06 -28.58
CA GLY L 56 -9.16 37.12 -28.39
C GLY L 56 -9.57 38.35 -27.61
N GLY L 57 -10.34 39.22 -28.25
CA GLY L 57 -10.77 40.46 -27.62
C GLY L 57 -10.07 41.69 -28.16
N VAL L 58 -9.12 41.53 -29.06
CA VAL L 58 -8.43 42.64 -29.70
C VAL L 58 -9.09 42.88 -31.06
N PRO L 59 -9.49 44.11 -31.38
CA PRO L 59 -10.14 44.36 -32.67
C PRO L 59 -9.21 44.09 -33.82
N ALA L 60 -9.79 44.00 -35.02
CA ALA L 60 -8.97 43.82 -36.21
C ALA L 60 -8.21 45.08 -36.58
N ARG L 61 -8.54 46.23 -35.99
CA ARG L 61 -7.87 47.47 -36.35
C ARG L 61 -6.41 47.48 -35.90
N PHE L 62 -6.08 46.70 -34.88
CA PHE L 62 -4.69 46.55 -34.48
C PHE L 62 -3.96 45.66 -35.48
N SER L 63 -2.67 45.88 -35.61
CA SER L 63 -1.87 45.10 -36.56
C SER L 63 -0.42 45.16 -36.15
N GLY L 64 0.17 44.00 -35.90
CA GLY L 64 1.59 43.89 -35.61
C GLY L 64 2.32 43.36 -36.83
N GLY L 65 3.46 43.97 -37.13
CA GLY L 65 4.23 43.57 -38.29
C GLY L 65 5.69 43.34 -37.97
N GLY L 66 6.52 43.34 -39.01
CA GLY L 66 7.95 43.27 -38.83
C GLY L 66 8.47 41.95 -38.30
N SER L 67 9.79 41.77 -38.34
CA SER L 67 10.45 40.59 -37.82
C SER L 67 11.93 40.88 -37.74
N GLY L 68 12.63 40.08 -36.94
CA GLY L 68 14.07 40.26 -36.80
C GLY L 68 14.42 41.21 -35.68
N THR L 69 14.63 42.48 -36.03
CA THR L 69 14.94 43.51 -35.07
C THR L 69 13.95 44.67 -35.06
N ILE L 70 13.35 45.00 -36.21
CA ILE L 70 12.45 46.13 -36.32
C ILE L 70 11.02 45.61 -36.38
N PHE L 71 10.22 45.97 -35.38
CA PHE L 71 8.81 45.62 -35.32
C PHE L 71 7.98 46.90 -35.24
N THR L 72 6.72 46.80 -35.65
CA THR L 72 5.81 47.94 -35.63
C THR L 72 4.48 47.51 -35.04
N LEU L 73 3.63 48.50 -34.81
CA LEU L 73 2.24 48.26 -34.41
C LEU L 73 1.42 49.37 -35.04
N THR L 74 0.48 49.00 -35.91
CA THR L 74 -0.32 49.98 -36.65
C THR L 74 -1.78 49.83 -36.28
N ILE L 75 -2.35 50.90 -35.71
CA ILE L 75 -3.78 50.98 -35.46
C ILE L 75 -4.37 51.81 -36.60
N LYS L 76 -5.19 51.18 -37.44
CA LYS L 76 -5.64 51.87 -38.64
C LYS L 76 -6.75 52.87 -38.32
N GLY L 77 -7.89 52.38 -37.86
CA GLY L 77 -8.99 53.26 -37.51
C GLY L 77 -9.14 53.45 -36.02
N LEU L 78 -8.63 54.56 -35.49
CA LEU L 78 -8.60 54.74 -34.05
C LEU L 78 -9.99 54.93 -33.48
N GLN L 79 -10.11 54.68 -32.18
CA GLN L 79 -11.33 54.94 -31.43
C GLN L 79 -10.96 55.51 -30.07
N SER L 80 -11.94 56.09 -29.40
CA SER L 80 -11.70 56.80 -28.15
C SER L 80 -11.33 55.87 -27.00
N ASP L 81 -11.18 54.58 -27.24
CA ASP L 81 -10.81 53.63 -26.20
C ASP L 81 -9.41 53.06 -26.40
N ASP L 82 -8.67 53.55 -27.39
CA ASP L 82 -7.36 53.02 -27.72
C ASP L 82 -6.21 53.93 -27.31
N PHE L 83 -6.50 55.06 -26.68
CA PHE L 83 -5.43 55.99 -26.30
C PHE L 83 -4.87 55.56 -24.95
N ALA L 84 -3.70 54.93 -24.98
CA ALA L 84 -3.06 54.41 -23.78
C ALA L 84 -1.55 54.42 -24.00
N THR L 85 -0.83 53.72 -23.16
CA THR L 85 0.61 53.56 -23.29
C THR L 85 0.92 52.15 -23.76
N PHE L 86 1.53 52.02 -24.93
CA PHE L 86 1.82 50.72 -25.52
C PHE L 86 3.26 50.33 -25.25
N PHE L 87 3.46 49.15 -24.69
CA PHE L 87 4.78 48.59 -24.47
C PHE L 87 5.01 47.42 -25.40
N CYS L 88 6.25 47.26 -25.85
CA CYS L 88 6.65 46.09 -26.62
C CYS L 88 7.59 45.27 -25.77
N GLN L 89 7.48 43.95 -25.89
CA GLN L 89 8.27 43.03 -25.08
C GLN L 89 8.84 41.95 -25.96
N GLN L 90 10.13 41.69 -25.81
CA GLN L 90 10.73 40.46 -26.31
C GLN L 90 10.65 39.42 -25.22
N TYR L 91 10.33 38.19 -25.61
CA TYR L 91 10.43 37.07 -24.68
C TYR L 91 11.40 36.04 -25.20
N TYR L 92 12.38 36.49 -25.98
CA TYR L 92 13.39 35.60 -26.54
C TYR L 92 14.33 35.10 -25.47
N ASP L 93 15.09 35.98 -24.83
CA ASP L 93 16.14 35.54 -23.94
C ASP L 93 15.56 35.21 -22.57
N SER L 94 16.44 34.93 -21.61
CA SER L 94 16.03 34.31 -20.36
C SER L 94 15.02 35.17 -19.60
N ARG L 95 15.32 36.46 -19.47
CA ARG L 95 14.45 37.39 -18.77
C ARG L 95 13.88 38.38 -19.76
N GLU L 96 12.56 38.33 -19.94
CA GLU L 96 11.90 39.19 -20.89
C GLU L 96 11.92 40.63 -20.39
N THR L 97 12.29 41.56 -21.27
CA THR L 97 12.36 42.96 -20.94
C THR L 97 11.38 43.74 -21.80
N PHE L 98 10.84 44.81 -21.24
CA PHE L 98 9.84 45.63 -21.91
C PHE L 98 10.48 46.89 -22.46
N GLY L 99 9.76 47.55 -23.36
CA GLY L 99 10.18 48.85 -23.82
C GLY L 99 9.95 49.90 -22.75
N GLN L 100 9.83 51.16 -23.14
CA GLN L 100 9.58 52.24 -22.18
C GLN L 100 8.24 52.92 -22.40
N GLY L 101 7.39 52.37 -23.25
CA GLY L 101 6.09 52.98 -23.48
C GLY L 101 6.12 54.01 -24.58
N SER L 102 4.98 54.14 -25.24
CA SER L 102 4.83 55.14 -26.29
C SER L 102 3.38 55.59 -26.29
N ARG L 103 3.10 56.68 -25.56
CA ARG L 103 1.75 57.14 -25.40
C ARG L 103 1.15 57.60 -26.72
N VAL L 104 -0.18 57.67 -26.76
CA VAL L 104 -0.92 58.22 -27.88
C VAL L 104 -1.95 59.19 -27.32
N MET L 105 -1.81 60.46 -27.68
CA MET L 105 -2.60 61.52 -27.08
C MET L 105 -3.88 61.76 -27.89
N MET L 106 -4.57 62.86 -27.59
CA MET L 106 -5.88 63.12 -28.18
C MET L 106 -6.02 64.55 -28.73
N GLU L 107 -4.97 65.36 -28.67
CA GLU L 107 -5.05 66.73 -29.17
C GLU L 107 -5.42 66.73 -30.64
N LYS L 108 -6.58 67.31 -30.95
CA LYS L 108 -7.06 67.38 -32.33
C LYS L 108 -6.58 68.67 -33.00
C1 NAG M . -35.01 18.35 -12.82
C2 NAG M . -36.34 18.18 -12.08
C3 NAG M . -37.02 16.87 -12.47
C4 NAG M . -37.13 16.73 -13.98
C5 NAG M . -35.72 16.81 -14.55
C6 NAG M . -35.66 16.70 -16.05
C7 NAG M . -36.92 18.90 -9.80
C8 NAG M . -38.08 19.63 -10.41
N2 NAG M . -36.13 18.24 -10.64
O3 NAG M . -38.33 16.82 -11.89
O4 NAG M . -37.72 15.47 -14.30
O5 NAG M . -35.18 18.10 -14.21
O6 NAG M . -34.45 16.09 -16.47
O7 NAG M . -36.70 18.92 -8.59
C1 NAG M . -38.78 15.62 -15.30
C2 NAG M . -39.08 14.24 -15.86
C3 NAG M . -40.18 14.34 -16.93
C4 NAG M . -41.40 15.07 -16.38
C5 NAG M . -40.98 16.40 -15.76
C6 NAG M . -42.12 17.11 -15.07
C7 NAG M . -37.37 12.49 -15.96
C8 NAG M . -36.13 12.00 -16.66
N2 NAG M . -37.89 13.62 -16.42
O3 NAG M . -40.54 13.03 -17.35
O4 NAG M . -42.30 15.33 -17.45
O5 NAG M . -39.97 16.19 -14.76
O6 NAG M . -42.62 16.36 -13.97
O7 NAG M . -37.87 11.88 -15.03
C1 BMA M . -43.50 14.55 -17.39
C2 BMA M . -44.64 15.47 -17.84
C3 BMA M . -45.94 14.68 -18.07
C4 BMA M . -45.70 13.43 -18.89
C5 BMA M . -44.59 12.60 -18.24
C6 BMA M . -44.29 11.35 -19.03
O2 BMA M . -44.33 16.07 -19.08
O3 BMA M . -46.90 15.49 -18.73
O4 BMA M . -46.88 12.65 -18.96
O5 BMA M . -43.41 13.39 -18.20
O6 BMA M . -42.91 11.11 -18.95
C1 MAN M . -48.15 15.48 -18.00
C2 MAN M . -49.22 15.98 -18.97
C3 MAN M . -48.86 17.40 -19.40
C4 MAN M . -48.71 18.31 -18.18
C5 MAN M . -47.73 17.70 -17.14
C6 MAN M . -47.73 18.43 -15.82
O2 MAN M . -50.50 16.09 -18.33
O3 MAN M . -49.84 17.94 -20.29
O4 MAN M . -48.21 19.57 -18.58
O5 MAN M . -48.08 16.32 -16.87
O6 MAN M . -46.95 17.68 -14.89
C1 MAN M . -42.67 9.76 -19.37
C2 MAN M . -42.18 8.98 -18.13
C3 MAN M . -40.74 9.35 -17.80
C4 MAN M . -39.86 9.21 -19.04
C5 MAN M . -40.40 10.15 -20.10
C6 MAN M . -39.60 10.14 -21.39
O2 MAN M . -42.16 7.57 -18.38
O3 MAN M . -40.22 8.56 -16.74
O4 MAN M . -38.53 9.55 -18.72
O5 MAN M . -41.73 9.74 -20.44
O6 MAN M . -40.27 10.94 -22.34
C1 NAG N . -26.36 13.41 -23.81
C2 NAG N . -26.17 14.90 -24.06
C3 NAG N . -27.06 15.37 -25.21
C4 NAG N . -26.83 14.51 -26.44
C5 NAG N . -27.01 13.04 -26.09
C6 NAG N . -26.64 12.12 -27.24
C7 NAG N . -25.49 16.19 -22.08
C8 NAG N . -24.07 15.93 -22.50
N2 NAG N . -26.43 15.67 -22.86
O3 NAG N . -26.77 16.72 -25.51
O4 NAG N . -27.78 14.87 -27.45
O5 NAG N . -26.14 12.69 -25.01
O6 NAG N . -25.40 12.49 -27.83
O7 NAG N . -25.76 16.84 -21.07
C1 NAG N . -27.08 15.49 -28.54
C2 NAG N . -28.08 15.74 -29.67
C3 NAG N . -27.40 16.44 -30.83
C4 NAG N . -26.71 17.71 -30.35
C5 NAG N . -25.77 17.39 -29.20
C6 NAG N . -25.14 18.63 -28.60
C7 NAG N . -29.96 14.17 -29.85
C8 NAG N . -30.41 12.85 -30.38
N2 NAG N . -28.68 14.50 -30.10
O3 NAG N . -28.38 16.76 -31.82
O4 NAG N . -25.96 18.29 -31.42
O5 NAG N . -26.49 16.74 -28.14
O6 NAG N . -26.03 19.73 -28.62
O7 NAG N . -30.70 14.91 -29.22
C1 NAG O . -10.98 26.16 -13.91
C2 NAG O . -9.90 27.23 -13.79
C3 NAG O . -10.38 28.39 -12.92
C4 NAG O . -11.75 28.90 -13.37
C5 NAG O . -12.72 27.74 -13.43
C6 NAG O . -14.08 28.11 -13.99
C7 NAG O . -7.66 26.25 -14.01
C8 NAG O . -6.48 25.69 -13.27
N2 NAG O . -8.67 26.66 -13.25
O3 NAG O . -9.42 29.44 -13.00
O4 NAG O . -12.20 29.87 -12.43
O5 NAG O . -12.20 26.75 -14.32
O6 NAG O . -14.00 28.46 -15.35
O7 NAG O . -7.69 26.32 -15.23
C1 NAG O . -12.82 31.02 -13.09
C2 NAG O . -13.17 32.04 -12.00
C3 NAG O . -13.84 33.26 -12.63
C4 NAG O . -13.01 33.81 -13.79
C5 NAG O . -12.65 32.68 -14.76
C6 NAG O . -11.73 33.13 -15.87
C7 NAG O . -13.60 31.15 -9.75
C8 NAG O . -12.17 31.48 -9.44
N2 NAG O . -14.02 31.44 -10.99
O3 NAG O . -14.02 34.26 -11.64
O4 NAG O . -13.76 34.79 -14.49
O5 NAG O . -11.99 31.63 -14.07
O6 NAG O . -10.76 34.07 -15.39
O7 NAG O . -14.34 30.65 -8.92
C1 BMA O . -13.12 36.07 -14.36
C2 BMA O . -13.22 36.78 -15.73
C3 BMA O . -12.66 38.19 -15.62
C4 BMA O . -13.29 38.94 -14.44
C5 BMA O . -13.09 38.14 -13.15
C6 BMA O . -13.73 38.80 -11.95
O2 BMA O . -14.57 36.91 -16.11
O3 BMA O . -12.85 38.92 -16.84
O4 BMA O . -12.68 40.21 -14.30
O5 BMA O . -13.72 36.85 -13.34
O6 BMA O . -13.37 38.06 -10.80
C1 NAG P . -21.69 18.78 19.23
C2 NAG P . -21.95 18.33 17.80
C3 NAG P . -23.41 17.90 17.63
C4 NAG P . -23.78 16.87 18.68
C5 NAG P . -23.45 17.40 20.06
C6 NAG P . -23.68 16.39 21.16
C7 NAG P . -20.66 19.25 15.94
C8 NAG P . -20.44 20.44 15.05
N2 NAG P . -21.62 19.38 16.85
O3 NAG P . -23.59 17.37 16.33
O4 NAG P . -25.17 16.59 18.63
O5 NAG P . -22.07 17.76 20.13
O6 NAG P . -22.46 15.87 21.65
O7 NAG P . -19.99 18.23 15.84
C1 NAG P . -25.44 15.36 17.92
C2 NAG P . -26.64 14.67 18.56
C3 NAG P . -27.00 13.41 17.79
C4 NAG P . -27.23 13.74 16.32
C5 NAG P . -26.01 14.46 15.76
C6 NAG P . -26.21 14.94 14.35
C7 NAG P . -25.50 13.50 20.42
C8 NAG P . -25.45 13.33 21.90
N2 NAG P . -26.42 14.37 19.96
O3 NAG P . -28.16 12.83 18.36
O4 NAG P . -27.45 12.56 15.56
O5 NAG P . -25.71 15.62 16.55
O6 NAG P . -27.57 15.27 14.10
O7 NAG P . -24.76 12.89 19.66
C1 BMA P . -28.87 12.33 15.42
C2 BMA P . -29.14 11.68 14.06
C3 BMA P . -30.61 11.35 13.94
C4 BMA P . -31.10 10.53 15.15
C5 BMA P . -30.71 11.22 16.46
C6 BMA P . -30.97 10.34 17.65
O2 BMA P . -28.45 10.46 13.95
O3 BMA P . -30.88 10.66 12.73
O4 BMA P . -32.50 10.42 15.10
O5 BMA P . -29.30 11.46 16.45
O6 BMA P . -29.99 9.31 17.64
C1 MAN P . -31.99 11.30 12.07
C2 MAN P . -32.34 10.50 10.79
C3 MAN P . -31.23 10.67 9.79
C4 MAN P . -31.08 12.14 9.48
C5 MAN P . -30.67 12.87 10.75
C6 MAN P . -30.56 14.34 10.56
O2 MAN P . -33.47 11.08 10.12
O3 MAN P . -31.47 9.94 8.60
O4 MAN P . -30.08 12.31 8.51
O5 MAN P . -31.67 12.65 11.76
O6 MAN P . -31.70 14.94 11.17
C1 MAN P . -34.62 10.92 10.97
C2 MAN P . -35.76 10.39 10.10
C3 MAN P . -36.06 11.41 9.04
C4 MAN P . -36.52 12.69 9.72
C5 MAN P . -35.43 13.21 10.66
C6 MAN P . -35.91 14.36 11.52
O2 MAN P . -36.93 10.35 10.88
O3 MAN P . -37.04 10.95 8.13
O4 MAN P . -36.83 13.67 8.74
O5 MAN P . -34.99 12.17 11.55
O6 MAN P . -34.87 14.70 12.43
C1 MAN P . -37.63 9.11 10.73
C2 MAN P . -39.08 9.43 11.08
C3 MAN P . -39.12 9.89 12.52
C4 MAN P . -38.53 8.81 13.44
C5 MAN P . -37.10 8.48 13.00
C6 MAN P . -36.51 7.30 13.75
O2 MAN P . -39.89 8.24 11.03
O3 MAN P . -40.43 10.24 12.93
O4 MAN P . -38.51 9.26 14.77
O5 MAN P . -37.10 8.14 11.60
O6 MAN P . -37.27 6.13 13.44
C1 MAN P . -30.41 8.21 18.46
C2 MAN P . -29.22 7.21 18.49
C3 MAN P . -29.09 6.50 17.14
C4 MAN P . -30.42 5.86 16.75
C5 MAN P . -31.49 6.94 16.67
C6 MAN P . -32.87 6.41 16.33
O2 MAN P . -29.45 6.16 19.46
O3 MAN P . -28.06 5.52 17.14
O4 MAN P . -30.28 5.24 15.48
O5 MAN P . -31.60 7.61 17.96
O6 MAN P . -33.71 6.62 17.45
C1 NAG Q . 5.37 39.87 19.75
C2 NAG Q . 6.89 39.82 19.94
C3 NAG Q . 7.45 41.21 20.22
C4 NAG Q . 7.01 42.20 19.15
C5 NAG Q . 5.48 42.19 19.06
C6 NAG Q . 4.92 43.07 17.98
C7 NAG Q . 8.19 37.98 20.92
C8 NAG Q . 8.91 37.91 19.61
N2 NAG Q . 7.23 38.91 21.02
O3 NAG Q . 8.87 41.15 20.29
O4 NAG Q . 7.48 43.50 19.52
O5 NAG Q . 5.05 40.85 18.76
O6 NAG Q . 3.61 43.51 18.30
O7 NAG Q . 8.45 37.23 21.86
C1 NAG Q . 7.98 44.28 18.39
C2 NAG Q . 8.62 45.55 18.96
C3 NAG Q . 9.14 46.44 17.83
C4 NAG Q . 10.04 45.65 16.89
C5 NAG Q . 9.37 44.34 16.45
C6 NAG Q . 10.29 43.45 15.67
C7 NAG Q . 6.58 46.86 19.70
C8 NAG Q . 6.00 46.80 18.31
N2 NAG Q . 7.78 46.27 19.90
O3 NAG Q . 9.86 47.53 18.40
O4 NAG Q . 10.31 46.42 15.73
O5 NAG Q . 8.93 43.58 17.59
O6 NAG Q . 11.28 42.86 16.51
O7 NAG Q . 6.00 47.44 20.61
C1 BMA Q . 11.65 46.97 15.78
C2 BMA Q . 12.22 46.99 14.35
C3 BMA Q . 13.58 47.69 14.32
C4 BMA Q . 13.53 49.04 15.04
C5 BMA Q . 12.94 48.87 16.45
C6 BMA Q . 12.79 50.19 17.19
O2 BMA Q . 11.37 47.73 13.47
O3 BMA Q . 14.06 47.86 13.00
O4 BMA Q . 14.83 49.59 15.13
O5 BMA Q . 11.64 48.28 16.34
O6 BMA Q . 12.12 49.94 18.41
C1 NAG R . -31.75 25.42 20.65
C2 NAG R . -32.45 26.56 21.36
C3 NAG R . -32.71 26.18 22.81
C4 NAG R . -33.45 24.85 22.90
C5 NAG R . -32.76 23.78 22.04
C6 NAG R . -33.58 22.51 21.89
C7 NAG R . -31.78 28.67 20.33
C8 NAG R . -30.88 29.87 20.42
N2 NAG R . -31.65 27.77 21.29
O3 NAG R . -33.49 27.20 23.43
O4 NAG R . -33.45 24.41 24.24
O5 NAG R . -32.55 24.28 20.70
O6 NAG R . -32.74 21.39 21.68
O7 NAG R . -32.60 28.55 19.42
C1 NAG R . -34.77 24.11 24.71
C2 NAG R . -34.63 23.41 26.05
C3 NAG R . -36.00 23.06 26.62
C4 NAG R . -36.87 24.31 26.69
C5 NAG R . -36.92 24.98 25.31
C6 NAG R . -37.67 26.28 25.31
C7 NAG R . -32.70 22.01 26.66
C8 NAG R . -31.97 20.73 26.40
N2 NAG R . -33.81 22.21 25.93
O3 NAG R . -35.83 22.50 27.92
O4 NAG R . -38.20 23.98 27.07
O5 NAG R . -35.58 25.27 24.86
O6 NAG R . -38.09 26.63 24.00
O7 NAG R . -32.31 22.84 27.48
C1 BMA R . -38.34 24.13 28.50
C2 BMA R . -39.20 25.38 28.80
C3 BMA R . -39.47 25.47 30.30
C4 BMA R . -39.98 24.13 30.87
C5 BMA R . -39.03 22.99 30.49
C6 BMA R . -39.53 21.63 30.94
O2 BMA R . -40.47 25.28 28.17
O3 BMA R . -40.38 26.51 30.62
O4 BMA R . -40.07 24.22 32.28
O5 BMA R . -38.93 22.96 29.06
O6 BMA R . -38.90 20.64 30.13
C1 NAG S . -39.71 15.49 4.86
C2 NAG S . -40.69 14.39 5.30
C3 NAG S . -42.06 14.98 5.62
C4 NAG S . -41.95 16.18 6.55
C5 NAG S . -40.91 17.16 6.01
C6 NAG S . -40.67 18.33 6.93
C7 NAG S . -39.86 12.42 4.07
C8 NAG S . -40.15 11.44 2.98
N2 NAG S . -40.80 13.35 4.29
O3 NAG S . -42.86 13.98 6.24
O4 NAG S . -43.20 16.84 6.62
O5 NAG S . -39.66 16.50 5.84
O6 NAG S . -40.69 19.56 6.22
O7 NAG S . -38.83 12.38 4.74
C1 NAG S . -43.78 16.74 7.95
C2 NAG S . -45.15 17.40 7.87
C3 NAG S . -45.86 17.33 9.22
C4 NAG S . -45.88 15.89 9.74
C5 NAG S . -44.49 15.28 9.69
C6 NAG S . -44.48 13.81 10.05
C7 NAG S . -45.64 19.26 6.34
C8 NAG S . -46.48 18.30 5.57
N2 NAG S . -45.04 18.78 7.43
O3 NAG S . -47.18 17.83 9.08
O4 NAG S . -46.34 15.90 11.09
O5 NAG S . -43.94 15.40 8.38
O6 NAG S . -43.37 13.14 9.46
O7 NAG S . -45.53 20.44 6.00
C1 BMA S . -47.72 15.52 11.17
C2 BMA S . -47.89 14.65 12.45
C3 BMA S . -49.36 14.39 12.74
C4 BMA S . -50.19 15.68 12.67
C5 BMA S . -49.96 16.35 11.31
C6 BMA S . -50.75 17.65 11.18
O2 BMA S . -47.36 15.33 13.58
O3 BMA S . -49.53 13.79 14.01
O4 BMA S . -51.57 15.38 12.82
O5 BMA S . -48.56 16.66 11.20
O6 BMA S . -51.27 17.73 9.86
C1 NAG T . -34.17 29.97 14.27
C2 NAG T . -35.18 28.83 14.33
C3 NAG T . -36.30 29.06 13.34
C4 NAG T . -36.93 30.44 13.52
C5 NAG T . -35.83 31.51 13.51
C6 NAG T . -36.35 32.88 13.86
C7 NAG T . -33.98 26.82 15.05
C8 NAG T . -33.33 25.55 14.61
N2 NAG T . -34.52 27.56 14.08
O3 NAG T . -37.29 28.06 13.53
O4 NAG T . -37.83 30.69 12.46
O5 NAG T . -34.83 31.20 14.49
O6 NAG T . -36.21 33.14 15.24
O7 NAG T . -34.00 27.17 16.22
C1 NAG T . -39.16 30.92 12.98
C2 NAG T . -40.04 31.41 11.82
C3 NAG T . -41.49 31.62 12.28
C4 NAG T . -42.01 30.37 12.98
C5 NAG T . -41.04 29.93 14.08
C6 NAG T . -41.44 28.64 14.73
C7 NAG T . -39.30 33.83 11.61
C8 NAG T . -39.65 34.11 13.04
N2 NAG T . -39.51 32.58 11.13
O3 NAG T . -42.29 31.93 11.14
O4 NAG T . -43.27 30.67 13.58
O5 NAG T . -39.73 29.74 13.54
O6 NAG T . -42.19 27.82 13.84
O7 NAG T . -38.84 34.71 10.89
C1 BMA T . -44.37 30.13 12.82
C2 BMA T . -45.67 30.63 13.48
C3 BMA T . -46.87 30.15 12.67
C4 BMA T . -46.72 30.49 11.18
C5 BMA T . -45.38 29.96 10.64
C6 BMA T . -45.12 30.36 9.21
O2 BMA T . -45.73 32.05 13.45
O3 BMA T . -48.09 30.69 13.16
O4 BMA T . -47.78 29.91 10.43
O5 BMA T . -44.32 30.53 11.45
O6 BMA T . -44.93 31.77 9.14
C1 NAG U . -18.92 41.79 6.02
C2 NAG U . -19.42 40.99 4.83
C3 NAG U . -19.32 41.81 3.55
C4 NAG U . -20.02 43.15 3.73
C5 NAG U . -19.59 43.84 5.03
C6 NAG U . -20.46 45.04 5.36
C7 NAG U . -17.53 39.34 4.47
C8 NAG U . -16.54 40.46 4.30
N2 NAG U . -18.82 39.66 4.70
O3 NAG U . -19.92 41.10 2.48
O4 NAG U . -19.63 44.00 2.66
O5 NAG U . -19.70 42.95 6.16
O6 NAG U . -19.67 46.14 5.81
O7 NAG U . -17.19 38.17 4.39
C1 NAG U . -20.72 44.23 1.74
C2 NAG U . -20.14 45.06 0.60
C3 NAG U . -21.22 45.34 -0.43
C4 NAG U . -21.86 44.04 -0.90
C5 NAG U . -22.34 43.22 0.29
C6 NAG U . -22.82 41.85 -0.11
C7 NAG U . -18.28 46.40 1.45
C8 NAG U . -17.84 47.75 1.93
N2 NAG U . -19.56 46.30 1.09
O3 NAG U . -20.66 46.03 -1.55
O4 NAG U . -22.96 44.31 -1.75
O5 NAG U . -21.26 43.02 1.22
O6 NAG U . -21.89 41.22 -0.99
O7 NAG U . -17.51 45.45 1.39
C1 NAG V . -23.31 37.97 5.57
C2 NAG V . -23.24 38.21 4.07
C3 NAG V . -23.24 39.71 3.78
C4 NAG V . -24.42 40.39 4.46
C5 NAG V . -24.40 40.06 5.94
C6 NAG V . -25.60 40.58 6.69
C7 NAG V . -21.95 37.23 2.22
C8 NAG V . -20.67 36.58 1.82
N2 NAG V . -22.07 37.58 3.51
O3 NAG V . -23.33 39.91 2.37
O4 NAG V . -24.32 41.79 4.29
O5 NAG V . -24.42 38.63 6.11
O6 NAG V . -26.23 39.55 7.43
O7 NAG V . -22.85 37.45 1.41
C1 NAG V . -25.51 42.29 3.61
C2 NAG V . -25.36 43.82 3.49
C3 NAG V . -26.52 44.42 2.70
C4 NAG V . -26.67 43.71 1.37
C5 NAG V . -26.80 42.20 1.58
C6 NAG V . -26.86 41.43 0.28
C7 NAG V . -26.01 44.57 5.83
C8 NAG V . -27.35 43.88 5.72
N2 NAG V . -25.17 44.48 4.78
O3 NAG V . -26.28 45.80 2.50
O4 NAG V . -27.83 44.19 0.68
O5 NAG V . -25.65 41.71 2.30
O6 NAG V . -26.84 40.03 0.51
O7 NAG V . -25.69 45.17 6.85
C1 NAG W . -24.57 45.65 12.78
C2 NAG W . -25.56 45.47 11.65
C3 NAG W . -26.17 46.82 11.28
C4 NAG W . -26.74 47.51 12.51
C5 NAG W . -25.74 47.49 13.68
C6 NAG W . -26.36 47.94 14.99
C7 NAG W . -25.06 43.59 10.15
C8 NAG W . -24.33 43.14 8.92
N2 NAG W . -24.91 44.87 10.48
O3 NAG W . -27.20 46.62 10.33
O4 NAG W . -27.00 48.86 12.21
O5 NAG W . -25.24 46.16 13.90
O6 NAG W . -26.04 47.04 16.05
O7 NAG W . -25.77 42.82 10.80
C1 NAG W . -28.41 49.13 12.04
C2 NAG W . -28.61 49.70 10.64
C3 NAG W . -30.09 49.98 10.39
C4 NAG W . -30.91 48.73 10.66
C5 NAG W . -30.62 48.20 12.06
C6 NAG W . -31.33 46.91 12.37
C7 NAG W . -27.18 51.19 9.31
C8 NAG W . -26.41 52.48 9.29
N2 NAG W . -27.82 50.91 10.45
O3 NAG W . -30.27 50.40 9.04
O4 NAG W . -32.30 49.03 10.54
O5 NAG W . -29.21 47.95 12.20
O6 NAG W . -32.11 47.01 13.55
O7 NAG W . -27.22 50.44 8.34
C1 NAG X . -22.71 21.85 26.18
C2 NAG X . -22.48 20.34 26.27
C3 NAG X . -23.30 19.73 27.42
C4 NAG X . -23.03 20.47 28.71
C5 NAG X . -23.28 21.97 28.51
C6 NAG X . -22.94 22.80 29.73
C7 NAG X . -23.80 19.52 24.26
C8 NAG X . -25.05 20.20 24.75
N2 NAG X . -22.68 19.63 25.01
O3 NAG X . -22.97 18.36 27.56
O4 NAG X . -23.89 19.99 29.73
O5 NAG X . -22.45 22.46 27.44
O6 NAG X . -21.53 22.80 29.95
O7 NAG X . -23.79 18.89 23.22
C1 NAG X . -23.07 19.49 30.82
C2 NAG X . -23.99 19.21 32.02
C3 NAG X . -23.18 18.62 33.16
C4 NAG X . -22.38 17.41 32.69
C5 NAG X . -21.55 17.78 31.47
C6 NAG X . -20.80 16.60 30.88
C7 NAG X . -25.94 20.69 32.11
C8 NAG X . -26.49 21.98 32.64
N2 NAG X . -24.67 20.41 32.44
O3 NAG X . -24.07 18.23 34.21
O4 NAG X . -21.52 16.96 33.73
O5 NAG X . -22.39 18.29 30.44
O6 NAG X . -19.89 17.03 29.88
O7 NAG X . -26.61 19.93 31.43
C1 NAG Y . -16.51 -18.06 -33.57
C2 NAG Y . -15.88 -19.28 -34.26
C3 NAG Y . -14.74 -18.86 -35.20
C4 NAG Y . -15.20 -17.77 -36.15
C5 NAG Y . -15.71 -16.60 -35.33
C6 NAG Y . -16.21 -15.44 -36.14
C7 NAG Y . -15.54 -21.53 -33.33
C8 NAG Y . -16.29 -22.04 -34.51
N2 NAG Y . -15.37 -20.20 -33.25
O3 NAG Y . -14.29 -19.98 -35.94
O4 NAG Y . -14.11 -17.36 -36.98
O5 NAG Y . -16.83 -17.06 -34.54
O6 NAG Y . -16.23 -14.24 -35.37
O7 NAG Y . -15.11 -22.28 -32.45
C1 NAG Y . -14.50 -17.29 -38.38
C2 NAG Y . -13.47 -16.45 -39.12
C3 NAG Y . -13.83 -16.34 -40.59
C4 NAG Y . -14.06 -17.72 -41.20
C5 NAG Y . -15.05 -18.52 -40.35
C6 NAG Y . -15.22 -19.94 -40.82
C7 NAG Y . -12.23 -14.68 -37.95
C8 NAG Y . -12.29 -13.29 -37.40
N2 NAG Y . -13.35 -15.12 -38.53
O3 NAG Y . -12.78 -15.68 -41.29
O4 NAG Y . -14.62 -17.57 -42.50
O5 NAG Y . -14.59 -18.58 -38.99
O6 NAG Y . -14.03 -20.69 -40.64
O7 NAG Y . -11.22 -15.37 -37.88
C1 BMA Y . -13.70 -17.97 -43.54
C2 BMA Y . -14.55 -18.67 -44.63
C3 BMA Y . -13.74 -18.90 -45.90
C4 BMA Y . -12.97 -17.65 -46.32
C5 BMA Y . -12.14 -17.15 -45.16
C6 BMA Y . -11.38 -15.91 -45.52
O2 BMA Y . -15.64 -17.84 -44.99
O3 BMA Y . -14.60 -19.31 -46.96
O4 BMA Y . -12.12 -17.96 -47.42
O5 BMA Y . -13.01 -16.86 -44.06
O6 BMA Y . -11.35 -15.09 -44.37
C1 MAN Y . -14.09 -20.52 -47.56
C2 MAN Y . -14.77 -20.64 -48.92
C3 MAN Y . -16.28 -20.72 -48.71
C4 MAN Y . -16.62 -21.89 -47.77
C5 MAN Y . -15.80 -21.82 -46.47
C6 MAN Y . -15.93 -23.08 -45.63
O2 MAN Y . -14.42 -21.86 -49.58
O3 MAN Y . -16.98 -20.85 -49.94
O4 MAN Y . -18.01 -21.84 -47.45
O5 MAN Y . -14.40 -21.64 -46.77
O6 MAN Y . -14.98 -23.01 -44.57
C1 MAN Y . -10.32 -14.10 -44.57
C2 MAN Y . -9.19 -14.41 -43.54
C3 MAN Y . -9.61 -13.98 -42.14
C4 MAN Y . -10.11 -12.54 -42.15
C5 MAN Y . -11.31 -12.46 -43.09
C6 MAN Y . -11.94 -11.08 -43.16
O2 MAN Y . -8.01 -13.67 -43.85
O3 MAN Y . -8.54 -14.11 -41.21
O4 MAN Y . -10.50 -12.15 -40.86
O5 MAN Y . -10.86 -12.80 -44.41
O6 MAN Y . -12.96 -11.12 -44.16
C1 NAG Z . -17.88 -3.29 -33.32
C2 NAG Z . -19.35 -3.62 -33.13
C3 NAG Z . -20.10 -3.50 -34.46
C4 NAG Z . -19.87 -2.13 -35.08
C5 NAG Z . -18.37 -1.87 -35.20
C6 NAG Z . -18.06 -0.46 -35.67
C7 NAG Z . -19.80 -5.19 -31.30
C8 NAG Z . -19.95 -3.98 -30.43
N2 NAG Z . -19.52 -4.96 -32.58
O3 NAG Z . -21.49 -3.69 -34.23
O4 NAG Z . -20.45 -2.09 -36.37
O5 NAG Z . -17.74 -2.00 -33.91
O6 NAG Z . -18.81 0.51 -34.95
O7 NAG Z . -19.94 -6.32 -30.87
C1 NAG Z . -21.56 -1.18 -36.35
C2 NAG Z . -22.09 -1.04 -37.78
C3 NAG Z . -23.30 -0.12 -37.81
C4 NAG Z . -24.36 -0.59 -36.82
C5 NAG Z . -23.74 -0.76 -35.43
C6 NAG Z . -24.70 -1.35 -34.42
C7 NAG Z . -20.46 -1.31 -39.60
C8 NAG Z . -19.42 -0.63 -40.43
N2 NAG Z . -21.06 -0.55 -38.67
O3 NAG Z . -23.84 -0.09 -39.12
O4 NAG Z . -25.42 0.34 -36.74
O5 NAG Z . -22.61 -1.64 -35.50
O6 NAG Z . -25.58 -2.28 -35.03
O7 NAG Z . -20.75 -2.49 -39.76
C1 NAG AA . -27.59 -7.10 -13.65
C2 NAG AA . -28.68 -7.05 -12.58
C3 NAG AA . -29.29 -8.43 -12.35
C4 NAG AA . -29.72 -9.08 -13.65
C5 NAG AA . -28.55 -9.08 -14.63
C6 NAG AA . -28.90 -9.59 -16.01
C7 NAG AA . -28.14 -5.22 -11.03
C8 NAG AA . -27.54 -4.85 -9.71
N2 NAG AA . -28.14 -6.52 -11.34
O3 NAG AA . -30.42 -8.29 -11.49
O4 NAG AA . -30.13 -10.41 -13.38
O5 NAG AA . -28.10 -7.73 -14.81
O6 NAG AA . -29.91 -8.80 -16.62
O7 NAG AA . -28.60 -4.37 -11.79
C1 NAG AA . -31.33 -10.78 -14.12
C2 NAG AA . -31.77 -12.16 -13.65
C3 NAG AA . -33.02 -12.60 -14.41
C4 NAG AA . -34.10 -11.53 -14.33
C5 NAG AA . -33.55 -10.17 -14.73
C6 NAG AA . -34.54 -9.05 -14.56
C7 NAG AA . -29.99 -13.64 -12.82
C8 NAG AA . -30.35 -13.18 -11.45
N2 NAG AA . -30.70 -13.13 -13.84
O3 NAG AA . -33.50 -13.82 -13.86
O4 NAG AA . -35.17 -11.87 -15.21
O5 NAG AA . -32.40 -9.85 -13.94
O6 NAG AA . -35.29 -9.22 -13.37
O7 NAG AA . -29.08 -14.45 -13.01
C1 BMA AA . -36.36 -12.13 -14.45
C2 BMA AA . -37.55 -11.49 -15.19
C3 BMA AA . -38.86 -11.84 -14.50
C4 BMA AA . -38.96 -13.35 -14.27
C5 BMA AA . -37.73 -13.85 -13.50
C6 BMA AA . -37.76 -15.35 -13.28
O2 BMA AA . -37.64 -12.01 -16.52
O3 BMA AA . -39.98 -11.37 -15.25
O4 BMA AA . -40.13 -13.65 -13.53
O5 BMA AA . -36.57 -13.52 -14.28
O6 BMA AA . -36.72 -15.67 -12.36
C1 NAG BA . -5.83 -33.76 -4.52
C2 NAG BA . -5.95 -32.70 -5.60
C3 NAG BA . -5.44 -33.23 -6.93
C4 NAG BA . -4.02 -33.77 -6.77
C5 NAG BA . -4.00 -34.80 -5.66
C6 NAG BA . -2.61 -35.32 -5.36
C7 NAG BA . -7.71 -30.99 -5.48
C8 NAG BA . -9.17 -30.71 -5.67
N2 NAG BA . -7.32 -32.25 -5.73
O3 NAG BA . -5.45 -32.18 -7.89
O4 NAG BA . -3.58 -34.39 -7.98
O5 NAG BA . -4.48 -34.21 -4.45
O6 NAG BA . -2.08 -34.71 -4.19
O7 NAG BA . -6.92 -30.13 -5.14
C1 NAG BA . -2.73 -33.51 -8.73
C2 NAG BA . -1.65 -34.33 -9.44
C3 NAG BA . -0.78 -33.43 -10.31
C4 NAG BA . -1.65 -32.64 -11.28
C5 NAG BA . -2.72 -31.88 -10.51
C6 NAG BA . -3.69 -31.16 -11.41
C7 NAG BA . -0.03 -34.52 -7.57
C8 NAG BA . 0.73 -35.47 -6.71
N2 NAG BA . -0.83 -35.08 -8.49
O3 NAG BA . 0.17 -34.23 -11.00
O4 NAG BA . -0.86 -31.73 -12.03
O5 NAG BA . -3.49 -32.78 -9.70
O6 NAG BA . -3.89 -31.89 -12.62
O7 NAG BA . 0.06 -33.30 -7.44
C1 BMA BA . -0.49 -32.31 -13.30
C2 BMA BA . -0.42 -31.22 -14.37
C3 BMA BA . 0.05 -31.85 -15.67
C4 BMA BA . 1.33 -32.64 -15.49
C5 BMA BA . 1.20 -33.63 -14.33
C6 BMA BA . 2.52 -34.27 -13.98
O2 BMA BA . 0.54 -30.26 -14.03
O3 BMA BA . 0.22 -30.84 -16.68
O4 BMA BA . 1.63 -33.35 -16.67
O5 BMA BA . 0.77 -32.92 -13.17
O6 BMA BA . 3.29 -33.28 -13.32
C1 MAN BA . -0.47 -31.26 -17.88
C2 MAN BA . -0.22 -30.21 -19.00
C3 MAN BA . -0.94 -28.93 -18.64
C4 MAN BA . -2.41 -29.24 -18.50
C5 MAN BA . -2.60 -30.21 -17.35
C6 MAN BA . -4.03 -30.63 -17.17
O2 MAN BA . -0.83 -30.60 -20.21
O3 MAN BA . -0.73 -27.93 -19.61
O4 MAN BA . -3.10 -28.05 -18.20
O5 MAN BA . -1.86 -31.42 -17.63
O6 MAN BA . -4.15 -31.96 -17.64
C1 MAN BA . -0.16 -31.78 -20.70
C2 MAN BA . 0.12 -31.58 -22.19
C3 MAN BA . -1.19 -31.43 -22.91
C4 MAN BA . -2.00 -32.71 -22.73
C5 MAN BA . -2.24 -32.96 -21.23
C6 MAN BA . -2.86 -34.32 -20.97
O2 MAN BA . 0.65 -32.78 -22.71
O3 MAN BA . -1.01 -31.16 -24.29
O4 MAN BA . -3.24 -32.59 -23.39
O5 MAN BA . -0.98 -32.94 -20.52
O6 MAN BA . -2.97 -34.50 -19.57
C1 MAN BA . 1.83 -32.54 -23.49
C2 MAN BA . 1.90 -33.72 -24.45
C3 MAN BA . 2.06 -34.98 -23.61
C4 MAN BA . 3.32 -34.86 -22.73
C5 MAN BA . 3.23 -33.61 -21.85
C6 MAN BA . 4.52 -33.33 -21.09
O2 MAN BA . 3.08 -33.65 -25.26
O3 MAN BA . 2.09 -36.15 -24.40
O4 MAN BA . 3.44 -36.00 -21.90
O5 MAN BA . 2.97 -32.45 -22.69
O6 MAN BA . 5.54 -33.02 -22.03
C1 MAN BA . 4.69 -33.65 -13.33
C2 MAN BA . 5.43 -32.59 -12.47
C3 MAN BA . 5.50 -31.26 -13.20
C4 MAN BA . 6.10 -31.44 -14.59
C5 MAN BA . 5.25 -32.43 -15.39
C6 MAN BA . 5.80 -32.72 -16.77
O2 MAN BA . 6.80 -32.98 -12.24
O3 MAN BA . 6.23 -30.28 -12.48
O4 MAN BA . 6.12 -30.19 -15.26
O5 MAN BA . 5.19 -33.70 -14.67
O6 MAN BA . 6.27 -34.07 -16.78
C1 NAG CA . -28.65 -27.77 20.41
C2 NAG CA . -28.73 -27.03 21.75
C3 NAG CA . -29.96 -27.50 22.54
C4 NAG CA . -31.23 -27.40 21.70
C5 NAG CA . -31.02 -28.17 20.40
C6 NAG CA . -32.18 -28.09 19.44
C7 NAG CA . -26.88 -26.24 23.14
C8 NAG CA . -27.46 -24.86 22.97
N2 NAG CA . -27.53 -27.23 22.54
O3 NAG CA . -30.09 -26.71 23.72
O4 NAG CA . -32.31 -27.93 22.44
O5 NAG CA . -29.88 -27.65 19.71
O6 NAG CA . -32.23 -29.23 18.59
O7 NAG CA . -25.85 -26.44 23.79
C1 NAG CA . -33.56 -27.17 22.31
C2 NAG CA . -34.56 -27.74 23.31
C3 NAG CA . -35.91 -27.03 23.20
C4 NAG CA . -35.71 -25.52 23.29
C5 NAG CA . -34.61 -25.03 22.34
C6 NAG CA . -34.27 -23.58 22.54
C7 NAG CA . -35.14 -29.97 22.22
C8 NAG CA . -35.57 -29.28 20.95
N2 NAG CA . -34.70 -29.20 23.24
O3 NAG CA . -36.77 -27.48 24.23
O4 NAG CA . -36.93 -24.85 22.96
O5 NAG CA . -33.40 -25.77 22.54
O6 NAG CA . -33.56 -23.38 23.75
O7 NAG CA . -35.19 -31.19 22.33
C1 BMA CA . -37.60 -24.38 24.14
C2 BMA CA . -38.28 -23.04 23.80
C3 BMA CA . -39.13 -22.55 24.98
C4 BMA CA . -40.05 -23.67 25.50
C5 BMA CA . -39.24 -24.93 25.80
C6 BMA CA . -40.11 -26.09 26.26
O2 BMA CA . -39.18 -23.19 22.71
O3 BMA CA . -39.89 -21.41 24.64
O4 BMA CA . -40.71 -23.24 26.68
O5 BMA CA . -38.55 -25.33 24.61
O6 BMA CA . -39.28 -27.24 26.38
C1 NAG DA . -9.77 -43.21 -11.11
C2 NAG DA . -10.38 -44.59 -11.12
C3 NAG DA . -9.38 -45.60 -10.57
C4 NAG DA . -8.05 -45.50 -11.29
C5 NAG DA . -7.56 -44.05 -11.37
C6 NAG DA . -6.37 -43.86 -12.28
C7 NAG DA . -12.81 -44.39 -10.90
C8 NAG DA . -13.97 -44.45 -9.96
N2 NAG DA . -11.61 -44.61 -10.36
O3 NAG DA . -9.91 -46.91 -10.70
O4 NAG DA . -7.09 -46.26 -10.57
O5 NAG DA . -8.60 -43.21 -11.89
O6 NAG DA . -5.51 -42.84 -11.80
O7 NAG DA . -12.94 -44.16 -12.10
C1 NAG DA . -6.42 -47.21 -11.43
C2 NAG DA . -5.26 -47.80 -10.63
C3 NAG DA . -4.51 -48.83 -11.46
C4 NAG DA . -5.49 -49.88 -11.99
C5 NAG DA . -6.64 -49.20 -12.73
C6 NAG DA . -7.70 -50.17 -13.18
C7 NAG DA . -4.05 -46.57 -8.88
C8 NAG DA . -3.10 -45.45 -8.59
N2 NAG DA . -4.35 -46.76 -10.17
O3 NAG DA . -3.51 -49.44 -10.65
O4 NAG DA . -4.83 -50.77 -12.88
O5 NAG DA . -7.28 -48.26 -11.86
O6 NAG DA . -8.50 -49.61 -14.22
O7 NAG DA . -4.51 -47.28 -7.99
C1 BMA DA . -4.37 -51.94 -12.17
C2 BMA DA . -5.24 -53.15 -12.56
C3 BMA DA . -4.66 -54.41 -11.90
C4 BMA DA . -3.15 -54.55 -12.16
C5 BMA DA . -2.42 -53.26 -11.76
C6 BMA DA . -0.94 -53.29 -12.07
O2 BMA DA . -5.23 -53.38 -13.95
O3 BMA DA . -5.35 -55.58 -12.34
O4 BMA DA . -2.63 -55.64 -11.43
O5 BMA DA . -3.00 -52.18 -12.49
O6 BMA DA . -0.48 -51.95 -12.12
C1 NAG EA . -6.05 -32.17 -27.73
C2 NAG EA . -4.73 -32.58 -28.40
C3 NAG EA . -4.92 -33.82 -29.26
C4 NAG EA . -5.64 -34.93 -28.51
C5 NAG EA . -6.90 -34.37 -27.87
C6 NAG EA . -7.63 -35.39 -27.00
C7 NAG EA . -3.59 -30.41 -28.65
C8 NAG EA . -3.11 -29.37 -29.62
N2 NAG EA . -4.20 -31.48 -29.19
O3 NAG EA . -3.64 -34.29 -29.68
O4 NAG EA . -6.00 -35.95 -29.41
O5 NAG EA . -6.57 -33.27 -27.02
O6 NAG EA . -9.02 -35.37 -27.26
O7 NAG EA . -3.45 -30.29 -27.45
C1 NAG EA . -5.29 -37.18 -29.15
C2 NAG EA . -5.70 -38.17 -30.23
C3 NAG EA . -4.99 -39.49 -30.05
C4 NAG EA . -3.48 -39.29 -29.95
C5 NAG EA . -3.14 -38.22 -28.91
C6 NAG EA . -1.68 -37.85 -28.89
C7 NAG EA . -7.93 -38.08 -31.26
C8 NAG EA . -7.25 -37.52 -32.47
N2 NAG EA . -7.15 -38.36 -30.22
O3 NAG EA . -5.28 -40.34 -31.15
O4 NAG EA . -2.86 -40.51 -29.55
O5 NAG EA . -3.87 -37.01 -29.19
O6 NAG EA . -1.48 -36.53 -28.40
O7 NAG EA . -9.15 -38.25 -31.22
C1 BMA EA . -2.27 -41.18 -30.68
C2 BMA EA . -0.96 -41.84 -30.19
C3 BMA EA . -0.38 -42.78 -31.25
C4 BMA EA . -1.46 -43.71 -31.82
C5 BMA EA . -2.64 -42.88 -32.33
C6 BMA EA . -3.75 -43.75 -32.90
O2 BMA EA . -1.20 -42.63 -29.04
O3 BMA EA . 0.70 -43.55 -30.73
O4 BMA EA . -0.92 -44.45 -32.90
O5 BMA EA . -3.17 -42.14 -31.22
O6 BMA EA . -4.28 -43.12 -34.05
C1 NAG FA . -16.09 -41.82 -16.12
C2 NAG FA . -14.87 -41.95 -17.04
C3 NAG FA . -15.31 -41.96 -18.49
C4 NAG FA . -16.38 -43.02 -18.72
C5 NAG FA . -17.52 -42.86 -17.72
C6 NAG FA . -18.53 -43.97 -17.78
C7 NAG FA . -12.94 -40.96 -15.90
C8 NAG FA . -12.06 -39.76 -15.77
N2 NAG FA . -13.93 -40.87 -16.79
O3 NAG FA . -14.19 -42.23 -19.31
O4 NAG FA . -16.91 -42.88 -20.05
O5 NAG FA . -17.00 -42.87 -16.39
O6 NAG FA . -18.18 -45.03 -16.90
O7 NAG FA . -12.76 -41.97 -15.23
C1 NAG FA . -16.68 -44.09 -20.81
C2 NAG FA . -17.47 -43.96 -22.12
C3 NAG FA . -17.24 -45.18 -23.02
C4 NAG FA . -15.76 -45.45 -23.20
C5 NAG FA . -15.06 -45.50 -21.83
C6 NAG FA . -13.56 -45.64 -21.95
C7 NAG FA . -19.84 -44.45 -21.35
C8 NAG FA . -19.43 -45.78 -20.80
N2 NAG FA . -18.90 -43.68 -21.94
O3 NAG FA . -17.86 -44.95 -24.29
O4 NAG FA . -15.58 -46.70 -23.84
O5 NAG FA . -15.31 -44.30 -21.10
O6 NAG FA . -13.08 -45.14 -23.19
O7 NAG FA . -21.00 -44.06 -21.28
C1 BMA FA . -15.25 -46.56 -25.25
C2 BMA FA . -15.24 -47.97 -25.87
C3 BMA FA . -14.96 -47.88 -27.37
C4 BMA FA . -15.91 -46.87 -28.04
C5 BMA FA . -15.85 -45.51 -27.32
C6 BMA FA . -16.83 -44.51 -27.89
O2 BMA FA . -16.52 -48.57 -25.73
O3 BMA FA . -15.07 -49.14 -27.99
O4 BMA FA . -15.53 -46.70 -29.40
O5 BMA FA . -16.17 -45.72 -25.93
O6 BMA FA . -18.14 -44.96 -27.60
C1 NAG GA . -32.38 -32.37 -6.94
C2 NAG GA . -32.06 -31.48 -8.13
C3 NAG GA . -33.33 -30.84 -8.67
C4 NAG GA . -34.38 -31.90 -8.96
C5 NAG GA . -34.54 -32.88 -7.79
C6 NAG GA . -35.37 -34.08 -8.14
C7 NAG GA . -30.97 -29.47 -7.02
C8 NAG GA . -32.18 -29.24 -6.15
N2 NAG GA . -31.00 -30.51 -7.87
O3 NAG GA . -33.03 -30.12 -9.85
O4 NAG GA . -35.63 -31.25 -9.15
O5 NAG GA . -33.27 -33.37 -7.33
O6 NAG GA . -36.28 -34.42 -7.10
O7 NAG GA . -29.99 -28.74 -6.93
C1 NAG GA . -36.05 -31.30 -10.52
C2 NAG GA . -37.34 -30.51 -10.59
C3 NAG GA . -37.86 -30.48 -12.03
C4 NAG GA . -36.78 -29.96 -12.97
C5 NAG GA . -35.49 -30.74 -12.79
C6 NAG GA . -34.34 -30.15 -13.57
C7 NAG GA . -38.49 -30.61 -8.44
C8 NAG GA . -39.58 -31.29 -7.64
N2 NAG GA . -38.34 -31.04 -9.69
O3 NAG GA . -39.01 -29.64 -12.10
O4 NAG GA . -37.22 -30.08 -14.32
O5 NAG GA . -35.09 -30.73 -11.40
O6 NAG GA . -34.27 -28.74 -13.38
O7 NAG GA . -37.79 -29.74 -7.95
C1 NAG HA . -28.43 -32.87 -11.25
C2 NAG HA . -29.27 -31.86 -12.02
C3 NAG HA . -30.73 -32.25 -11.99
C4 NAG HA . -30.91 -33.68 -12.47
C5 NAG HA . -30.02 -34.61 -11.67
C6 NAG HA . -30.03 -36.04 -12.15
C7 NAG HA . -29.35 -29.40 -12.13
C8 NAG HA . -29.08 -28.12 -11.39
N2 NAG HA . -29.08 -30.53 -11.46
O3 NAG HA . -31.48 -31.38 -12.82
O4 NAG HA . -32.27 -34.09 -12.33
O5 NAG HA . -28.65 -34.17 -11.77
O6 NAG HA . -28.70 -36.51 -12.35
O7 NAG HA . -29.79 -29.42 -13.27
C1 NAG HA . -32.81 -34.47 -13.61
C2 NAG HA . -34.25 -34.96 -13.39
C3 NAG HA . -34.93 -35.30 -14.71
C4 NAG HA . -34.81 -34.14 -15.68
C5 NAG HA . -33.35 -33.73 -15.84
C6 NAG HA . -33.18 -32.52 -16.72
C7 NAG HA . -33.86 -37.30 -12.49
C8 NAG HA . -33.08 -37.68 -13.72
N2 NAG HA . -34.36 -36.04 -12.42
O3 NAG HA . -36.30 -35.60 -14.46
O4 NAG HA . -35.33 -34.51 -16.95
O5 NAG HA . -32.80 -33.39 -14.56
O6 NAG HA . -31.83 -32.07 -16.74
O7 NAG HA . -34.04 -38.10 -11.58
C1 NAG IA . -32.23 -41.97 -7.23
C2 NAG IA . -32.39 -41.63 -8.70
C3 NAG IA . -33.66 -42.28 -9.24
C4 NAG IA . -33.69 -43.77 -8.93
C5 NAG IA . -33.34 -44.04 -7.46
C6 NAG IA . -33.12 -45.51 -7.18
C7 NAG IA . -31.38 -39.50 -9.39
C8 NAG IA . -31.59 -38.03 -9.53
N2 NAG IA . -32.42 -40.19 -8.91
O3 NAG IA . -33.72 -42.08 -10.65
O4 NAG IA . -35.00 -44.26 -9.15
O5 NAG IA . -32.14 -43.37 -7.09
O6 NAG IA . -31.93 -45.72 -6.42
O7 NAG IA . -30.32 -40.04 -9.70
C1 NAG IA . -35.10 -45.02 -10.36
C2 NAG IA . -36.15 -44.35 -11.25
C3 NAG IA . -36.28 -45.10 -12.57
C4 NAG IA . -34.92 -45.25 -13.25
C5 NAG IA . -33.92 -45.88 -12.27
C6 NAG IA . -32.53 -45.95 -12.84
C7 NAG IA . -38.24 -43.22 -10.66
C8 NAG IA . -39.53 -43.31 -9.90
N2 NAG IA . -37.43 -44.29 -10.58
O3 NAG IA . -37.18 -44.41 -13.44
O4 NAG IA . -35.03 -46.05 -14.41
O5 NAG IA . -33.85 -45.10 -11.08
O6 NAG IA . -32.02 -47.28 -12.77
O7 NAG IA . -37.95 -42.23 -11.31
C1 NAG JA . -5.62 -40.60 -1.01
C2 NAG JA . -4.26 -39.89 -0.95
C3 NAG JA . -3.11 -40.89 -1.06
C4 NAG JA . -3.28 -42.00 -0.03
C5 NAG JA . -4.66 -42.62 -0.16
C6 NAG JA . -4.95 -43.65 0.92
C7 NAG JA . -4.16 -38.82 -3.26
C8 NAG JA . -4.37 -40.16 -3.92
N2 NAG JA . -4.12 -38.79 -1.91
O3 NAG JA . -1.87 -40.22 -0.87
O4 NAG JA . -2.28 -42.99 -0.21
O5 NAG JA . -5.67 -41.62 -0.02
O6 NAG JA . -5.10 -43.03 2.19
O7 NAG JA . -4.03 -37.81 -3.92
C1 NAG JA . -1.51 -43.10 1.01
C2 NAG JA . -0.65 -44.35 0.92
C3 NAG JA . 0.23 -44.48 2.16
C4 NAG JA . 1.02 -43.20 2.39
C5 NAG JA . 0.07 -42.01 2.43
C6 NAG JA . 0.79 -40.68 2.55
C7 NAG JA . -1.67 -46.12 -0.43
C8 NAG JA . -2.55 -47.34 -0.42
N2 NAG JA . -1.47 -45.53 0.75
O3 NAG JA . 1.12 -45.57 1.99
O4 NAG JA . 1.72 -43.28 3.63
O5 NAG JA . -0.68 -41.95 1.20
O6 NAG JA . -0.13 -39.62 2.77
O7 NAG JA . -1.16 -45.70 -1.47
C1 NAG KA . 5.05 22.34 -34.70
C2 NAG KA . 5.74 23.71 -34.70
C3 NAG KA . 4.79 24.82 -34.24
C4 NAG KA . 3.49 24.78 -35.04
C5 NAG KA . 2.88 23.39 -34.84
C6 NAG KA . 1.58 23.20 -35.59
C7 NAG KA . 8.09 24.24 -34.15
C8 NAG KA . 8.16 24.94 -35.47
N2 NAG KA . 6.92 23.68 -33.84
O3 NAG KA . 5.41 26.08 -34.41
O4 NAG KA . 2.61 25.78 -34.56
O5 NAG KA . 3.80 22.42 -35.38
O6 NAG KA . 0.75 22.26 -34.91
O7 NAG KA . 9.06 24.19 -33.40
C1 NAG KA . 2.04 26.55 -35.67
C2 NAG KA . 0.86 27.34 -35.13
C3 NAG KA . 0.22 28.16 -36.25
C4 NAG KA . 1.27 29.01 -36.95
C5 NAG KA . 2.46 28.16 -37.38
C6 NAG KA . 3.60 28.97 -37.96
C7 NAG KA . -0.44 26.45 -33.24
C8 NAG KA . -1.48 25.47 -32.81
N2 NAG KA . -0.14 26.45 -34.55
O3 NAG KA . -0.79 28.99 -35.71
O4 NAG KA . 0.70 29.58 -38.13
O5 NAG KA . 2.99 27.46 -36.24
O6 NAG KA . 4.15 29.86 -36.99
O7 NAG KA . 0.11 27.20 -32.45
C1 BMA KA . 0.49 31.00 -38.02
C2 BMA KA . 0.78 31.59 -39.41
C3 BMA KA . 0.36 33.05 -39.49
C4 BMA KA . -1.05 33.27 -38.95
C5 BMA KA . -1.15 32.70 -37.55
C6 BMA KA . -2.54 32.84 -36.99
O2 BMA KA . 0.03 30.91 -40.40
O3 BMA KA . 0.41 33.51 -40.84
O4 BMA KA . -1.35 34.65 -38.92
O5 BMA KA . -0.84 31.30 -37.61
O6 BMA KA . -2.82 31.71 -36.22
C1 MAN KA . 1.19 34.73 -40.92
C2 MAN KA . 0.84 35.37 -42.27
C3 MAN KA . 1.24 34.42 -43.38
C4 MAN KA . 2.72 34.03 -43.27
C5 MAN KA . 3.06 33.53 -41.84
C6 MAN KA . 4.55 33.39 -41.61
O2 MAN KA . 1.61 36.56 -42.48
O3 MAN KA . 0.96 34.96 -44.67
O4 MAN KA . 3.03 33.01 -44.21
O5 MAN KA . 2.56 34.45 -40.85
O6 MAN KA . 4.77 33.11 -40.24
C1 MAN KA . -3.94 32.03 -35.38
C2 MAN KA . -3.43 32.07 -33.92
C3 MAN KA . -3.17 30.67 -33.39
C4 MAN KA . -4.37 29.77 -33.64
C5 MAN KA . -4.65 29.74 -35.14
C6 MAN KA . -5.82 28.85 -35.51
O2 MAN KA . -4.40 32.63 -33.04
O3 MAN KA . -2.83 30.67 -32.01
O4 MAN KA . -4.11 28.46 -33.17
O5 MAN KA . -4.98 31.07 -35.56
O6 MAN KA . -6.06 29.02 -36.90
C1 NAG LA . -7.96 15.23 -33.86
C2 NAG LA . -7.36 14.42 -35.00
C3 NAG LA . -7.91 14.89 -36.33
C4 NAG LA . -9.43 14.90 -36.32
C5 NAG LA . -9.94 15.70 -35.13
C6 NAG LA . -11.44 15.63 -34.98
C7 NAG LA . -5.12 13.52 -34.53
C8 NAG LA . -5.81 12.29 -34.01
N2 NAG LA . -5.91 14.50 -34.98
O3 NAG LA . -7.43 14.04 -37.36
O4 NAG LA . -9.91 15.48 -37.52
O5 NAG LA . -9.38 15.18 -33.93
O6 NAG LA . -11.90 14.29 -35.07
O7 NAG LA . -3.90 13.61 -34.54
C1 NAG LA . -10.55 14.46 -38.31
C2 NAG LA . -11.18 15.13 -39.54
C3 NAG LA . -11.84 14.08 -40.42
C4 NAG LA . -10.84 12.99 -40.78
C5 NAG LA . -10.22 12.41 -39.52
C6 NAG LA . -9.13 11.40 -39.79
C7 NAG LA . -11.93 17.45 -39.27
C8 NAG LA . -13.03 18.36 -38.82
N2 NAG LA . -12.15 16.14 -39.15
O3 NAG LA . -12.31 14.71 -41.62
O4 NAG LA . -11.50 11.94 -41.50
O5 NAG LA . -9.63 13.46 -38.73
O6 NAG LA . -8.39 11.76 -40.95
O7 NAG LA . -10.87 17.89 -39.74
C1 NAG MA . 4.97 -2.75 -31.10
C2 NAG MA . 5.51 -4.15 -31.37
C3 NAG MA . 6.93 -4.10 -31.90
C4 NAG MA . 7.06 -3.14 -33.07
C5 NAG MA . 6.49 -1.77 -32.68
C6 NAG MA . 6.45 -0.79 -33.82
C7 NAG MA . 4.40 -5.75 -29.86
C8 NAG MA . 4.50 -6.51 -28.58
N2 NAG MA . 5.44 -4.96 -30.17
O3 NAG MA . 7.33 -5.40 -32.30
O4 NAG MA . 8.44 -3.01 -33.41
O5 NAG MA . 5.14 -1.94 -32.25
O6 NAG MA . 5.51 -1.18 -34.81
O7 NAG MA . 3.41 -5.82 -30.58
C1 NAG MA . 8.65 -2.98 -34.84
C2 NAG MA . 10.16 -2.96 -35.11
C3 NAG MA . 10.42 -2.93 -36.62
C4 NAG MA . 9.65 -4.03 -37.33
C5 NAG MA . 8.18 -4.01 -36.94
C6 NAG MA . 7.39 -5.15 -37.52
C7 NAG MA . 11.58 -1.92 -33.40
C8 NAG MA . 11.83 -3.30 -32.89
N2 NAG MA . 10.78 -1.82 -34.46
O3 NAG MA . 11.82 -3.07 -36.85
O4 NAG MA . 9.76 -3.85 -38.74
O5 NAG MA . 8.06 -4.10 -35.51
O6 NAG MA . 8.13 -6.36 -37.48
O7 NAG MA . 12.08 -0.93 -32.86
C1 BMA MA . 10.47 -4.96 -39.32
C2 BMA MA . 9.75 -5.35 -40.62
C3 BMA MA . 10.55 -6.44 -41.35
C4 BMA MA . 12.02 -6.04 -41.48
C5 BMA MA . 12.59 -5.71 -40.10
C6 BMA MA . 14.05 -5.27 -40.16
O2 BMA MA . 9.72 -4.24 -41.50
O3 BMA MA . 9.99 -6.72 -42.62
O4 BMA MA . 12.75 -7.11 -42.05
O5 BMA MA . 11.83 -4.63 -39.55
O6 BMA MA . 14.51 -5.12 -38.83
C1 NAG NA . 29.41 14.03 -11.41
C2 NAG NA . 28.03 14.29 -11.99
C3 NAG NA . 27.89 15.75 -12.38
C4 NAG NA . 28.24 16.65 -11.20
C5 NAG NA . 29.61 16.29 -10.68
C6 NAG NA . 29.99 17.07 -9.43
C7 NAG NA . 26.82 12.49 -13.14
C8 NAG NA . 26.69 11.70 -14.39
N2 NAG NA . 27.77 13.43 -13.13
O3 NAG NA . 26.56 16.00 -12.82
O4 NAG NA . 28.25 18.02 -11.61
O5 NAG NA . 29.64 14.90 -10.31
O6 NAG NA . 29.93 16.25 -8.27
O7 NAG NA . 26.09 12.30 -12.18
C1 NAG NA . 27.03 18.68 -11.23
C2 NAG NA . 27.34 20.13 -10.86
C3 NAG NA . 26.05 20.89 -10.54
C4 NAG NA . 25.08 20.77 -11.72
C5 NAG NA . 24.85 19.31 -12.07
C6 NAG NA . 24.00 19.13 -13.30
C7 NAG NA . 28.01 19.81 -8.50
C8 NAG NA . 29.11 20.00 -7.51
N2 NAG NA . 28.27 20.22 -9.75
O3 NAG NA . 26.37 22.25 -10.27
O4 NAG NA . 23.83 21.38 -11.39
O5 NAG NA . 26.10 18.66 -12.32
O6 NAG NA . 24.07 20.27 -14.14
O7 NAG NA . 26.93 19.29 -8.20
C1 BMA NA . 23.78 22.74 -11.86
C2 BMA NA . 22.36 23.08 -12.28
C3 BMA NA . 22.30 24.52 -12.72
C4 BMA NA . 22.90 25.46 -11.66
C5 BMA NA . 24.29 24.97 -11.22
C6 BMA NA . 24.79 25.72 -10.02
O2 BMA NA . 21.47 22.97 -11.18
O3 BMA NA . 20.96 24.92 -13.01
O4 BMA NA . 23.03 26.75 -12.19
O5 BMA NA . 24.19 23.60 -10.83
O6 BMA NA . 24.04 25.27 -8.89
C1 MAN NA . 20.93 25.56 -14.31
C2 MAN NA . 19.48 26.05 -14.60
C3 MAN NA . 18.60 24.86 -14.83
C4 MAN NA . 19.15 24.07 -15.99
C5 MAN NA . 20.52 23.54 -15.61
C6 MAN NA . 21.19 22.79 -16.73
O2 MAN NA . 19.44 26.74 -15.84
O3 MAN NA . 17.27 25.25 -15.08
O4 MAN NA . 18.31 22.98 -16.26
O5 MAN NA . 21.39 24.67 -15.32
O6 MAN NA . 22.20 23.62 -17.27
C1 MAN NA . 20.20 27.96 -15.71
C2 MAN NA . 19.36 29.10 -16.29
C3 MAN NA . 19.15 28.84 -17.75
C4 MAN NA . 20.49 28.83 -18.45
C5 MAN NA . 21.37 27.72 -17.86
C6 MAN NA . 22.80 27.79 -18.37
O2 MAN NA . 20.16 30.27 -16.27
O3 MAN NA . 18.29 29.81 -18.34
O4 MAN NA . 20.32 28.62 -19.84
O5 MAN NA . 21.44 27.86 -16.42
O6 MAN NA . 23.55 26.76 -17.73
C1 MAN NA . 19.44 31.39 -15.75
C2 MAN NA . 20.11 32.60 -16.39
C3 MAN NA . 21.56 32.61 -15.94
C4 MAN NA . 21.62 32.67 -14.41
C5 MAN NA . 20.86 31.47 -13.81
C6 MAN NA . 20.74 31.55 -12.30
O2 MAN NA . 19.54 33.82 -15.91
O3 MAN NA . 22.28 33.68 -16.52
O4 MAN NA . 22.98 32.62 -13.98
O5 MAN NA . 19.52 31.44 -14.35
O6 MAN NA . 19.97 32.70 -11.96
C1 MAN NA . 24.15 26.20 -7.81
C2 MAN NA . 23.44 25.57 -6.58
C3 MAN NA . 21.93 25.58 -6.79
C4 MAN NA . 21.44 26.99 -7.10
C5 MAN NA . 22.16 27.49 -8.37
C6 MAN NA . 21.78 28.92 -8.74
O2 MAN NA . 23.68 26.33 -5.39
O3 MAN NA . 21.23 25.07 -5.65
O4 MAN NA . 20.05 26.97 -7.32
O5 MAN NA . 23.59 27.47 -8.15
O6 MAN NA . 22.94 29.73 -8.60
C1 NAG OA . 37.62 -19.06 -15.16
C2 NAG OA . 37.51 -20.38 -14.38
C3 NAG OA . 38.44 -21.43 -14.99
C4 NAG OA . 38.18 -21.58 -16.49
C5 NAG OA . 38.33 -20.21 -17.14
C6 NAG OA . 38.03 -20.20 -18.63
C7 NAG OA . 37.09 -20.65 -11.98
C8 NAG OA . 35.87 -21.43 -12.37
N2 NAG OA . 37.84 -20.18 -12.98
O3 NAG OA . 38.23 -22.68 -14.33
O4 NAG OA . 39.13 -22.50 -17.02
O5 NAG OA . 37.42 -19.29 -16.54
O6 NAG OA . 38.73 -19.16 -19.29
O7 NAG OA . 37.39 -20.47 -10.80
C1 NAG OA . 38.59 -23.40 -18.01
C2 NAG OA . 39.66 -24.45 -18.33
C3 NAG OA . 39.16 -25.43 -19.39
C4 NAG OA . 37.81 -26.02 -19.00
C5 NAG OA . 36.82 -24.92 -18.59
C6 NAG OA . 35.54 -25.47 -18.02
C7 NAG OA . 41.30 -23.08 -19.69
C8 NAG OA . 40.23 -22.70 -20.68
N2 NAG OA . 40.96 -23.89 -18.66
O3 NAG OA . 40.13 -26.47 -19.56
O4 NAG OA . 37.26 -26.73 -20.10
O5 NAG OA . 37.38 -24.07 -17.58
O6 NAG OA . 35.75 -26.05 -16.74
O7 NAG OA . 42.46 -22.68 -19.82
C1 BMA OA . 37.41 -28.16 -19.92
C2 BMA OA . 36.17 -28.86 -20.51
C3 BMA OA . 36.35 -30.38 -20.48
C4 BMA OA . 37.70 -30.81 -21.07
C5 BMA OA . 38.85 -30.04 -20.38
C6 BMA OA . 40.20 -30.37 -20.96
O2 BMA OA . 36.00 -28.51 -21.88
O3 BMA OA . 35.30 -31.05 -21.15
O4 BMA OA . 37.89 -32.19 -20.88
O5 BMA OA . 38.62 -28.62 -20.54
O6 BMA OA . 41.16 -29.51 -20.37
C1 NAG PA . 35.85 20.48 -19.49
C2 NAG PA . 37.18 20.73 -20.17
C3 NAG PA . 38.16 21.32 -19.16
C4 NAG PA . 37.57 22.55 -18.47
C5 NAG PA . 36.17 22.25 -17.93
C6 NAG PA . 35.44 23.48 -17.46
C7 NAG PA . 37.44 19.13 -21.99
C8 NAG PA . 38.07 17.83 -22.42
N2 NAG PA . 37.71 19.51 -20.74
O3 NAG PA . 39.37 21.69 -19.83
O4 NAG PA . 38.40 22.89 -17.38
O5 NAG PA . 35.35 21.68 -18.97
O6 NAG PA . 34.58 23.19 -16.37
O7 NAG PA . 36.72 19.77 -22.73
C1 NAG PA . 38.81 24.27 -17.43
C2 NAG PA . 39.49 24.60 -16.11
C3 NAG PA . 39.98 26.04 -16.11
C4 NAG PA . 40.85 26.31 -17.32
C5 NAG PA . 40.11 25.91 -18.59
C6 NAG PA . 40.97 26.03 -19.84
C7 NAG PA . 38.91 23.52 -13.98
C8 NAG PA . 37.88 23.38 -12.91
N2 NAG PA . 38.60 24.35 -14.99
O3 NAG PA . 40.69 26.28 -14.90
O4 NAG PA . 41.19 27.69 -17.41
O5 NAG PA . 39.71 24.52 -18.51
O6 NAG PA . 40.16 26.14 -21.00
O7 NAG PA . 39.98 22.92 -13.94
C1 BMA PA . 42.46 27.93 -16.76
C2 BMA PA . 43.53 28.22 -17.84
C3 BMA PA . 44.85 28.59 -17.16
C4 BMA PA . 44.64 29.69 -16.09
C5 BMA PA . 43.54 29.27 -15.11
C6 BMA PA . 43.22 30.33 -14.08
O2 BMA PA . 43.16 29.32 -18.65
O3 BMA PA . 45.82 29.03 -18.10
O4 BMA PA . 45.84 29.91 -15.39
O5 BMA PA . 42.35 29.01 -15.85
O6 BMA PA . 41.92 30.06 -13.56
C1 NAG QA . 18.55 29.91 -24.52
C2 NAG QA . 18.44 31.29 -23.87
C3 NAG QA . 19.23 32.32 -24.67
C4 NAG QA . 20.65 31.84 -24.97
C5 NAG QA . 20.61 30.44 -25.56
C6 NAG QA . 21.97 29.85 -25.79
C7 NAG QA . 16.22 31.18 -22.85
C8 NAG QA . 14.82 31.72 -22.87
N2 NAG QA . 17.05 31.70 -23.75
O3 NAG QA . 19.29 33.54 -23.93
O4 NAG QA . 21.26 32.72 -25.91
O5 NAG QA . 19.92 29.56 -24.67
O6 NAG QA . 22.06 29.22 -27.05
O7 NAG QA . 16.56 30.32 -22.05
C1 NAG QA . 22.38 33.43 -25.33
C2 NAG QA . 22.89 34.37 -26.41
C3 NAG QA . 24.06 35.20 -25.88
C4 NAG QA . 23.70 35.89 -24.58
C5 NAG QA . 23.11 34.88 -23.59
C6 NAG QA . 22.58 35.54 -22.33
C7 NAG QA . 22.74 33.83 -28.80
C8 NAG QA . 21.67 34.88 -28.88
N2 NAG QA . 23.28 33.64 -27.60
O3 NAG QA . 24.43 36.16 -26.87
O4 NAG QA . 24.87 36.45 -24.01
O5 NAG QA . 22.01 34.19 -24.18
O6 NAG QA . 21.57 34.75 -21.73
O7 NAG QA . 23.09 33.19 -29.79
C1 BMA QA . 24.93 37.87 -24.25
C2 BMA QA . 25.52 38.53 -22.98
C3 BMA QA . 25.84 40.01 -23.23
C4 BMA QA . 26.63 40.20 -24.53
C5 BMA QA . 25.87 39.55 -25.69
C6 BMA QA . 26.59 39.69 -27.02
O2 BMA QA . 26.72 37.92 -22.59
O3 BMA QA . 26.57 40.57 -22.14
O4 BMA QA . 26.79 41.59 -24.80
O5 BMA QA . 25.73 38.15 -25.40
O6 BMA QA . 25.64 39.94 -28.04
C1 NAG RA . 33.47 20.01 -27.30
C2 NAG RA . 33.07 21.40 -26.87
C3 NAG RA . 32.56 22.21 -28.06
C4 NAG RA . 33.59 22.19 -29.19
C5 NAG RA . 34.00 20.75 -29.50
C6 NAG RA . 35.14 20.67 -30.50
C7 NAG RA . 32.36 21.26 -24.52
C8 NAG RA . 31.20 21.20 -23.58
N2 NAG RA . 32.06 21.34 -25.82
O3 NAG RA . 32.33 23.55 -27.64
O4 NAG RA . 33.00 22.77 -30.35
O5 NAG RA . 34.45 20.09 -28.32
O6 NAG RA . 36.39 20.75 -29.83
O7 NAG RA . 33.51 21.22 -24.12
C1 NAG RA . 33.74 23.95 -30.75
C2 NAG RA . 33.21 24.40 -32.11
C3 NAG RA . 33.91 25.67 -32.60
C4 NAG RA . 33.85 26.74 -31.52
C5 NAG RA . 34.36 26.19 -30.18
C6 NAG RA . 34.21 27.17 -29.04
C7 NAG RA . 34.29 22.70 -33.67
C8 NAG RA . 35.67 23.09 -33.19
N2 NAG RA . 33.23 23.34 -33.13
O3 NAG RA . 33.28 26.13 -33.78
O4 NAG RA . 34.69 27.83 -31.90
O5 NAG RA . 33.61 25.01 -29.81
O6 NAG RA . 33.15 28.10 -29.29
O7 NAG RA . 34.14 21.84 -34.52
C1 BMA RA . 33.93 28.95 -32.39
C2 BMA RA . 34.94 30.00 -32.92
C3 BMA RA . 34.20 31.19 -33.51
C4 BMA RA . 33.16 30.73 -34.55
C5 BMA RA . 32.23 29.67 -33.92
C6 BMA RA . 31.23 29.11 -34.92
O2 BMA RA . 35.74 29.45 -33.96
O3 BMA RA . 35.10 32.10 -34.13
O4 BMA RA . 32.39 31.83 -34.98
O5 BMA RA . 33.03 28.59 -33.43
O6 BMA RA . 31.94 28.33 -35.87
C1 NAG SA . 31.13 0.34 -34.22
C2 NAG SA . 29.81 1.01 -34.54
C3 NAG SA . 29.20 0.42 -35.80
C4 NAG SA . 30.20 0.49 -36.95
C5 NAG SA . 31.58 -0.04 -36.52
C6 NAG SA . 32.66 0.27 -37.54
C7 NAG SA . 28.28 0.00 -32.78
C8 NAG SA . 28.59 -1.39 -33.25
N2 NAG SA . 28.86 1.03 -33.42
O3 NAG SA . 28.01 1.13 -36.15
O4 NAG SA . 29.74 -0.35 -38.00
O5 NAG SA . 32.02 0.56 -35.29
O6 NAG SA . 33.52 -0.84 -37.74
O7 NAG SA . 27.50 0.19 -31.84
C1 NAG SA . 29.28 0.42 -39.12
C2 NAG SA . 28.72 -0.59 -40.13
C3 NAG SA . 28.20 0.13 -41.36
C4 NAG SA . 27.18 1.20 -40.95
C5 NAG SA . 27.78 2.12 -39.89
C6 NAG SA . 26.75 3.09 -39.33
C7 NAG SA . 29.87 -2.74 -39.84
C8 NAG SA . 30.96 -3.63 -40.36
N2 NAG SA . 29.73 -1.57 -40.49
O3 NAG SA . 27.58 -0.80 -42.24
O4 NAG SA . 26.81 1.97 -42.08
O5 NAG SA . 28.27 1.36 -38.78
O6 NAG SA . 25.54 2.40 -39.00
O7 NAG SA . 29.16 -3.05 -38.89
C1 NAG TA . 29.28 5.85 -33.53
C2 NAG TA . 28.17 5.51 -34.51
C3 NAG TA . 28.75 4.84 -35.75
C4 NAG TA . 29.87 5.69 -36.35
C5 NAG TA . 30.90 5.98 -35.27
C6 NAG TA . 31.99 6.93 -35.72
C7 NAG TA . 25.93 4.53 -34.33
C8 NAG TA . 25.04 3.61 -33.56
N2 NAG TA . 27.17 4.66 -33.88
O3 NAG TA . 27.72 4.68 -36.73
O4 NAG TA . 30.49 5.00 -37.42
O5 NAG TA . 30.26 6.63 -34.17
O6 NAG TA . 32.15 8.00 -34.81
O7 NAG TA . 25.52 5.14 -35.32
C1 NAG TA . 30.41 5.78 -38.63
C2 NAG TA . 31.15 5.02 -39.73
C3 NAG TA . 31.03 5.73 -41.08
C4 NAG TA . 29.56 6.01 -41.40
C5 NAG TA . 28.92 6.77 -40.25
C6 NAG TA . 27.44 7.02 -40.46
C7 NAG TA . 33.57 5.59 -39.20
C8 NAG TA . 33.29 7.07 -39.31
N2 NAG TA . 32.54 4.74 -39.40
O3 NAG TA . 31.60 4.92 -42.10
O4 NAG TA . 29.46 6.78 -42.59
O5 NAG TA . 29.05 6.01 -39.03
O6 NAG TA . 26.83 7.54 -39.28
O7 NAG TA . 34.69 5.18 -38.92
C1 NAG UA . 39.64 4.66 -35.46
C2 NAG UA . 38.76 5.47 -36.39
C3 NAG UA . 39.32 5.41 -37.81
C4 NAG UA . 40.80 5.80 -37.83
C5 NAG UA . 41.59 5.06 -36.74
C6 NAG UA . 43.00 5.59 -36.57
C7 NAG UA . 36.42 5.62 -35.69
C8 NAG UA . 35.06 4.98 -35.77
N2 NAG UA . 37.40 4.99 -36.36
O3 NAG UA . 38.59 6.30 -38.64
O4 NAG UA . 41.35 5.42 -39.08
O5 NAG UA . 40.95 5.19 -35.47
O6 NAG UA . 43.32 5.77 -35.20
O7 NAG UA . 36.62 6.65 -35.06
C1 NAG UA . 41.58 6.56 -39.95
C2 NAG UA . 40.77 6.32 -41.23
C3 NAG UA . 40.94 7.51 -42.18
C4 NAG UA . 40.59 8.81 -41.46
C5 NAG UA . 41.39 8.94 -40.18
C6 NAG UA . 41.03 10.15 -39.36
C7 NAG UA . 40.30 4.25 -42.45
C8 NAG UA . 40.89 3.02 -43.07
N2 NAG UA . 41.17 5.09 -41.88
O3 NAG UA . 40.09 7.33 -43.31
O4 NAG UA . 40.85 9.92 -42.31
O5 NAG UA . 41.17 7.79 -39.34
O6 NAG UA . 42.17 10.95 -39.09
O7 NAG UA . 39.10 4.47 -42.46
C1 NAG VA . 36.98 14.53 -10.07
C2 NAG VA . 36.17 14.97 -8.84
C3 NAG VA . 36.87 16.10 -8.10
C4 NAG VA . 38.30 15.70 -7.78
C5 NAG VA . 39.02 15.27 -9.05
C6 NAG VA . 40.41 14.75 -8.80
C7 NAG VA . 34.27 16.25 -9.96
C8 NAG VA . 35.24 17.15 -10.67
N2 NAG VA . 34.77 15.28 -9.15
O3 NAG VA . 36.17 16.39 -6.90
O4 NAG VA . 38.99 16.81 -7.20
O5 NAG VA . 38.30 14.19 -9.68
O6 NAG VA . 40.38 13.48 -8.17
O7 NAG VA . 33.06 16.38 -10.10
C1 NAG VA . 39.47 16.41 -5.89
C2 NAG VA . 40.43 17.48 -5.39
C3 NAG VA . 40.92 17.14 -3.98
C4 NAG VA . 39.75 16.87 -3.05
C5 NAG VA . 38.82 15.82 -3.66
C6 NAG VA . 37.58 15.58 -2.85
C7 NAG VA . 41.62 18.63 -7.20
C8 NAG VA . 42.85 18.65 -8.05
N2 NAG VA . 41.56 17.64 -6.30
O3 NAG VA . 41.70 18.22 -3.48
O4 NAG VA . 40.21 16.41 -1.79
O5 NAG VA . 38.40 16.25 -4.97
O6 NAG VA . 36.85 14.47 -3.35
O7 NAG VA . 40.74 19.48 -7.31
C1 NAG WA . 7.40 19.97 49.17
C2 NAG WA . 7.26 20.35 50.65
C3 NAG WA . 7.23 19.11 51.53
C4 NAG WA . 6.17 18.13 51.03
C5 NAG WA . 6.41 17.83 49.56
C6 NAG WA . 5.38 16.90 48.98
C7 NAG WA . 8.17 22.53 51.33
C8 NAG WA . 6.78 23.06 51.18
N2 NAG WA . 8.34 21.24 51.06
O3 NAG WA . 6.95 19.48 52.87
O4 NAG WA . 6.22 16.92 51.78
O5 NAG WA . 6.35 19.05 48.81
O6 NAG WA . 5.20 15.75 49.80
O7 NAG WA . 9.10 23.26 51.67
C1 NAG XA . -32.32 30.69 -12.67
C2 NAG XA . -33.14 31.79 -13.33
C3 NAG XA . -32.24 32.92 -13.80
C4 NAG XA . -31.38 33.42 -12.65
C5 NAG XA . -30.63 32.26 -12.02
C6 NAG XA . -29.84 32.67 -10.80
C7 NAG XA . -35.13 30.70 -14.27
C8 NAG XA . -35.80 30.21 -15.52
N2 NAG XA . -33.93 31.27 -14.43
O3 NAG XA . -33.04 33.99 -14.32
O4 NAG XA . -30.45 34.40 -13.11
O5 NAG XA . -31.56 31.24 -11.61
O6 NAG XA . -28.44 32.52 -11.01
O7 NAG XA . -35.64 30.57 -13.16
C1 NAG YA . -46.40 25.44 -4.58
C2 NAG YA . -47.28 24.75 -3.52
C3 NAG YA . -48.47 24.07 -4.18
C4 NAG YA . -49.23 25.06 -5.06
C5 NAG YA . -48.29 25.74 -6.04
C6 NAG YA . -48.96 26.82 -6.85
C7 NAG YA . -46.41 23.84 -1.42
C8 NAG YA . -45.58 22.77 -0.78
N2 NAG YA . -46.50 23.80 -2.75
O3 NAG YA . -49.32 23.54 -3.18
O4 NAG YA . -50.25 24.37 -5.78
O5 NAG YA . -47.20 26.36 -5.34
O6 NAG YA . -50.24 27.15 -6.32
O7 NAG YA . -46.97 24.70 -0.75
C1 NAG ZA . 1.54 34.12 30.84
C2 NAG ZA . 1.83 35.40 30.04
C3 NAG ZA . 3.32 35.69 30.04
C4 NAG ZA . 3.86 35.72 31.46
C5 NAG ZA . 3.50 34.43 32.18
C6 NAG ZA . 3.91 34.45 33.64
C7 NAG ZA . 0.49 36.19 28.15
C8 NAG ZA . 0.07 35.94 26.73
N2 NAG ZA . 1.33 35.30 28.68
O3 NAG ZA . 3.56 36.94 29.40
O4 NAG ZA . 5.28 35.87 31.45
O5 NAG ZA . 2.08 34.24 32.15
O6 NAG ZA . 3.09 35.34 34.39
O7 NAG ZA . 0.08 37.16 28.77
C1 NAG AB . -24.78 43.72 25.77
C2 NAG AB . -25.75 44.78 25.31
C3 NAG AB . -25.28 46.16 25.75
C4 NAG AB . -25.04 46.17 27.26
C5 NAG AB . -24.12 45.02 27.67
C6 NAG AB . -23.97 44.88 29.17
C7 NAG AB . -27.05 44.26 23.30
C8 NAG AB . -27.08 44.30 21.80
N2 NAG AB . -25.95 44.75 23.87
O3 NAG AB . -26.25 47.14 25.40
O4 NAG AB . -24.46 47.41 27.66
O5 NAG AB . -24.63 43.78 27.19
O6 NAG AB . -24.01 43.52 29.56
O7 NAG AB . -27.98 43.81 23.96
C1 NAG BB . -8.76 48.61 35.01
C2 NAG BB . -7.54 49.17 35.71
C3 NAG BB . -7.01 48.19 36.75
C4 NAG BB . -8.13 47.79 37.71
C5 NAG BB . -9.33 47.27 36.92
C6 NAG BB . -10.53 46.97 37.79
C7 NAG BB . -6.17 50.75 34.43
C8 NAG BB . -5.06 50.91 33.42
N2 NAG BB . -6.49 49.50 34.75
O3 NAG BB . -5.94 48.78 37.47
O4 NAG BB . -7.68 46.78 38.60
O5 NAG BB . -9.76 48.26 35.97
O6 NAG BB . -10.19 46.07 38.84
O7 NAG BB . -6.73 51.73 34.93
C1 NAG CB . -66.34 5.51 -21.43
C2 NAG CB . -67.16 5.14 -22.66
C3 NAG CB . -66.67 5.92 -23.88
C4 NAG CB . -66.65 7.41 -23.60
C5 NAG CB . -65.85 7.70 -22.33
C6 NAG CB . -65.91 9.14 -21.90
C7 NAG CB . -68.14 2.89 -22.64
C8 NAG CB . -67.92 1.45 -22.96
N2 NAG CB . -67.13 3.71 -22.92
O3 NAG CB . -67.52 5.65 -25.00
O4 NAG CB . -66.07 8.12 -24.68
O5 NAG CB . -66.39 6.93 -21.24
O6 NAG CB . -65.33 9.34 -20.62
O7 NAG CB . -69.19 3.30 -22.15
C1 NAG DB . 0.96 -39.39 36.32
C2 NAG DB . 1.25 -40.69 37.08
C3 NAG DB . 2.74 -40.83 37.39
C4 NAG DB . 3.56 -40.65 36.12
C5 NAG DB . 3.20 -39.33 35.46
C6 NAG DB . 3.96 -39.09 34.18
C7 NAG DB . -0.58 -41.56 38.48
C8 NAG DB . -0.92 -42.44 37.31
N2 NAG DB . 0.47 -40.75 38.31
O3 NAG DB . 2.99 -42.11 37.96
O4 NAG DB . 4.94 -40.67 36.43
O5 NAG DB . 1.81 -39.32 35.15
O6 NAG DB . 5.35 -39.29 34.36
O7 NAG DB . -1.22 -41.59 39.52
C1 NAG EB . -27.99 -21.82 -29.78
C2 NAG EB . -29.13 -22.25 -30.70
C3 NAG EB . -30.47 -21.88 -30.08
C4 NAG EB . -30.58 -22.45 -28.67
C5 NAG EB . -29.39 -22.01 -27.83
C6 NAG EB . -29.38 -22.63 -26.46
C7 NAG EB . -28.23 -22.23 -32.98
C8 NAG EB . -28.20 -21.50 -34.28
N2 NAG EB . -28.99 -21.67 -32.01
O3 NAG EB . -31.53 -22.38 -30.90
O4 NAG EB . -31.78 -21.99 -28.06
O5 NAG EB . -28.16 -22.40 -28.48
O6 NAG EB . -29.46 -21.64 -25.45
O7 NAG EB . -27.61 -23.26 -32.80
C1 NAG FB . -17.83 -33.31 -37.34
C2 NAG FB . -16.66 -34.28 -37.53
C3 NAG FB . -16.14 -34.18 -38.96
C4 NAG FB . -17.27 -34.41 -39.96
C5 NAG FB . -18.42 -33.45 -39.66
C6 NAG FB . -19.64 -33.71 -40.53
C7 NAG FB . -15.11 -34.91 -35.74
C8 NAG FB . -14.01 -34.45 -34.83
N2 NAG FB . -15.60 -34.00 -36.58
O3 NAG FB . -15.13 -35.17 -39.16
O4 NAG FB . -16.80 -34.18 -41.28
O5 NAG FB . -18.86 -33.61 -38.30
O6 NAG FB . -19.53 -34.93 -41.23
O7 NAG FB . -15.55 -36.06 -35.70
C1 NAG GB . -18.39 -35.46 22.86
C2 NAG GB . -19.91 -35.26 22.81
C3 NAG GB . -20.39 -34.53 24.07
C4 NAG GB . -19.91 -35.27 25.32
C5 NAG GB . -18.40 -35.45 25.27
C6 NAG GB . -17.86 -36.27 26.42
C7 NAG GB . -21.21 -34.97 20.76
C8 NAG GB . -21.50 -34.08 19.58
N2 NAG GB . -20.30 -34.52 21.63
O3 NAG GB . -21.81 -34.48 24.07
O4 NAG GB . -20.24 -34.53 26.48
O5 NAG GB . -18.03 -36.14 24.06
O6 NAG GB . -18.24 -37.63 26.29
O7 NAG GB . -21.76 -36.06 20.90
C1 NAG HB . -25.16 -50.58 -0.28
C2 NAG HB . -26.17 -51.26 -1.21
C3 NAG HB . -27.30 -51.86 -0.39
C4 NAG HB . -26.74 -52.82 0.66
C5 NAG HB . -25.68 -52.11 1.51
C6 NAG HB . -24.97 -53.05 2.46
C7 NAG HB . -26.30 -50.31 -3.46
C8 NAG HB . -26.94 -49.27 -4.33
N2 NAG HB . -26.69 -50.31 -2.18
O3 NAG HB . -28.18 -52.56 -1.26
O4 NAG HB . -27.79 -53.28 1.50
O5 NAG HB . -24.66 -51.55 0.66
O6 NAG HB . -23.58 -52.79 2.48
O7 NAG HB . -25.48 -51.10 -3.89
C1 NAG IB . -28.17 -50.24 18.59
C2 NAG IB . -28.58 -50.29 20.06
C3 NAG IB . -27.35 -50.33 20.96
C4 NAG IB . -26.43 -51.48 20.54
C5 NAG IB . -26.10 -51.37 19.05
C6 NAG IB . -25.30 -52.54 18.54
C7 NAG IB . -30.74 -49.27 20.64
C8 NAG IB . -31.45 -48.00 20.99
N2 NAG IB . -29.42 -49.16 20.40
O3 NAG IB . -27.75 -50.50 22.31
O4 NAG IB . -25.23 -51.45 21.30
O5 NAG IB . -27.32 -51.35 18.29
O6 NAG IB . -24.11 -52.74 19.31
O7 NAG IB . -31.32 -50.34 20.58
C1 NAG JB . -3.80 -24.09 -65.55
C2 NAG JB . -3.83 -23.51 -66.97
C3 NAG JB . -5.10 -22.69 -67.16
C4 NAG JB . -6.34 -23.51 -66.80
C5 NAG JB . -6.19 -24.08 -65.40
C6 NAG JB . -7.33 -25.01 -65.03
C7 NAG JB . -1.65 -23.13 -68.02
C8 NAG JB . -0.51 -22.18 -68.21
N2 NAG JB . -2.66 -22.71 -67.24
O3 NAG JB . -5.18 -22.25 -68.51
O4 NAG JB . -7.50 -22.69 -66.85
O5 NAG JB . -4.98 -24.84 -65.29
O6 NAG JB . -7.06 -25.70 -63.80
O7 NAG JB . -1.67 -24.24 -68.55
C1 NAG KB . 50.15 -9.03 16.58
C2 NAG KB . 51.59 -8.88 17.09
C3 NAG KB . 51.60 -8.21 18.47
C4 NAG KB . 50.81 -6.91 18.44
C5 NAG KB . 49.41 -7.19 17.93
C6 NAG KB . 48.57 -5.94 17.84
C7 NAG KB . 53.21 -10.55 16.29
C8 NAG KB . 53.58 -9.54 15.24
N2 NAG KB . 52.25 -10.17 17.14
O3 NAG KB . 52.96 -7.94 18.86
O4 NAG KB . 50.74 -6.36 19.75
O5 NAG KB . 49.49 -7.74 16.61
O6 NAG KB . 48.63 -5.19 19.05
O7 NAG KB . 53.75 -11.64 16.35
C1 NAG LB . 11.68 14.75 -42.34
C2 NAG LB . 11.88 14.96 -43.84
C3 NAG LB . 11.99 13.62 -44.55
C4 NAG LB . 13.09 12.78 -43.91
C5 NAG LB . 12.86 12.65 -42.41
C6 NAG LB . 13.97 11.94 -41.69
C7 NAG LB . 10.80 17.10 -44.39
C8 NAG LB . 9.60 17.75 -45.02
N2 NAG LB . 10.80 15.76 -44.40
O3 NAG LB . 12.28 13.84 -45.92
O4 NAG LB . 13.12 11.48 -44.48
O5 NAG LB . 12.76 13.97 -41.82
O6 NAG LB . 13.51 10.75 -41.08
O7 NAG LB . 11.70 17.74 -43.89
C1 NAG MB . 17.45 30.64 -39.73
C2 NAG MB . 18.05 31.83 -38.99
C3 NAG MB . 17.30 33.11 -39.37
C4 NAG MB . 17.26 33.28 -40.88
C5 NAG MB . 16.71 32.03 -41.55
C6 NAG MB . 16.75 32.08 -43.06
C7 NAG MB . 19.12 31.67 -36.79
C8 NAG MB . 18.90 31.45 -35.33
N2 NAG MB . 18.02 31.63 -37.56
O3 NAG MB . 17.94 34.23 -38.76
O4 NAG MB . 16.45 34.39 -41.23
O5 NAG MB . 17.47 30.87 -41.14
O6 NAG MB . 17.56 33.17 -43.50
O7 NAG MB . 20.22 31.88 -37.26
C1 NAG NB . 44.02 -11.85 -6.33
C2 NAG NB . 44.03 -12.75 -7.57
C3 NAG NB . 43.96 -14.22 -7.17
C4 NAG NB . 45.05 -14.55 -6.16
C5 NAG NB . 44.97 -13.59 -4.97
C6 NAG NB . 46.10 -13.78 -3.99
C7 NAG NB . 43.15 -12.11 -9.77
C8 NAG NB . 41.92 -11.80 -10.57
N2 NAG NB . 42.95 -12.42 -8.48
O3 NAG NB . 44.10 -15.03 -8.32
O4 NAG NB . 44.89 -15.88 -5.69
O5 NAG NB . 45.06 -12.23 -5.44
O6 NAG NB . 47.32 -13.33 -4.52
O7 NAG NB . 44.27 -12.09 -10.26
C1 NAG OB . 49.20 7.20 -26.80
C2 NAG OB . 49.57 7.59 -28.23
C3 NAG OB . 50.63 6.64 -28.76
C4 NAG OB . 51.83 6.61 -27.82
C5 NAG OB . 51.38 6.29 -26.40
C6 NAG OB . 52.50 6.39 -25.39
C7 NAG OB . 47.82 8.73 -29.51
C8 NAG OB . 46.63 8.56 -30.40
N2 NAG OB . 48.40 7.60 -29.09
O3 NAG OB . 51.03 7.07 -30.06
O4 NAG OB . 52.76 5.62 -28.25
O5 NAG OB . 50.37 7.21 -25.98
O6 NAG OB . 52.09 7.12 -24.24
O7 NAG OB . 48.23 9.83 -29.19
C1 NAG PB . 57.04 -8.12 -18.53
C2 NAG PB . 57.75 -9.38 -18.04
C3 NAG PB . 57.96 -9.30 -16.53
C4 NAG PB . 58.68 -8.02 -16.16
C5 NAG PB . 57.94 -6.82 -16.72
C6 NAG PB . 58.66 -5.51 -16.49
C7 NAG PB . 57.40 -11.43 -19.34
C8 NAG PB . 56.50 -12.61 -19.57
N2 NAG PB . 57.00 -10.57 -18.39
O3 NAG PB . 58.72 -10.43 -16.10
O4 NAG PB . 58.78 -7.91 -14.74
O5 NAG PB . 57.78 -6.96 -18.13
O6 NAG PB . 58.97 -5.32 -15.12
O7 NAG PB . 58.42 -11.26 -19.98
C1 NAG QB . -4.47 54.85 -43.16
C2 NAG QB . -5.56 55.60 -43.92
C3 NAG QB . -6.19 54.69 -44.97
C4 NAG QB . -5.12 54.08 -45.87
C5 NAG QB . -4.05 53.39 -45.02
C6 NAG QB . -2.90 52.88 -45.85
C7 NAG QB . -6.65 57.42 -42.69
C8 NAG QB . -7.75 57.79 -41.76
N2 NAG QB . -6.57 56.13 -43.03
O3 NAG QB . -7.12 55.43 -45.75
O4 NAG QB . -5.71 53.12 -46.75
O5 NAG QB . -3.51 54.33 -44.08
O6 NAG QB . -1.82 52.44 -45.03
O7 NAG QB . -5.86 58.25 -43.13
#